data_1WIN
#
_entry.id   1WIN
#
_entity_poly.entity_id   1
_entity_poly.type   'polypeptide(L)'
_entity_poly.pdbx_seq_one_letter_code
;GSSGSSGQRISLEIMTLQPRCEDVETAEGVALTVTGVAQVKIMTEKELLAVACEQFLGKNVQDIKNVVLQTLEGHLRSIL
GTLTVEQIYQDRDQFAKLVREVAAPDVGRMGIEILSFTIKDVYDKVDYLSSLGKTQTSGPSSG
;
_entity_poly.pdbx_strand_id   A
#
# COMPACT_ATOMS: atom_id res chain seq x y z
N GLY A 1 7.90 14.92 -13.99
CA GLY A 1 8.41 13.65 -14.45
C GLY A 1 7.35 12.78 -15.09
N SER A 2 7.34 12.75 -16.42
CA SER A 2 6.36 11.96 -17.16
C SER A 2 6.89 10.55 -17.44
N SER A 3 5.98 9.63 -17.73
CA SER A 3 6.36 8.25 -18.00
C SER A 3 6.03 7.88 -19.45
N GLY A 4 6.69 6.84 -19.95
CA GLY A 4 6.46 6.41 -21.33
C GLY A 4 6.86 4.97 -21.55
N SER A 5 5.89 4.12 -21.83
CA SER A 5 6.16 2.70 -22.07
C SER A 5 5.23 2.15 -23.15
N SER A 6 5.83 1.63 -24.21
CA SER A 6 5.06 1.07 -25.32
C SER A 6 4.21 -0.10 -24.86
N GLY A 7 3.00 -0.19 -25.38
CA GLY A 7 2.09 -1.27 -25.01
C GLY A 7 0.64 -0.87 -25.14
N GLN A 8 -0.06 -1.48 -26.10
CA GLN A 8 -1.47 -1.18 -26.33
C GLN A 8 -2.34 -2.39 -25.97
N ARG A 9 -1.97 -3.08 -24.89
CA ARG A 9 -2.72 -4.25 -24.45
C ARG A 9 -2.58 -4.44 -22.94
N ILE A 10 -3.63 -4.97 -22.33
CA ILE A 10 -3.63 -5.20 -20.89
C ILE A 10 -2.46 -6.08 -20.47
N SER A 11 -1.94 -5.83 -19.27
CA SER A 11 -0.81 -6.59 -18.75
C SER A 11 -1.25 -7.48 -17.59
N LEU A 12 -1.76 -8.66 -17.92
CA LEU A 12 -2.21 -9.61 -16.90
C LEU A 12 -1.11 -9.88 -15.89
N GLU A 13 0.12 -9.95 -16.36
CA GLU A 13 1.27 -10.20 -15.49
C GLU A 13 1.05 -9.57 -14.12
N ILE A 14 1.65 -10.17 -13.09
CA ILE A 14 1.53 -9.67 -11.74
C ILE A 14 1.90 -8.18 -11.66
N MET A 15 1.04 -7.40 -11.01
CA MET A 15 1.28 -5.96 -10.87
C MET A 15 1.82 -5.64 -9.49
N THR A 16 2.86 -4.81 -9.45
CA THR A 16 3.48 -4.41 -8.19
C THR A 16 3.01 -3.03 -7.75
N LEU A 17 2.10 -2.99 -6.78
CA LEU A 17 1.58 -1.73 -6.28
C LEU A 17 2.09 -1.45 -4.87
N GLN A 18 2.63 -0.26 -4.67
CA GLN A 18 3.16 0.13 -3.36
C GLN A 18 2.24 1.13 -2.67
N PRO A 19 1.38 0.63 -1.78
CA PRO A 19 0.43 1.47 -1.04
C PRO A 19 1.12 2.37 -0.02
N ARG A 20 1.46 3.59 -0.45
CA ARG A 20 2.12 4.54 0.43
C ARG A 20 1.21 5.71 0.75
N CYS A 21 1.38 6.28 1.95
CA CYS A 21 0.57 7.41 2.38
C CYS A 21 1.41 8.43 3.13
N GLU A 22 1.07 9.71 2.98
CA GLU A 22 1.79 10.78 3.66
C GLU A 22 0.83 11.72 4.37
N ASP A 23 1.24 12.19 5.55
CA ASP A 23 0.42 13.10 6.34
C ASP A 23 -0.80 12.38 6.91
N VAL A 24 -0.54 11.24 7.57
CA VAL A 24 -1.62 10.45 8.17
C VAL A 24 -1.46 10.39 9.68
N GLU A 25 -2.05 11.36 10.38
CA GLU A 25 -1.99 11.41 11.83
C GLU A 25 -2.43 10.08 12.45
N THR A 26 -1.54 9.49 13.23
CA THR A 26 -1.83 8.20 13.87
C THR A 26 -2.98 8.35 14.87
N ALA A 27 -3.28 7.25 15.57
CA ALA A 27 -4.35 7.26 16.55
C ALA A 27 -4.25 8.46 17.49
N GLU A 28 -3.09 8.61 18.12
CA GLU A 28 -2.87 9.72 19.04
C GLU A 28 -3.03 11.06 18.33
N GLY A 29 -2.33 11.22 17.21
CA GLY A 29 -2.40 12.46 16.45
C GLY A 29 -1.07 12.88 15.89
N VAL A 30 -0.31 11.92 15.36
CA VAL A 30 1.00 12.21 14.81
C VAL A 30 1.08 11.76 13.34
N ALA A 31 1.26 12.73 12.45
CA ALA A 31 1.35 12.43 11.02
C ALA A 31 2.64 11.67 10.70
N LEU A 32 2.48 10.45 10.19
CA LEU A 32 3.64 9.62 9.84
C LEU A 32 3.67 9.33 8.35
N THR A 33 4.82 8.88 7.87
CA THR A 33 4.98 8.57 6.45
C THR A 33 5.34 7.09 6.24
N VAL A 34 4.40 6.33 5.70
CA VAL A 34 4.62 4.91 5.45
C VAL A 34 4.60 4.61 3.95
N THR A 35 5.69 4.01 3.47
CA THR A 35 5.82 3.68 2.06
C THR A 35 4.98 2.45 1.71
N GLY A 36 5.20 1.36 2.46
CA GLY A 36 4.47 0.13 2.22
C GLY A 36 4.77 -0.47 0.87
N VAL A 37 4.71 -1.80 0.79
CA VAL A 37 4.98 -2.49 -0.47
C VAL A 37 4.20 -3.81 -0.53
N ALA A 38 3.38 -3.95 -1.56
CA ALA A 38 2.58 -5.16 -1.75
C ALA A 38 2.50 -5.54 -3.23
N GLN A 39 2.25 -6.81 -3.49
CA GLN A 39 2.13 -7.30 -4.86
C GLN A 39 0.72 -7.79 -5.16
N VAL A 40 0.24 -7.50 -6.36
CA VAL A 40 -1.09 -7.90 -6.78
C VAL A 40 -1.09 -8.49 -8.18
N LYS A 41 -2.15 -9.20 -8.53
CA LYS A 41 -2.27 -9.82 -9.85
C LYS A 41 -3.74 -10.00 -10.23
N ILE A 42 -4.00 -10.02 -11.53
CA ILE A 42 -5.36 -10.20 -12.03
C ILE A 42 -5.86 -11.61 -11.76
N MET A 43 -7.17 -11.73 -11.55
CA MET A 43 -7.78 -13.04 -11.28
C MET A 43 -8.51 -13.56 -12.51
N THR A 44 -8.67 -14.88 -12.59
CA THR A 44 -9.34 -15.50 -13.72
C THR A 44 -10.65 -16.17 -13.29
N GLU A 45 -11.58 -16.28 -14.22
CA GLU A 45 -12.87 -16.90 -13.92
C GLU A 45 -13.30 -17.83 -15.06
N LYS A 46 -13.24 -19.13 -14.81
CA LYS A 46 -13.62 -20.12 -15.80
C LYS A 46 -15.01 -19.81 -16.38
N GLU A 47 -15.78 -19.02 -15.65
CA GLU A 47 -17.12 -18.64 -16.09
C GLU A 47 -17.08 -17.38 -16.94
N LEU A 48 -16.84 -16.24 -16.30
CA LEU A 48 -16.78 -14.96 -16.99
C LEU A 48 -16.13 -13.89 -16.12
N LEU A 49 -14.97 -13.41 -16.54
CA LEU A 49 -14.25 -12.38 -15.80
C LEU A 49 -14.55 -11.00 -16.35
N ALA A 50 -15.77 -10.83 -16.87
CA ALA A 50 -16.19 -9.55 -17.42
C ALA A 50 -16.26 -8.48 -16.34
N VAL A 51 -16.16 -8.90 -15.08
CA VAL A 51 -16.21 -7.98 -13.95
C VAL A 51 -14.94 -7.15 -13.86
N ALA A 52 -13.81 -7.77 -14.23
CA ALA A 52 -12.52 -7.09 -14.20
C ALA A 52 -12.01 -6.81 -15.60
N CYS A 53 -12.33 -7.71 -16.53
CA CYS A 53 -11.89 -7.56 -17.92
C CYS A 53 -12.49 -6.31 -18.54
N GLU A 54 -13.82 -6.23 -18.55
CA GLU A 54 -14.52 -5.08 -19.12
C GLU A 54 -14.17 -3.81 -18.35
N GLN A 55 -13.77 -3.96 -17.10
CA GLN A 55 -13.42 -2.82 -16.27
C GLN A 55 -12.01 -2.33 -16.57
N PHE A 56 -11.24 -3.17 -17.26
CA PHE A 56 -9.87 -2.82 -17.62
C PHE A 56 -9.73 -2.67 -19.13
N LEU A 57 -10.70 -3.21 -19.87
CA LEU A 57 -10.68 -3.14 -21.33
C LEU A 57 -10.95 -1.71 -21.80
N GLY A 58 -10.01 -1.16 -22.56
CA GLY A 58 -10.16 0.19 -23.07
C GLY A 58 -9.31 1.19 -22.32
N LYS A 59 -9.20 1.02 -21.02
CA LYS A 59 -8.41 1.91 -20.19
C LYS A 59 -6.91 1.71 -20.44
N ASN A 60 -6.09 2.44 -19.69
CA ASN A 60 -4.64 2.35 -19.84
C ASN A 60 -4.02 1.67 -18.63
N VAL A 61 -3.00 0.84 -18.87
CA VAL A 61 -2.32 0.13 -17.80
C VAL A 61 -2.24 0.98 -16.54
N GLN A 62 -1.73 2.20 -16.69
CA GLN A 62 -1.61 3.12 -15.56
C GLN A 62 -2.91 3.19 -14.76
N ASP A 63 -4.02 3.38 -15.47
CA ASP A 63 -5.33 3.46 -14.84
C ASP A 63 -5.58 2.26 -13.94
N ILE A 64 -5.42 1.06 -14.51
CA ILE A 64 -5.62 -0.17 -13.76
C ILE A 64 -4.82 -0.18 -12.47
N LYS A 65 -3.50 -0.14 -12.60
CA LYS A 65 -2.62 -0.14 -11.44
C LYS A 65 -3.10 0.86 -10.38
N ASN A 66 -3.63 1.99 -10.85
CA ASN A 66 -4.13 3.03 -9.96
C ASN A 66 -5.34 2.52 -9.17
N VAL A 67 -6.38 2.11 -9.89
CA VAL A 67 -7.59 1.61 -9.25
C VAL A 67 -7.26 0.60 -8.16
N VAL A 68 -6.53 -0.44 -8.52
CA VAL A 68 -6.14 -1.48 -7.57
C VAL A 68 -5.31 -0.90 -6.42
N LEU A 69 -4.30 -0.11 -6.79
CA LEU A 69 -3.43 0.51 -5.78
C LEU A 69 -4.25 1.30 -4.77
N GLN A 70 -5.27 2.00 -5.26
CA GLN A 70 -6.13 2.81 -4.39
C GLN A 70 -6.75 1.95 -3.30
N THR A 71 -7.44 0.89 -3.70
CA THR A 71 -8.08 -0.02 -2.76
C THR A 71 -7.18 -0.30 -1.57
N LEU A 72 -5.99 -0.81 -1.85
CA LEU A 72 -5.02 -1.13 -0.79
C LEU A 72 -4.58 0.13 -0.06
N GLU A 73 -4.14 1.13 -0.83
CA GLU A 73 -3.69 2.39 -0.25
C GLU A 73 -4.67 2.89 0.81
N GLY A 74 -5.87 3.26 0.36
CA GLY A 74 -6.87 3.76 1.27
C GLY A 74 -6.89 2.99 2.58
N HIS A 75 -7.06 1.68 2.50
CA HIS A 75 -7.08 0.83 3.69
C HIS A 75 -5.93 1.16 4.63
N LEU A 76 -4.71 1.19 4.08
CA LEU A 76 -3.53 1.50 4.86
C LEU A 76 -3.79 2.65 5.83
N ARG A 77 -4.25 3.77 5.28
CA ARG A 77 -4.54 4.95 6.09
C ARG A 77 -5.49 4.61 7.22
N SER A 78 -6.61 3.97 6.88
CA SER A 78 -7.61 3.59 7.88
C SER A 78 -6.97 2.78 9.00
N ILE A 79 -6.17 1.78 8.63
CA ILE A 79 -5.50 0.94 9.60
C ILE A 79 -4.42 1.72 10.35
N LEU A 80 -3.87 2.73 9.70
CA LEU A 80 -2.82 3.56 10.30
C LEU A 80 -3.42 4.55 11.29
N GLY A 81 -4.64 4.99 11.03
CA GLY A 81 -5.30 5.94 11.90
C GLY A 81 -5.62 5.34 13.26
N THR A 82 -6.19 4.13 13.25
CA THR A 82 -6.56 3.45 14.48
C THR A 82 -5.32 2.97 15.24
N LEU A 83 -4.21 2.85 14.52
CA LEU A 83 -2.95 2.40 15.12
C LEU A 83 -2.05 3.58 15.45
N THR A 84 -1.55 3.62 16.68
CA THR A 84 -0.67 4.70 17.11
C THR A 84 0.69 4.60 16.43
N VAL A 85 1.59 5.51 16.80
CA VAL A 85 2.93 5.52 16.23
C VAL A 85 3.81 4.43 16.84
N GLU A 86 3.36 3.89 17.96
CA GLU A 86 4.10 2.83 18.65
C GLU A 86 3.73 1.46 18.10
N GLN A 87 2.49 1.05 18.33
CA GLN A 87 2.01 -0.24 17.85
C GLN A 87 2.55 -0.55 16.46
N ILE A 88 2.57 0.48 15.61
CA ILE A 88 3.07 0.32 14.24
C ILE A 88 4.50 -0.19 14.23
N TYR A 89 5.44 0.68 14.57
CA TYR A 89 6.85 0.31 14.60
C TYR A 89 7.06 -0.98 15.37
N GLN A 90 6.47 -1.06 16.56
CA GLN A 90 6.60 -2.26 17.39
C GLN A 90 6.46 -3.52 16.56
N ASP A 91 5.31 -3.70 15.93
CA ASP A 91 5.05 -4.87 15.10
C ASP A 91 4.57 -4.46 13.71
N ARG A 92 5.52 -4.11 12.85
CA ARG A 92 5.20 -3.69 11.48
C ARG A 92 4.62 -4.85 10.68
N ASP A 93 5.25 -6.02 10.80
CA ASP A 93 4.79 -7.20 10.08
C ASP A 93 3.29 -7.38 10.21
N GLN A 94 2.77 -7.08 11.40
CA GLN A 94 1.33 -7.21 11.65
C GLN A 94 0.55 -6.11 10.92
N PHE A 95 0.93 -4.86 11.18
CA PHE A 95 0.28 -3.72 10.55
C PHE A 95 -0.06 -4.02 9.09
N ALA A 96 0.94 -4.47 8.34
CA ALA A 96 0.74 -4.80 6.93
C ALA A 96 -0.27 -5.93 6.76
N LYS A 97 -0.19 -6.91 7.65
CA LYS A 97 -1.09 -8.06 7.60
C LYS A 97 -2.55 -7.60 7.65
N LEU A 98 -2.80 -6.54 8.41
CA LEU A 98 -4.15 -6.01 8.55
C LEU A 98 -4.60 -5.32 7.26
N VAL A 99 -3.75 -4.45 6.72
CA VAL A 99 -4.06 -3.74 5.50
C VAL A 99 -4.42 -4.71 4.37
N ARG A 100 -3.74 -5.86 4.35
CA ARG A 100 -3.98 -6.87 3.33
C ARG A 100 -5.16 -7.75 3.71
N GLU A 101 -5.31 -8.00 5.01
CA GLU A 101 -6.40 -8.83 5.52
C GLU A 101 -7.74 -8.13 5.36
N VAL A 102 -7.71 -6.80 5.41
CA VAL A 102 -8.93 -6.00 5.27
C VAL A 102 -9.23 -5.70 3.82
N ALA A 103 -8.17 -5.61 3.01
CA ALA A 103 -8.32 -5.32 1.59
C ALA A 103 -8.55 -6.60 0.79
N ALA A 104 -7.98 -7.70 1.27
CA ALA A 104 -8.12 -8.99 0.60
C ALA A 104 -9.57 -9.25 0.23
N PRO A 105 -10.44 -9.30 1.25
CA PRO A 105 -11.87 -9.55 1.05
C PRO A 105 -12.58 -8.39 0.37
N ASP A 106 -11.82 -7.33 0.07
CA ASP A 106 -12.37 -6.16 -0.58
C ASP A 106 -12.12 -6.20 -2.09
N VAL A 107 -10.86 -6.38 -2.47
CA VAL A 107 -10.50 -6.44 -3.88
C VAL A 107 -11.30 -7.52 -4.62
N GLY A 108 -11.77 -8.50 -3.87
CA GLY A 108 -12.55 -9.58 -4.47
C GLY A 108 -13.81 -9.07 -5.14
N ARG A 109 -14.18 -7.83 -4.83
CA ARG A 109 -15.38 -7.22 -5.42
C ARG A 109 -15.12 -6.78 -6.86
N MET A 110 -13.91 -6.28 -7.10
CA MET A 110 -13.54 -5.82 -8.44
C MET A 110 -13.02 -6.98 -9.29
N GLY A 111 -12.42 -7.96 -8.63
CA GLY A 111 -11.90 -9.12 -9.33
C GLY A 111 -10.38 -9.19 -9.26
N ILE A 112 -9.82 -8.73 -8.16
CA ILE A 112 -8.38 -8.76 -7.97
C ILE A 112 -8.01 -9.42 -6.65
N GLU A 113 -6.95 -10.25 -6.68
CA GLU A 113 -6.49 -10.94 -5.48
C GLU A 113 -5.09 -10.50 -5.09
N ILE A 114 -4.85 -10.37 -3.79
CA ILE A 114 -3.55 -9.94 -3.29
C ILE A 114 -2.64 -11.15 -3.07
N LEU A 115 -1.34 -10.95 -3.35
CA LEU A 115 -0.36 -12.01 -3.20
C LEU A 115 0.32 -11.92 -1.84
N SER A 116 0.88 -10.74 -1.54
CA SER A 116 1.57 -10.52 -0.28
C SER A 116 1.59 -9.04 0.07
N PHE A 117 1.86 -8.73 1.35
CA PHE A 117 1.90 -7.36 1.81
C PHE A 117 3.03 -7.16 2.81
N THR A 118 3.89 -6.18 2.54
CA THR A 118 5.02 -5.90 3.42
C THR A 118 5.23 -4.39 3.57
N ILE A 119 6.14 -4.02 4.46
CA ILE A 119 6.43 -2.60 4.71
C ILE A 119 7.83 -2.24 4.25
N LYS A 120 7.94 -1.22 3.41
CA LYS A 120 9.23 -0.77 2.90
C LYS A 120 9.95 0.10 3.94
N ASP A 121 9.46 1.31 4.12
CA ASP A 121 10.05 2.24 5.08
C ASP A 121 9.00 3.16 5.68
N VAL A 122 9.09 3.41 6.99
CA VAL A 122 8.14 4.27 7.67
C VAL A 122 8.86 5.39 8.42
N TYR A 123 8.86 6.58 7.85
CA TYR A 123 9.52 7.73 8.46
C TYR A 123 8.50 8.83 8.77
N ASP A 124 8.93 9.81 9.55
CA ASP A 124 8.06 10.93 9.91
C ASP A 124 8.51 12.21 9.24
N LYS A 125 7.67 12.73 8.34
CA LYS A 125 7.99 13.96 7.62
C LYS A 125 8.15 15.13 8.59
N VAL A 126 7.35 15.14 9.65
CA VAL A 126 7.42 16.19 10.65
C VAL A 126 8.63 16.03 11.55
N ASP A 127 9.34 14.92 11.38
CA ASP A 127 10.52 14.65 12.18
C ASP A 127 10.23 14.82 13.67
N TYR A 128 9.06 14.35 14.09
CA TYR A 128 8.65 14.46 15.48
C TYR A 128 9.43 13.46 16.36
N LEU A 129 9.32 12.18 16.01
CA LEU A 129 10.01 11.14 16.76
C LEU A 129 11.52 11.39 16.79
N SER A 130 12.10 11.59 15.62
CA SER A 130 13.53 11.84 15.51
C SER A 130 13.98 12.90 16.52
N SER A 131 13.27 14.03 16.53
CA SER A 131 13.59 15.12 17.45
C SER A 131 13.65 14.62 18.89
N LEU A 132 12.68 13.78 19.26
CA LEU A 132 12.62 13.24 20.61
C LEU A 132 13.79 12.30 20.86
N GLY A 133 14.21 11.58 19.83
CA GLY A 133 15.32 10.64 19.96
C GLY A 133 15.24 9.83 21.23
N LYS A 134 14.50 8.73 21.18
CA LYS A 134 14.34 7.86 22.34
C LYS A 134 15.68 7.23 22.73
N THR A 135 16.14 7.52 23.94
CA THR A 135 17.40 6.98 24.43
C THR A 135 17.31 6.64 25.92
N GLN A 136 18.05 5.61 26.34
CA GLN A 136 18.05 5.19 27.72
C GLN A 136 18.67 6.26 28.62
N THR A 137 17.91 6.71 29.62
CA THR A 137 18.39 7.74 30.54
C THR A 137 18.40 7.22 31.97
N SER A 138 18.95 8.02 32.88
CA SER A 138 19.03 7.65 34.28
C SER A 138 18.28 8.65 35.16
N GLY A 139 17.71 8.16 36.26
CA GLY A 139 16.97 9.02 37.16
C GLY A 139 17.03 8.54 38.60
N PRO A 140 17.04 9.51 39.54
CA PRO A 140 17.10 9.20 40.97
C PRO A 140 15.81 8.56 41.48
N SER A 141 15.90 7.89 42.62
CA SER A 141 14.73 7.24 43.22
C SER A 141 14.82 7.25 44.74
N SER A 142 13.68 7.50 45.39
CA SER A 142 13.63 7.56 46.84
C SER A 142 13.82 6.17 47.44
N GLY A 143 12.96 5.24 47.05
CA GLY A 143 13.05 3.88 47.56
C GLY A 143 11.97 2.97 47.00
N GLY A 1 4.47 7.08 -13.59
CA GLY A 1 5.00 5.74 -13.81
C GLY A 1 5.67 5.60 -15.16
N SER A 2 7.01 5.63 -15.16
CA SER A 2 7.77 5.51 -16.39
C SER A 2 7.96 4.04 -16.77
N SER A 3 6.88 3.26 -16.69
CA SER A 3 6.92 1.85 -17.01
C SER A 3 6.42 1.60 -18.43
N GLY A 4 7.34 1.49 -19.38
CA GLY A 4 6.97 1.25 -20.75
C GLY A 4 6.66 -0.21 -21.04
N SER A 5 5.47 -0.47 -21.56
CA SER A 5 5.05 -1.84 -21.87
C SER A 5 4.74 -1.99 -23.36
N SER A 6 5.70 -2.52 -24.09
CA SER A 6 5.54 -2.71 -25.53
C SER A 6 4.32 -3.59 -25.83
N GLY A 7 3.30 -2.98 -26.40
CA GLY A 7 2.09 -3.72 -26.73
C GLY A 7 0.83 -2.96 -26.37
N GLN A 8 -0.28 -3.33 -26.99
CA GLN A 8 -1.56 -2.68 -26.74
C GLN A 8 -2.59 -3.66 -26.21
N ARG A 9 -2.12 -4.64 -25.42
CA ARG A 9 -3.00 -5.64 -24.84
C ARG A 9 -3.01 -5.55 -23.32
N ILE A 10 -4.14 -5.93 -22.72
CA ILE A 10 -4.27 -5.89 -21.27
C ILE A 10 -3.02 -6.44 -20.59
N SER A 11 -2.80 -6.03 -19.34
CA SER A 11 -1.65 -6.49 -18.57
C SER A 11 -2.08 -7.47 -17.49
N LEU A 12 -1.78 -8.74 -17.70
CA LEU A 12 -2.14 -9.78 -16.73
C LEU A 12 -0.98 -10.05 -15.78
N GLU A 13 0.23 -10.06 -16.31
CA GLU A 13 1.43 -10.30 -15.50
C GLU A 13 1.28 -9.67 -14.11
N ILE A 14 1.98 -10.23 -13.14
CA ILE A 14 1.93 -9.73 -11.78
C ILE A 14 2.29 -8.25 -11.72
N MET A 15 1.56 -7.49 -10.92
CA MET A 15 1.81 -6.06 -10.77
C MET A 15 2.34 -5.74 -9.38
N THR A 16 3.33 -4.85 -9.32
CA THR A 16 3.93 -4.46 -8.05
C THR A 16 3.49 -3.06 -7.65
N LEU A 17 2.57 -2.98 -6.68
CA LEU A 17 2.08 -1.70 -6.21
C LEU A 17 2.50 -1.45 -4.76
N GLN A 18 3.09 -0.28 -4.53
CA GLN A 18 3.55 0.08 -3.19
C GLN A 18 2.57 1.05 -2.52
N PRO A 19 1.72 0.52 -1.63
CA PRO A 19 0.73 1.32 -0.91
C PRO A 19 1.36 2.25 0.11
N ARG A 20 1.87 3.39 -0.37
CA ARG A 20 2.50 4.36 0.51
C ARG A 20 1.52 5.44 0.94
N CYS A 21 1.62 5.87 2.18
CA CYS A 21 0.73 6.90 2.71
C CYS A 21 1.47 7.83 3.66
N GLU A 22 1.51 9.11 3.31
CA GLU A 22 2.19 10.11 4.13
C GLU A 22 1.21 11.13 4.68
N ASP A 23 1.60 11.78 5.78
CA ASP A 23 0.75 12.78 6.41
C ASP A 23 -0.52 12.14 6.97
N VAL A 24 -0.36 11.04 7.69
CA VAL A 24 -1.49 10.33 8.27
C VAL A 24 -1.44 10.37 9.79
N GLU A 25 -2.25 11.23 10.39
CA GLU A 25 -2.29 11.36 11.84
C GLU A 25 -2.68 10.05 12.50
N THR A 26 -1.79 9.50 13.32
CA THR A 26 -2.04 8.25 14.01
C THR A 26 -3.18 8.39 15.01
N ALA A 27 -3.44 7.33 15.77
CA ALA A 27 -4.50 7.34 16.77
C ALA A 27 -4.36 8.54 17.70
N GLU A 28 -3.16 8.74 18.23
CA GLU A 28 -2.90 9.85 19.14
C GLU A 28 -2.96 11.18 18.40
N GLY A 29 -2.69 11.13 17.10
CA GLY A 29 -2.72 12.35 16.30
C GLY A 29 -1.33 12.75 15.81
N VAL A 30 -0.63 11.81 15.19
CA VAL A 30 0.72 12.07 14.68
C VAL A 30 0.85 11.60 13.24
N ALA A 31 1.07 12.55 12.33
CA ALA A 31 1.23 12.23 10.92
C ALA A 31 2.49 11.42 10.67
N LEU A 32 2.32 10.22 10.13
CA LEU A 32 3.44 9.34 9.85
C LEU A 32 3.49 8.96 8.37
N THR A 33 4.62 8.41 7.94
CA THR A 33 4.78 8.01 6.55
C THR A 33 5.18 6.54 6.45
N VAL A 34 4.37 5.75 5.75
CA VAL A 34 4.64 4.34 5.58
C VAL A 34 4.64 3.96 4.10
N THR A 35 5.82 3.67 3.58
CA THR A 35 5.97 3.29 2.17
C THR A 35 5.09 2.09 1.84
N GLY A 36 5.31 0.99 2.54
CA GLY A 36 4.53 -0.21 2.31
C GLY A 36 4.85 -0.86 0.97
N VAL A 37 4.76 -2.19 0.92
CA VAL A 37 5.04 -2.93 -0.30
C VAL A 37 4.25 -4.23 -0.35
N ALA A 38 3.35 -4.34 -1.32
CA ALA A 38 2.53 -5.52 -1.47
C ALA A 38 2.44 -5.94 -2.94
N GLN A 39 2.71 -7.21 -3.21
CA GLN A 39 2.66 -7.73 -4.57
C GLN A 39 1.24 -8.14 -4.94
N VAL A 40 0.80 -7.69 -6.11
CA VAL A 40 -0.54 -8.00 -6.59
C VAL A 40 -0.51 -8.56 -8.01
N LYS A 41 -1.60 -9.21 -8.41
CA LYS A 41 -1.69 -9.79 -9.74
C LYS A 41 -3.15 -9.92 -10.17
N ILE A 42 -3.38 -9.89 -11.48
CA ILE A 42 -4.72 -10.00 -12.03
C ILE A 42 -5.23 -11.43 -11.93
N MET A 43 -6.43 -11.60 -11.38
CA MET A 43 -7.04 -12.91 -11.23
C MET A 43 -7.38 -13.51 -12.59
N THR A 44 -7.62 -14.82 -12.62
CA THR A 44 -7.97 -15.51 -13.85
C THR A 44 -9.47 -15.60 -14.04
N GLU A 45 -9.91 -15.74 -15.28
CA GLU A 45 -11.33 -15.85 -15.59
C GLU A 45 -11.88 -17.21 -15.20
N LYS A 46 -12.42 -17.30 -13.99
CA LYS A 46 -12.98 -18.56 -13.49
C LYS A 46 -14.45 -18.69 -13.89
N GLU A 47 -15.22 -17.63 -13.66
CA GLU A 47 -16.65 -17.64 -14.00
C GLU A 47 -17.22 -16.22 -13.94
N LEU A 48 -17.64 -15.71 -15.09
CA LEU A 48 -18.21 -14.37 -15.17
C LEU A 48 -17.20 -13.32 -14.73
N LEU A 49 -16.01 -13.37 -15.33
CA LEU A 49 -14.95 -12.42 -15.01
C LEU A 49 -15.29 -11.03 -15.51
N ALA A 50 -16.43 -10.91 -16.19
CA ALA A 50 -16.88 -9.64 -16.73
C ALA A 50 -16.83 -8.55 -15.66
N VAL A 51 -16.97 -8.95 -14.40
CA VAL A 51 -16.94 -8.01 -13.28
C VAL A 51 -15.69 -7.16 -13.31
N ALA A 52 -14.59 -7.73 -13.82
CA ALA A 52 -13.33 -7.01 -13.90
C ALA A 52 -13.00 -6.65 -15.34
N CYS A 53 -13.29 -7.57 -16.26
CA CYS A 53 -13.02 -7.35 -17.68
C CYS A 53 -13.33 -5.91 -18.07
N GLU A 54 -14.60 -5.54 -18.03
CA GLU A 54 -15.02 -4.20 -18.38
C GLU A 54 -14.47 -3.18 -17.39
N GLN A 55 -14.14 -3.64 -16.19
CA GLN A 55 -13.60 -2.78 -15.14
C GLN A 55 -12.25 -2.19 -15.57
N PHE A 56 -11.46 -2.99 -16.27
CA PHE A 56 -10.15 -2.55 -16.73
C PHE A 56 -10.16 -2.27 -18.23
N LEU A 57 -10.67 -3.21 -19.01
CA LEU A 57 -10.75 -3.06 -20.45
C LEU A 57 -11.01 -1.61 -20.83
N GLY A 58 -10.26 -1.12 -21.82
CA GLY A 58 -10.44 0.25 -22.27
C GLY A 58 -9.46 1.20 -21.59
N LYS A 59 -9.25 1.00 -20.30
CA LYS A 59 -8.34 1.84 -19.52
C LYS A 59 -6.90 1.59 -19.93
N ASN A 60 -5.98 2.34 -19.31
CA ASN A 60 -4.57 2.20 -19.61
C ASN A 60 -3.84 1.48 -18.49
N VAL A 61 -2.83 0.70 -18.84
CA VAL A 61 -2.06 -0.06 -17.86
C VAL A 61 -1.76 0.79 -16.62
N GLN A 62 -1.59 2.09 -16.84
CA GLN A 62 -1.30 3.02 -15.75
C GLN A 62 -2.54 3.22 -14.86
N ASP A 63 -3.70 3.27 -15.50
CA ASP A 63 -4.96 3.46 -14.78
C ASP A 63 -5.19 2.31 -13.79
N ILE A 64 -5.11 1.09 -14.29
CA ILE A 64 -5.31 -0.09 -13.46
C ILE A 64 -4.40 -0.06 -12.23
N LYS A 65 -3.09 -0.12 -12.47
CA LYS A 65 -2.11 -0.10 -11.39
C LYS A 65 -2.51 0.91 -10.32
N ASN A 66 -3.05 2.04 -10.75
CA ASN A 66 -3.46 3.09 -9.83
C ASN A 66 -4.70 2.66 -9.04
N VAL A 67 -5.76 2.29 -9.76
CA VAL A 67 -7.00 1.85 -9.13
C VAL A 67 -6.72 0.85 -8.01
N VAL A 68 -6.07 -0.26 -8.36
CA VAL A 68 -5.74 -1.30 -7.40
C VAL A 68 -4.94 -0.73 -6.23
N LEU A 69 -3.87 -0.02 -6.55
CA LEU A 69 -3.01 0.59 -5.53
C LEU A 69 -3.84 1.39 -4.53
N GLN A 70 -4.83 2.11 -5.05
CA GLN A 70 -5.70 2.93 -4.20
C GLN A 70 -6.41 2.06 -3.16
N THR A 71 -7.03 0.99 -3.62
CA THR A 71 -7.74 0.08 -2.73
C THR A 71 -6.92 -0.24 -1.49
N LEU A 72 -5.64 -0.57 -1.71
CA LEU A 72 -4.74 -0.90 -0.60
C LEU A 72 -4.29 0.36 0.13
N GLU A 73 -4.12 1.45 -0.61
CA GLU A 73 -3.69 2.71 -0.03
C GLU A 73 -4.75 3.25 0.93
N GLY A 74 -5.89 3.67 0.39
CA GLY A 74 -6.95 4.20 1.21
C GLY A 74 -7.10 3.45 2.52
N HIS A 75 -7.21 2.14 2.44
CA HIS A 75 -7.35 1.31 3.63
C HIS A 75 -6.20 1.53 4.60
N LEU A 76 -4.98 1.41 4.08
CA LEU A 76 -3.77 1.60 4.89
C LEU A 76 -3.98 2.71 5.92
N ARG A 77 -4.45 3.86 5.45
CA ARG A 77 -4.70 5.00 6.33
C ARG A 77 -5.73 4.65 7.41
N SER A 78 -6.80 3.97 7.00
CA SER A 78 -7.85 3.58 7.93
C SER A 78 -7.29 2.68 9.03
N ILE A 79 -6.57 1.64 8.63
CA ILE A 79 -5.98 0.71 9.60
C ILE A 79 -4.89 1.39 10.41
N LEU A 80 -4.29 2.43 9.84
CA LEU A 80 -3.22 3.17 10.52
C LEU A 80 -3.80 4.12 11.56
N GLY A 81 -4.96 4.69 11.27
CA GLY A 81 -5.60 5.60 12.20
C GLY A 81 -5.86 4.97 13.54
N THR A 82 -6.50 3.80 13.53
CA THR A 82 -6.82 3.09 14.76
C THR A 82 -5.56 2.56 15.43
N LEU A 83 -4.48 2.46 14.67
CA LEU A 83 -3.21 1.97 15.19
C LEU A 83 -2.37 3.11 15.74
N THR A 84 -1.38 2.77 16.56
CA THR A 84 -0.50 3.77 17.16
C THR A 84 0.93 3.62 16.64
N VAL A 85 1.58 4.74 16.40
CA VAL A 85 2.96 4.74 15.92
C VAL A 85 3.76 3.60 16.53
N GLU A 86 3.93 3.65 17.85
CA GLU A 86 4.68 2.62 18.56
C GLU A 86 4.41 1.24 17.96
N GLN A 87 3.13 0.89 17.82
CA GLN A 87 2.74 -0.39 17.26
C GLN A 87 3.29 -0.56 15.86
N ILE A 88 2.93 0.35 14.97
CA ILE A 88 3.40 0.31 13.58
C ILE A 88 4.87 -0.05 13.51
N TYR A 89 5.67 0.56 14.38
CA TYR A 89 7.11 0.29 14.41
C TYR A 89 7.40 -1.07 15.03
N GLN A 90 7.01 -1.23 16.29
CA GLN A 90 7.23 -2.49 16.99
C GLN A 90 7.13 -3.68 16.04
N ASP A 91 5.95 -3.85 15.45
CA ASP A 91 5.72 -4.95 14.52
C ASP A 91 5.00 -4.46 13.26
N ARG A 92 5.76 -4.24 12.19
CA ARG A 92 5.20 -3.76 10.94
C ARG A 92 4.51 -4.90 10.19
N ASP A 93 5.09 -6.10 10.28
CA ASP A 93 4.53 -7.27 9.61
C ASP A 93 3.06 -7.44 9.97
N GLN A 94 2.76 -7.41 11.27
CA GLN A 94 1.39 -7.57 11.74
C GLN A 94 0.48 -6.49 11.17
N PHE A 95 1.00 -5.27 11.10
CA PHE A 95 0.23 -4.14 10.57
C PHE A 95 -0.31 -4.46 9.18
N ALA A 96 0.59 -4.71 8.24
CA ALA A 96 0.21 -5.02 6.87
C ALA A 96 -0.87 -6.10 6.84
N LYS A 97 -0.68 -7.15 7.61
CA LYS A 97 -1.64 -8.24 7.67
C LYS A 97 -3.07 -7.71 7.80
N LEU A 98 -3.22 -6.60 8.51
CA LEU A 98 -4.52 -5.98 8.70
C LEU A 98 -4.96 -5.23 7.44
N VAL A 99 -4.01 -4.58 6.79
CA VAL A 99 -4.29 -3.82 5.57
C VAL A 99 -4.67 -4.75 4.43
N ARG A 100 -3.95 -5.85 4.31
CA ARG A 100 -4.21 -6.82 3.26
C ARG A 100 -5.45 -7.67 3.59
N GLU A 101 -5.69 -7.87 4.87
CA GLU A 101 -6.83 -8.66 5.32
C GLU A 101 -8.14 -7.91 5.05
N VAL A 102 -8.09 -6.58 5.13
CA VAL A 102 -9.27 -5.76 4.90
C VAL A 102 -9.48 -5.52 3.40
N ALA A 103 -8.39 -5.48 2.66
CA ALA A 103 -8.46 -5.26 1.22
C ALA A 103 -8.77 -6.55 0.48
N ALA A 104 -8.15 -7.64 0.91
CA ALA A 104 -8.37 -8.94 0.29
C ALA A 104 -9.80 -9.08 -0.21
N PRO A 105 -10.77 -8.97 0.72
CA PRO A 105 -12.19 -9.08 0.40
C PRO A 105 -12.70 -7.89 -0.40
N ASP A 106 -11.99 -6.78 -0.30
CA ASP A 106 -12.37 -5.56 -1.02
C ASP A 106 -12.02 -5.68 -2.50
N VAL A 107 -10.73 -5.84 -2.78
CA VAL A 107 -10.26 -5.96 -4.17
C VAL A 107 -11.09 -6.98 -4.94
N GLY A 108 -11.49 -8.05 -4.25
CA GLY A 108 -12.30 -9.07 -4.89
C GLY A 108 -13.43 -8.50 -5.72
N ARG A 109 -13.85 -7.30 -5.37
CA ARG A 109 -14.94 -6.64 -6.10
C ARG A 109 -14.55 -6.37 -7.54
N MET A 110 -13.45 -5.65 -7.73
CA MET A 110 -12.96 -5.33 -9.06
C MET A 110 -12.49 -6.57 -9.79
N GLY A 111 -11.94 -7.53 -9.04
CA GLY A 111 -11.46 -8.75 -9.63
C GLY A 111 -9.96 -8.92 -9.48
N ILE A 112 -9.43 -8.44 -8.36
CA ILE A 112 -7.99 -8.54 -8.10
C ILE A 112 -7.72 -9.36 -6.84
N GLU A 113 -6.60 -10.09 -6.84
CA GLU A 113 -6.23 -10.92 -5.70
C GLU A 113 -4.86 -10.52 -5.16
N ILE A 114 -4.77 -10.38 -3.85
CA ILE A 114 -3.51 -10.00 -3.20
C ILE A 114 -2.61 -11.21 -2.98
N LEU A 115 -1.34 -11.06 -3.30
CA LEU A 115 -0.38 -12.14 -3.14
C LEU A 115 0.34 -12.03 -1.80
N SER A 116 0.92 -10.86 -1.54
CA SER A 116 1.63 -10.63 -0.29
C SER A 116 1.62 -9.14 0.07
N PHE A 117 1.62 -8.86 1.37
CA PHE A 117 1.59 -7.48 1.85
C PHE A 117 2.61 -7.28 2.97
N THR A 118 3.65 -6.50 2.69
CA THR A 118 4.69 -6.24 3.67
C THR A 118 4.98 -4.74 3.78
N ILE A 119 5.82 -4.37 4.73
CA ILE A 119 6.18 -2.97 4.94
C ILE A 119 7.63 -2.72 4.56
N LYS A 120 7.85 -1.73 3.70
CA LYS A 120 9.19 -1.38 3.25
C LYS A 120 9.93 -0.57 4.31
N ASP A 121 9.36 0.57 4.68
CA ASP A 121 9.97 1.44 5.69
C ASP A 121 9.00 2.55 6.09
N VAL A 122 8.99 2.88 7.37
CA VAL A 122 8.12 3.93 7.89
C VAL A 122 8.94 5.08 8.49
N TYR A 123 8.64 6.29 8.05
CA TYR A 123 9.35 7.48 8.55
C TYR A 123 8.38 8.62 8.81
N ASP A 124 8.88 9.70 9.40
CA ASP A 124 8.05 10.86 9.71
C ASP A 124 8.38 12.02 8.77
N LYS A 125 7.41 12.41 7.97
CA LYS A 125 7.59 13.51 7.02
C LYS A 125 7.73 14.84 7.76
N VAL A 126 6.96 15.00 8.83
CA VAL A 126 7.02 16.22 9.62
C VAL A 126 8.17 16.19 10.62
N ASP A 127 9.07 15.22 10.44
CA ASP A 127 10.21 15.08 11.33
C ASP A 127 9.80 15.24 12.79
N TYR A 128 8.68 14.63 13.15
CA TYR A 128 8.16 14.70 14.51
C TYR A 128 9.20 14.20 15.51
N LEU A 129 9.42 12.90 15.52
CA LEU A 129 10.40 12.28 16.42
C LEU A 129 11.65 13.14 16.53
N SER A 130 12.26 13.42 15.39
CA SER A 130 13.48 14.23 15.35
C SER A 130 13.32 15.49 16.19
N SER A 131 12.18 16.17 16.03
CA SER A 131 11.90 17.39 16.77
C SER A 131 11.90 17.13 18.28
N LEU A 132 11.22 16.05 18.68
CA LEU A 132 11.14 15.70 20.10
C LEU A 132 12.53 15.58 20.70
N GLY A 133 13.50 15.11 19.91
CA GLY A 133 14.86 14.97 20.39
C GLY A 133 15.54 13.73 19.83
N LYS A 134 16.50 13.94 18.94
CA LYS A 134 17.23 12.83 18.33
C LYS A 134 17.95 12.01 19.41
N THR A 135 18.16 10.73 19.11
CA THR A 135 18.84 9.83 20.04
C THR A 135 20.14 9.32 19.45
N GLN A 136 21.24 9.54 20.16
CA GLN A 136 22.55 9.09 19.71
C GLN A 136 23.17 8.11 20.71
N THR A 137 23.41 6.89 20.24
CA THR A 137 24.00 5.86 21.09
C THR A 137 25.52 5.92 21.05
N SER A 138 26.12 6.22 22.20
CA SER A 138 27.57 6.31 22.29
C SER A 138 28.21 4.92 22.33
N GLY A 139 28.55 4.40 21.16
CA GLY A 139 29.15 3.08 21.09
C GLY A 139 29.06 2.47 19.70
N PRO A 140 29.69 1.30 19.53
CA PRO A 140 29.67 0.59 18.23
C PRO A 140 28.30 0.02 17.90
N SER A 141 28.04 -0.15 16.61
CA SER A 141 26.76 -0.69 16.16
C SER A 141 26.83 -2.21 16.02
N SER A 142 27.46 -2.86 16.99
CA SER A 142 27.59 -4.31 16.98
C SER A 142 26.25 -4.97 17.25
N GLY A 143 25.69 -4.71 18.43
CA GLY A 143 24.42 -5.29 18.80
C GLY A 143 23.32 -4.27 18.94
N GLY A 1 0.73 6.21 -24.73
CA GLY A 1 -0.21 6.18 -25.83
C GLY A 1 -0.36 4.78 -26.43
N SER A 2 -0.73 4.73 -27.70
CA SER A 2 -0.91 3.46 -28.39
C SER A 2 0.38 3.00 -29.04
N SER A 3 1.13 2.16 -28.33
CA SER A 3 2.40 1.65 -28.85
C SER A 3 2.41 0.12 -28.84
N GLY A 4 3.27 -0.46 -29.68
CA GLY A 4 3.37 -1.90 -29.76
C GLY A 4 2.80 -2.45 -31.05
N SER A 5 2.89 -3.76 -31.23
CA SER A 5 2.39 -4.42 -32.43
C SER A 5 0.95 -4.88 -32.22
N SER A 6 0.16 -4.82 -33.29
CA SER A 6 -1.24 -5.23 -33.24
C SER A 6 -1.40 -6.51 -32.43
N GLY A 7 -2.25 -6.46 -31.40
CA GLY A 7 -2.48 -7.62 -30.56
C GLY A 7 -2.00 -7.40 -29.14
N GLN A 8 -2.52 -6.37 -28.49
CA GLN A 8 -2.15 -6.05 -27.12
C GLN A 8 -3.32 -6.27 -26.16
N ARG A 9 -4.22 -7.17 -26.54
CA ARG A 9 -5.39 -7.46 -25.72
C ARG A 9 -4.98 -7.91 -24.33
N ILE A 10 -5.88 -7.74 -23.36
CA ILE A 10 -5.61 -8.13 -21.99
C ILE A 10 -4.78 -9.41 -21.92
N SER A 11 -4.03 -9.57 -20.85
CA SER A 11 -3.17 -10.74 -20.67
C SER A 11 -2.72 -10.87 -19.22
N LEU A 12 -3.12 -11.95 -18.57
CA LEU A 12 -2.76 -12.20 -17.18
C LEU A 12 -1.30 -11.84 -16.92
N GLU A 13 -1.08 -10.88 -16.02
CA GLU A 13 0.27 -10.44 -15.69
C GLU A 13 0.33 -9.90 -14.26
N ILE A 14 1.52 -9.95 -13.68
CA ILE A 14 1.71 -9.47 -12.32
C ILE A 14 2.24 -8.03 -12.30
N MET A 15 1.77 -7.24 -11.35
CA MET A 15 2.20 -5.85 -11.23
C MET A 15 2.62 -5.53 -9.80
N THR A 16 3.74 -4.82 -9.66
CA THR A 16 4.26 -4.46 -8.34
C THR A 16 3.73 -3.09 -7.92
N LEU A 17 2.90 -3.08 -6.88
CA LEU A 17 2.34 -1.83 -6.38
C LEU A 17 2.70 -1.63 -4.90
N GLN A 18 3.29 -0.48 -4.60
CA GLN A 18 3.68 -0.17 -3.23
C GLN A 18 2.76 0.89 -2.63
N PRO A 19 1.76 0.43 -1.86
CA PRO A 19 0.79 1.32 -1.22
C PRO A 19 1.41 2.13 -0.09
N ARG A 20 1.71 3.40 -0.37
CA ARG A 20 2.32 4.27 0.63
C ARG A 20 1.26 5.21 1.23
N CYS A 21 1.61 5.81 2.36
CA CYS A 21 0.70 6.73 3.04
C CYS A 21 1.46 7.88 3.68
N GLU A 22 1.15 9.11 3.28
CA GLU A 22 1.80 10.29 3.81
C GLU A 22 0.79 11.31 4.31
N ASP A 23 1.19 12.14 5.25
CA ASP A 23 0.32 13.15 5.81
C ASP A 23 -0.88 12.53 6.53
N VAL A 24 -0.69 11.28 6.99
CA VAL A 24 -1.75 10.57 7.69
C VAL A 24 -1.56 10.62 9.19
N GLU A 25 -2.34 11.47 9.86
CA GLU A 25 -2.25 11.61 11.31
C GLU A 25 -2.65 10.32 12.01
N THR A 26 -1.75 9.80 12.84
CA THR A 26 -2.02 8.57 13.58
C THR A 26 -3.18 8.75 14.54
N ALA A 27 -3.48 7.69 15.29
CA ALA A 27 -4.57 7.72 16.26
C ALA A 27 -4.50 8.98 17.12
N GLU A 28 -3.36 9.18 17.77
CA GLU A 28 -3.16 10.34 18.63
C GLU A 28 -3.29 11.64 17.83
N GLY A 29 -2.57 11.71 16.72
CA GLY A 29 -2.62 12.91 15.89
C GLY A 29 -1.25 13.30 15.36
N VAL A 30 -0.58 12.36 14.71
CA VAL A 30 0.74 12.61 14.15
C VAL A 30 0.86 12.04 12.74
N ALA A 31 1.08 12.93 11.77
CA ALA A 31 1.22 12.52 10.38
C ALA A 31 2.49 11.71 10.17
N LEU A 32 2.31 10.44 9.78
CA LEU A 32 3.44 9.55 9.56
C LEU A 32 3.51 9.14 8.09
N THR A 33 4.71 8.78 7.63
CA THR A 33 4.91 8.36 6.25
C THR A 33 5.33 6.89 6.18
N VAL A 34 4.51 6.07 5.53
CA VAL A 34 4.79 4.65 5.40
C VAL A 34 4.73 4.23 3.93
N THR A 35 5.89 3.86 3.38
CA THR A 35 5.97 3.44 1.99
C THR A 35 5.19 2.14 1.77
N GLY A 36 5.65 1.06 2.42
CA GLY A 36 4.98 -0.21 2.28
C GLY A 36 5.24 -0.86 0.93
N VAL A 37 5.20 -2.19 0.90
CA VAL A 37 5.43 -2.92 -0.34
C VAL A 37 4.56 -4.18 -0.40
N ALA A 38 3.86 -4.35 -1.51
CA ALA A 38 3.00 -5.52 -1.71
C ALA A 38 3.00 -5.97 -3.16
N GLN A 39 2.72 -7.25 -3.37
CA GLN A 39 2.68 -7.80 -4.72
C GLN A 39 1.25 -8.14 -5.13
N VAL A 40 0.81 -7.56 -6.24
CA VAL A 40 -0.55 -7.79 -6.75
C VAL A 40 -0.51 -8.30 -8.18
N LYS A 41 -1.59 -8.96 -8.59
CA LYS A 41 -1.68 -9.50 -9.94
C LYS A 41 -3.14 -9.75 -10.32
N ILE A 42 -3.42 -9.73 -11.62
CA ILE A 42 -4.77 -9.96 -12.12
C ILE A 42 -5.22 -11.38 -11.85
N MET A 43 -6.44 -11.53 -11.36
CA MET A 43 -6.99 -12.86 -11.06
C MET A 43 -7.22 -13.65 -12.35
N THR A 44 -7.49 -14.94 -12.20
CA THR A 44 -7.72 -15.81 -13.35
C THR A 44 -9.22 -16.02 -13.58
N GLU A 45 -9.57 -16.50 -14.77
CA GLU A 45 -10.96 -16.74 -15.11
C GLU A 45 -11.23 -18.24 -15.27
N LYS A 46 -12.09 -18.78 -14.41
CA LYS A 46 -12.42 -20.20 -14.45
C LYS A 46 -13.67 -20.42 -15.29
N GLU A 47 -14.74 -19.69 -14.97
CA GLU A 47 -16.00 -19.83 -15.70
C GLU A 47 -16.43 -18.48 -16.27
N LEU A 48 -16.62 -17.50 -15.40
CA LEU A 48 -17.02 -16.16 -15.83
C LEU A 48 -16.19 -15.09 -15.14
N LEU A 49 -15.65 -14.18 -15.94
CA LEU A 49 -14.83 -13.08 -15.42
C LEU A 49 -15.34 -11.73 -15.90
N ALA A 50 -16.66 -11.63 -16.06
CA ALA A 50 -17.27 -10.38 -16.51
C ALA A 50 -17.21 -9.32 -15.42
N VAL A 51 -16.67 -9.68 -14.26
CA VAL A 51 -16.56 -8.76 -13.14
C VAL A 51 -15.35 -7.84 -13.31
N ALA A 52 -14.21 -8.43 -13.63
CA ALA A 52 -12.99 -7.66 -13.81
C ALA A 52 -12.77 -7.31 -15.29
N CYS A 53 -13.43 -8.06 -16.17
CA CYS A 53 -13.31 -7.83 -17.61
C CYS A 53 -13.86 -6.46 -17.98
N GLU A 54 -15.15 -6.27 -17.76
CA GLU A 54 -15.80 -5.01 -18.09
C GLU A 54 -15.33 -3.89 -17.14
N GLN A 55 -14.84 -4.29 -15.97
CA GLN A 55 -14.35 -3.34 -14.99
C GLN A 55 -13.06 -2.68 -15.46
N PHE A 56 -12.27 -3.42 -16.23
CA PHE A 56 -11.00 -2.91 -16.74
C PHE A 56 -11.11 -2.58 -18.23
N LEU A 57 -11.53 -3.57 -19.01
CA LEU A 57 -11.67 -3.39 -20.45
C LEU A 57 -12.19 -2.00 -20.78
N GLY A 58 -11.64 -1.40 -21.83
CA GLY A 58 -12.07 -0.07 -22.24
C GLY A 58 -11.17 1.01 -21.67
N LYS A 59 -10.52 0.72 -20.54
CA LYS A 59 -9.64 1.68 -19.90
C LYS A 59 -8.18 1.38 -20.23
N ASN A 60 -7.28 2.24 -19.75
CA ASN A 60 -5.86 2.06 -20.00
C ASN A 60 -5.18 1.39 -18.81
N VAL A 61 -4.09 0.68 -19.09
CA VAL A 61 -3.35 -0.01 -18.04
C VAL A 61 -3.02 0.93 -16.88
N GLN A 62 -3.05 2.22 -17.16
CA GLN A 62 -2.76 3.23 -16.14
C GLN A 62 -3.89 3.34 -15.14
N ASP A 63 -5.13 3.29 -15.64
CA ASP A 63 -6.30 3.38 -14.79
C ASP A 63 -6.34 2.23 -13.79
N ILE A 64 -5.93 1.05 -14.24
CA ILE A 64 -5.92 -0.14 -13.39
C ILE A 64 -4.96 0.04 -12.22
N LYS A 65 -3.66 0.15 -12.54
CA LYS A 65 -2.65 0.32 -11.51
C LYS A 65 -3.14 1.24 -10.40
N ASN A 66 -3.68 2.39 -10.79
CA ASN A 66 -4.19 3.35 -9.82
C ASN A 66 -5.31 2.75 -8.98
N VAL A 67 -6.35 2.27 -9.65
CA VAL A 67 -7.48 1.66 -8.96
C VAL A 67 -7.02 0.67 -7.91
N VAL A 68 -6.27 -0.33 -8.33
CA VAL A 68 -5.76 -1.35 -7.42
C VAL A 68 -4.97 -0.72 -6.29
N LEU A 69 -4.07 0.20 -6.63
CA LEU A 69 -3.26 0.88 -5.63
C LEU A 69 -4.13 1.60 -4.61
N GLN A 70 -5.24 2.18 -5.08
CA GLN A 70 -6.15 2.90 -4.20
C GLN A 70 -6.71 1.97 -3.13
N THR A 71 -7.13 0.78 -3.55
CA THR A 71 -7.70 -0.20 -2.63
C THR A 71 -6.74 -0.48 -1.48
N LEU A 72 -5.54 -0.92 -1.82
CA LEU A 72 -4.53 -1.24 -0.81
C LEU A 72 -4.14 0.01 -0.03
N GLU A 73 -3.96 1.12 -0.74
CA GLU A 73 -3.59 2.38 -0.10
C GLU A 73 -4.67 2.84 0.86
N GLY A 74 -5.81 3.25 0.32
CA GLY A 74 -6.91 3.72 1.14
C GLY A 74 -7.01 2.97 2.46
N HIS A 75 -6.95 1.64 2.38
CA HIS A 75 -7.04 0.80 3.58
C HIS A 75 -5.87 1.09 4.52
N LEU A 76 -4.68 1.20 3.97
CA LEU A 76 -3.48 1.47 4.76
C LEU A 76 -3.68 2.71 5.63
N ARG A 77 -4.35 3.71 5.09
CA ARG A 77 -4.61 4.95 5.81
C ARG A 77 -5.56 4.70 6.98
N SER A 78 -6.64 3.95 6.71
CA SER A 78 -7.63 3.65 7.74
C SER A 78 -7.01 2.81 8.85
N ILE A 79 -6.31 1.75 8.47
CA ILE A 79 -5.67 0.87 9.43
C ILE A 79 -4.67 1.64 10.30
N LEU A 80 -3.97 2.58 9.69
CA LEU A 80 -2.98 3.39 10.41
C LEU A 80 -3.67 4.39 11.34
N GLY A 81 -4.85 4.86 10.93
CA GLY A 81 -5.59 5.81 11.73
C GLY A 81 -5.96 5.26 13.09
N THR A 82 -6.53 4.05 13.10
CA THR A 82 -6.93 3.41 14.34
C THR A 82 -5.73 2.93 15.13
N LEU A 83 -4.57 2.85 14.47
CA LEU A 83 -3.34 2.41 15.12
C LEU A 83 -2.44 3.59 15.45
N THR A 84 -1.83 3.55 16.63
CA THR A 84 -0.94 4.61 17.07
C THR A 84 0.47 4.42 16.51
N VAL A 85 1.20 5.53 16.38
CA VAL A 85 2.57 5.48 15.86
C VAL A 85 3.33 4.27 16.42
N GLU A 86 3.39 4.19 17.74
CA GLU A 86 4.08 3.09 18.41
C GLU A 86 3.61 1.74 17.87
N GLN A 87 2.31 1.50 17.99
CA GLN A 87 1.72 0.24 17.52
C GLN A 87 2.28 -0.14 16.15
N ILE A 88 2.47 0.86 15.29
CA ILE A 88 3.01 0.63 13.96
C ILE A 88 4.45 0.14 14.02
N TYR A 89 5.35 1.01 14.47
CA TYR A 89 6.76 0.66 14.57
C TYR A 89 6.94 -0.67 15.30
N GLN A 90 6.35 -0.79 16.48
CA GLN A 90 6.44 -2.01 17.26
C GLN A 90 6.40 -3.24 16.37
N ASP A 91 5.28 -3.43 15.69
CA ASP A 91 5.11 -4.57 14.80
C ASP A 91 4.70 -4.11 13.40
N ARG A 92 5.63 -4.17 12.45
CA ARG A 92 5.36 -3.76 11.09
C ARG A 92 4.56 -4.82 10.34
N ASP A 93 4.96 -6.07 10.52
CA ASP A 93 4.28 -7.19 9.87
C ASP A 93 2.78 -7.15 10.16
N GLN A 94 2.43 -6.97 11.44
CA GLN A 94 1.04 -6.92 11.84
C GLN A 94 0.29 -5.81 11.10
N PHE A 95 0.65 -4.57 11.38
CA PHE A 95 0.02 -3.43 10.74
C PHE A 95 -0.23 -3.70 9.25
N ALA A 96 0.82 -4.11 8.56
CA ALA A 96 0.72 -4.41 7.13
C ALA A 96 -0.36 -5.45 6.87
N LYS A 97 -0.39 -6.50 7.68
CA LYS A 97 -1.36 -7.56 7.54
C LYS A 97 -2.79 -7.01 7.62
N LEU A 98 -3.04 -6.17 8.61
CA LEU A 98 -4.35 -5.57 8.79
C LEU A 98 -4.77 -4.79 7.56
N VAL A 99 -3.82 -4.55 6.67
CA VAL A 99 -4.09 -3.82 5.43
C VAL A 99 -4.37 -4.77 4.27
N ARG A 100 -3.64 -5.88 4.25
CA ARG A 100 -3.81 -6.88 3.20
C ARG A 100 -5.06 -7.72 3.43
N GLU A 101 -5.30 -8.05 4.69
CA GLU A 101 -6.48 -8.85 5.05
C GLU A 101 -7.76 -8.06 4.84
N VAL A 102 -7.69 -6.75 5.07
CA VAL A 102 -8.85 -5.89 4.91
C VAL A 102 -9.10 -5.57 3.43
N ALA A 103 -8.03 -5.57 2.65
CA ALA A 103 -8.13 -5.28 1.22
C ALA A 103 -8.41 -6.55 0.43
N ALA A 104 -7.89 -7.67 0.91
CA ALA A 104 -8.09 -8.95 0.24
C ALA A 104 -9.53 -9.11 -0.22
N PRO A 105 -10.47 -9.05 0.73
CA PRO A 105 -11.90 -9.19 0.45
C PRO A 105 -12.45 -7.98 -0.32
N ASP A 106 -11.64 -6.94 -0.45
CA ASP A 106 -12.05 -5.73 -1.15
C ASP A 106 -11.68 -5.83 -2.64
N VAL A 107 -10.39 -5.96 -2.92
CA VAL A 107 -9.92 -6.04 -4.30
C VAL A 107 -10.74 -7.06 -5.09
N GLY A 108 -11.12 -8.16 -4.43
CA GLY A 108 -11.91 -9.18 -5.09
C GLY A 108 -13.04 -8.61 -5.91
N ARG A 109 -13.54 -7.45 -5.49
CA ARG A 109 -14.64 -6.80 -6.19
C ARG A 109 -14.24 -6.45 -7.63
N MET A 110 -13.17 -5.68 -7.77
CA MET A 110 -12.68 -5.28 -9.09
C MET A 110 -12.20 -6.49 -9.88
N GLY A 111 -11.65 -7.48 -9.17
CA GLY A 111 -11.16 -8.67 -9.83
C GLY A 111 -9.66 -8.83 -9.68
N ILE A 112 -9.12 -8.34 -8.57
CA ILE A 112 -7.68 -8.43 -8.31
C ILE A 112 -7.41 -9.26 -7.06
N GLU A 113 -6.39 -10.10 -7.13
CA GLU A 113 -6.02 -10.95 -6.01
C GLU A 113 -4.65 -10.56 -5.46
N ILE A 114 -4.58 -10.35 -4.15
CA ILE A 114 -3.33 -9.98 -3.51
C ILE A 114 -2.45 -11.20 -3.26
N LEU A 115 -1.14 -11.00 -3.36
CA LEU A 115 -0.19 -12.09 -3.16
C LEU A 115 0.45 -12.01 -1.76
N SER A 116 1.00 -10.83 -1.44
CA SER A 116 1.64 -10.62 -0.16
C SER A 116 1.65 -9.13 0.20
N PHE A 117 1.86 -8.84 1.48
CA PHE A 117 1.90 -7.46 1.95
C PHE A 117 2.93 -7.29 3.06
N THR A 118 3.83 -6.34 2.88
CA THR A 118 4.89 -6.07 3.85
C THR A 118 5.22 -4.58 3.91
N ILE A 119 6.03 -4.21 4.89
CA ILE A 119 6.43 -2.82 5.06
C ILE A 119 7.81 -2.57 4.46
N LYS A 120 7.98 -1.42 3.81
CA LYS A 120 9.25 -1.06 3.19
C LYS A 120 10.04 -0.10 4.08
N ASP A 121 9.53 1.13 4.20
CA ASP A 121 10.19 2.14 5.02
C ASP A 121 9.17 3.10 5.62
N VAL A 122 9.41 3.53 6.85
CA VAL A 122 8.51 4.45 7.53
C VAL A 122 9.28 5.59 8.19
N TYR A 123 8.86 6.82 7.92
CA TYR A 123 9.52 7.99 8.49
C TYR A 123 8.49 9.00 8.98
N ASP A 124 8.96 10.03 9.69
CA ASP A 124 8.09 11.07 10.21
C ASP A 124 8.43 12.43 9.59
N LYS A 125 7.46 13.01 8.89
CA LYS A 125 7.65 14.31 8.26
C LYS A 125 8.03 15.37 9.29
N VAL A 126 7.51 15.23 10.49
CA VAL A 126 7.80 16.18 11.56
C VAL A 126 9.04 15.77 12.35
N ASP A 127 9.38 14.48 12.28
CA ASP A 127 10.55 13.96 12.97
C ASP A 127 10.47 14.23 14.47
N TYR A 128 9.28 13.98 15.04
CA TYR A 128 9.06 14.18 16.47
C TYR A 128 9.77 13.12 17.29
N LEU A 129 9.44 11.86 17.03
CA LEU A 129 10.04 10.74 17.75
C LEU A 129 11.54 10.67 17.48
N SER A 130 11.92 10.86 16.22
CA SER A 130 13.33 10.82 15.83
C SER A 130 14.14 11.84 16.61
N SER A 131 13.45 12.82 17.19
CA SER A 131 14.10 13.86 17.96
C SER A 131 14.00 13.59 19.46
N LEU A 132 13.98 12.31 19.81
CA LEU A 132 13.88 11.91 21.21
C LEU A 132 15.22 11.41 21.73
N GLY A 133 15.97 10.74 20.86
CA GLY A 133 17.27 10.22 21.25
C GLY A 133 17.75 9.10 20.35
N LYS A 134 16.96 8.04 20.26
CA LYS A 134 17.30 6.90 19.42
C LYS A 134 17.55 7.33 17.99
N THR A 135 18.49 6.67 17.32
CA THR A 135 18.82 6.98 15.94
C THR A 135 19.07 5.72 15.13
N GLN A 136 19.29 5.88 13.82
CA GLN A 136 19.53 4.75 12.94
C GLN A 136 20.63 3.85 13.51
N THR A 137 20.51 2.55 13.24
CA THR A 137 21.50 1.59 13.72
C THR A 137 22.66 1.46 12.76
N SER A 138 22.40 1.73 11.49
CA SER A 138 23.44 1.65 10.46
C SER A 138 23.21 2.70 9.37
N GLY A 139 24.21 2.88 8.51
CA GLY A 139 24.10 3.85 7.44
C GLY A 139 24.66 3.33 6.14
N PRO A 140 24.46 4.09 5.05
CA PRO A 140 24.94 3.72 3.71
C PRO A 140 26.46 3.81 3.60
N SER A 141 27.10 4.29 4.67
CA SER A 141 28.55 4.43 4.69
C SER A 141 29.22 3.27 3.95
N SER A 142 28.86 2.05 4.34
CA SER A 142 29.43 0.86 3.71
C SER A 142 28.32 -0.04 3.17
N GLY A 143 28.71 -1.00 2.33
CA GLY A 143 27.75 -1.92 1.75
C GLY A 143 27.05 -1.34 0.54
N GLY A 1 -5.45 12.16 -24.68
CA GLY A 1 -4.01 11.99 -24.52
C GLY A 1 -3.64 10.99 -23.46
N SER A 2 -2.42 11.07 -22.96
CA SER A 2 -1.95 10.15 -21.93
C SER A 2 -2.35 8.72 -22.26
N SER A 3 -2.23 8.34 -23.52
CA SER A 3 -2.57 7.00 -23.96
C SER A 3 -1.46 6.01 -23.64
N GLY A 4 -1.85 4.75 -23.45
CA GLY A 4 -0.87 3.72 -23.13
C GLY A 4 0.03 3.39 -24.31
N SER A 5 1.11 4.16 -24.45
CA SER A 5 2.06 3.95 -25.54
C SER A 5 2.34 2.47 -25.75
N SER A 6 2.67 1.78 -24.66
CA SER A 6 2.96 0.35 -24.73
C SER A 6 1.93 -0.45 -23.94
N GLY A 7 0.97 -1.04 -24.66
CA GLY A 7 -0.06 -1.83 -24.02
C GLY A 7 -1.44 -1.55 -24.60
N GLN A 8 -1.70 -2.07 -25.79
CA GLN A 8 -2.99 -1.86 -26.45
C GLN A 8 -4.00 -2.91 -25.99
N ARG A 9 -3.51 -3.95 -25.35
CA ARG A 9 -4.38 -5.03 -24.85
C ARG A 9 -4.33 -5.11 -23.33
N ILE A 10 -5.37 -5.72 -22.74
CA ILE A 10 -5.44 -5.85 -21.30
C ILE A 10 -4.17 -6.51 -20.74
N SER A 11 -3.79 -6.11 -19.53
CA SER A 11 -2.61 -6.65 -18.88
C SER A 11 -2.99 -7.65 -17.80
N LEU A 12 -2.21 -8.74 -17.70
CA LEU A 12 -2.46 -9.77 -16.71
C LEU A 12 -1.26 -9.96 -15.80
N GLU A 13 -0.06 -9.84 -16.37
CA GLU A 13 1.16 -9.99 -15.61
C GLU A 13 1.03 -9.34 -14.23
N ILE A 14 1.68 -9.94 -13.24
CA ILE A 14 1.65 -9.42 -11.88
C ILE A 14 2.04 -7.95 -11.84
N MET A 15 1.22 -7.13 -11.19
CA MET A 15 1.49 -5.70 -11.07
C MET A 15 2.04 -5.36 -9.69
N THR A 16 3.25 -4.79 -9.67
CA THR A 16 3.88 -4.41 -8.41
C THR A 16 3.42 -3.04 -7.95
N LEU A 17 2.52 -3.02 -6.97
CA LEU A 17 2.01 -1.76 -6.43
C LEU A 17 2.52 -1.52 -5.02
N GLN A 18 3.10 -0.34 -4.80
CA GLN A 18 3.63 0.01 -3.50
C GLN A 18 2.68 0.95 -2.76
N PRO A 19 1.86 0.39 -1.86
CA PRO A 19 0.89 1.16 -1.08
C PRO A 19 1.56 2.04 -0.04
N ARG A 20 2.07 3.19 -0.49
CA ARG A 20 2.75 4.13 0.41
C ARG A 20 1.77 5.21 0.89
N CYS A 21 1.90 5.58 2.16
CA CYS A 21 1.04 6.60 2.74
C CYS A 21 1.87 7.67 3.46
N GLU A 22 1.67 8.92 3.06
CA GLU A 22 2.39 10.04 3.65
C GLU A 22 1.43 11.08 4.20
N ASP A 23 1.80 11.68 5.33
CA ASP A 23 0.97 12.71 5.96
C ASP A 23 -0.34 12.10 6.48
N VAL A 24 -0.22 11.01 7.22
CA VAL A 24 -1.40 10.33 7.77
C VAL A 24 -1.35 10.30 9.29
N GLU A 25 -1.88 11.34 9.91
CA GLU A 25 -1.90 11.43 11.36
C GLU A 25 -2.53 10.19 11.99
N THR A 26 -1.80 9.56 12.91
CA THR A 26 -2.29 8.36 13.57
C THR A 26 -3.40 8.68 14.56
N ALA A 27 -3.85 7.68 15.29
CA ALA A 27 -4.91 7.86 16.28
C ALA A 27 -4.67 9.10 17.12
N GLU A 28 -3.50 9.16 17.75
CA GLU A 28 -3.14 10.30 18.59
C GLU A 28 -3.07 11.58 17.78
N GLY A 29 -2.50 11.48 16.57
CA GLY A 29 -2.38 12.64 15.71
C GLY A 29 -0.96 12.89 15.27
N VAL A 30 -0.28 11.84 14.84
CA VAL A 30 1.11 11.94 14.39
C VAL A 30 1.26 11.46 12.95
N ALA A 31 1.31 12.40 12.02
CA ALA A 31 1.46 12.07 10.61
C ALA A 31 2.72 11.25 10.37
N LEU A 32 2.53 10.01 9.92
CA LEU A 32 3.65 9.13 9.64
C LEU A 32 3.71 8.77 8.16
N THR A 33 4.87 8.30 7.71
CA THR A 33 5.08 7.93 6.32
C THR A 33 5.47 6.46 6.19
N VAL A 34 4.55 5.64 5.69
CA VAL A 34 4.82 4.22 5.52
C VAL A 34 4.86 3.84 4.05
N THR A 35 6.05 3.45 3.58
CA THR A 35 6.24 3.06 2.19
C THR A 35 5.36 1.88 1.83
N GLY A 36 5.50 0.79 2.57
CA GLY A 36 4.71 -0.40 2.32
C GLY A 36 5.01 -1.01 0.96
N VAL A 37 4.94 -2.34 0.87
CA VAL A 37 5.21 -3.04 -0.37
C VAL A 37 4.39 -4.32 -0.47
N ALA A 38 3.59 -4.42 -1.52
CA ALA A 38 2.75 -5.60 -1.74
C ALA A 38 2.63 -5.92 -3.23
N GLN A 39 2.69 -7.22 -3.55
CA GLN A 39 2.59 -7.66 -4.93
C GLN A 39 1.14 -8.01 -5.28
N VAL A 40 0.70 -7.59 -6.46
CA VAL A 40 -0.66 -7.85 -6.92
C VAL A 40 -0.67 -8.34 -8.36
N LYS A 41 -1.77 -8.98 -8.76
CA LYS A 41 -1.90 -9.50 -10.11
C LYS A 41 -3.37 -9.52 -10.54
N ILE A 42 -3.61 -9.41 -11.85
CA ILE A 42 -4.96 -9.43 -12.38
C ILE A 42 -5.51 -10.85 -12.43
N MET A 43 -6.63 -11.08 -11.77
CA MET A 43 -7.26 -12.39 -11.74
C MET A 43 -7.47 -12.91 -13.16
N THR A 44 -7.37 -14.23 -13.33
CA THR A 44 -7.55 -14.85 -14.64
C THR A 44 -9.03 -15.12 -14.92
N GLU A 45 -9.35 -15.28 -16.19
CA GLU A 45 -10.73 -15.53 -16.59
C GLU A 45 -10.90 -16.98 -17.08
N LYS A 46 -11.52 -17.80 -16.23
CA LYS A 46 -11.74 -19.21 -16.57
C LYS A 46 -12.99 -19.37 -17.42
N GLU A 47 -14.05 -18.66 -17.05
CA GLU A 47 -15.31 -18.73 -17.79
C GLU A 47 -15.87 -17.34 -18.05
N LEU A 48 -16.16 -16.62 -16.98
CA LEU A 48 -16.70 -15.25 -17.09
C LEU A 48 -16.01 -14.32 -16.10
N LEU A 49 -15.19 -13.42 -16.63
CA LEU A 49 -14.48 -12.46 -15.80
C LEU A 49 -14.82 -11.03 -16.20
N ALA A 50 -16.05 -10.82 -16.66
CA ALA A 50 -16.49 -9.50 -17.07
C ALA A 50 -16.55 -8.54 -15.90
N VAL A 51 -16.65 -9.10 -14.69
CA VAL A 51 -16.70 -8.29 -13.48
C VAL A 51 -15.49 -7.39 -13.35
N ALA A 52 -14.31 -7.94 -13.67
CA ALA A 52 -13.07 -7.19 -13.60
C ALA A 52 -12.63 -6.71 -14.99
N CYS A 53 -12.83 -7.56 -15.98
CA CYS A 53 -12.47 -7.23 -17.36
C CYS A 53 -13.15 -5.95 -17.81
N GLU A 54 -14.48 -5.94 -17.76
CA GLU A 54 -15.25 -4.78 -18.16
C GLU A 54 -14.94 -3.57 -17.28
N GLN A 55 -14.62 -3.85 -16.02
CA GLN A 55 -14.30 -2.78 -15.07
C GLN A 55 -13.09 -1.98 -15.55
N PHE A 56 -12.09 -2.67 -16.06
CA PHE A 56 -10.87 -2.02 -16.55
C PHE A 56 -11.05 -1.56 -17.98
N LEU A 57 -11.83 -2.31 -18.76
CA LEU A 57 -12.08 -1.97 -20.16
C LEU A 57 -12.42 -0.50 -20.31
N GLY A 58 -13.19 0.03 -19.36
CA GLY A 58 -13.57 1.43 -19.41
C GLY A 58 -12.37 2.36 -19.31
N LYS A 59 -11.39 1.98 -18.50
CA LYS A 59 -10.19 2.78 -18.32
C LYS A 59 -9.01 2.17 -19.06
N ASN A 60 -7.91 2.91 -19.11
CA ASN A 60 -6.71 2.44 -19.80
C ASN A 60 -5.82 1.64 -18.84
N VAL A 61 -4.90 0.87 -19.41
CA VAL A 61 -3.99 0.06 -18.62
C VAL A 61 -3.42 0.86 -17.46
N GLN A 62 -2.99 2.09 -17.75
CA GLN A 62 -2.42 2.95 -16.73
C GLN A 62 -3.36 3.07 -15.53
N ASP A 63 -4.61 3.42 -15.81
CA ASP A 63 -5.61 3.58 -14.76
C ASP A 63 -5.56 2.41 -13.78
N ILE A 64 -5.82 1.21 -14.28
CA ILE A 64 -5.80 0.02 -13.45
C ILE A 64 -4.71 0.10 -12.38
N LYS A 65 -3.46 0.07 -12.82
CA LYS A 65 -2.33 0.15 -11.90
C LYS A 65 -2.65 1.06 -10.73
N ASN A 66 -3.16 2.25 -11.03
CA ASN A 66 -3.51 3.23 -9.99
C ASN A 66 -4.71 2.75 -9.18
N VAL A 67 -5.80 2.44 -9.87
CA VAL A 67 -7.01 1.97 -9.21
C VAL A 67 -6.69 0.93 -8.15
N VAL A 68 -6.10 -0.18 -8.58
CA VAL A 68 -5.74 -1.26 -7.67
C VAL A 68 -4.95 -0.73 -6.48
N LEU A 69 -3.91 0.05 -6.76
CA LEU A 69 -3.07 0.62 -5.72
C LEU A 69 -3.91 1.43 -4.73
N GLN A 70 -4.88 2.18 -5.26
CA GLN A 70 -5.75 3.00 -4.42
C GLN A 70 -6.50 2.14 -3.42
N THR A 71 -6.89 0.95 -3.84
CA THR A 71 -7.63 0.03 -2.97
C THR A 71 -6.82 -0.30 -1.72
N LEU A 72 -5.61 -0.82 -1.92
CA LEU A 72 -4.75 -1.19 -0.81
C LEU A 72 -4.32 0.05 -0.03
N GLU A 73 -3.88 1.08 -0.74
CA GLU A 73 -3.45 2.33 -0.10
C GLU A 73 -4.50 2.82 0.88
N GLY A 74 -5.68 3.17 0.37
CA GLY A 74 -6.74 3.65 1.22
C GLY A 74 -6.83 2.89 2.52
N HIS A 75 -7.05 1.59 2.43
CA HIS A 75 -7.17 0.73 3.61
C HIS A 75 -6.02 1.01 4.59
N LEU A 76 -4.81 1.09 4.05
CA LEU A 76 -3.63 1.35 4.88
C LEU A 76 -3.83 2.58 5.76
N ARG A 77 -4.50 3.58 5.20
CA ARG A 77 -4.76 4.81 5.94
C ARG A 77 -5.75 4.57 7.07
N SER A 78 -6.73 3.71 6.82
CA SER A 78 -7.75 3.39 7.82
C SER A 78 -7.15 2.59 8.97
N ILE A 79 -6.51 1.48 8.64
CA ILE A 79 -5.89 0.63 9.65
C ILE A 79 -4.87 1.42 10.48
N LEU A 80 -4.02 2.18 9.81
CA LEU A 80 -3.01 2.98 10.49
C LEU A 80 -3.65 3.95 11.46
N GLY A 81 -4.72 4.62 11.02
CA GLY A 81 -5.41 5.57 11.86
C GLY A 81 -5.72 5.00 13.24
N THR A 82 -6.41 3.87 13.27
CA THR A 82 -6.78 3.23 14.53
C THR A 82 -5.53 2.80 15.30
N LEU A 83 -4.44 2.58 14.58
CA LEU A 83 -3.18 2.16 15.19
C LEU A 83 -2.33 3.37 15.56
N THR A 84 -1.94 3.46 16.83
CA THR A 84 -1.12 4.56 17.30
C THR A 84 0.27 4.53 16.66
N VAL A 85 0.90 5.70 16.57
CA VAL A 85 2.23 5.79 15.98
C VAL A 85 3.19 4.82 16.64
N GLU A 86 3.14 4.72 17.96
CA GLU A 86 4.01 3.83 18.71
C GLU A 86 3.84 2.39 18.23
N GLN A 87 2.63 1.87 18.33
CA GLN A 87 2.33 0.50 17.92
C GLN A 87 2.98 0.21 16.57
N ILE A 88 2.66 1.02 15.57
CA ILE A 88 3.21 0.85 14.22
C ILE A 88 4.68 0.48 14.28
N TYR A 89 5.48 1.34 14.91
CA TYR A 89 6.91 1.10 15.03
C TYR A 89 7.19 -0.23 15.73
N GLN A 90 6.67 -0.35 16.95
CA GLN A 90 6.86 -1.57 17.73
C GLN A 90 6.65 -2.81 16.87
N ASP A 91 5.43 -2.96 16.36
CA ASP A 91 5.09 -4.10 15.52
C ASP A 91 4.46 -3.64 14.21
N ARG A 92 5.29 -3.43 13.20
CA ARG A 92 4.81 -2.99 11.89
C ARG A 92 4.46 -4.18 11.01
N ASP A 93 5.15 -5.29 11.23
CA ASP A 93 4.90 -6.51 10.45
C ASP A 93 3.43 -6.88 10.48
N GLN A 94 2.82 -6.82 11.67
CA GLN A 94 1.42 -7.16 11.84
C GLN A 94 0.53 -6.11 11.17
N PHE A 95 0.88 -4.85 11.34
CA PHE A 95 0.11 -3.76 10.76
C PHE A 95 -0.17 -4.01 9.28
N ALA A 96 0.83 -4.53 8.58
CA ALA A 96 0.69 -4.83 7.16
C ALA A 96 -0.35 -5.92 6.93
N LYS A 97 -0.29 -6.98 7.73
CA LYS A 97 -1.23 -8.08 7.62
C LYS A 97 -2.67 -7.59 7.67
N LEU A 98 -2.94 -6.67 8.60
CA LEU A 98 -4.27 -6.11 8.77
C LEU A 98 -4.75 -5.45 7.47
N VAL A 99 -3.82 -4.81 6.77
CA VAL A 99 -4.14 -4.13 5.52
C VAL A 99 -4.55 -5.13 4.45
N ARG A 100 -3.63 -6.02 4.10
CA ARG A 100 -3.89 -7.03 3.08
C ARG A 100 -5.08 -7.91 3.48
N GLU A 101 -5.32 -8.02 4.78
CA GLU A 101 -6.42 -8.82 5.28
C GLU A 101 -7.76 -8.13 5.04
N VAL A 102 -7.78 -6.81 5.23
CA VAL A 102 -8.99 -6.03 5.03
C VAL A 102 -9.21 -5.72 3.56
N ALA A 103 -8.13 -5.76 2.78
CA ALA A 103 -8.22 -5.50 1.35
C ALA A 103 -8.45 -6.78 0.56
N ALA A 104 -7.79 -7.86 0.99
CA ALA A 104 -7.94 -9.15 0.33
C ALA A 104 -9.38 -9.39 -0.13
N PRO A 105 -10.31 -9.39 0.83
CA PRO A 105 -11.74 -9.60 0.54
C PRO A 105 -12.36 -8.42 -0.19
N ASP A 106 -11.67 -7.28 -0.16
CA ASP A 106 -12.15 -6.07 -0.82
C ASP A 106 -11.87 -6.13 -2.32
N VAL A 107 -10.59 -6.22 -2.67
CA VAL A 107 -10.18 -6.27 -4.07
C VAL A 107 -11.06 -7.23 -4.86
N GLY A 108 -11.42 -8.34 -4.22
CA GLY A 108 -12.25 -9.33 -4.89
C GLY A 108 -13.46 -8.71 -5.57
N ARG A 109 -13.99 -7.65 -4.98
CA ARG A 109 -15.15 -6.97 -5.54
C ARG A 109 -14.88 -6.54 -6.98
N MET A 110 -13.69 -6.00 -7.23
CA MET A 110 -13.32 -5.55 -8.56
C MET A 110 -12.79 -6.71 -9.39
N GLY A 111 -12.15 -7.67 -8.73
CA GLY A 111 -11.59 -8.82 -9.42
C GLY A 111 -10.09 -8.87 -9.35
N ILE A 112 -9.52 -8.25 -8.32
CA ILE A 112 -8.07 -8.23 -8.14
C ILE A 112 -7.65 -9.15 -6.99
N GLU A 113 -6.64 -9.97 -7.24
CA GLU A 113 -6.13 -10.89 -6.22
C GLU A 113 -4.79 -10.44 -5.69
N ILE A 114 -4.65 -10.42 -4.37
CA ILE A 114 -3.40 -10.01 -3.74
C ILE A 114 -2.48 -11.20 -3.49
N LEU A 115 -1.20 -11.02 -3.77
CA LEU A 115 -0.21 -12.08 -3.59
C LEU A 115 0.33 -12.07 -2.16
N SER A 116 0.86 -10.92 -1.75
CA SER A 116 1.42 -10.77 -0.40
C SER A 116 1.46 -9.31 0.00
N PHE A 117 1.82 -9.06 1.27
CA PHE A 117 1.89 -7.70 1.78
C PHE A 117 2.99 -7.58 2.84
N THR A 118 3.83 -6.57 2.71
CA THR A 118 4.93 -6.35 3.65
C THR A 118 5.26 -4.87 3.76
N ILE A 119 6.14 -4.54 4.69
CA ILE A 119 6.55 -3.16 4.91
C ILE A 119 7.98 -2.93 4.41
N LYS A 120 8.17 -1.83 3.68
CA LYS A 120 9.48 -1.49 3.14
C LYS A 120 10.25 -0.60 4.11
N ASP A 121 9.71 0.58 4.38
CA ASP A 121 10.35 1.52 5.30
C ASP A 121 9.36 2.60 5.75
N VAL A 122 9.36 2.88 7.05
CA VAL A 122 8.46 3.89 7.60
C VAL A 122 9.24 4.99 8.31
N TYR A 123 8.88 6.23 8.04
CA TYR A 123 9.56 7.37 8.67
C TYR A 123 8.55 8.43 9.10
N ASP A 124 9.03 9.44 9.82
CA ASP A 124 8.17 10.51 10.29
C ASP A 124 8.31 11.76 9.42
N LYS A 125 7.23 12.12 8.73
CA LYS A 125 7.24 13.29 7.86
C LYS A 125 7.35 14.57 8.68
N VAL A 126 6.63 14.62 9.79
CA VAL A 126 6.64 15.80 10.66
C VAL A 126 7.93 15.85 11.49
N ASP A 127 8.60 14.71 11.58
CA ASP A 127 9.84 14.63 12.34
C ASP A 127 9.64 15.10 13.77
N TYR A 128 8.54 14.67 14.38
CA TYR A 128 8.21 15.04 15.75
C TYR A 128 9.06 14.25 16.74
N LEU A 129 8.80 12.95 16.83
CA LEU A 129 9.54 12.07 17.73
C LEU A 129 11.01 12.02 17.37
N SER A 130 11.30 11.93 16.07
CA SER A 130 12.67 11.86 15.58
C SER A 130 13.45 13.10 16.02
N SER A 131 12.79 14.25 16.00
CA SER A 131 13.43 15.50 16.39
C SER A 131 13.96 15.42 17.82
N LEU A 132 13.09 15.04 18.75
CA LEU A 132 13.47 14.93 20.16
C LEU A 132 14.69 14.03 20.31
N GLY A 133 14.81 13.04 19.44
CA GLY A 133 15.95 12.14 19.50
C GLY A 133 16.12 11.50 20.87
N LYS A 134 15.50 10.34 21.07
CA LYS A 134 15.59 9.64 22.33
C LYS A 134 16.75 8.65 22.34
N THR A 135 17.96 9.17 22.17
CA THR A 135 19.15 8.33 22.14
C THR A 135 20.15 8.77 23.21
N GLN A 136 20.49 7.87 24.12
CA GLN A 136 21.43 8.17 25.18
C GLN A 136 22.02 6.88 25.77
N THR A 137 23.21 7.00 26.37
CA THR A 137 23.86 5.85 26.96
C THR A 137 23.86 5.94 28.48
N SER A 138 22.73 6.35 29.05
CA SER A 138 22.60 6.48 30.50
C SER A 138 23.39 5.40 31.22
N GLY A 139 24.19 5.82 32.20
CA GLY A 139 25.00 4.88 32.95
C GLY A 139 25.32 5.38 34.34
N PRO A 140 26.19 4.64 35.05
CA PRO A 140 26.60 5.00 36.41
C PRO A 140 27.48 6.25 36.45
N SER A 141 28.30 6.42 35.41
CA SER A 141 29.18 7.57 35.33
C SER A 141 28.50 8.74 34.62
N SER A 142 29.02 9.94 34.84
CA SER A 142 28.46 11.14 34.22
C SER A 142 29.55 12.01 33.64
N GLY A 143 29.24 12.69 32.54
CA GLY A 143 30.21 13.55 31.90
C GLY A 143 29.75 14.99 31.81
N GLY A 1 7.60 -5.04 -16.24
CA GLY A 1 6.58 -4.80 -17.26
C GLY A 1 6.62 -3.38 -17.78
N SER A 2 7.06 -3.20 -19.01
CA SER A 2 7.14 -1.89 -19.63
C SER A 2 5.94 -1.03 -19.22
N SER A 3 6.14 0.28 -19.19
CA SER A 3 5.08 1.21 -18.82
C SER A 3 4.41 1.81 -20.06
N GLY A 4 3.50 1.05 -20.65
CA GLY A 4 2.80 1.51 -21.84
C GLY A 4 2.81 0.48 -22.95
N SER A 5 1.70 -0.26 -23.07
CA SER A 5 1.59 -1.28 -24.10
C SER A 5 0.73 -0.78 -25.27
N SER A 6 0.81 -1.48 -26.39
CA SER A 6 0.05 -1.12 -27.58
C SER A 6 -1.33 -1.78 -27.57
N GLY A 7 -1.34 -3.07 -27.24
CA GLY A 7 -2.59 -3.81 -27.20
C GLY A 7 -3.50 -3.36 -26.06
N GLN A 8 -4.79 -3.27 -26.35
CA GLN A 8 -5.76 -2.85 -25.34
C GLN A 8 -6.48 -4.04 -24.73
N ARG A 9 -5.71 -5.10 -24.46
CA ARG A 9 -6.27 -6.32 -23.86
C ARG A 9 -6.01 -6.36 -22.37
N ILE A 10 -6.81 -7.16 -21.66
CA ILE A 10 -6.66 -7.30 -20.21
C ILE A 10 -5.25 -7.70 -19.83
N SER A 11 -4.83 -7.32 -18.64
CA SER A 11 -3.49 -7.64 -18.15
C SER A 11 -3.51 -8.91 -17.30
N LEU A 12 -2.45 -9.71 -17.43
CA LEU A 12 -2.35 -10.96 -16.67
C LEU A 12 -1.11 -10.94 -15.78
N GLU A 13 0.01 -10.51 -16.33
CA GLU A 13 1.26 -10.45 -15.58
C GLU A 13 1.05 -9.78 -14.22
N ILE A 14 1.91 -10.12 -13.27
CA ILE A 14 1.83 -9.55 -11.93
C ILE A 14 2.23 -8.09 -11.92
N MET A 15 1.53 -7.29 -11.12
CA MET A 15 1.82 -5.86 -11.03
C MET A 15 2.38 -5.52 -9.65
N THR A 16 3.36 -4.62 -9.61
CA THR A 16 3.98 -4.21 -8.36
C THR A 16 3.38 -2.90 -7.87
N LEU A 17 2.48 -3.00 -6.89
CA LEU A 17 1.84 -1.81 -6.33
C LEU A 17 2.30 -1.57 -4.90
N GLN A 18 2.95 -0.43 -4.67
CA GLN A 18 3.44 -0.09 -3.35
C GLN A 18 2.56 0.98 -2.70
N PRO A 19 1.63 0.55 -1.85
CA PRO A 19 0.71 1.46 -1.15
C PRO A 19 1.42 2.31 -0.09
N ARG A 20 1.68 3.56 -0.43
CA ARG A 20 2.35 4.47 0.49
C ARG A 20 1.39 5.53 1.02
N CYS A 21 1.69 6.05 2.19
CA CYS A 21 0.84 7.07 2.81
C CYS A 21 1.68 8.14 3.50
N GLU A 22 1.47 9.39 3.15
CA GLU A 22 2.22 10.50 3.73
C GLU A 22 1.28 11.48 4.43
N ASP A 23 1.82 12.26 5.36
CA ASP A 23 1.03 13.23 6.09
C ASP A 23 -0.28 12.62 6.59
N VAL A 24 -0.17 11.49 7.28
CA VAL A 24 -1.34 10.79 7.79
C VAL A 24 -1.30 10.71 9.32
N GLU A 25 -1.87 11.71 9.98
CA GLU A 25 -1.89 11.75 11.44
C GLU A 25 -2.48 10.46 12.00
N THR A 26 -1.73 9.83 12.90
CA THR A 26 -2.17 8.59 13.52
C THR A 26 -3.32 8.83 14.50
N ALA A 27 -3.74 7.77 15.18
CA ALA A 27 -4.83 7.88 16.15
C ALA A 27 -4.66 9.11 17.04
N GLU A 28 -3.51 9.18 17.73
CA GLU A 28 -3.23 10.30 18.61
C GLU A 28 -3.17 11.60 17.84
N GLY A 29 -2.74 11.53 16.59
CA GLY A 29 -2.64 12.71 15.75
C GLY A 29 -1.22 13.00 15.32
N VAL A 30 -0.49 11.94 14.98
CA VAL A 30 0.89 12.09 14.53
C VAL A 30 1.07 11.64 13.09
N ALA A 31 1.42 12.58 12.22
CA ALA A 31 1.62 12.28 10.81
C ALA A 31 2.77 11.31 10.61
N LEU A 32 2.48 10.17 9.99
CA LEU A 32 3.50 9.15 9.74
C LEU A 32 3.67 8.91 8.24
N THR A 33 4.81 8.35 7.87
CA THR A 33 5.11 8.07 6.46
C THR A 33 5.50 6.62 6.27
N VAL A 34 4.59 5.84 5.70
CA VAL A 34 4.84 4.42 5.46
C VAL A 34 4.83 4.11 3.96
N THR A 35 6.00 3.82 3.41
CA THR A 35 6.13 3.50 2.00
C THR A 35 5.20 2.35 1.61
N GLY A 36 5.32 1.25 2.33
CA GLY A 36 4.49 0.09 2.04
C GLY A 36 4.78 -0.51 0.68
N VAL A 37 4.85 -1.84 0.61
CA VAL A 37 5.12 -2.53 -0.64
C VAL A 37 4.37 -3.86 -0.71
N ALA A 38 3.54 -4.01 -1.74
CA ALA A 38 2.76 -5.22 -1.92
C ALA A 38 2.67 -5.60 -3.39
N GLN A 39 2.46 -6.88 -3.67
CA GLN A 39 2.35 -7.37 -5.04
C GLN A 39 0.93 -7.85 -5.33
N VAL A 40 0.40 -7.42 -6.47
CA VAL A 40 -0.95 -7.81 -6.87
C VAL A 40 -0.96 -8.36 -8.30
N LYS A 41 -2.02 -9.08 -8.63
CA LYS A 41 -2.16 -9.66 -9.96
C LYS A 41 -3.63 -9.86 -10.32
N ILE A 42 -3.96 -9.63 -11.59
CA ILE A 42 -5.33 -9.80 -12.06
C ILE A 42 -5.78 -11.25 -11.96
N MET A 43 -6.89 -11.48 -11.27
CA MET A 43 -7.43 -12.82 -11.10
C MET A 43 -7.56 -13.53 -12.44
N THR A 44 -8.07 -14.76 -12.41
CA THR A 44 -8.24 -15.54 -13.63
C THR A 44 -9.72 -15.71 -13.97
N GLU A 45 -10.01 -16.00 -15.23
CA GLU A 45 -11.38 -16.19 -15.67
C GLU A 45 -11.67 -17.67 -15.92
N LYS A 46 -12.60 -18.22 -15.14
CA LYS A 46 -12.99 -19.61 -15.26
C LYS A 46 -14.21 -19.77 -16.16
N GLU A 47 -15.17 -18.86 -16.01
CA GLU A 47 -16.39 -18.90 -16.80
C GLU A 47 -16.70 -17.52 -17.38
N LEU A 48 -16.68 -16.50 -16.52
CA LEU A 48 -16.96 -15.14 -16.93
C LEU A 48 -16.24 -14.13 -16.04
N LEU A 49 -15.43 -13.28 -16.66
CA LEU A 49 -14.68 -12.27 -15.92
C LEU A 49 -15.10 -10.86 -16.35
N ALA A 50 -16.30 -10.75 -16.92
CA ALA A 50 -16.81 -9.47 -17.37
C ALA A 50 -16.96 -8.50 -16.20
N VAL A 51 -16.89 -9.03 -14.98
CA VAL A 51 -17.01 -8.21 -13.78
C VAL A 51 -15.84 -7.25 -13.64
N ALA A 52 -14.64 -7.73 -13.98
CA ALA A 52 -13.44 -6.91 -13.90
C ALA A 52 -12.94 -6.54 -15.29
N CYS A 53 -13.13 -7.43 -16.24
CA CYS A 53 -12.70 -7.21 -17.62
C CYS A 53 -13.41 -5.98 -18.22
N GLU A 54 -14.60 -5.68 -17.69
CA GLU A 54 -15.38 -4.55 -18.17
C GLU A 54 -14.87 -3.25 -17.56
N GLN A 55 -14.40 -3.33 -16.32
CA GLN A 55 -13.89 -2.15 -15.62
C GLN A 55 -12.46 -1.85 -16.03
N PHE A 56 -11.89 -2.71 -16.88
CA PHE A 56 -10.53 -2.53 -17.35
C PHE A 56 -10.52 -2.19 -18.85
N LEU A 57 -11.34 -2.88 -19.62
CA LEU A 57 -11.43 -2.66 -21.05
C LEU A 57 -11.55 -1.16 -21.36
N GLY A 58 -11.02 -0.77 -22.52
CA GLY A 58 -11.09 0.63 -22.91
C GLY A 58 -9.98 1.46 -22.29
N LYS A 59 -9.58 1.11 -21.07
CA LYS A 59 -8.52 1.82 -20.37
C LYS A 59 -7.19 1.14 -20.58
N ASN A 60 -6.12 1.80 -20.14
CA ASN A 60 -4.76 1.26 -20.28
C ASN A 60 -4.31 0.60 -18.99
N VAL A 61 -3.11 0.02 -19.02
CA VAL A 61 -2.55 -0.65 -17.85
C VAL A 61 -2.40 0.31 -16.69
N GLN A 62 -2.22 1.59 -17.00
CA GLN A 62 -2.05 2.62 -15.98
C GLN A 62 -3.30 2.72 -15.11
N ASP A 63 -4.46 2.50 -15.71
CA ASP A 63 -5.72 2.57 -14.99
C ASP A 63 -5.85 1.40 -14.00
N ILE A 64 -5.56 0.20 -14.48
CA ILE A 64 -5.63 -0.99 -13.65
C ILE A 64 -4.68 -0.90 -12.46
N LYS A 65 -3.41 -0.63 -12.75
CA LYS A 65 -2.40 -0.51 -11.71
C LYS A 65 -2.83 0.49 -10.65
N ASN A 66 -3.47 1.57 -11.07
CA ASN A 66 -3.94 2.61 -10.16
C ASN A 66 -5.12 2.11 -9.34
N VAL A 67 -6.24 1.82 -10.02
CA VAL A 67 -7.43 1.33 -9.35
C VAL A 67 -7.08 0.36 -8.24
N VAL A 68 -6.40 -0.73 -8.60
CA VAL A 68 -6.01 -1.74 -7.62
C VAL A 68 -5.23 -1.11 -6.47
N LEU A 69 -4.25 -0.28 -6.80
CA LEU A 69 -3.43 0.39 -5.80
C LEU A 69 -4.30 1.17 -4.82
N GLN A 70 -5.25 1.92 -5.36
CA GLN A 70 -6.16 2.73 -4.53
C GLN A 70 -6.77 1.89 -3.43
N THR A 71 -7.36 0.75 -3.80
CA THR A 71 -7.98 -0.15 -2.83
C THR A 71 -7.10 -0.33 -1.61
N LEU A 72 -5.89 -0.87 -1.83
CA LEU A 72 -4.96 -1.10 -0.74
C LEU A 72 -4.54 0.22 -0.08
N GLU A 73 -3.97 1.11 -0.88
CA GLU A 73 -3.53 2.41 -0.38
C GLU A 73 -4.50 2.94 0.66
N GLY A 74 -5.74 3.16 0.25
CA GLY A 74 -6.76 3.68 1.16
C GLY A 74 -6.80 2.90 2.47
N HIS A 75 -6.88 1.58 2.37
CA HIS A 75 -6.93 0.72 3.55
C HIS A 75 -5.75 1.00 4.47
N LEU A 76 -4.58 1.23 3.88
CA LEU A 76 -3.38 1.51 4.65
C LEU A 76 -3.56 2.75 5.52
N ARG A 77 -4.09 3.81 4.93
CA ARG A 77 -4.32 5.05 5.66
C ARG A 77 -5.27 4.83 6.83
N SER A 78 -6.40 4.19 6.55
CA SER A 78 -7.40 3.92 7.58
C SER A 78 -6.79 3.10 8.72
N ILE A 79 -6.23 1.95 8.37
CA ILE A 79 -5.63 1.07 9.36
C ILE A 79 -4.56 1.81 10.17
N LEU A 80 -3.92 2.79 9.54
CA LEU A 80 -2.88 3.58 10.19
C LEU A 80 -3.50 4.57 11.18
N GLY A 81 -4.53 5.28 10.74
CA GLY A 81 -5.18 6.25 11.60
C GLY A 81 -5.63 5.65 12.91
N THR A 82 -6.44 4.59 12.84
CA THR A 82 -6.94 3.93 14.03
C THR A 82 -5.81 3.49 14.94
N LEU A 83 -4.73 2.98 14.33
CA LEU A 83 -3.57 2.51 15.08
C LEU A 83 -2.74 3.70 15.58
N THR A 84 -1.94 3.46 16.61
CA THR A 84 -1.09 4.49 17.18
C THR A 84 0.33 4.41 16.63
N VAL A 85 0.91 5.56 16.33
CA VAL A 85 2.28 5.61 15.80
C VAL A 85 3.16 4.56 16.46
N GLU A 86 2.94 4.34 17.76
CA GLU A 86 3.72 3.36 18.50
C GLU A 86 3.50 1.95 17.94
N GLN A 87 2.24 1.58 17.77
CA GLN A 87 1.89 0.27 17.26
C GLN A 87 2.45 0.07 15.85
N ILE A 88 2.44 1.14 15.06
CA ILE A 88 2.94 1.09 13.69
C ILE A 88 4.43 0.75 13.67
N TYR A 89 5.21 1.46 14.47
CA TYR A 89 6.65 1.24 14.55
C TYR A 89 6.96 -0.10 15.21
N GLN A 90 6.27 -0.39 16.31
CA GLN A 90 6.47 -1.63 17.04
C GLN A 90 6.77 -2.78 16.08
N ASP A 91 5.80 -3.09 15.22
CA ASP A 91 5.96 -4.17 14.25
C ASP A 91 5.30 -3.81 12.92
N ARG A 92 6.13 -3.50 11.93
CA ARG A 92 5.63 -3.13 10.60
C ARG A 92 4.96 -4.33 9.92
N ASP A 93 5.60 -5.49 10.03
CA ASP A 93 5.07 -6.70 9.42
C ASP A 93 3.61 -6.91 9.80
N GLN A 94 3.34 -6.91 11.11
CA GLN A 94 1.98 -7.10 11.61
C GLN A 94 1.05 -6.01 11.09
N PHE A 95 1.50 -4.76 11.17
CA PHE A 95 0.71 -3.63 10.71
C PHE A 95 0.16 -3.88 9.30
N ALA A 96 1.06 -4.12 8.35
CA ALA A 96 0.66 -4.39 6.98
C ALA A 96 -0.31 -5.56 6.90
N LYS A 97 -0.05 -6.59 7.69
CA LYS A 97 -0.90 -7.77 7.71
C LYS A 97 -2.37 -7.39 7.85
N LEU A 98 -2.63 -6.32 8.60
CA LEU A 98 -3.99 -5.84 8.80
C LEU A 98 -4.53 -5.17 7.54
N VAL A 99 -3.64 -4.51 6.80
CA VAL A 99 -4.03 -3.83 5.57
C VAL A 99 -4.39 -4.83 4.48
N ARG A 100 -3.54 -5.84 4.31
CA ARG A 100 -3.76 -6.86 3.29
C ARG A 100 -4.92 -7.78 3.70
N GLU A 101 -5.21 -7.82 4.99
CA GLU A 101 -6.29 -8.65 5.50
C GLU A 101 -7.64 -7.99 5.28
N VAL A 102 -7.69 -6.68 5.48
CA VAL A 102 -8.93 -5.92 5.30
C VAL A 102 -9.19 -5.64 3.82
N ALA A 103 -8.14 -5.73 3.01
CA ALA A 103 -8.26 -5.49 1.57
C ALA A 103 -8.49 -6.80 0.82
N ALA A 104 -7.85 -7.87 1.29
CA ALA A 104 -7.98 -9.17 0.66
C ALA A 104 -9.44 -9.46 0.29
N PRO A 105 -10.32 -9.43 1.30
CA PRO A 105 -11.75 -9.69 1.11
C PRO A 105 -12.45 -8.56 0.36
N ASP A 106 -11.75 -7.43 0.21
CA ASP A 106 -12.30 -6.28 -0.49
C ASP A 106 -12.04 -6.39 -1.99
N VAL A 107 -10.77 -6.41 -2.37
CA VAL A 107 -10.39 -6.51 -3.77
C VAL A 107 -11.23 -7.55 -4.50
N GLY A 108 -11.48 -8.68 -3.83
CA GLY A 108 -12.27 -9.73 -4.43
C GLY A 108 -13.49 -9.21 -5.15
N ARG A 109 -14.07 -8.14 -4.62
CA ARG A 109 -15.26 -7.53 -5.21
C ARG A 109 -15.04 -7.23 -6.70
N MET A 110 -13.97 -6.50 -6.99
CA MET A 110 -13.64 -6.16 -8.37
C MET A 110 -13.14 -7.38 -9.14
N GLY A 111 -12.39 -8.23 -8.46
CA GLY A 111 -11.87 -9.44 -9.09
C GLY A 111 -10.35 -9.48 -9.07
N ILE A 112 -9.75 -8.96 -8.01
CA ILE A 112 -8.30 -8.94 -7.88
C ILE A 112 -7.85 -9.73 -6.65
N GLU A 113 -6.77 -10.47 -6.80
CA GLU A 113 -6.23 -11.27 -5.70
C GLU A 113 -4.85 -10.76 -5.29
N ILE A 114 -4.70 -10.47 -3.99
CA ILE A 114 -3.44 -9.99 -3.46
C ILE A 114 -2.43 -11.12 -3.29
N LEU A 115 -1.17 -10.84 -3.56
CA LEU A 115 -0.12 -11.85 -3.43
C LEU A 115 0.55 -11.76 -2.06
N SER A 116 0.92 -10.54 -1.67
CA SER A 116 1.57 -10.32 -0.37
C SER A 116 1.61 -8.83 -0.04
N PHE A 117 1.87 -8.53 1.23
CA PHE A 117 1.94 -7.15 1.70
C PHE A 117 3.04 -6.97 2.73
N THR A 118 3.98 -6.07 2.44
CA THR A 118 5.09 -5.81 3.35
C THR A 118 5.33 -4.31 3.48
N ILE A 119 6.27 -3.96 4.36
CA ILE A 119 6.60 -2.55 4.58
C ILE A 119 8.06 -2.28 4.23
N LYS A 120 8.27 -1.33 3.32
CA LYS A 120 9.62 -0.96 2.89
C LYS A 120 10.33 -0.15 3.96
N ASP A 121 9.76 1.02 4.28
CA ASP A 121 10.33 1.90 5.29
C ASP A 121 9.27 2.82 5.88
N VAL A 122 9.38 3.09 7.18
CA VAL A 122 8.43 3.96 7.86
C VAL A 122 9.15 5.05 8.65
N TYR A 123 8.84 6.30 8.34
CA TYR A 123 9.46 7.43 9.02
C TYR A 123 8.42 8.50 9.35
N ASP A 124 8.80 9.42 10.23
CA ASP A 124 7.90 10.51 10.62
C ASP A 124 8.36 11.84 10.04
N LYS A 125 7.55 12.40 9.16
CA LYS A 125 7.88 13.67 8.52
C LYS A 125 8.16 14.75 9.56
N VAL A 126 7.36 14.77 10.62
CA VAL A 126 7.53 15.73 11.70
C VAL A 126 8.64 15.31 12.66
N ASP A 127 9.16 14.11 12.45
CA ASP A 127 10.22 13.59 13.29
C ASP A 127 10.01 14.00 14.75
N TYR A 128 8.78 13.91 15.22
CA TYR A 128 8.44 14.27 16.58
C TYR A 128 9.03 13.27 17.57
N LEU A 129 8.92 11.99 17.25
CA LEU A 129 9.44 10.94 18.11
C LEU A 129 10.96 10.82 17.97
N SER A 130 11.48 11.25 16.82
CA SER A 130 12.91 11.19 16.56
C SER A 130 13.64 12.31 17.29
N SER A 131 12.92 13.39 17.57
CA SER A 131 13.49 14.54 18.26
C SER A 131 13.15 14.51 19.74
N LEU A 132 12.99 13.31 20.29
CA LEU A 132 12.65 13.14 21.70
C LEU A 132 13.89 13.30 22.58
N GLY A 133 15.03 12.87 22.06
CA GLY A 133 16.27 12.98 22.82
C GLY A 133 16.74 11.63 23.33
N LYS A 134 16.72 10.63 22.47
CA LYS A 134 17.16 9.28 22.85
C LYS A 134 18.30 8.80 21.94
N THR A 135 19.43 8.46 22.55
CA THR A 135 20.59 7.99 21.81
C THR A 135 21.28 6.85 22.54
N GLN A 136 21.61 5.79 21.80
CA GLN A 136 22.29 4.64 22.39
C GLN A 136 23.73 4.56 21.92
N THR A 137 24.64 5.12 22.70
CA THR A 137 26.07 5.11 22.36
C THR A 137 26.93 4.92 23.60
N SER A 138 28.22 4.68 23.39
CA SER A 138 29.15 4.48 24.50
C SER A 138 30.52 5.07 24.16
N GLY A 139 31.03 5.90 25.07
CA GLY A 139 32.33 6.51 24.86
C GLY A 139 32.27 7.66 23.86
N PRO A 140 33.41 8.35 23.69
CA PRO A 140 33.51 9.48 22.76
C PRO A 140 33.43 9.04 21.30
N SER A 141 32.28 9.28 20.67
CA SER A 141 32.08 8.91 19.28
C SER A 141 32.87 9.83 18.35
N SER A 142 33.42 9.25 17.29
CA SER A 142 34.20 10.02 16.32
C SER A 142 33.38 11.17 15.75
N GLY A 143 34.01 12.34 15.65
CA GLY A 143 33.32 13.50 15.12
C GLY A 143 33.78 14.79 15.76
N GLY A 1 14.25 -0.20 -17.61
CA GLY A 1 13.35 -0.05 -18.73
C GLY A 1 11.95 -0.55 -18.44
N SER A 2 11.06 0.36 -18.04
CA SER A 2 9.69 0.01 -17.70
C SER A 2 8.97 -0.55 -18.94
N SER A 3 8.51 -1.79 -18.84
CA SER A 3 7.80 -2.44 -19.93
C SER A 3 6.35 -2.74 -19.56
N GLY A 4 5.43 -2.31 -20.42
CA GLY A 4 4.02 -2.54 -20.15
C GLY A 4 3.15 -2.21 -21.35
N SER A 5 2.29 -3.15 -21.73
CA SER A 5 1.40 -2.95 -22.87
C SER A 5 0.73 -1.58 -22.80
N SER A 6 0.20 -1.13 -23.93
CA SER A 6 -0.47 0.16 -24.01
C SER A 6 -1.34 0.26 -25.25
N GLY A 7 -2.64 0.44 -25.05
CA GLY A 7 -3.56 0.55 -26.17
C GLY A 7 -4.90 -0.10 -25.88
N GLN A 8 -5.25 -1.11 -26.67
CA GLN A 8 -6.52 -1.81 -26.49
C GLN A 8 -6.32 -3.12 -25.74
N ARG A 9 -5.07 -3.55 -25.63
CA ARG A 9 -4.74 -4.79 -24.94
C ARG A 9 -4.71 -4.57 -23.42
N ILE A 10 -5.14 -5.59 -22.68
CA ILE A 10 -5.16 -5.50 -21.23
C ILE A 10 -3.89 -6.11 -20.63
N SER A 11 -3.41 -5.49 -19.55
CA SER A 11 -2.20 -5.96 -18.88
C SER A 11 -2.52 -7.07 -17.88
N LEU A 12 -1.77 -8.17 -17.97
CA LEU A 12 -1.98 -9.30 -17.08
C LEU A 12 -0.79 -9.48 -16.14
N GLU A 13 0.41 -9.35 -16.68
CA GLU A 13 1.62 -9.50 -15.90
C GLU A 13 1.42 -8.96 -14.48
N ILE A 14 2.15 -9.53 -13.53
CA ILE A 14 2.05 -9.11 -12.14
C ILE A 14 2.46 -7.66 -11.97
N MET A 15 1.56 -6.85 -11.43
CA MET A 15 1.85 -5.43 -11.22
C MET A 15 2.24 -5.17 -9.77
N THR A 16 3.34 -4.47 -9.56
CA THR A 16 3.82 -4.16 -8.23
C THR A 16 3.32 -2.78 -7.78
N LEU A 17 2.45 -2.79 -6.77
CA LEU A 17 1.90 -1.55 -6.23
C LEU A 17 2.37 -1.31 -4.80
N GLN A 18 3.00 -0.15 -4.57
CA GLN A 18 3.49 0.19 -3.25
C GLN A 18 2.58 1.20 -2.56
N PRO A 19 1.68 0.69 -1.70
CA PRO A 19 0.73 1.53 -0.97
C PRO A 19 1.40 2.40 0.08
N ARG A 20 1.87 3.57 -0.34
CA ARG A 20 2.53 4.50 0.58
C ARG A 20 1.59 5.61 1.01
N CYS A 21 1.71 6.02 2.27
CA CYS A 21 0.86 7.08 2.81
C CYS A 21 1.70 8.10 3.59
N GLU A 22 1.64 9.35 3.16
CA GLU A 22 2.40 10.42 3.81
C GLU A 22 1.45 11.49 4.35
N ASP A 23 1.79 12.03 5.52
CA ASP A 23 0.98 13.06 6.15
C ASP A 23 -0.35 12.49 6.66
N VAL A 24 -0.25 11.43 7.44
CA VAL A 24 -1.43 10.79 8.01
C VAL A 24 -1.34 10.71 9.53
N GLU A 25 -1.94 11.69 10.20
CA GLU A 25 -1.93 11.74 11.65
C GLU A 25 -2.51 10.45 12.25
N THR A 26 -1.70 9.76 13.05
CA THR A 26 -2.13 8.52 13.67
C THR A 26 -3.34 8.74 14.57
N ALA A 27 -3.78 7.69 15.25
CA ALA A 27 -4.93 7.77 16.15
C ALA A 27 -4.81 8.99 17.06
N GLU A 28 -3.72 9.06 17.82
CA GLU A 28 -3.50 10.17 18.74
C GLU A 28 -3.47 11.50 17.98
N GLY A 29 -2.61 11.57 16.97
CA GLY A 29 -2.50 12.79 16.19
C GLY A 29 -1.07 13.06 15.75
N VAL A 30 -0.44 12.07 15.14
CA VAL A 30 0.94 12.21 14.69
C VAL A 30 1.08 11.77 13.23
N ALA A 31 1.27 12.74 12.34
CA ALA A 31 1.42 12.45 10.92
C ALA A 31 2.67 11.61 10.66
N LEU A 32 2.46 10.36 10.25
CA LEU A 32 3.56 9.46 9.96
C LEU A 32 3.66 9.16 8.47
N THR A 33 4.79 8.60 8.06
CA THR A 33 5.00 8.27 6.66
C THR A 33 5.38 6.80 6.49
N VAL A 34 4.52 6.04 5.82
CA VAL A 34 4.76 4.63 5.58
C VAL A 34 4.73 4.30 4.10
N THR A 35 5.81 3.69 3.61
CA THR A 35 5.90 3.31 2.21
C THR A 35 5.04 2.09 1.90
N GLY A 36 5.36 0.97 2.55
CA GLY A 36 4.61 -0.25 2.32
C GLY A 36 4.85 -0.84 0.95
N VAL A 37 5.03 -2.16 0.90
CA VAL A 37 5.27 -2.85 -0.37
C VAL A 37 4.43 -4.11 -0.46
N ALA A 38 3.71 -4.25 -1.57
CA ALA A 38 2.86 -5.42 -1.80
C ALA A 38 2.77 -5.76 -3.28
N GLN A 39 2.54 -7.04 -3.58
CA GLN A 39 2.43 -7.50 -4.96
C GLN A 39 1.00 -7.86 -5.30
N VAL A 40 0.60 -7.60 -6.55
CA VAL A 40 -0.75 -7.92 -7.00
C VAL A 40 -0.76 -8.31 -8.47
N LYS A 41 -1.81 -9.01 -8.89
CA LYS A 41 -1.94 -9.44 -10.27
C LYS A 41 -3.41 -9.68 -10.62
N ILE A 42 -3.75 -9.51 -11.90
CA ILE A 42 -5.11 -9.71 -12.37
C ILE A 42 -5.44 -11.19 -12.44
N MET A 43 -6.45 -11.61 -11.68
CA MET A 43 -6.87 -13.00 -11.65
C MET A 43 -7.32 -13.45 -13.05
N THR A 44 -7.30 -14.77 -13.26
CA THR A 44 -7.71 -15.32 -14.56
C THR A 44 -9.23 -15.42 -14.66
N GLU A 45 -9.71 -15.59 -15.89
CA GLU A 45 -11.15 -15.70 -16.12
C GLU A 45 -11.68 -17.06 -15.67
N LYS A 46 -12.16 -17.11 -14.43
CA LYS A 46 -12.70 -18.34 -13.86
C LYS A 46 -14.18 -18.48 -14.20
N GLU A 47 -14.97 -17.49 -13.82
CA GLU A 47 -16.40 -17.50 -14.07
C GLU A 47 -16.95 -16.08 -14.14
N LEU A 48 -17.39 -15.68 -15.33
CA LEU A 48 -17.95 -14.36 -15.54
C LEU A 48 -16.94 -13.27 -15.14
N LEU A 49 -15.74 -13.36 -15.70
CA LEU A 49 -14.69 -12.39 -15.41
C LEU A 49 -15.11 -10.99 -15.81
N ALA A 50 -16.17 -10.90 -16.60
CA ALA A 50 -16.69 -9.61 -17.06
C ALA A 50 -16.59 -8.57 -15.96
N VAL A 51 -16.76 -9.00 -14.71
CA VAL A 51 -16.69 -8.10 -13.57
C VAL A 51 -15.46 -7.20 -13.65
N ALA A 52 -14.31 -7.81 -13.93
CA ALA A 52 -13.06 -7.06 -14.03
C ALA A 52 -12.66 -6.87 -15.49
N CYS A 53 -13.07 -7.80 -16.34
CA CYS A 53 -12.75 -7.74 -17.76
C CYS A 53 -13.24 -6.42 -18.36
N GLU A 54 -14.56 -6.26 -18.42
CA GLU A 54 -15.15 -5.06 -18.98
C GLU A 54 -14.83 -3.83 -18.11
N GLN A 55 -14.73 -4.05 -16.81
CA GLN A 55 -14.42 -2.97 -15.88
C GLN A 55 -13.10 -2.30 -16.25
N PHE A 56 -12.15 -3.09 -16.74
CA PHE A 56 -10.85 -2.57 -17.14
C PHE A 56 -10.82 -2.25 -18.63
N LEU A 57 -11.22 -3.21 -19.44
CA LEU A 57 -11.23 -3.03 -20.89
C LEU A 57 -11.65 -1.61 -21.25
N GLY A 58 -12.79 -1.17 -20.72
CA GLY A 58 -13.28 0.17 -21.00
C GLY A 58 -12.21 1.23 -20.81
N LYS A 59 -11.39 1.06 -19.76
CA LYS A 59 -10.34 2.01 -19.47
C LYS A 59 -8.98 1.48 -19.97
N ASN A 60 -7.94 2.29 -19.78
CA ASN A 60 -6.60 1.90 -20.20
C ASN A 60 -5.92 1.03 -19.14
N VAL A 61 -4.71 0.57 -19.45
CA VAL A 61 -3.96 -0.26 -18.52
C VAL A 61 -3.48 0.54 -17.32
N GLN A 62 -3.07 1.78 -17.57
CA GLN A 62 -2.59 2.65 -16.49
C GLN A 62 -3.60 2.72 -15.36
N ASP A 63 -4.86 2.94 -15.71
CA ASP A 63 -5.93 3.04 -14.72
C ASP A 63 -5.86 1.87 -13.75
N ILE A 64 -5.98 0.65 -14.28
CA ILE A 64 -5.94 -0.55 -13.47
C ILE A 64 -4.97 -0.39 -12.30
N LYS A 65 -3.68 -0.31 -12.62
CA LYS A 65 -2.65 -0.16 -11.61
C LYS A 65 -3.11 0.78 -10.50
N ASN A 66 -3.58 1.96 -10.89
CA ASN A 66 -4.06 2.95 -9.93
C ASN A 66 -5.26 2.42 -9.17
N VAL A 67 -6.35 2.16 -9.88
CA VAL A 67 -7.57 1.66 -9.28
C VAL A 67 -7.26 0.69 -8.15
N VAL A 68 -6.41 -0.30 -8.44
CA VAL A 68 -6.03 -1.30 -7.44
C VAL A 68 -5.23 -0.67 -6.31
N LEU A 69 -4.08 -0.07 -6.65
CA LEU A 69 -3.23 0.57 -5.67
C LEU A 69 -4.05 1.44 -4.71
N GLN A 70 -5.12 2.02 -5.22
CA GLN A 70 -6.00 2.87 -4.41
C GLN A 70 -6.68 2.05 -3.32
N THR A 71 -7.11 0.84 -3.66
CA THR A 71 -7.77 -0.04 -2.71
C THR A 71 -6.89 -0.31 -1.51
N LEU A 72 -5.67 -0.77 -1.76
CA LEU A 72 -4.72 -1.08 -0.69
C LEU A 72 -4.29 0.19 0.03
N GLU A 73 -4.05 1.26 -0.75
CA GLU A 73 -3.63 2.53 -0.18
C GLU A 73 -4.68 3.08 0.78
N GLY A 74 -5.94 3.01 0.36
CA GLY A 74 -7.03 3.50 1.19
C GLY A 74 -7.13 2.76 2.52
N HIS A 75 -7.00 1.44 2.47
CA HIS A 75 -7.07 0.62 3.67
C HIS A 75 -5.90 0.92 4.61
N LEU A 76 -4.71 1.03 4.03
CA LEU A 76 -3.51 1.31 4.81
C LEU A 76 -3.73 2.51 5.73
N ARG A 77 -4.19 3.62 5.15
CA ARG A 77 -4.44 4.84 5.91
C ARG A 77 -5.37 4.56 7.09
N SER A 78 -6.47 3.86 6.82
CA SER A 78 -7.44 3.53 7.86
C SER A 78 -6.78 2.73 8.98
N ILE A 79 -6.20 1.60 8.63
CA ILE A 79 -5.53 0.74 9.61
C ILE A 79 -4.47 1.52 10.38
N LEU A 80 -3.87 2.50 9.73
CA LEU A 80 -2.84 3.32 10.35
C LEU A 80 -3.46 4.28 11.37
N GLY A 81 -4.38 5.12 10.90
CA GLY A 81 -5.03 6.08 11.78
C GLY A 81 -5.51 5.45 13.07
N THR A 82 -6.42 4.48 12.94
CA THR A 82 -6.97 3.80 14.11
C THR A 82 -5.86 3.25 15.00
N LEU A 83 -4.66 3.13 14.43
CA LEU A 83 -3.52 2.61 15.17
C LEU A 83 -2.65 3.75 15.70
N THR A 84 -1.78 3.43 16.65
CA THR A 84 -0.90 4.44 17.25
C THR A 84 0.53 4.25 16.76
N VAL A 85 1.20 5.36 16.50
CA VAL A 85 2.59 5.32 16.03
C VAL A 85 3.35 4.15 16.65
N GLU A 86 3.29 4.06 17.98
CA GLU A 86 3.99 2.99 18.68
C GLU A 86 3.63 1.62 18.10
N GLN A 87 2.38 1.22 18.29
CA GLN A 87 1.90 -0.06 17.78
C GLN A 87 2.49 -0.35 16.40
N ILE A 88 2.40 0.62 15.51
CA ILE A 88 2.92 0.47 14.16
C ILE A 88 4.38 0.01 14.18
N TYR A 89 5.21 0.73 14.92
CA TYR A 89 6.63 0.39 15.02
C TYR A 89 6.81 -0.97 15.67
N GLN A 90 6.28 -1.13 16.88
CA GLN A 90 6.38 -2.40 17.59
C GLN A 90 6.32 -3.57 16.64
N ASP A 91 5.20 -3.69 15.93
CA ASP A 91 5.02 -4.78 14.97
C ASP A 91 4.67 -4.24 13.59
N ARG A 92 5.66 -4.22 12.71
CA ARG A 92 5.46 -3.72 11.35
C ARG A 92 4.72 -4.76 10.50
N ASP A 93 5.29 -5.95 10.40
CA ASP A 93 4.70 -7.02 9.63
C ASP A 93 3.21 -7.16 9.94
N GLN A 94 2.87 -7.10 11.22
CA GLN A 94 1.49 -7.22 11.65
C GLN A 94 0.63 -6.13 11.04
N PHE A 95 1.12 -4.89 11.11
CA PHE A 95 0.40 -3.75 10.56
C PHE A 95 -0.09 -4.03 9.14
N ALA A 96 0.87 -4.32 8.25
CA ALA A 96 0.55 -4.62 6.86
C ALA A 96 -0.45 -5.77 6.76
N LYS A 97 -0.26 -6.79 7.60
CA LYS A 97 -1.14 -7.95 7.60
C LYS A 97 -2.59 -7.53 7.74
N LEU A 98 -2.83 -6.44 8.48
CA LEU A 98 -4.18 -5.94 8.68
C LEU A 98 -4.71 -5.28 7.41
N VAL A 99 -3.88 -4.46 6.79
CA VAL A 99 -4.26 -3.77 5.57
C VAL A 99 -4.58 -4.76 4.45
N ARG A 100 -3.75 -5.78 4.33
CA ARG A 100 -3.94 -6.81 3.30
C ARG A 100 -5.13 -7.70 3.64
N GLU A 101 -5.42 -7.83 4.93
CA GLU A 101 -6.53 -8.65 5.39
C GLU A 101 -7.86 -7.98 5.12
N VAL A 102 -7.88 -6.65 5.28
CA VAL A 102 -9.10 -5.87 5.06
C VAL A 102 -9.29 -5.58 3.58
N ALA A 103 -8.20 -5.57 2.82
CA ALA A 103 -8.26 -5.30 1.40
C ALA A 103 -8.45 -6.59 0.60
N ALA A 104 -7.94 -7.69 1.14
CA ALA A 104 -8.06 -8.99 0.48
C ALA A 104 -9.49 -9.24 0.02
N PRO A 105 -10.43 -9.25 0.98
CA PRO A 105 -11.85 -9.47 0.70
C PRO A 105 -12.49 -8.31 -0.05
N ASP A 106 -11.70 -7.26 -0.28
CA ASP A 106 -12.19 -6.08 -0.98
C ASP A 106 -11.86 -6.16 -2.47
N VAL A 107 -10.58 -6.34 -2.77
CA VAL A 107 -10.12 -6.43 -4.15
C VAL A 107 -10.87 -7.53 -4.91
N GLY A 108 -11.26 -8.57 -4.19
CA GLY A 108 -11.98 -9.67 -4.80
C GLY A 108 -13.24 -9.21 -5.52
N ARG A 109 -13.76 -8.06 -5.11
CA ARG A 109 -14.98 -7.52 -5.72
C ARG A 109 -14.72 -7.14 -7.17
N MET A 110 -13.67 -6.37 -7.40
CA MET A 110 -13.32 -5.93 -8.75
C MET A 110 -12.81 -7.10 -9.58
N GLY A 111 -12.09 -8.01 -8.93
CA GLY A 111 -11.54 -9.16 -9.62
C GLY A 111 -10.04 -9.28 -9.47
N ILE A 112 -9.49 -8.61 -8.46
CA ILE A 112 -8.06 -8.64 -8.20
C ILE A 112 -7.75 -9.36 -6.90
N GLU A 113 -6.65 -10.11 -6.89
CA GLU A 113 -6.24 -10.85 -5.71
C GLU A 113 -4.87 -10.39 -5.21
N ILE A 114 -4.75 -10.18 -3.91
CA ILE A 114 -3.49 -9.74 -3.31
C ILE A 114 -2.55 -10.91 -3.10
N LEU A 115 -1.29 -10.72 -3.47
CA LEU A 115 -0.27 -11.75 -3.32
C LEU A 115 0.34 -11.71 -1.92
N SER A 116 0.83 -10.54 -1.53
CA SER A 116 1.44 -10.37 -0.21
C SER A 116 1.50 -8.90 0.18
N PHE A 117 1.80 -8.63 1.44
CA PHE A 117 1.88 -7.26 1.94
C PHE A 117 2.97 -7.14 3.00
N THR A 118 3.89 -6.20 2.80
CA THR A 118 4.97 -5.99 3.75
C THR A 118 5.26 -4.50 3.92
N ILE A 119 6.14 -4.18 4.86
CA ILE A 119 6.50 -2.79 5.12
C ILE A 119 7.96 -2.52 4.74
N LYS A 120 8.15 -1.65 3.76
CA LYS A 120 9.49 -1.30 3.31
C LYS A 120 10.15 -0.32 4.27
N ASP A 121 9.68 0.92 4.25
CA ASP A 121 10.22 1.96 5.13
C ASP A 121 9.11 2.73 5.81
N VAL A 122 9.38 3.20 7.03
CA VAL A 122 8.40 3.96 7.79
C VAL A 122 9.06 5.08 8.58
N TYR A 123 8.89 6.31 8.11
CA TYR A 123 9.47 7.47 8.75
C TYR A 123 8.41 8.54 9.03
N ASP A 124 8.79 9.55 9.79
CA ASP A 124 7.87 10.64 10.12
C ASP A 124 8.30 11.94 9.46
N LYS A 125 7.43 12.50 8.64
CA LYS A 125 7.71 13.75 7.93
C LYS A 125 7.95 14.88 8.93
N VAL A 126 7.27 14.82 10.07
CA VAL A 126 7.42 15.84 11.10
C VAL A 126 8.62 15.57 11.98
N ASP A 127 9.43 14.58 11.60
CA ASP A 127 10.61 14.21 12.36
C ASP A 127 10.38 14.38 13.85
N TYR A 128 9.18 14.01 14.30
CA TYR A 128 8.82 14.13 15.70
C TYR A 128 9.82 13.37 16.58
N LEU A 129 10.02 12.10 16.27
CA LEU A 129 10.93 11.26 17.02
C LEU A 129 12.34 11.86 17.03
N SER A 130 12.79 12.31 15.87
CA SER A 130 14.12 12.90 15.74
C SER A 130 14.22 14.18 16.58
N SER A 131 13.08 14.77 16.89
CA SER A 131 13.03 15.99 17.67
C SER A 131 12.85 15.68 19.16
N LEU A 132 13.41 14.55 19.59
CA LEU A 132 13.32 14.14 20.98
C LEU A 132 14.64 14.35 21.72
N GLY A 133 15.74 14.25 20.97
CA GLY A 133 17.05 14.43 21.57
C GLY A 133 18.05 14.99 20.59
N LYS A 134 18.41 14.20 19.58
CA LYS A 134 19.37 14.62 18.57
C LYS A 134 18.75 15.67 17.64
N THR A 135 19.56 16.64 17.23
CA THR A 135 19.10 17.68 16.33
C THR A 135 19.73 17.56 14.96
N GLN A 136 19.42 16.47 14.26
CA GLN A 136 19.97 16.23 12.93
C GLN A 136 18.85 15.98 11.91
N THR A 137 19.14 16.24 10.65
CA THR A 137 18.16 16.05 9.59
C THR A 137 18.57 14.90 8.66
N SER A 138 17.58 14.17 8.15
CA SER A 138 17.85 13.05 7.26
C SER A 138 16.55 12.55 6.62
N GLY A 139 16.46 12.68 5.31
CA GLY A 139 15.27 12.24 4.60
C GLY A 139 15.60 11.61 3.26
N PRO A 140 15.90 10.30 3.29
CA PRO A 140 16.24 9.54 2.08
C PRO A 140 15.03 9.34 1.16
N SER A 141 15.25 9.52 -0.14
CA SER A 141 14.18 9.37 -1.12
C SER A 141 14.75 9.19 -2.52
N SER A 142 14.24 8.20 -3.24
CA SER A 142 14.69 7.91 -4.59
C SER A 142 14.44 9.10 -5.52
N GLY A 143 15.50 9.84 -5.83
CA GLY A 143 15.36 11.00 -6.71
C GLY A 143 16.14 10.85 -7.99
N GLY A 1 10.96 -12.11 -17.76
CA GLY A 1 10.51 -11.39 -18.95
C GLY A 1 10.82 -9.91 -18.88
N SER A 2 11.65 -9.44 -19.80
CA SER A 2 12.03 -8.03 -19.84
C SER A 2 11.03 -7.22 -20.65
N SER A 3 10.65 -7.76 -21.81
CA SER A 3 9.70 -7.09 -22.68
C SER A 3 8.94 -8.09 -23.54
N GLY A 4 7.64 -7.89 -23.66
CA GLY A 4 6.81 -8.79 -24.45
C GLY A 4 6.17 -8.10 -25.63
N SER A 5 4.85 -8.26 -25.76
CA SER A 5 4.11 -7.65 -26.86
C SER A 5 2.90 -6.87 -26.34
N SER A 6 2.40 -5.96 -27.16
CA SER A 6 1.25 -5.15 -26.78
C SER A 6 -0.04 -5.73 -27.35
N GLY A 7 -1.09 -5.78 -26.51
CA GLY A 7 -2.36 -6.32 -26.94
C GLY A 7 -3.54 -5.51 -26.42
N GLN A 8 -4.73 -6.07 -26.54
CA GLN A 8 -5.94 -5.41 -26.08
C GLN A 8 -6.80 -6.35 -25.24
N ARG A 9 -6.16 -7.10 -24.36
CA ARG A 9 -6.87 -8.04 -23.50
C ARG A 9 -5.99 -8.49 -22.33
N ILE A 10 -6.57 -8.52 -21.14
CA ILE A 10 -5.83 -8.93 -19.95
C ILE A 10 -5.29 -10.35 -20.09
N SER A 11 -4.14 -10.61 -19.48
CA SER A 11 -3.52 -11.92 -19.53
C SER A 11 -3.05 -12.37 -18.16
N LEU A 12 -3.97 -12.40 -17.20
CA LEU A 12 -3.65 -12.81 -15.84
C LEU A 12 -2.25 -12.35 -15.45
N GLU A 13 -1.83 -11.22 -16.01
CA GLU A 13 -0.51 -10.67 -15.72
C GLU A 13 -0.42 -10.19 -14.27
N ILE A 14 0.80 -10.06 -13.77
CA ILE A 14 1.02 -9.60 -12.41
C ILE A 14 1.38 -8.12 -12.36
N MET A 15 0.82 -7.40 -11.39
CA MET A 15 1.09 -5.98 -11.24
C MET A 15 1.71 -5.68 -9.88
N THR A 16 2.69 -4.79 -9.86
CA THR A 16 3.37 -4.42 -8.63
C THR A 16 2.91 -3.05 -8.14
N LEU A 17 2.09 -3.04 -7.10
CA LEU A 17 1.57 -1.79 -6.54
C LEU A 17 2.09 -1.58 -5.12
N GLN A 18 2.59 -0.38 -4.85
CA GLN A 18 3.11 -0.05 -3.54
C GLN A 18 2.32 1.08 -2.90
N PRO A 19 1.36 0.72 -2.04
CA PRO A 19 0.51 1.69 -1.35
C PRO A 19 1.28 2.50 -0.30
N ARG A 20 1.44 3.80 -0.56
CA ARG A 20 2.15 4.68 0.35
C ARG A 20 1.20 5.70 0.98
N CYS A 21 1.46 6.03 2.24
CA CYS A 21 0.63 6.98 2.97
C CYS A 21 1.48 7.98 3.75
N GLU A 22 1.40 9.25 3.37
CA GLU A 22 2.17 10.29 4.04
C GLU A 22 1.25 11.37 4.60
N ASP A 23 1.71 12.03 5.67
CA ASP A 23 0.94 13.08 6.31
C ASP A 23 -0.39 12.53 6.83
N VAL A 24 -0.33 11.39 7.52
CA VAL A 24 -1.53 10.77 8.07
C VAL A 24 -1.47 10.72 9.59
N GLU A 25 -2.01 11.75 10.24
CA GLU A 25 -2.02 11.82 11.70
C GLU A 25 -2.57 10.53 12.31
N THR A 26 -1.71 9.80 13.00
CA THR A 26 -2.11 8.54 13.63
C THR A 26 -3.18 8.78 14.69
N ALA A 27 -3.60 7.70 15.35
CA ALA A 27 -4.60 7.80 16.40
C ALA A 27 -4.24 8.85 17.42
N GLU A 28 -3.04 8.73 18.00
CA GLU A 28 -2.58 9.67 19.00
C GLU A 28 -2.53 11.08 18.44
N GLY A 29 -2.25 11.20 17.14
CA GLY A 29 -2.19 12.50 16.51
C GLY A 29 -0.79 12.84 16.02
N VAL A 30 -0.20 11.92 15.26
CA VAL A 30 1.14 12.13 14.72
C VAL A 30 1.22 11.67 13.26
N ALA A 31 1.56 12.61 12.38
CA ALA A 31 1.69 12.31 10.96
C ALA A 31 2.88 11.40 10.68
N LEU A 32 2.63 10.27 10.04
CA LEU A 32 3.69 9.32 9.72
C LEU A 32 3.76 9.08 8.22
N THR A 33 4.85 8.47 7.77
CA THR A 33 5.06 8.19 6.36
C THR A 33 5.48 6.74 6.14
N VAL A 34 4.59 5.94 5.56
CA VAL A 34 4.87 4.54 5.30
C VAL A 34 4.78 4.23 3.81
N THR A 35 5.91 3.94 3.19
CA THR A 35 5.94 3.61 1.77
C THR A 35 5.04 2.43 1.44
N GLY A 36 5.26 1.33 2.15
CA GLY A 36 4.45 0.14 1.93
C GLY A 36 4.67 -0.46 0.55
N VAL A 37 4.76 -1.79 0.49
CA VAL A 37 4.97 -2.48 -0.77
C VAL A 37 4.25 -3.83 -0.78
N ALA A 38 3.46 -4.05 -1.84
CA ALA A 38 2.71 -5.30 -1.97
C ALA A 38 2.64 -5.73 -3.43
N GLN A 39 2.59 -7.05 -3.65
CA GLN A 39 2.52 -7.59 -5.00
C GLN A 39 1.11 -8.09 -5.31
N VAL A 40 0.53 -7.58 -6.40
CA VAL A 40 -0.80 -7.96 -6.81
C VAL A 40 -0.80 -8.56 -8.22
N LYS A 41 -1.86 -9.28 -8.56
CA LYS A 41 -1.99 -9.90 -9.87
C LYS A 41 -3.44 -10.20 -10.20
N ILE A 42 -3.77 -10.17 -11.48
CA ILE A 42 -5.13 -10.45 -11.93
C ILE A 42 -5.51 -11.90 -11.68
N MET A 43 -6.74 -12.11 -11.22
CA MET A 43 -7.23 -13.47 -10.94
C MET A 43 -7.65 -14.16 -12.23
N THR A 44 -7.34 -15.45 -12.33
CA THR A 44 -7.67 -16.23 -13.51
C THR A 44 -9.14 -16.06 -13.88
N GLU A 45 -9.51 -16.56 -15.06
CA GLU A 45 -10.89 -16.45 -15.53
C GLU A 45 -11.67 -17.74 -15.27
N LYS A 46 -11.30 -18.43 -14.18
CA LYS A 46 -11.97 -19.67 -13.82
C LYS A 46 -13.48 -19.55 -13.96
N GLU A 47 -14.01 -18.39 -13.58
CA GLU A 47 -15.44 -18.14 -13.66
C GLU A 47 -15.73 -16.81 -14.36
N LEU A 48 -17.01 -16.48 -14.51
CA LEU A 48 -17.42 -15.25 -15.16
C LEU A 48 -16.46 -14.11 -14.81
N LEU A 49 -15.46 -13.91 -15.66
CA LEU A 49 -14.47 -12.86 -15.44
C LEU A 49 -14.94 -11.54 -16.06
N ALA A 50 -16.24 -11.44 -16.30
CA ALA A 50 -16.82 -10.23 -16.88
C ALA A 50 -16.86 -9.10 -15.87
N VAL A 51 -16.34 -9.36 -14.68
CA VAL A 51 -16.31 -8.36 -13.62
C VAL A 51 -15.08 -7.46 -13.73
N ALA A 52 -13.98 -8.04 -14.20
CA ALA A 52 -12.74 -7.29 -14.36
C ALA A 52 -12.52 -6.89 -15.82
N CYS A 53 -12.96 -7.75 -16.74
CA CYS A 53 -12.82 -7.48 -18.17
C CYS A 53 -13.24 -6.04 -18.50
N GLU A 54 -14.53 -5.78 -18.37
CA GLU A 54 -15.06 -4.44 -18.66
C GLU A 54 -14.52 -3.42 -17.67
N GLN A 55 -13.87 -3.91 -16.61
CA GLN A 55 -13.31 -3.03 -15.59
C GLN A 55 -11.93 -2.51 -16.01
N PHE A 56 -11.29 -3.25 -16.92
CA PHE A 56 -9.97 -2.86 -17.40
C PHE A 56 -10.00 -2.57 -18.89
N LEU A 57 -10.54 -3.51 -19.67
CA LEU A 57 -10.63 -3.36 -21.11
C LEU A 57 -10.97 -1.92 -21.48
N GLY A 58 -10.21 -1.36 -22.43
CA GLY A 58 -10.45 0.00 -22.87
C GLY A 58 -9.48 0.99 -22.25
N LYS A 59 -9.30 0.90 -20.94
CA LYS A 59 -8.39 1.79 -20.22
C LYS A 59 -6.95 1.39 -20.47
N ASN A 60 -6.02 2.08 -19.80
CA ASN A 60 -4.60 1.80 -19.95
C ASN A 60 -4.03 1.17 -18.68
N VAL A 61 -3.00 0.35 -18.83
CA VAL A 61 -2.37 -0.31 -17.71
C VAL A 61 -2.28 0.63 -16.51
N GLN A 62 -1.73 1.82 -16.74
CA GLN A 62 -1.58 2.81 -15.68
C GLN A 62 -2.88 2.96 -14.88
N ASP A 63 -4.00 2.95 -15.60
CA ASP A 63 -5.31 3.09 -14.97
C ASP A 63 -5.54 1.98 -13.95
N ILE A 64 -5.66 0.75 -14.45
CA ILE A 64 -5.88 -0.40 -13.59
C ILE A 64 -5.03 -0.33 -12.32
N LYS A 65 -3.71 -0.25 -12.51
CA LYS A 65 -2.79 -0.16 -11.39
C LYS A 65 -3.29 0.84 -10.35
N ASN A 66 -3.79 1.98 -10.82
CA ASN A 66 -4.30 3.02 -9.94
C ASN A 66 -5.51 2.53 -9.15
N VAL A 67 -6.53 2.08 -9.88
CA VAL A 67 -7.75 1.58 -9.25
C VAL A 67 -7.42 0.60 -8.13
N VAL A 68 -6.76 -0.50 -8.47
CA VAL A 68 -6.39 -1.51 -7.49
C VAL A 68 -5.51 -0.92 -6.39
N LEU A 69 -4.48 -0.18 -6.80
CA LEU A 69 -3.56 0.45 -5.86
C LEU A 69 -4.32 1.26 -4.82
N GLN A 70 -5.37 1.95 -5.26
CA GLN A 70 -6.19 2.76 -4.36
C GLN A 70 -6.77 1.91 -3.23
N THR A 71 -7.47 0.84 -3.62
CA THR A 71 -8.08 -0.05 -2.64
C THR A 71 -7.13 -0.32 -1.47
N LEU A 72 -5.93 -0.78 -1.79
CA LEU A 72 -4.93 -1.08 -0.76
C LEU A 72 -4.50 0.20 -0.04
N GLU A 73 -4.04 1.19 -0.81
CA GLU A 73 -3.60 2.45 -0.25
C GLU A 73 -4.60 2.97 0.78
N GLY A 74 -5.79 3.34 0.31
CA GLY A 74 -6.82 3.84 1.20
C GLY A 74 -6.82 3.14 2.54
N HIS A 75 -6.92 1.83 2.51
CA HIS A 75 -6.94 1.04 3.74
C HIS A 75 -5.74 1.37 4.62
N LEU A 76 -4.55 1.31 4.04
CA LEU A 76 -3.32 1.61 4.77
C LEU A 76 -3.53 2.79 5.71
N ARG A 77 -4.00 3.90 5.17
CA ARG A 77 -4.24 5.10 5.95
C ARG A 77 -5.27 4.84 7.04
N SER A 78 -6.31 4.09 6.70
CA SER A 78 -7.37 3.76 7.65
C SER A 78 -6.83 2.96 8.82
N ILE A 79 -6.25 1.81 8.51
CA ILE A 79 -5.68 0.93 9.54
C ILE A 79 -4.64 1.68 10.36
N LEU A 80 -4.03 2.70 9.76
CA LEU A 80 -3.01 3.49 10.44
C LEU A 80 -3.65 4.52 11.38
N GLY A 81 -4.74 5.11 10.93
CA GLY A 81 -5.43 6.11 11.74
C GLY A 81 -5.84 5.57 13.09
N THR A 82 -6.47 4.40 13.09
CA THR A 82 -6.93 3.77 14.34
C THR A 82 -5.74 3.32 15.18
N LEU A 83 -4.60 3.08 14.52
CA LEU A 83 -3.40 2.64 15.22
C LEU A 83 -2.51 3.83 15.58
N THR A 84 -1.62 3.62 16.54
CA THR A 84 -0.72 4.67 16.99
C THR A 84 0.63 4.58 16.28
N VAL A 85 1.43 5.64 16.38
CA VAL A 85 2.74 5.68 15.75
C VAL A 85 3.67 4.64 16.36
N GLU A 86 3.64 4.52 17.68
CA GLU A 86 4.48 3.56 18.38
C GLU A 86 4.16 2.13 17.94
N GLN A 87 2.88 1.86 17.73
CA GLN A 87 2.42 0.54 17.31
C GLN A 87 2.97 0.19 15.93
N ILE A 88 2.80 1.10 14.98
CA ILE A 88 3.27 0.89 13.62
C ILE A 88 4.73 0.46 13.61
N TYR A 89 5.53 1.06 14.49
CA TYR A 89 6.95 0.74 14.57
C TYR A 89 7.16 -0.60 15.29
N GLN A 90 6.49 -0.76 16.42
CA GLN A 90 6.61 -1.99 17.21
C GLN A 90 6.75 -3.20 16.28
N ASP A 91 5.74 -3.44 15.47
CA ASP A 91 5.74 -4.57 14.54
C ASP A 91 5.04 -4.21 13.24
N ARG A 92 5.82 -4.02 12.18
CA ARG A 92 5.26 -3.67 10.87
C ARG A 92 4.62 -4.88 10.21
N ASP A 93 5.27 -6.03 10.32
CA ASP A 93 4.76 -7.26 9.74
C ASP A 93 3.28 -7.44 10.06
N GLN A 94 2.92 -7.17 11.30
CA GLN A 94 1.54 -7.30 11.75
C GLN A 94 0.65 -6.25 11.09
N PHE A 95 1.14 -5.01 11.03
CA PHE A 95 0.39 -3.92 10.43
C PHE A 95 -0.06 -4.29 9.02
N ALA A 96 0.89 -4.50 8.13
CA ALA A 96 0.60 -4.85 6.75
C ALA A 96 -0.48 -5.94 6.69
N LYS A 97 -0.32 -6.98 7.51
CA LYS A 97 -1.28 -8.08 7.54
C LYS A 97 -2.71 -7.55 7.62
N LEU A 98 -2.90 -6.51 8.43
CA LEU A 98 -4.23 -5.92 8.59
C LEU A 98 -4.65 -5.17 7.33
N VAL A 99 -3.70 -4.48 6.72
CA VAL A 99 -3.98 -3.73 5.50
C VAL A 99 -4.38 -4.65 4.35
N ARG A 100 -3.74 -5.82 4.30
CA ARG A 100 -4.03 -6.80 3.25
C ARG A 100 -5.30 -7.59 3.59
N GLU A 101 -5.62 -7.67 4.88
CA GLU A 101 -6.79 -8.40 5.33
C GLU A 101 -8.07 -7.60 5.06
N VAL A 102 -7.99 -6.30 5.28
CA VAL A 102 -9.14 -5.42 5.05
C VAL A 102 -9.38 -5.20 3.57
N ALA A 103 -8.33 -5.35 2.78
CA ALA A 103 -8.43 -5.16 1.33
C ALA A 103 -8.66 -6.51 0.63
N ALA A 104 -7.99 -7.54 1.10
CA ALA A 104 -8.12 -8.87 0.52
C ALA A 104 -9.55 -9.10 0.00
N PRO A 105 -10.52 -9.02 0.91
CA PRO A 105 -11.94 -9.21 0.56
C PRO A 105 -12.49 -8.07 -0.28
N ASP A 106 -11.92 -6.89 -0.12
CA ASP A 106 -12.35 -5.72 -0.87
C ASP A 106 -12.08 -5.89 -2.36
N VAL A 107 -10.83 -6.18 -2.69
CA VAL A 107 -10.44 -6.37 -4.09
C VAL A 107 -11.22 -7.52 -4.72
N GLY A 108 -11.44 -8.57 -3.94
CA GLY A 108 -12.17 -9.72 -4.45
C GLY A 108 -13.42 -9.32 -5.22
N ARG A 109 -14.02 -8.21 -4.82
CA ARG A 109 -15.23 -7.73 -5.47
C ARG A 109 -14.94 -7.31 -6.91
N MET A 110 -13.86 -6.56 -7.10
CA MET A 110 -13.47 -6.10 -8.44
C MET A 110 -12.95 -7.26 -9.27
N GLY A 111 -12.23 -8.17 -8.62
CA GLY A 111 -11.67 -9.32 -9.33
C GLY A 111 -10.16 -9.41 -9.19
N ILE A 112 -9.61 -8.63 -8.26
CA ILE A 112 -8.18 -8.63 -8.03
C ILE A 112 -7.82 -9.35 -6.73
N GLU A 113 -6.78 -10.17 -6.78
CA GLU A 113 -6.34 -10.93 -5.61
C GLU A 113 -4.98 -10.43 -5.13
N ILE A 114 -4.79 -10.48 -3.81
CA ILE A 114 -3.53 -10.04 -3.22
C ILE A 114 -2.63 -11.22 -2.89
N LEU A 115 -1.35 -11.09 -3.22
CA LEU A 115 -0.38 -12.15 -2.98
C LEU A 115 0.27 -11.97 -1.60
N SER A 116 0.85 -10.79 -1.38
CA SER A 116 1.51 -10.49 -0.12
C SER A 116 1.58 -8.99 0.12
N PHE A 117 1.80 -8.60 1.38
CA PHE A 117 1.88 -7.19 1.74
C PHE A 117 2.99 -6.96 2.75
N THR A 118 3.97 -6.14 2.36
CA THR A 118 5.09 -5.83 3.24
C THR A 118 5.25 -4.32 3.42
N ILE A 119 6.17 -3.94 4.30
CA ILE A 119 6.42 -2.53 4.57
C ILE A 119 7.85 -2.14 4.23
N LYS A 120 8.04 -1.47 3.11
CA LYS A 120 9.36 -1.05 2.67
C LYS A 120 10.06 -0.23 3.76
N ASP A 121 9.59 0.99 3.97
CA ASP A 121 10.16 1.87 4.97
C ASP A 121 9.08 2.72 5.64
N VAL A 122 9.37 3.23 6.83
CA VAL A 122 8.43 4.06 7.57
C VAL A 122 9.15 5.16 8.34
N TYR A 123 8.85 6.40 8.01
CA TYR A 123 9.46 7.54 8.68
C TYR A 123 8.42 8.58 9.05
N ASP A 124 8.79 9.47 9.98
CA ASP A 124 7.87 10.52 10.44
C ASP A 124 8.26 11.86 9.84
N LYS A 125 7.36 12.44 9.05
CA LYS A 125 7.61 13.73 8.42
C LYS A 125 7.86 14.81 9.47
N VAL A 126 7.20 14.69 10.62
CA VAL A 126 7.36 15.65 11.70
C VAL A 126 8.53 15.28 12.60
N ASP A 127 9.11 14.11 12.35
CA ASP A 127 10.24 13.64 13.14
C ASP A 127 10.09 14.03 14.60
N TYR A 128 8.88 13.89 15.13
CA TYR A 128 8.61 14.24 16.52
C TYR A 128 9.44 13.39 17.47
N LEU A 129 9.23 12.08 17.42
CA LEU A 129 9.95 11.14 18.27
C LEU A 129 11.46 11.38 18.17
N SER A 130 11.91 11.86 17.02
CA SER A 130 13.33 12.13 16.80
C SER A 130 13.72 13.49 17.36
N SER A 131 12.82 14.46 17.23
CA SER A 131 13.07 15.80 17.73
C SER A 131 12.57 15.96 19.16
N LEU A 132 12.66 14.88 19.93
CA LEU A 132 12.23 14.89 21.32
C LEU A 132 13.17 15.72 22.18
N GLY A 133 14.45 15.69 21.84
CA GLY A 133 15.43 16.43 22.60
C GLY A 133 16.78 15.73 22.64
N LYS A 134 16.78 14.46 23.01
CA LYS A 134 18.00 13.68 23.10
C LYS A 134 17.86 12.36 22.34
N THR A 135 18.54 12.28 21.19
CA THR A 135 18.49 11.09 20.36
C THR A 135 19.85 10.83 19.71
N GLN A 136 20.27 9.56 19.71
CA GLN A 136 21.54 9.19 19.11
C GLN A 136 21.69 7.67 19.08
N THR A 137 21.90 7.12 17.89
CA THR A 137 22.06 5.68 17.72
C THR A 137 23.07 5.12 18.70
N SER A 138 22.66 4.13 19.49
CA SER A 138 23.54 3.52 20.48
C SER A 138 23.11 2.08 20.76
N GLY A 139 23.97 1.33 21.44
CA GLY A 139 23.67 -0.05 21.76
C GLY A 139 23.58 -0.29 23.26
N PRO A 140 22.38 -0.06 23.83
CA PRO A 140 22.14 -0.26 25.26
C PRO A 140 22.17 -1.72 25.67
N SER A 141 21.54 -2.56 24.85
CA SER A 141 21.50 -4.00 25.13
C SER A 141 22.72 -4.70 24.55
N SER A 142 23.46 -5.39 25.41
CA SER A 142 24.66 -6.11 24.98
C SER A 142 24.32 -7.18 23.95
N GLY A 143 23.36 -8.03 24.29
CA GLY A 143 22.95 -9.09 23.38
C GLY A 143 23.91 -10.26 23.39
N GLY A 1 3.73 16.71 -14.97
CA GLY A 1 3.07 15.47 -15.36
C GLY A 1 4.02 14.52 -16.08
N SER A 2 3.76 13.23 -15.96
CA SER A 2 4.59 12.22 -16.60
C SER A 2 3.75 11.02 -17.05
N SER A 3 4.15 10.42 -18.17
CA SER A 3 3.44 9.26 -18.70
C SER A 3 4.28 8.53 -19.74
N GLY A 4 3.79 7.38 -20.18
CA GLY A 4 4.51 6.61 -21.17
C GLY A 4 4.26 5.12 -21.04
N SER A 5 4.24 4.42 -22.17
CA SER A 5 4.01 2.98 -22.17
C SER A 5 4.27 2.39 -23.56
N SER A 6 4.84 1.18 -23.58
CA SER A 6 5.16 0.51 -24.82
C SER A 6 4.12 -0.55 -25.15
N GLY A 7 3.25 -0.26 -26.11
CA GLY A 7 2.22 -1.20 -26.50
C GLY A 7 0.96 -1.05 -25.68
N GLN A 8 -0.11 -0.57 -26.31
CA GLN A 8 -1.38 -0.37 -25.62
C GLN A 8 -2.19 -1.66 -25.60
N ARG A 9 -1.55 -2.75 -25.20
CA ARG A 9 -2.22 -4.05 -25.13
C ARG A 9 -2.15 -4.62 -23.72
N ILE A 10 -3.25 -5.19 -23.27
CA ILE A 10 -3.33 -5.78 -21.94
C ILE A 10 -2.49 -7.06 -21.85
N SER A 11 -2.00 -7.36 -20.66
CA SER A 11 -1.19 -8.55 -20.44
C SER A 11 -1.38 -9.08 -19.03
N LEU A 12 -1.62 -10.39 -18.93
CA LEU A 12 -1.82 -11.03 -17.63
C LEU A 12 -0.49 -11.29 -16.94
N GLU A 13 -0.10 -10.36 -16.08
CA GLU A 13 1.16 -10.49 -15.34
C GLU A 13 1.02 -9.94 -13.92
N ILE A 14 1.89 -10.37 -13.03
CA ILE A 14 1.87 -9.93 -11.65
C ILE A 14 2.46 -8.53 -11.52
N MET A 15 1.67 -7.59 -10.98
CA MET A 15 2.12 -6.23 -10.80
C MET A 15 2.39 -5.93 -9.32
N THR A 16 3.48 -5.24 -9.05
CA THR A 16 3.85 -4.90 -7.69
C THR A 16 3.39 -3.49 -7.33
N LEU A 17 2.45 -3.39 -6.38
CA LEU A 17 1.93 -2.10 -5.95
C LEU A 17 2.38 -1.77 -4.54
N GLN A 18 2.94 -0.58 -4.35
CA GLN A 18 3.41 -0.14 -3.05
C GLN A 18 2.43 0.84 -2.41
N PRO A 19 1.56 0.33 -1.53
CA PRO A 19 0.56 1.14 -0.83
C PRO A 19 1.19 2.09 0.18
N ARG A 20 1.71 3.21 -0.30
CA ARG A 20 2.33 4.20 0.57
C ARG A 20 1.40 5.38 0.82
N CYS A 21 1.50 5.96 2.00
CA CYS A 21 0.66 7.10 2.37
C CYS A 21 1.44 8.10 3.23
N GLU A 22 1.20 9.38 2.99
CA GLU A 22 1.88 10.43 3.74
C GLU A 22 0.88 11.44 4.30
N ASP A 23 1.19 12.02 5.45
CA ASP A 23 0.32 13.00 6.09
C ASP A 23 -0.92 12.32 6.68
N VAL A 24 -0.72 11.15 7.26
CA VAL A 24 -1.82 10.40 7.87
C VAL A 24 -1.68 10.36 9.38
N GLU A 25 -2.36 11.27 10.06
CA GLU A 25 -2.32 11.35 11.51
C GLU A 25 -2.64 9.98 12.13
N THR A 26 -1.79 9.54 13.06
CA THR A 26 -1.98 8.26 13.73
C THR A 26 -3.12 8.34 14.74
N ALA A 27 -3.36 7.22 15.43
CA ALA A 27 -4.42 7.15 16.42
C ALA A 27 -4.31 8.30 17.42
N GLU A 28 -3.15 8.39 18.08
CA GLU A 28 -2.92 9.44 19.06
C GLU A 28 -2.97 10.82 18.41
N GLY A 29 -2.59 10.88 17.14
CA GLY A 29 -2.60 12.15 16.42
C GLY A 29 -1.22 12.55 15.94
N VAL A 30 -0.58 11.67 15.18
CA VAL A 30 0.76 11.94 14.66
C VAL A 30 0.87 11.52 13.20
N ALA A 31 0.99 12.51 12.32
CA ALA A 31 1.12 12.24 10.88
C ALA A 31 2.40 11.48 10.57
N LEU A 32 2.26 10.25 10.12
CA LEU A 32 3.41 9.42 9.78
C LEU A 32 3.42 9.08 8.29
N THR A 33 4.56 8.60 7.81
CA THR A 33 4.70 8.23 6.40
C THR A 33 5.12 6.77 6.26
N VAL A 34 4.19 5.94 5.78
CA VAL A 34 4.46 4.52 5.60
C VAL A 34 4.45 4.15 4.12
N THR A 35 5.56 3.61 3.64
CA THR A 35 5.69 3.22 2.23
C THR A 35 4.86 1.97 1.94
N GLY A 36 5.20 0.87 2.61
CA GLY A 36 4.49 -0.37 2.40
C GLY A 36 4.77 -1.00 1.05
N VAL A 37 4.82 -2.32 1.02
CA VAL A 37 5.09 -3.04 -0.22
C VAL A 37 4.30 -4.34 -0.28
N ALA A 38 3.38 -4.41 -1.24
CA ALA A 38 2.55 -5.61 -1.42
C ALA A 38 2.42 -5.97 -2.89
N GLN A 39 2.43 -7.27 -3.17
CA GLN A 39 2.31 -7.75 -4.54
C GLN A 39 0.86 -8.06 -4.88
N VAL A 40 0.49 -7.87 -6.15
CA VAL A 40 -0.86 -8.14 -6.61
C VAL A 40 -0.87 -8.66 -8.04
N LYS A 41 -1.96 -9.32 -8.42
CA LYS A 41 -2.10 -9.87 -9.76
C LYS A 41 -3.56 -10.08 -10.12
N ILE A 42 -3.85 -10.15 -11.41
CA ILE A 42 -5.21 -10.35 -11.89
C ILE A 42 -5.58 -11.84 -11.89
N MET A 43 -6.87 -12.12 -11.68
CA MET A 43 -7.35 -13.50 -11.67
C MET A 43 -7.78 -13.94 -13.06
N THR A 44 -8.30 -15.15 -13.16
CA THR A 44 -8.76 -15.69 -14.44
C THR A 44 -10.26 -15.50 -14.61
N GLU A 45 -10.81 -16.07 -15.67
CA GLU A 45 -12.23 -15.96 -15.95
C GLU A 45 -12.94 -17.30 -15.76
N LYS A 46 -12.43 -18.09 -14.81
CA LYS A 46 -13.00 -19.40 -14.52
C LYS A 46 -14.52 -19.31 -14.40
N GLU A 47 -15.01 -18.20 -13.85
CA GLU A 47 -16.44 -18.00 -13.68
C GLU A 47 -16.92 -16.77 -14.46
N LEU A 48 -16.45 -15.59 -14.03
CA LEU A 48 -16.83 -14.34 -14.68
C LEU A 48 -15.72 -13.31 -14.54
N LEU A 49 -15.39 -12.63 -15.63
CA LEU A 49 -14.35 -11.62 -15.62
C LEU A 49 -14.88 -10.29 -16.18
N ALA A 50 -16.18 -10.26 -16.46
CA ALA A 50 -16.81 -9.06 -16.99
C ALA A 50 -16.82 -7.94 -15.95
N VAL A 51 -16.34 -8.24 -14.76
CA VAL A 51 -16.29 -7.27 -13.67
C VAL A 51 -15.03 -6.40 -13.77
N ALA A 52 -13.92 -7.03 -14.15
CA ALA A 52 -12.65 -6.33 -14.28
C ALA A 52 -12.34 -6.04 -15.74
N CYS A 53 -13.17 -6.57 -16.65
CA CYS A 53 -12.97 -6.37 -18.07
C CYS A 53 -13.26 -4.92 -18.47
N GLU A 54 -14.24 -4.31 -17.79
CA GLU A 54 -14.60 -2.94 -18.07
C GLU A 54 -13.81 -1.97 -17.21
N GLN A 55 -13.38 -2.44 -16.04
CA GLN A 55 -12.60 -1.61 -15.12
C GLN A 55 -11.23 -1.29 -15.70
N PHE A 56 -10.74 -2.15 -16.59
CA PHE A 56 -9.45 -1.95 -17.22
C PHE A 56 -9.61 -1.40 -18.63
N LEU A 57 -10.31 -2.16 -19.47
CA LEU A 57 -10.54 -1.75 -20.86
C LEU A 57 -10.97 -0.28 -20.93
N GLY A 58 -10.67 0.36 -22.05
CA GLY A 58 -11.03 1.76 -22.23
C GLY A 58 -9.99 2.71 -21.66
N LYS A 59 -9.32 2.28 -20.59
CA LYS A 59 -8.30 3.09 -19.95
C LYS A 59 -6.91 2.57 -20.28
N ASN A 60 -5.89 3.25 -19.77
CA ASN A 60 -4.51 2.85 -20.01
C ASN A 60 -3.99 1.96 -18.87
N VAL A 61 -2.84 1.33 -19.09
CA VAL A 61 -2.24 0.46 -18.08
C VAL A 61 -2.07 1.19 -16.76
N GLN A 62 -1.85 2.50 -16.83
CA GLN A 62 -1.66 3.31 -15.64
C GLN A 62 -2.91 3.30 -14.77
N ASP A 63 -4.07 3.40 -15.41
CA ASP A 63 -5.34 3.41 -14.70
C ASP A 63 -5.47 2.19 -13.81
N ILE A 64 -5.19 1.02 -14.38
CA ILE A 64 -5.28 -0.24 -13.63
C ILE A 64 -4.47 -0.16 -12.33
N LYS A 65 -3.16 -0.13 -12.46
CA LYS A 65 -2.27 -0.05 -11.31
C LYS A 65 -2.84 0.90 -10.26
N ASN A 66 -3.24 2.09 -10.69
CA ASN A 66 -3.80 3.08 -9.79
C ASN A 66 -5.06 2.55 -9.10
N VAL A 67 -5.86 1.79 -9.85
CA VAL A 67 -7.09 1.22 -9.31
C VAL A 67 -6.79 0.22 -8.20
N VAL A 68 -6.00 -0.80 -8.52
CA VAL A 68 -5.65 -1.82 -7.54
C VAL A 68 -4.93 -1.21 -6.34
N LEU A 69 -4.13 -0.18 -6.61
CA LEU A 69 -3.38 0.50 -5.55
C LEU A 69 -4.32 1.32 -4.66
N GLN A 70 -5.32 1.94 -5.28
CA GLN A 70 -6.28 2.75 -4.54
C GLN A 70 -6.97 1.92 -3.47
N THR A 71 -7.27 0.67 -3.80
CA THR A 71 -7.94 -0.23 -2.86
C THR A 71 -7.07 -0.49 -1.62
N LEU A 72 -5.84 -0.93 -1.86
CA LEU A 72 -4.91 -1.22 -0.77
C LEU A 72 -4.50 0.07 -0.05
N GLU A 73 -3.92 1.00 -0.80
CA GLU A 73 -3.49 2.27 -0.23
C GLU A 73 -4.57 2.86 0.67
N GLY A 74 -5.80 2.83 0.20
CA GLY A 74 -6.91 3.36 0.98
C GLY A 74 -7.03 2.70 2.33
N HIS A 75 -7.25 1.39 2.34
CA HIS A 75 -7.39 0.64 3.58
C HIS A 75 -6.26 1.00 4.55
N LEU A 76 -5.05 1.09 4.04
CA LEU A 76 -3.89 1.42 4.87
C LEU A 76 -4.21 2.59 5.80
N ARG A 77 -4.63 3.71 5.22
CA ARG A 77 -4.96 4.89 6.00
C ARG A 77 -6.04 4.57 7.04
N SER A 78 -7.05 3.83 6.62
CA SER A 78 -8.15 3.46 7.53
C SER A 78 -7.60 2.76 8.76
N ILE A 79 -6.74 1.77 8.56
CA ILE A 79 -6.15 1.02 9.65
C ILE A 79 -5.18 1.87 10.45
N LEU A 80 -4.15 2.38 9.75
CA LEU A 80 -3.14 3.22 10.40
C LEU A 80 -3.78 4.18 11.40
N GLY A 81 -4.97 4.67 11.05
CA GLY A 81 -5.67 5.59 11.93
C GLY A 81 -5.79 5.06 13.35
N THR A 82 -6.43 3.90 13.48
CA THR A 82 -6.62 3.28 14.79
C THR A 82 -5.33 2.64 15.29
N LEU A 83 -4.27 2.75 14.49
CA LEU A 83 -2.99 2.17 14.85
C LEU A 83 -2.05 3.24 15.38
N THR A 84 -1.62 3.09 16.64
CA THR A 84 -0.72 4.04 17.27
C THR A 84 0.70 3.91 16.71
N VAL A 85 1.32 5.04 16.43
CA VAL A 85 2.68 5.07 15.89
C VAL A 85 3.52 3.96 16.51
N GLU A 86 3.71 4.03 17.83
CA GLU A 86 4.50 3.05 18.55
C GLU A 86 4.26 1.65 17.99
N GLN A 87 3.02 1.17 18.11
CA GLN A 87 2.67 -0.16 17.62
C GLN A 87 3.20 -0.38 16.21
N ILE A 88 2.91 0.56 15.33
CA ILE A 88 3.36 0.47 13.94
C ILE A 88 4.84 0.13 13.87
N TYR A 89 5.67 0.93 14.55
CA TYR A 89 7.11 0.71 14.57
C TYR A 89 7.46 -0.64 15.19
N GLN A 90 6.96 -0.86 16.41
CA GLN A 90 7.21 -2.11 17.12
C GLN A 90 7.16 -3.29 16.16
N ASP A 91 5.98 -3.55 15.60
CA ASP A 91 5.80 -4.66 14.68
C ASP A 91 5.22 -4.17 13.35
N ARG A 92 6.03 -4.19 12.30
CA ARG A 92 5.60 -3.75 10.98
C ARG A 92 4.82 -4.84 10.27
N ASP A 93 5.34 -6.06 10.30
CA ASP A 93 4.68 -7.20 9.66
C ASP A 93 3.21 -7.25 10.04
N GLN A 94 2.94 -7.28 11.35
CA GLN A 94 1.58 -7.34 11.84
C GLN A 94 0.72 -6.26 11.21
N PHE A 95 1.21 -5.03 11.22
CA PHE A 95 0.49 -3.91 10.65
C PHE A 95 -0.08 -4.25 9.28
N ALA A 96 0.82 -4.52 8.34
CA ALA A 96 0.41 -4.88 6.98
C ALA A 96 -0.65 -5.97 7.00
N LYS A 97 -0.34 -7.08 7.66
CA LYS A 97 -1.26 -8.20 7.75
C LYS A 97 -2.70 -7.71 7.83
N LEU A 98 -2.92 -6.65 8.60
CA LEU A 98 -4.26 -6.08 8.76
C LEU A 98 -4.70 -5.38 7.48
N VAL A 99 -3.83 -4.56 6.93
CA VAL A 99 -4.14 -3.83 5.70
C VAL A 99 -4.49 -4.79 4.57
N ARG A 100 -3.86 -5.95 4.57
CA ARG A 100 -4.11 -6.96 3.54
C ARG A 100 -5.31 -7.82 3.90
N GLU A 101 -5.54 -7.98 5.20
CA GLU A 101 -6.67 -8.79 5.67
C GLU A 101 -7.99 -8.08 5.42
N VAL A 102 -7.97 -6.76 5.54
CA VAL A 102 -9.18 -5.95 5.34
C VAL A 102 -9.41 -5.70 3.85
N ALA A 103 -8.33 -5.63 3.08
CA ALA A 103 -8.43 -5.39 1.64
C ALA A 103 -8.64 -6.71 0.89
N ALA A 104 -8.02 -7.77 1.38
CA ALA A 104 -8.14 -9.08 0.75
C ALA A 104 -9.54 -9.30 0.20
N PRO A 105 -10.55 -9.25 1.08
CA PRO A 105 -11.95 -9.44 0.71
C PRO A 105 -12.49 -8.27 -0.11
N ASP A 106 -11.80 -7.14 -0.05
CA ASP A 106 -12.20 -5.95 -0.78
C ASP A 106 -11.83 -6.07 -2.26
N VAL A 107 -10.55 -6.29 -2.52
CA VAL A 107 -10.05 -6.42 -3.89
C VAL A 107 -10.90 -7.42 -4.68
N GLY A 108 -11.24 -8.52 -4.03
CA GLY A 108 -12.04 -9.55 -4.69
C GLY A 108 -13.24 -8.96 -5.41
N ARG A 109 -13.76 -7.85 -4.89
CA ARG A 109 -14.92 -7.21 -5.50
C ARG A 109 -14.64 -6.84 -6.95
N MET A 110 -13.58 -6.08 -7.18
CA MET A 110 -13.21 -5.66 -8.52
C MET A 110 -12.72 -6.86 -9.35
N GLY A 111 -12.08 -7.81 -8.67
CA GLY A 111 -11.57 -8.98 -9.36
C GLY A 111 -10.07 -9.13 -9.23
N ILE A 112 -9.53 -8.62 -8.13
CA ILE A 112 -8.09 -8.71 -7.88
C ILE A 112 -7.80 -9.50 -6.61
N GLU A 113 -6.72 -10.27 -6.63
CA GLU A 113 -6.33 -11.08 -5.48
C GLU A 113 -4.96 -10.67 -4.97
N ILE A 114 -4.87 -10.40 -3.68
CA ILE A 114 -3.60 -10.00 -3.07
C ILE A 114 -2.69 -11.20 -2.84
N LEU A 115 -1.45 -11.08 -3.28
CA LEU A 115 -0.47 -12.15 -3.12
C LEU A 115 0.21 -12.08 -1.75
N SER A 116 0.84 -10.94 -1.48
CA SER A 116 1.53 -10.74 -0.22
C SER A 116 1.59 -9.26 0.15
N PHE A 117 1.59 -8.97 1.45
CA PHE A 117 1.64 -7.60 1.93
C PHE A 117 2.72 -7.44 3.00
N THR A 118 3.68 -6.56 2.72
CA THR A 118 4.77 -6.31 3.66
C THR A 118 5.01 -4.82 3.84
N ILE A 119 5.93 -4.47 4.74
CA ILE A 119 6.25 -3.07 5.00
C ILE A 119 7.65 -2.73 4.52
N LYS A 120 7.78 -1.60 3.84
CA LYS A 120 9.06 -1.16 3.32
C LYS A 120 9.81 -0.33 4.36
N ASP A 121 9.35 0.90 4.57
CA ASP A 121 9.97 1.79 5.55
C ASP A 121 9.00 2.90 5.97
N VAL A 122 8.97 3.17 7.27
CA VAL A 122 8.08 4.19 7.81
C VAL A 122 8.88 5.34 8.41
N TYR A 123 8.58 6.56 7.95
CA TYR A 123 9.27 7.75 8.44
C TYR A 123 8.29 8.88 8.68
N ASP A 124 8.75 9.92 9.38
CA ASP A 124 7.91 11.08 9.68
C ASP A 124 8.29 12.26 8.80
N LYS A 125 7.38 12.63 7.90
CA LYS A 125 7.62 13.75 6.99
C LYS A 125 7.62 15.07 7.75
N VAL A 126 6.97 15.07 8.92
CA VAL A 126 6.91 16.28 9.74
C VAL A 126 8.03 16.30 10.77
N ASP A 127 8.94 15.35 10.68
CA ASP A 127 10.06 15.25 11.60
C ASP A 127 9.59 15.40 13.04
N TYR A 128 8.60 14.60 13.42
CA TYR A 128 8.06 14.64 14.77
C TYR A 128 9.02 13.99 15.76
N LEU A 129 9.30 12.72 15.56
CA LEU A 129 10.20 11.98 16.44
C LEU A 129 11.64 12.44 16.24
N SER A 130 12.05 12.62 14.99
CA SER A 130 13.40 13.06 14.67
C SER A 130 13.76 14.32 15.46
N SER A 131 12.82 15.27 15.52
CA SER A 131 13.03 16.52 16.22
C SER A 131 13.36 16.26 17.69
N LEU A 132 12.61 15.34 18.30
CA LEU A 132 12.80 15.01 19.71
C LEU A 132 14.25 14.61 19.97
N GLY A 133 14.88 13.98 18.98
CA GLY A 133 16.27 13.56 19.13
C GLY A 133 16.48 12.68 20.34
N LYS A 134 16.15 11.40 20.21
CA LYS A 134 16.30 10.47 21.31
C LYS A 134 17.49 9.54 21.06
N THR A 135 18.33 9.37 22.08
CA THR A 135 19.50 8.51 21.97
C THR A 135 19.81 7.84 23.30
N GLN A 136 20.31 6.61 23.23
CA GLN A 136 20.66 5.86 24.44
C GLN A 136 21.71 6.59 25.26
N THR A 137 22.48 7.45 24.60
CA THR A 137 23.51 8.22 25.28
C THR A 137 24.42 7.32 26.10
N SER A 138 24.98 6.29 25.46
CA SER A 138 25.86 5.36 26.14
C SER A 138 26.65 4.52 25.12
N GLY A 139 27.96 4.76 25.07
CA GLY A 139 28.80 4.03 24.15
C GLY A 139 30.19 4.63 24.02
N PRO A 140 31.10 4.23 24.92
CA PRO A 140 32.47 4.73 24.92
C PRO A 140 33.29 4.21 23.74
N SER A 141 34.50 4.72 23.59
CA SER A 141 35.37 4.31 22.50
C SER A 141 36.78 4.02 23.01
N SER A 142 37.63 3.51 22.12
CA SER A 142 39.00 3.19 22.48
C SER A 142 39.99 3.89 21.55
N GLY A 143 39.78 3.72 20.24
CA GLY A 143 40.66 4.35 19.26
C GLY A 143 42.12 4.22 19.64
N GLY A 1 8.18 -4.98 -13.26
CA GLY A 1 7.96 -4.88 -14.69
C GLY A 1 7.62 -3.47 -15.13
N SER A 2 7.19 -3.33 -16.38
CA SER A 2 6.84 -2.02 -16.93
C SER A 2 6.24 -2.16 -18.32
N SER A 3 5.13 -1.47 -18.54
CA SER A 3 4.45 -1.51 -19.83
C SER A 3 5.15 -0.62 -20.85
N GLY A 4 4.68 -0.66 -22.09
CA GLY A 4 5.27 0.14 -23.14
C GLY A 4 4.88 -0.33 -24.53
N SER A 5 3.63 -0.74 -24.69
CA SER A 5 3.13 -1.21 -25.97
C SER A 5 1.88 -0.45 -26.39
N SER A 6 1.79 -0.13 -27.67
CA SER A 6 0.64 0.59 -28.20
C SER A 6 -0.62 -0.26 -28.13
N GLY A 7 -1.52 0.12 -27.22
CA GLY A 7 -2.77 -0.62 -27.06
C GLY A 7 -3.46 -0.30 -25.76
N GLN A 8 -4.78 -0.45 -25.74
CA GLN A 8 -5.58 -0.17 -24.55
C GLN A 8 -6.14 -1.45 -23.97
N ARG A 9 -5.62 -2.59 -24.40
CA ARG A 9 -6.07 -3.89 -23.92
C ARG A 9 -5.20 -4.37 -22.75
N ILE A 10 -5.86 -4.90 -21.72
CA ILE A 10 -5.15 -5.40 -20.55
C ILE A 10 -4.32 -6.63 -20.90
N SER A 11 -3.32 -6.91 -20.07
CA SER A 11 -2.44 -8.06 -20.28
C SER A 11 -2.16 -8.77 -18.96
N LEU A 12 -2.14 -10.10 -19.02
CA LEU A 12 -1.87 -10.91 -17.83
C LEU A 12 -0.42 -10.75 -17.38
N GLU A 13 -0.23 -10.13 -16.22
CA GLU A 13 1.10 -9.91 -15.67
C GLU A 13 1.03 -9.38 -14.25
N ILE A 14 2.01 -9.74 -13.44
CA ILE A 14 2.06 -9.29 -12.05
C ILE A 14 2.52 -7.85 -11.95
N MET A 15 1.97 -7.11 -10.99
CA MET A 15 2.33 -5.71 -10.79
C MET A 15 2.65 -5.43 -9.33
N THR A 16 3.74 -4.73 -9.08
CA THR A 16 4.15 -4.40 -7.72
C THR A 16 3.47 -3.11 -7.24
N LEU A 17 2.49 -3.26 -6.37
CA LEU A 17 1.76 -2.12 -5.83
C LEU A 17 2.29 -1.73 -4.45
N GLN A 18 2.76 -0.49 -4.32
CA GLN A 18 3.29 -0.01 -3.06
C GLN A 18 2.30 0.92 -2.37
N PRO A 19 1.53 0.37 -1.42
CA PRO A 19 0.52 1.14 -0.67
C PRO A 19 1.16 2.13 0.28
N ARG A 20 1.58 3.28 -0.24
CA ARG A 20 2.20 4.31 0.57
C ARG A 20 1.19 5.40 0.93
N CYS A 21 1.39 6.03 2.08
CA CYS A 21 0.50 7.08 2.55
C CYS A 21 1.28 8.22 3.18
N GLU A 22 0.80 9.45 3.01
CA GLU A 22 1.46 10.62 3.57
C GLU A 22 0.46 11.49 4.33
N ASP A 23 0.99 12.30 5.25
CA ASP A 23 0.15 13.18 6.05
C ASP A 23 -1.07 12.43 6.60
N VAL A 24 -0.82 11.33 7.28
CA VAL A 24 -1.89 10.53 7.86
C VAL A 24 -1.79 10.49 9.37
N GLU A 25 -2.36 11.51 10.02
CA GLU A 25 -2.34 11.60 11.48
C GLU A 25 -2.61 10.23 12.11
N THR A 26 -1.83 9.89 13.13
CA THR A 26 -1.99 8.61 13.81
C THR A 26 -3.21 8.61 14.71
N ALA A 27 -3.41 7.53 15.45
CA ALA A 27 -4.54 7.41 16.36
C ALA A 27 -4.55 8.54 17.38
N GLU A 28 -3.36 8.93 17.83
CA GLU A 28 -3.22 10.00 18.82
C GLU A 28 -3.32 11.37 18.15
N GLY A 29 -2.58 11.54 17.05
CA GLY A 29 -2.60 12.80 16.34
C GLY A 29 -1.24 13.18 15.79
N VAL A 30 -0.59 12.24 15.12
CA VAL A 30 0.73 12.47 14.54
C VAL A 30 0.83 11.90 13.13
N ALA A 31 0.96 12.78 12.14
CA ALA A 31 1.06 12.36 10.75
C ALA A 31 2.36 11.59 10.50
N LEU A 32 2.23 10.42 9.88
CA LEU A 32 3.40 9.59 9.59
C LEU A 32 3.44 9.23 8.11
N THR A 33 4.61 8.77 7.66
CA THR A 33 4.78 8.39 6.26
C THR A 33 5.17 6.92 6.13
N VAL A 34 4.20 6.10 5.76
CA VAL A 34 4.43 4.66 5.60
C VAL A 34 4.43 4.26 4.13
N THR A 35 5.59 3.89 3.62
CA THR A 35 5.73 3.48 2.23
C THR A 35 4.94 2.21 1.95
N GLY A 36 5.30 1.13 2.63
CA GLY A 36 4.61 -0.14 2.44
C GLY A 36 4.90 -0.75 1.10
N VAL A 37 4.88 -2.08 1.04
CA VAL A 37 5.14 -2.80 -0.20
C VAL A 37 4.33 -4.08 -0.28
N ALA A 38 3.55 -4.21 -1.36
CA ALA A 38 2.71 -5.39 -1.56
C ALA A 38 2.67 -5.79 -3.03
N GLN A 39 2.80 -7.08 -3.29
CA GLN A 39 2.78 -7.59 -4.65
C GLN A 39 1.39 -8.07 -5.03
N VAL A 40 0.86 -7.57 -6.14
CA VAL A 40 -0.46 -7.95 -6.62
C VAL A 40 -0.42 -8.43 -8.07
N LYS A 41 -1.46 -9.12 -8.49
CA LYS A 41 -1.54 -9.63 -9.85
C LYS A 41 -3.00 -9.84 -10.27
N ILE A 42 -3.24 -9.79 -11.58
CA ILE A 42 -4.59 -9.97 -12.10
C ILE A 42 -5.07 -11.40 -11.88
N MET A 43 -6.32 -11.53 -11.43
CA MET A 43 -6.91 -12.84 -11.17
C MET A 43 -7.33 -13.52 -12.48
N THR A 44 -7.92 -14.70 -12.37
CA THR A 44 -8.36 -15.44 -13.54
C THR A 44 -9.87 -15.66 -13.52
N GLU A 45 -10.43 -15.75 -12.31
CA GLU A 45 -11.87 -15.95 -12.15
C GLU A 45 -12.36 -17.08 -13.05
N LYS A 46 -11.72 -18.24 -12.92
CA LYS A 46 -12.10 -19.41 -13.72
C LYS A 46 -13.60 -19.43 -13.98
N GLU A 47 -14.37 -18.96 -13.01
CA GLU A 47 -15.82 -18.93 -13.14
C GLU A 47 -16.25 -17.90 -14.19
N LEU A 48 -15.77 -16.67 -14.04
CA LEU A 48 -16.09 -15.61 -14.97
C LEU A 48 -15.22 -14.37 -14.72
N LEU A 49 -14.28 -14.13 -15.63
CA LEU A 49 -13.39 -12.98 -15.50
C LEU A 49 -14.02 -11.73 -16.10
N ALA A 50 -15.04 -11.92 -16.92
CA ALA A 50 -15.73 -10.81 -17.57
C ALA A 50 -15.86 -9.63 -16.61
N VAL A 51 -15.94 -9.92 -15.31
CA VAL A 51 -16.06 -8.88 -14.30
C VAL A 51 -15.00 -7.81 -14.48
N ALA A 52 -13.74 -8.23 -14.57
CA ALA A 52 -12.63 -7.31 -14.74
C ALA A 52 -12.56 -6.79 -16.18
N CYS A 53 -12.73 -7.71 -17.13
CA CYS A 53 -12.70 -7.35 -18.55
C CYS A 53 -13.57 -6.13 -18.83
N GLU A 54 -14.84 -6.23 -18.44
CA GLU A 54 -15.78 -5.14 -18.65
C GLU A 54 -15.67 -4.10 -17.54
N GLN A 55 -14.54 -4.10 -16.84
CA GLN A 55 -14.31 -3.16 -15.76
C GLN A 55 -13.02 -2.37 -15.98
N PHE A 56 -12.11 -2.95 -16.75
CA PHE A 56 -10.84 -2.31 -17.05
C PHE A 56 -10.75 -1.91 -18.52
N LEU A 57 -11.44 -2.66 -19.37
CA LEU A 57 -11.45 -2.39 -20.80
C LEU A 57 -11.77 -0.92 -21.08
N GLY A 58 -12.66 -0.36 -20.27
CA GLY A 58 -13.03 1.04 -20.44
C GLY A 58 -11.89 1.99 -20.12
N LYS A 59 -10.93 1.52 -19.35
CA LYS A 59 -9.78 2.33 -18.97
C LYS A 59 -8.48 1.72 -19.50
N ASN A 60 -7.41 2.51 -19.49
CA ASN A 60 -6.12 2.05 -19.97
C ASN A 60 -5.41 1.22 -18.90
N VAL A 61 -4.23 0.72 -19.24
CA VAL A 61 -3.45 -0.10 -18.31
C VAL A 61 -2.97 0.73 -17.13
N GLN A 62 -2.65 2.00 -17.38
CA GLN A 62 -2.18 2.90 -16.34
C GLN A 62 -3.22 3.03 -15.24
N ASP A 63 -4.45 3.33 -15.62
CA ASP A 63 -5.54 3.49 -14.66
C ASP A 63 -5.52 2.36 -13.62
N ILE A 64 -5.64 1.12 -14.10
CA ILE A 64 -5.64 -0.04 -13.21
C ILE A 64 -4.66 0.15 -12.07
N LYS A 65 -3.37 0.20 -12.39
CA LYS A 65 -2.32 0.38 -11.40
C LYS A 65 -2.79 1.32 -10.28
N ASN A 66 -3.24 2.51 -10.68
CA ASN A 66 -3.72 3.50 -9.71
C ASN A 66 -4.96 2.98 -8.97
N VAL A 67 -5.87 2.35 -9.71
CA VAL A 67 -7.08 1.81 -9.11
C VAL A 67 -6.76 0.79 -8.03
N VAL A 68 -6.05 -0.26 -8.41
CA VAL A 68 -5.66 -1.31 -7.48
C VAL A 68 -4.96 -0.74 -6.26
N LEU A 69 -4.24 0.37 -6.47
CA LEU A 69 -3.51 1.03 -5.39
C LEU A 69 -4.46 1.73 -4.43
N GLN A 70 -5.46 2.41 -4.99
CA GLN A 70 -6.44 3.12 -4.18
C GLN A 70 -7.07 2.20 -3.14
N THR A 71 -7.27 0.94 -3.53
CA THR A 71 -7.87 -0.05 -2.63
C THR A 71 -6.99 -0.27 -1.41
N LEU A 72 -5.76 -0.72 -1.64
CA LEU A 72 -4.82 -0.98 -0.55
C LEU A 72 -4.42 0.31 0.14
N GLU A 73 -3.89 1.26 -0.63
CA GLU A 73 -3.47 2.55 -0.08
C GLU A 73 -4.54 3.11 0.86
N GLY A 74 -5.78 3.15 0.38
CA GLY A 74 -6.87 3.67 1.18
C GLY A 74 -6.99 2.97 2.51
N HIS A 75 -7.35 1.69 2.47
CA HIS A 75 -7.50 0.89 3.69
C HIS A 75 -6.35 1.15 4.65
N LEU A 76 -5.13 1.12 4.13
CA LEU A 76 -3.95 1.35 4.95
C LEU A 76 -4.19 2.45 5.96
N ARG A 77 -4.59 3.62 5.47
CA ARG A 77 -4.86 4.77 6.34
C ARG A 77 -5.75 4.36 7.51
N SER A 78 -7.01 4.04 7.20
CA SER A 78 -7.97 3.65 8.23
C SER A 78 -7.31 2.73 9.25
N ILE A 79 -6.51 1.79 8.77
CA ILE A 79 -5.83 0.84 9.65
C ILE A 79 -4.73 1.55 10.45
N LEU A 80 -4.06 2.50 9.83
CA LEU A 80 -2.99 3.24 10.48
C LEU A 80 -3.55 4.16 11.56
N GLY A 81 -4.72 4.72 11.29
CA GLY A 81 -5.35 5.61 12.26
C GLY A 81 -5.63 4.94 13.58
N THR A 82 -6.33 3.80 13.54
CA THR A 82 -6.65 3.06 14.74
C THR A 82 -5.40 2.62 15.48
N LEU A 83 -4.29 2.57 14.76
CA LEU A 83 -3.02 2.17 15.35
C LEU A 83 -2.16 3.38 15.70
N THR A 84 -1.40 3.27 16.78
CA THR A 84 -0.54 4.36 17.22
C THR A 84 0.88 4.18 16.69
N VAL A 85 1.57 5.31 16.48
CA VAL A 85 2.94 5.28 15.98
C VAL A 85 3.69 4.07 16.51
N GLU A 86 3.91 4.05 17.82
CA GLU A 86 4.63 2.96 18.47
C GLU A 86 4.21 1.61 17.89
N GLN A 87 2.96 1.22 18.17
CA GLN A 87 2.43 -0.05 17.67
C GLN A 87 2.93 -0.33 16.26
N ILE A 88 2.72 0.63 15.36
CA ILE A 88 3.15 0.47 13.98
C ILE A 88 4.59 -0.01 13.90
N TYR A 89 5.48 0.64 14.65
CA TYR A 89 6.89 0.28 14.66
C TYR A 89 7.09 -1.08 15.33
N GLN A 90 6.52 -1.23 16.52
CA GLN A 90 6.64 -2.48 17.26
C GLN A 90 6.66 -3.67 16.32
N ASP A 91 5.55 -3.89 15.63
CA ASP A 91 5.43 -5.01 14.69
C ASP A 91 4.89 -4.52 13.34
N ARG A 92 5.70 -4.69 12.30
CA ARG A 92 5.31 -4.27 10.95
C ARG A 92 4.39 -5.30 10.32
N ASP A 93 4.91 -6.51 10.11
CA ASP A 93 4.14 -7.59 9.51
C ASP A 93 2.67 -7.51 9.93
N GLN A 94 2.44 -7.53 11.24
CA GLN A 94 1.07 -7.46 11.77
C GLN A 94 0.30 -6.31 11.13
N PHE A 95 0.79 -5.09 11.34
CA PHE A 95 0.15 -3.91 10.79
C PHE A 95 -0.35 -4.16 9.36
N ALA A 96 0.59 -4.52 8.48
CA ALA A 96 0.24 -4.79 7.09
C ALA A 96 -0.81 -5.89 6.99
N LYS A 97 -0.57 -7.01 7.67
CA LYS A 97 -1.50 -8.13 7.66
C LYS A 97 -2.94 -7.64 7.74
N LEU A 98 -3.17 -6.61 8.55
CA LEU A 98 -4.50 -6.04 8.71
C LEU A 98 -4.95 -5.32 7.45
N VAL A 99 -4.02 -4.57 6.85
CA VAL A 99 -4.32 -3.82 5.63
C VAL A 99 -4.69 -4.75 4.49
N ARG A 100 -3.96 -5.86 4.37
CA ARG A 100 -4.21 -6.83 3.31
C ARG A 100 -5.44 -7.68 3.64
N GLU A 101 -5.62 -7.97 4.92
CA GLU A 101 -6.76 -8.78 5.36
C GLU A 101 -8.07 -8.05 5.10
N VAL A 102 -8.03 -6.72 5.15
CA VAL A 102 -9.21 -5.91 4.91
C VAL A 102 -9.38 -5.60 3.42
N ALA A 103 -8.27 -5.61 2.70
CA ALA A 103 -8.30 -5.34 1.27
C ALA A 103 -8.48 -6.61 0.46
N ALA A 104 -8.15 -7.75 1.07
CA ALA A 104 -8.29 -9.04 0.41
C ALA A 104 -9.71 -9.26 -0.08
N PRO A 105 -10.67 -9.23 0.86
CA PRO A 105 -12.09 -9.42 0.53
C PRO A 105 -12.67 -8.25 -0.25
N ASP A 106 -11.94 -7.13 -0.25
CA ASP A 106 -12.40 -5.94 -0.97
C ASP A 106 -11.99 -6.00 -2.43
N VAL A 107 -10.69 -6.02 -2.69
CA VAL A 107 -10.17 -6.07 -4.05
C VAL A 107 -10.92 -7.12 -4.88
N GLY A 108 -11.30 -8.22 -4.23
CA GLY A 108 -12.01 -9.27 -4.92
C GLY A 108 -13.17 -8.75 -5.73
N ARG A 109 -13.82 -7.70 -5.24
CA ARG A 109 -14.95 -7.10 -5.93
C ARG A 109 -14.58 -6.71 -7.36
N MET A 110 -13.52 -5.91 -7.48
CA MET A 110 -13.06 -5.46 -8.79
C MET A 110 -12.52 -6.62 -9.61
N GLY A 111 -11.87 -7.57 -8.93
CA GLY A 111 -11.32 -8.72 -9.61
C GLY A 111 -9.82 -8.84 -9.43
N ILE A 112 -9.31 -8.31 -8.31
CA ILE A 112 -7.89 -8.35 -8.02
C ILE A 112 -7.62 -9.18 -6.77
N GLU A 113 -6.55 -9.96 -6.80
CA GLU A 113 -6.18 -10.80 -5.67
C GLU A 113 -4.80 -10.42 -5.13
N ILE A 114 -4.71 -10.24 -3.82
CA ILE A 114 -3.45 -9.87 -3.18
C ILE A 114 -2.58 -11.10 -2.94
N LEU A 115 -1.28 -10.96 -3.22
CA LEU A 115 -0.34 -12.06 -3.02
C LEU A 115 0.35 -11.95 -1.67
N SER A 116 0.91 -10.78 -1.39
CA SER A 116 1.61 -10.54 -0.13
C SER A 116 1.60 -9.06 0.23
N PHE A 117 1.68 -8.78 1.52
CA PHE A 117 1.67 -7.40 2.00
C PHE A 117 2.71 -7.20 3.10
N THR A 118 3.70 -6.35 2.83
CA THR A 118 4.76 -6.07 3.79
C THR A 118 4.99 -4.57 3.96
N ILE A 119 5.83 -4.20 4.90
CA ILE A 119 6.14 -2.79 5.14
C ILE A 119 7.56 -2.46 4.71
N LYS A 120 7.68 -1.49 3.81
CA LYS A 120 8.97 -1.06 3.31
C LYS A 120 9.73 -0.25 4.35
N ASP A 121 9.21 0.93 4.66
CA ASP A 121 9.82 1.81 5.66
C ASP A 121 8.85 2.90 6.10
N VAL A 122 8.85 3.20 7.40
CA VAL A 122 7.98 4.23 7.95
C VAL A 122 8.78 5.35 8.58
N TYR A 123 8.55 6.57 8.13
CA TYR A 123 9.25 7.73 8.65
C TYR A 123 8.29 8.90 8.87
N ASP A 124 8.78 9.95 9.52
CA ASP A 124 7.97 11.13 9.78
C ASP A 124 8.46 12.33 8.96
N LYS A 125 7.51 13.02 8.33
CA LYS A 125 7.83 14.18 7.50
C LYS A 125 8.06 15.42 8.37
N VAL A 126 7.57 15.36 9.61
CA VAL A 126 7.71 16.47 10.54
C VAL A 126 8.95 16.31 11.42
N ASP A 127 9.69 15.23 11.18
CA ASP A 127 10.90 14.94 11.95
C ASP A 127 10.66 15.17 13.44
N TYR A 128 9.64 14.52 13.98
CA TYR A 128 9.30 14.65 15.39
C TYR A 128 10.13 13.70 16.24
N LEU A 129 10.19 12.45 15.82
CA LEU A 129 10.96 11.43 16.54
C LEU A 129 12.46 11.69 16.42
N SER A 130 12.90 11.99 15.21
CA SER A 130 14.32 12.27 14.95
C SER A 130 14.86 13.26 15.96
N SER A 131 14.13 14.35 16.17
CA SER A 131 14.55 15.38 17.11
C SER A 131 14.95 14.78 18.45
N LEU A 132 14.12 13.86 18.95
CA LEU A 132 14.39 13.20 20.21
C LEU A 132 15.76 12.56 20.23
N GLY A 133 16.20 12.09 19.06
CA GLY A 133 17.50 11.46 18.96
C GLY A 133 17.41 10.00 18.53
N LYS A 134 16.99 9.77 17.29
CA LYS A 134 16.87 8.42 16.77
C LYS A 134 17.79 8.21 15.57
N THR A 135 19.02 8.73 15.68
CA THR A 135 20.00 8.60 14.60
C THR A 135 21.41 8.69 15.15
N GLN A 136 22.19 7.63 14.96
CA GLN A 136 23.57 7.60 15.43
C GLN A 136 24.37 8.77 14.86
N THR A 137 24.25 8.97 13.55
CA THR A 137 24.96 10.05 12.87
C THR A 137 25.02 11.30 13.75
N SER A 138 26.23 11.81 13.98
CA SER A 138 26.42 12.99 14.81
C SER A 138 27.78 13.64 14.52
N GLY A 139 27.78 14.96 14.44
CA GLY A 139 29.02 15.67 14.17
C GLY A 139 28.92 16.57 12.95
N PRO A 140 30.04 17.22 12.60
CA PRO A 140 30.09 18.12 11.45
C PRO A 140 29.99 17.38 10.12
N SER A 141 29.86 18.13 9.03
CA SER A 141 29.74 17.54 7.70
C SER A 141 30.82 16.48 7.49
N SER A 142 32.07 16.85 7.73
CA SER A 142 33.19 15.93 7.56
C SER A 142 33.12 14.80 8.57
N GLY A 143 33.61 13.63 8.18
CA GLY A 143 33.59 12.48 9.06
C GLY A 143 34.93 12.23 9.72
N GLY A 1 4.97 7.52 -13.29
CA GLY A 1 4.72 6.17 -13.77
C GLY A 1 5.80 5.67 -14.70
N SER A 2 6.53 4.65 -14.28
CA SER A 2 7.61 4.08 -15.09
C SER A 2 7.05 3.10 -16.11
N SER A 3 6.57 3.63 -17.23
CA SER A 3 6.01 2.80 -18.29
C SER A 3 7.11 2.13 -19.10
N GLY A 4 6.83 0.92 -19.57
CA GLY A 4 7.82 0.20 -20.36
C GLY A 4 7.31 -0.15 -21.74
N SER A 5 7.17 -1.45 -22.02
CA SER A 5 6.69 -1.90 -23.32
C SER A 5 5.60 -2.95 -23.17
N SER A 6 4.48 -2.73 -23.84
CA SER A 6 3.35 -3.66 -23.78
C SER A 6 2.51 -3.58 -25.06
N GLY A 7 1.54 -4.49 -25.18
CA GLY A 7 0.68 -4.50 -26.34
C GLY A 7 -0.60 -3.73 -26.13
N GLN A 8 -1.67 -4.16 -26.79
CA GLN A 8 -2.96 -3.50 -26.68
C GLN A 8 -4.00 -4.44 -26.08
N ARG A 9 -3.60 -5.20 -25.07
CA ARG A 9 -4.51 -6.14 -24.41
C ARG A 9 -4.40 -6.00 -22.89
N ILE A 10 -5.10 -6.88 -22.18
CA ILE A 10 -5.10 -6.87 -20.72
C ILE A 10 -3.78 -7.41 -20.17
N SER A 11 -3.36 -6.89 -19.02
CA SER A 11 -2.12 -7.33 -18.38
C SER A 11 -2.39 -8.38 -17.33
N LEU A 12 -1.77 -9.54 -17.48
CA LEU A 12 -1.94 -10.64 -16.53
C LEU A 12 -0.79 -10.68 -15.53
N GLU A 13 0.43 -10.55 -16.04
CA GLU A 13 1.62 -10.57 -15.19
C GLU A 13 1.35 -9.86 -13.87
N ILE A 14 2.04 -10.30 -12.81
CA ILE A 14 1.88 -9.71 -11.49
C ILE A 14 2.32 -8.24 -11.49
N MET A 15 1.45 -7.37 -10.98
CA MET A 15 1.76 -5.96 -10.91
C MET A 15 2.18 -5.56 -9.50
N THR A 16 3.34 -4.92 -9.39
CA THR A 16 3.86 -4.48 -8.10
C THR A 16 3.30 -3.11 -7.71
N LEU A 17 2.36 -3.11 -6.77
CA LEU A 17 1.74 -1.88 -6.32
C LEU A 17 2.13 -1.57 -4.87
N GLN A 18 2.89 -0.50 -4.69
CA GLN A 18 3.33 -0.10 -3.35
C GLN A 18 2.48 1.03 -2.81
N PRO A 19 1.51 0.70 -1.96
CA PRO A 19 0.60 1.68 -1.36
C PRO A 19 1.31 2.57 -0.34
N ARG A 20 1.74 3.75 -0.80
CA ARG A 20 2.43 4.69 0.07
C ARG A 20 1.53 5.88 0.40
N CYS A 21 1.57 6.31 1.65
CA CYS A 21 0.76 7.45 2.09
C CYS A 21 1.61 8.47 2.83
N GLU A 22 1.28 9.75 2.66
CA GLU A 22 2.02 10.82 3.30
C GLU A 22 1.08 11.78 4.03
N ASP A 23 1.50 12.26 5.19
CA ASP A 23 0.69 13.18 5.98
C ASP A 23 -0.55 12.49 6.53
N VAL A 24 -0.34 11.37 7.22
CA VAL A 24 -1.45 10.61 7.79
C VAL A 24 -1.32 10.53 9.32
N GLU A 25 -2.08 11.37 10.01
CA GLU A 25 -2.05 11.40 11.46
C GLU A 25 -2.49 10.05 12.04
N THR A 26 -1.71 9.55 12.99
CA THR A 26 -2.00 8.26 13.62
C THR A 26 -3.15 8.39 14.61
N ALA A 27 -3.62 7.25 15.13
CA ALA A 27 -4.71 7.24 16.10
C ALA A 27 -4.64 8.46 17.01
N GLU A 28 -3.58 8.57 17.79
CA GLU A 28 -3.40 9.68 18.71
C GLU A 28 -3.47 11.02 17.96
N GLY A 29 -2.67 11.14 16.90
CA GLY A 29 -2.65 12.36 16.13
C GLY A 29 -1.25 12.73 15.66
N VAL A 30 -0.52 11.74 15.16
CA VAL A 30 0.85 11.96 14.68
C VAL A 30 0.97 11.59 13.20
N ALA A 31 1.28 12.57 12.37
CA ALA A 31 1.43 12.34 10.94
C ALA A 31 2.70 11.54 10.66
N LEU A 32 2.52 10.36 10.07
CA LEU A 32 3.64 9.49 9.74
C LEU A 32 3.72 9.23 8.24
N THR A 33 4.89 8.81 7.77
CA THR A 33 5.09 8.53 6.35
C THR A 33 5.47 7.08 6.12
N VAL A 34 4.51 6.28 5.70
CA VAL A 34 4.75 4.85 5.44
C VAL A 34 4.74 4.57 3.95
N THR A 35 5.84 4.00 3.46
CA THR A 35 5.97 3.67 2.04
C THR A 35 5.10 2.46 1.68
N GLY A 36 5.21 1.40 2.49
CA GLY A 36 4.44 0.20 2.24
C GLY A 36 4.75 -0.43 0.90
N VAL A 37 4.69 -1.75 0.84
CA VAL A 37 4.97 -2.48 -0.40
C VAL A 37 4.20 -3.79 -0.45
N ALA A 38 3.42 -3.97 -1.52
CA ALA A 38 2.63 -5.18 -1.69
C ALA A 38 2.60 -5.61 -3.15
N GLN A 39 2.28 -6.88 -3.39
CA GLN A 39 2.21 -7.41 -4.74
C GLN A 39 0.77 -7.81 -5.10
N VAL A 40 0.43 -7.66 -6.37
CA VAL A 40 -0.91 -8.00 -6.84
C VAL A 40 -0.87 -8.53 -8.26
N LYS A 41 -1.92 -9.26 -8.65
CA LYS A 41 -2.00 -9.83 -10.00
C LYS A 41 -3.45 -9.94 -10.45
N ILE A 42 -3.66 -9.95 -11.76
CA ILE A 42 -5.00 -10.04 -12.31
C ILE A 42 -5.50 -11.49 -12.30
N MET A 43 -6.58 -11.73 -11.56
CA MET A 43 -7.15 -13.07 -11.47
C MET A 43 -7.26 -13.71 -12.85
N THR A 44 -7.64 -14.98 -12.88
CA THR A 44 -7.78 -15.71 -14.14
C THR A 44 -9.24 -16.05 -14.40
N GLU A 45 -9.54 -16.39 -15.65
CA GLU A 45 -10.91 -16.75 -16.03
C GLU A 45 -11.10 -18.25 -16.00
N LYS A 46 -11.90 -18.72 -15.04
CA LYS A 46 -12.17 -20.15 -14.90
C LYS A 46 -13.65 -20.44 -15.12
N GLU A 47 -14.51 -19.54 -14.64
CA GLU A 47 -15.95 -19.70 -14.79
C GLU A 47 -16.59 -18.44 -15.34
N LEU A 48 -16.35 -17.32 -14.66
CA LEU A 48 -16.91 -16.03 -15.09
C LEU A 48 -15.98 -14.89 -14.71
N LEU A 49 -15.45 -14.20 -15.72
CA LEU A 49 -14.54 -13.08 -15.49
C LEU A 49 -15.11 -11.79 -16.09
N ALA A 50 -16.40 -11.81 -16.40
CA ALA A 50 -17.07 -10.65 -16.96
C ALA A 50 -17.12 -9.50 -15.96
N VAL A 51 -16.65 -9.76 -14.75
CA VAL A 51 -16.65 -8.76 -13.70
C VAL A 51 -15.42 -7.85 -13.81
N ALA A 52 -14.28 -8.45 -14.17
CA ALA A 52 -13.05 -7.69 -14.32
C ALA A 52 -12.62 -7.62 -15.78
N CYS A 53 -13.55 -7.91 -16.67
CA CYS A 53 -13.29 -7.88 -18.11
C CYS A 53 -13.67 -6.53 -18.71
N GLU A 54 -14.41 -5.74 -17.94
CA GLU A 54 -14.85 -4.43 -18.40
C GLU A 54 -14.38 -3.34 -17.44
N GLN A 55 -13.98 -3.74 -16.24
CA GLN A 55 -13.51 -2.80 -15.24
C GLN A 55 -12.21 -2.14 -15.67
N PHE A 56 -11.58 -2.70 -16.70
CA PHE A 56 -10.32 -2.17 -17.21
C PHE A 56 -10.47 -1.75 -18.67
N LEU A 57 -11.12 -2.59 -19.47
CA LEU A 57 -11.33 -2.30 -20.88
C LEU A 57 -11.60 -0.81 -21.10
N GLY A 58 -11.02 -0.27 -22.17
CA GLY A 58 -11.19 1.14 -22.47
C GLY A 58 -10.17 2.01 -21.78
N LYS A 59 -9.86 1.70 -20.54
CA LYS A 59 -8.89 2.47 -19.77
C LYS A 59 -7.47 2.18 -20.26
N ASN A 60 -6.48 2.77 -19.57
CA ASN A 60 -5.09 2.58 -19.93
C ASN A 60 -4.37 1.72 -18.89
N VAL A 61 -3.43 0.90 -19.36
CA VAL A 61 -2.66 0.04 -18.48
C VAL A 61 -2.23 0.77 -17.22
N GLN A 62 -1.99 2.08 -17.35
CA GLN A 62 -1.57 2.90 -16.22
C GLN A 62 -2.73 3.14 -15.26
N ASP A 63 -3.92 3.36 -15.81
CA ASP A 63 -5.11 3.60 -15.00
C ASP A 63 -5.37 2.43 -14.06
N ILE A 64 -5.34 1.22 -14.61
CA ILE A 64 -5.57 0.02 -13.82
C ILE A 64 -4.72 0.03 -12.54
N LYS A 65 -3.42 -0.13 -12.71
CA LYS A 65 -2.50 -0.14 -11.57
C LYS A 65 -2.97 0.83 -10.48
N ASN A 66 -3.39 2.02 -10.89
CA ASN A 66 -3.86 3.02 -9.95
C ASN A 66 -5.12 2.54 -9.23
N VAL A 67 -6.05 1.98 -9.98
CA VAL A 67 -7.30 1.47 -9.41
C VAL A 67 -7.02 0.47 -8.29
N VAL A 68 -6.26 -0.57 -8.63
CA VAL A 68 -5.92 -1.61 -7.66
C VAL A 68 -5.13 -1.03 -6.49
N LEU A 69 -4.11 -0.24 -6.81
CA LEU A 69 -3.28 0.37 -5.78
C LEU A 69 -4.12 1.20 -4.82
N GLN A 70 -5.16 1.84 -5.36
CA GLN A 70 -6.04 2.67 -4.55
C GLN A 70 -6.73 1.84 -3.46
N THR A 71 -7.31 0.72 -3.87
CA THR A 71 -8.00 -0.15 -2.93
C THR A 71 -7.14 -0.44 -1.70
N LEU A 72 -5.89 -0.80 -1.93
CA LEU A 72 -4.96 -1.08 -0.84
C LEU A 72 -4.56 0.19 -0.12
N GLU A 73 -4.38 1.27 -0.87
CA GLU A 73 -4.00 2.55 -0.30
C GLU A 73 -5.08 3.08 0.63
N GLY A 74 -6.24 3.43 0.06
CA GLY A 74 -7.34 3.94 0.85
C GLY A 74 -7.43 3.28 2.22
N HIS A 75 -7.41 1.95 2.22
CA HIS A 75 -7.49 1.19 3.47
C HIS A 75 -6.29 1.49 4.36
N LEU A 76 -5.10 1.47 3.77
CA LEU A 76 -3.87 1.73 4.51
C LEU A 76 -4.10 2.80 5.58
N ARG A 77 -4.39 4.02 5.13
CA ARG A 77 -4.63 5.12 6.04
C ARG A 77 -5.64 4.74 7.12
N SER A 78 -6.79 4.24 6.68
CA SER A 78 -7.84 3.84 7.61
C SER A 78 -7.29 2.91 8.69
N ILE A 79 -6.34 2.06 8.30
CA ILE A 79 -5.73 1.12 9.24
C ILE A 79 -4.68 1.82 10.10
N LEU A 80 -3.92 2.72 9.48
CA LEU A 80 -2.87 3.45 10.20
C LEU A 80 -3.48 4.38 11.25
N GLY A 81 -4.67 4.90 10.96
CA GLY A 81 -5.34 5.78 11.89
C GLY A 81 -5.75 5.09 13.17
N THR A 82 -6.54 4.02 13.04
CA THR A 82 -7.01 3.27 14.20
C THR A 82 -5.84 2.75 15.03
N LEU A 83 -4.72 2.48 14.37
CA LEU A 83 -3.52 1.99 15.04
C LEU A 83 -2.60 3.14 15.42
N THR A 84 -2.04 3.06 16.63
CA THR A 84 -1.15 4.10 17.12
C THR A 84 0.21 4.02 16.43
N VAL A 85 0.90 5.15 16.35
CA VAL A 85 2.21 5.22 15.71
C VAL A 85 3.16 4.18 16.30
N GLU A 86 3.22 4.14 17.63
CA GLU A 86 4.09 3.18 18.31
C GLU A 86 3.84 1.76 17.82
N GLN A 87 2.58 1.33 17.88
CA GLN A 87 2.20 0.00 17.44
C GLN A 87 2.81 -0.32 16.08
N ILE A 88 2.71 0.64 15.16
CA ILE A 88 3.24 0.46 13.82
C ILE A 88 4.71 0.04 13.86
N TYR A 89 5.52 0.81 14.57
CA TYR A 89 6.94 0.51 14.69
C TYR A 89 7.16 -0.84 15.36
N GLN A 90 6.61 -0.99 16.57
CA GLN A 90 6.74 -2.23 17.33
C GLN A 90 6.74 -3.44 16.40
N ASP A 91 5.62 -3.64 15.71
CA ASP A 91 5.48 -4.76 14.79
C ASP A 91 5.00 -4.29 13.43
N ARG A 92 5.93 -3.83 12.60
CA ARG A 92 5.61 -3.34 11.26
C ARG A 92 4.80 -4.39 10.49
N ASP A 93 5.23 -5.63 10.58
CA ASP A 93 4.55 -6.72 9.88
C ASP A 93 3.05 -6.71 10.17
N GLN A 94 2.71 -6.45 11.43
CA GLN A 94 1.31 -6.41 11.84
C GLN A 94 0.53 -5.42 10.99
N PHE A 95 0.81 -4.14 11.16
CA PHE A 95 0.12 -3.10 10.41
C PHE A 95 -0.08 -3.51 8.95
N ALA A 96 0.99 -4.01 8.33
CA ALA A 96 0.93 -4.45 6.95
C ALA A 96 -0.19 -5.47 6.74
N LYS A 97 -0.35 -6.37 7.70
CA LYS A 97 -1.39 -7.40 7.62
C LYS A 97 -2.77 -6.78 7.80
N LEU A 98 -2.90 -5.88 8.76
CA LEU A 98 -4.17 -5.21 9.02
C LEU A 98 -4.80 -4.72 7.73
N VAL A 99 -3.97 -4.23 6.82
CA VAL A 99 -4.45 -3.73 5.54
C VAL A 99 -4.82 -4.88 4.60
N ARG A 100 -3.82 -5.66 4.21
CA ARG A 100 -4.03 -6.78 3.31
C ARG A 100 -5.20 -7.64 3.78
N GLU A 101 -5.51 -7.57 5.08
CA GLU A 101 -6.60 -8.33 5.65
C GLU A 101 -7.95 -7.72 5.29
N VAL A 102 -8.00 -6.40 5.24
CA VAL A 102 -9.22 -5.68 4.89
C VAL A 102 -9.37 -5.55 3.38
N ALA A 103 -8.24 -5.56 2.67
CA ALA A 103 -8.25 -5.44 1.22
C ALA A 103 -8.47 -6.80 0.56
N ALA A 104 -7.75 -7.81 1.03
CA ALA A 104 -7.87 -9.16 0.49
C ALA A 104 -9.30 -9.45 0.05
N PRO A 105 -10.24 -9.38 1.00
CA PRO A 105 -11.66 -9.63 0.73
C PRO A 105 -12.29 -8.53 -0.11
N ASP A 106 -11.68 -7.35 -0.09
CA ASP A 106 -12.19 -6.21 -0.85
C ASP A 106 -11.89 -6.38 -2.34
N VAL A 107 -10.62 -6.49 -2.67
CA VAL A 107 -10.20 -6.66 -4.05
C VAL A 107 -10.91 -7.84 -4.70
N GLY A 108 -11.38 -8.77 -3.87
CA GLY A 108 -12.08 -9.94 -4.38
C GLY A 108 -13.35 -9.59 -5.12
N ARG A 109 -14.10 -8.63 -4.57
CA ARG A 109 -15.35 -8.21 -5.18
C ARG A 109 -15.13 -7.69 -6.61
N MET A 110 -14.04 -6.96 -6.79
CA MET A 110 -13.69 -6.42 -8.10
C MET A 110 -13.22 -7.52 -9.04
N GLY A 111 -12.36 -8.40 -8.53
CA GLY A 111 -11.85 -9.49 -9.33
C GLY A 111 -10.33 -9.56 -9.30
N ILE A 112 -9.74 -9.03 -8.23
CA ILE A 112 -8.29 -9.05 -8.07
C ILE A 112 -7.88 -9.77 -6.79
N GLU A 113 -6.79 -10.53 -6.86
CA GLU A 113 -6.29 -11.26 -5.71
C GLU A 113 -4.93 -10.74 -5.27
N ILE A 114 -4.74 -10.58 -3.97
CA ILE A 114 -3.48 -10.10 -3.42
C ILE A 114 -2.54 -11.24 -3.09
N LEU A 115 -1.25 -11.03 -3.32
CA LEU A 115 -0.24 -12.04 -3.04
C LEU A 115 0.28 -11.93 -1.61
N SER A 116 0.69 -10.72 -1.23
CA SER A 116 1.22 -10.48 0.10
C SER A 116 1.32 -8.98 0.38
N PHE A 117 1.66 -8.63 1.62
CA PHE A 117 1.78 -7.24 2.01
C PHE A 117 2.91 -7.06 3.03
N THR A 118 3.73 -6.04 2.81
CA THR A 118 4.85 -5.76 3.70
C THR A 118 5.17 -4.27 3.73
N ILE A 119 6.06 -3.87 4.64
CA ILE A 119 6.45 -2.47 4.76
C ILE A 119 7.83 -2.23 4.15
N LYS A 120 7.98 -1.10 3.48
CA LYS A 120 9.25 -0.75 2.85
C LYS A 120 10.06 0.18 3.74
N ASP A 121 9.45 1.28 4.17
CA ASP A 121 10.12 2.24 5.03
C ASP A 121 9.11 3.21 5.65
N VAL A 122 9.26 3.47 6.94
CA VAL A 122 8.37 4.38 7.64
C VAL A 122 9.15 5.44 8.41
N TYR A 123 8.84 6.70 8.14
CA TYR A 123 9.51 7.81 8.81
C TYR A 123 8.52 8.90 9.22
N ASP A 124 9.01 9.90 9.93
CA ASP A 124 8.16 11.00 10.39
C ASP A 124 8.57 12.31 9.72
N LYS A 125 7.57 13.06 9.24
CA LYS A 125 7.82 14.33 8.58
C LYS A 125 8.05 15.44 9.60
N VAL A 126 7.48 15.28 10.78
CA VAL A 126 7.62 16.26 11.85
C VAL A 126 8.93 16.08 12.60
N ASP A 127 9.48 14.87 12.53
CA ASP A 127 10.74 14.57 13.19
C ASP A 127 10.56 14.58 14.72
N TYR A 128 9.60 13.80 15.20
CA TYR A 128 9.33 13.73 16.63
C TYR A 128 10.27 12.73 17.32
N LEU A 129 10.27 11.51 16.81
CA LEU A 129 11.12 10.45 17.37
C LEU A 129 12.58 10.88 17.39
N SER A 130 13.04 11.46 16.29
CA SER A 130 14.43 11.92 16.18
C SER A 130 14.75 12.93 17.30
N SER A 131 13.89 13.91 17.46
CA SER A 131 14.08 14.94 18.49
C SER A 131 14.45 14.29 19.83
N LEU A 132 13.74 13.23 20.19
CA LEU A 132 14.00 12.53 21.44
C LEU A 132 15.42 11.96 21.46
N GLY A 133 15.92 11.60 20.28
CA GLY A 133 17.26 11.04 20.19
C GLY A 133 18.25 12.01 19.59
N LYS A 134 18.38 13.18 20.21
CA LYS A 134 19.30 14.20 19.74
C LYS A 134 20.53 14.28 20.63
N THR A 135 21.65 13.74 20.16
CA THR A 135 22.88 13.75 20.91
C THR A 135 23.99 14.47 20.15
N GLN A 136 24.68 15.38 20.82
CA GLN A 136 25.76 16.14 20.21
C GLN A 136 27.11 15.49 20.50
N THR A 137 27.18 14.75 21.60
CA THR A 137 28.42 14.09 21.99
C THR A 137 28.35 12.59 21.72
N SER A 138 29.11 12.13 20.73
CA SER A 138 29.14 10.72 20.37
C SER A 138 29.62 9.87 21.53
N GLY A 139 30.78 10.24 22.08
CA GLY A 139 31.34 9.49 23.19
C GLY A 139 32.85 9.52 23.20
N PRO A 140 33.46 8.67 24.05
CA PRO A 140 34.91 8.59 24.17
C PRO A 140 35.56 7.96 22.94
N SER A 141 34.75 7.63 21.95
CA SER A 141 35.24 7.02 20.73
C SER A 141 36.24 7.92 20.04
N SER A 142 37.44 7.39 19.79
CA SER A 142 38.50 8.15 19.15
C SER A 142 38.05 8.66 17.79
N GLY A 143 37.61 7.76 16.93
CA GLY A 143 37.15 8.14 15.60
C GLY A 143 36.52 6.98 14.85
N GLY A 1 6.49 4.76 -15.77
CA GLY A 1 6.76 5.02 -17.17
C GLY A 1 6.18 6.34 -17.65
N SER A 2 6.84 6.97 -18.61
CA SER A 2 6.39 8.24 -19.15
C SER A 2 6.30 8.19 -20.67
N SER A 3 7.43 7.87 -21.30
CA SER A 3 7.48 7.79 -22.76
C SER A 3 7.59 6.34 -23.22
N GLY A 4 6.56 5.87 -23.93
CA GLY A 4 6.56 4.51 -24.42
C GLY A 4 5.16 3.95 -24.57
N SER A 5 4.26 4.76 -25.12
CA SER A 5 2.87 4.34 -25.32
C SER A 5 2.80 3.13 -26.23
N SER A 6 2.15 2.07 -25.75
CA SER A 6 2.01 0.84 -26.53
C SER A 6 1.02 -0.10 -25.86
N GLY A 7 0.37 -0.94 -26.68
CA GLY A 7 -0.59 -1.88 -26.15
C GLY A 7 -1.95 -1.25 -25.88
N GLN A 8 -2.98 -1.76 -26.53
CA GLN A 8 -4.33 -1.23 -26.37
C GLN A 8 -5.27 -2.29 -25.81
N ARG A 9 -4.77 -3.07 -24.84
CA ARG A 9 -5.56 -4.13 -24.23
C ARG A 9 -4.89 -4.63 -22.95
N ILE A 10 -5.68 -5.23 -22.06
CA ILE A 10 -5.16 -5.76 -20.81
C ILE A 10 -4.18 -6.90 -21.06
N SER A 11 -3.22 -7.06 -20.16
CA SER A 11 -2.23 -8.11 -20.28
C SER A 11 -2.10 -8.88 -18.97
N LEU A 12 -2.58 -10.12 -18.98
CA LEU A 12 -2.52 -10.97 -17.79
C LEU A 12 -1.08 -11.14 -17.31
N GLU A 13 -0.79 -10.57 -16.15
CA GLU A 13 0.56 -10.65 -15.58
C GLU A 13 0.59 -10.03 -14.19
N ILE A 14 1.46 -10.56 -13.33
CA ILE A 14 1.59 -10.06 -11.97
C ILE A 14 2.03 -8.60 -11.96
N MET A 15 1.47 -7.82 -11.04
CA MET A 15 1.80 -6.40 -10.93
C MET A 15 2.32 -6.08 -9.52
N THR A 16 3.34 -5.23 -9.46
CA THR A 16 3.92 -4.83 -8.19
C THR A 16 3.41 -3.47 -7.75
N LEU A 17 2.51 -3.47 -6.76
CA LEU A 17 1.95 -2.23 -6.24
C LEU A 17 2.44 -1.95 -4.82
N GLN A 18 3.11 -0.82 -4.65
CA GLN A 18 3.64 -0.43 -3.34
C GLN A 18 2.76 0.63 -2.70
N PRO A 19 1.85 0.18 -1.81
CA PRO A 19 0.94 1.09 -1.10
C PRO A 19 1.65 1.96 -0.08
N ARG A 20 1.79 3.25 -0.41
CA ARG A 20 2.45 4.19 0.48
C ARG A 20 1.48 5.28 0.93
N CYS A 21 1.81 5.91 2.07
CA CYS A 21 0.96 6.97 2.61
C CYS A 21 1.81 8.06 3.26
N GLU A 22 1.49 9.31 2.97
CA GLU A 22 2.23 10.44 3.52
C GLU A 22 1.27 11.46 4.14
N ASP A 23 1.70 12.06 5.24
CA ASP A 23 0.88 13.06 5.93
C ASP A 23 -0.38 12.43 6.51
N VAL A 24 -0.19 11.35 7.27
CA VAL A 24 -1.31 10.64 7.89
C VAL A 24 -1.16 10.61 9.40
N GLU A 25 -1.89 11.50 10.08
CA GLU A 25 -1.84 11.57 11.54
C GLU A 25 -2.23 10.23 12.16
N THR A 26 -1.44 9.77 13.12
CA THR A 26 -1.69 8.51 13.79
C THR A 26 -2.90 8.62 14.72
N ALA A 27 -3.17 7.54 15.45
CA ALA A 27 -4.29 7.52 16.38
C ALA A 27 -4.15 8.60 17.44
N GLU A 28 -2.93 8.83 17.89
CA GLU A 28 -2.66 9.85 18.91
C GLU A 28 -2.69 11.24 18.30
N GLY A 29 -2.10 11.38 17.11
CA GLY A 29 -2.07 12.67 16.45
C GLY A 29 -0.69 13.02 15.93
N VAL A 30 -0.12 12.13 15.12
CA VAL A 30 1.21 12.36 14.56
C VAL A 30 1.29 11.82 13.13
N ALA A 31 1.58 12.72 12.19
CA ALA A 31 1.69 12.34 10.78
C ALA A 31 2.94 11.51 10.53
N LEU A 32 2.75 10.33 9.96
CA LEU A 32 3.87 9.44 9.67
C LEU A 32 3.87 9.02 8.21
N THR A 33 5.00 8.53 7.72
CA THR A 33 5.13 8.09 6.34
C THR A 33 5.52 6.62 6.26
N VAL A 34 4.73 5.84 5.52
CA VAL A 34 4.98 4.42 5.36
C VAL A 34 4.95 4.02 3.90
N THR A 35 6.10 3.63 3.36
CA THR A 35 6.20 3.22 1.97
C THR A 35 5.25 2.07 1.66
N GLY A 36 5.42 0.95 2.39
CA GLY A 36 4.58 -0.20 2.18
C GLY A 36 4.81 -0.86 0.85
N VAL A 37 4.93 -2.19 0.86
CA VAL A 37 5.18 -2.96 -0.36
C VAL A 37 4.35 -4.23 -0.38
N ALA A 38 3.50 -4.36 -1.39
CA ALA A 38 2.64 -5.54 -1.53
C ALA A 38 2.54 -5.97 -2.99
N GLN A 39 2.73 -7.27 -3.23
CA GLN A 39 2.65 -7.81 -4.59
C GLN A 39 1.21 -8.19 -4.94
N VAL A 40 0.84 -7.94 -6.19
CA VAL A 40 -0.51 -8.28 -6.65
C VAL A 40 -0.48 -8.88 -8.06
N LYS A 41 -1.59 -9.49 -8.45
CA LYS A 41 -1.69 -10.11 -9.76
C LYS A 41 -3.14 -10.22 -10.20
N ILE A 42 -3.40 -9.94 -11.48
CA ILE A 42 -4.75 -10.01 -12.03
C ILE A 42 -5.29 -11.44 -11.97
N MET A 43 -6.50 -11.58 -11.43
CA MET A 43 -7.14 -12.89 -11.32
C MET A 43 -7.68 -13.34 -12.67
N THR A 44 -8.10 -14.61 -12.74
CA THR A 44 -8.63 -15.17 -13.97
C THR A 44 -10.14 -15.40 -13.86
N GLU A 45 -10.60 -15.73 -12.66
CA GLU A 45 -12.02 -15.98 -12.42
C GLU A 45 -12.60 -16.89 -13.50
N LYS A 46 -11.93 -18.01 -13.73
CA LYS A 46 -12.37 -18.98 -14.73
C LYS A 46 -13.90 -18.96 -14.86
N GLU A 47 -14.58 -18.82 -13.73
CA GLU A 47 -16.04 -18.79 -13.71
C GLU A 47 -16.57 -17.53 -14.39
N LEU A 48 -16.23 -16.38 -13.82
CA LEU A 48 -16.68 -15.11 -14.37
C LEU A 48 -15.62 -14.03 -14.15
N LEU A 49 -14.94 -13.64 -15.22
CA LEU A 49 -13.91 -12.60 -15.14
C LEU A 49 -14.44 -11.26 -15.63
N ALA A 50 -15.53 -11.30 -16.39
CA ALA A 50 -16.14 -10.08 -16.92
C ALA A 50 -16.25 -9.02 -15.84
N VAL A 51 -16.37 -9.45 -14.58
CA VAL A 51 -16.48 -8.54 -13.46
C VAL A 51 -15.40 -7.47 -13.51
N ALA A 52 -14.24 -7.84 -14.04
CA ALA A 52 -13.11 -6.92 -14.15
C ALA A 52 -12.82 -6.58 -15.60
N CYS A 53 -13.01 -7.55 -16.49
CA CYS A 53 -12.77 -7.35 -17.91
C CYS A 53 -13.27 -5.98 -18.36
N GLU A 54 -14.60 -5.82 -18.37
CA GLU A 54 -15.20 -4.56 -18.78
C GLU A 54 -14.79 -3.43 -17.85
N GLN A 55 -14.78 -3.71 -16.55
CA GLN A 55 -14.41 -2.70 -15.56
C GLN A 55 -13.10 -2.02 -15.94
N PHE A 56 -12.16 -2.81 -16.44
CA PHE A 56 -10.86 -2.28 -16.84
C PHE A 56 -10.90 -1.76 -18.28
N LEU A 57 -11.46 -2.57 -19.18
CA LEU A 57 -11.58 -2.21 -20.58
C LEU A 57 -11.91 -0.72 -20.74
N GLY A 58 -12.81 -0.23 -19.88
CA GLY A 58 -13.19 1.17 -19.94
C GLY A 58 -11.99 2.10 -19.85
N LYS A 59 -11.06 1.77 -18.97
CA LYS A 59 -9.86 2.59 -18.79
C LYS A 59 -8.64 1.90 -19.38
N ASN A 60 -7.52 2.62 -19.43
CA ASN A 60 -6.28 2.07 -19.97
C ASN A 60 -5.50 1.33 -18.88
N VAL A 61 -4.62 0.44 -19.30
CA VAL A 61 -3.81 -0.34 -18.37
C VAL A 61 -3.26 0.54 -17.26
N GLN A 62 -2.98 1.80 -17.58
CA GLN A 62 -2.45 2.75 -16.60
C GLN A 62 -3.43 2.94 -15.45
N ASP A 63 -4.63 3.44 -15.78
CA ASP A 63 -5.66 3.67 -14.77
C ASP A 63 -5.67 2.56 -13.73
N ILE A 64 -5.83 1.32 -14.21
CA ILE A 64 -5.85 0.16 -13.33
C ILE A 64 -4.79 0.28 -12.23
N LYS A 65 -3.53 0.22 -12.63
CA LYS A 65 -2.42 0.32 -11.69
C LYS A 65 -2.75 1.31 -10.57
N ASN A 66 -3.36 2.43 -10.94
CA ASN A 66 -3.73 3.46 -9.97
C ASN A 66 -4.97 3.04 -9.18
N VAL A 67 -5.92 2.42 -9.87
CA VAL A 67 -7.15 1.96 -9.24
C VAL A 67 -6.87 0.96 -8.14
N VAL A 68 -6.21 -0.14 -8.50
CA VAL A 68 -5.88 -1.18 -7.54
C VAL A 68 -5.05 -0.63 -6.39
N LEU A 69 -4.14 0.28 -6.71
CA LEU A 69 -3.28 0.89 -5.70
C LEU A 69 -4.11 1.65 -4.67
N GLN A 70 -5.04 2.48 -5.15
CA GLN A 70 -5.89 3.26 -4.27
C GLN A 70 -6.64 2.36 -3.30
N THR A 71 -6.97 1.15 -3.75
CA THR A 71 -7.69 0.19 -2.92
C THR A 71 -6.89 -0.15 -1.67
N LEU A 72 -5.73 -0.77 -1.87
CA LEU A 72 -4.86 -1.16 -0.76
C LEU A 72 -4.40 0.06 0.03
N GLU A 73 -4.05 1.12 -0.69
CA GLU A 73 -3.60 2.36 -0.06
C GLU A 73 -4.65 2.91 0.90
N GLY A 74 -5.81 3.25 0.36
CA GLY A 74 -6.89 3.78 1.18
C GLY A 74 -7.02 3.05 2.50
N HIS A 75 -7.06 1.72 2.44
CA HIS A 75 -7.19 0.91 3.64
C HIS A 75 -6.03 1.16 4.60
N LEU A 76 -4.82 1.22 4.04
CA LEU A 76 -3.62 1.45 4.85
C LEU A 76 -3.82 2.64 5.78
N ARG A 77 -4.20 3.77 5.22
CA ARG A 77 -4.43 4.99 6.01
C ARG A 77 -5.27 4.67 7.25
N SER A 78 -6.48 4.17 7.02
CA SER A 78 -7.38 3.84 8.12
C SER A 78 -6.70 2.91 9.12
N ILE A 79 -6.19 1.79 8.62
CA ILE A 79 -5.50 0.82 9.47
C ILE A 79 -4.41 1.49 10.30
N LEU A 80 -3.78 2.50 9.72
CA LEU A 80 -2.71 3.22 10.40
C LEU A 80 -3.26 4.15 11.47
N GLY A 81 -4.36 4.83 11.14
CA GLY A 81 -4.98 5.73 12.09
C GLY A 81 -5.33 5.06 13.41
N THR A 82 -6.14 4.01 13.33
CA THR A 82 -6.54 3.27 14.52
C THR A 82 -5.34 2.84 15.34
N LEU A 83 -4.20 2.68 14.67
CA LEU A 83 -2.97 2.26 15.34
C LEU A 83 -2.09 3.46 15.65
N THR A 84 -1.41 3.41 16.79
CA THR A 84 -0.54 4.50 17.21
C THR A 84 0.89 4.27 16.71
N VAL A 85 1.63 5.37 16.54
CA VAL A 85 3.01 5.29 16.07
C VAL A 85 3.75 4.12 16.72
N GLU A 86 3.56 3.96 18.03
CA GLU A 86 4.21 2.89 18.77
C GLU A 86 3.85 1.53 18.17
N GLN A 87 2.54 1.24 18.12
CA GLN A 87 2.06 -0.03 17.58
C GLN A 87 2.65 -0.29 16.20
N ILE A 88 2.65 0.74 15.37
CA ILE A 88 3.18 0.64 14.01
C ILE A 88 4.58 0.02 14.02
N TYR A 89 5.52 0.70 14.66
CA TYR A 89 6.89 0.21 14.74
C TYR A 89 6.96 -1.13 15.45
N GLN A 90 6.32 -1.20 16.62
CA GLN A 90 6.31 -2.44 17.40
C GLN A 90 6.25 -3.66 16.48
N ASP A 91 5.14 -3.81 15.77
CA ASP A 91 4.97 -4.93 14.86
C ASP A 91 4.60 -4.45 13.46
N ARG A 92 5.56 -4.52 12.54
CA ARG A 92 5.34 -4.08 11.17
C ARG A 92 4.58 -5.15 10.38
N ASP A 93 5.05 -6.39 10.45
CA ASP A 93 4.42 -7.50 9.75
C ASP A 93 2.91 -7.47 9.95
N GLN A 94 2.48 -7.38 11.20
CA GLN A 94 1.06 -7.35 11.52
C GLN A 94 0.38 -6.16 10.86
N PHE A 95 0.89 -4.96 11.14
CA PHE A 95 0.33 -3.74 10.57
C PHE A 95 -0.06 -3.95 9.10
N ALA A 96 0.84 -4.56 8.34
CA ALA A 96 0.60 -4.82 6.92
C ALA A 96 -0.49 -5.88 6.74
N LYS A 97 -0.50 -6.86 7.64
CA LYS A 97 -1.48 -7.93 7.57
C LYS A 97 -2.90 -7.38 7.72
N LEU A 98 -3.10 -6.51 8.70
CA LEU A 98 -4.41 -5.91 8.94
C LEU A 98 -4.95 -5.25 7.67
N VAL A 99 -4.04 -4.88 6.78
CA VAL A 99 -4.42 -4.26 5.52
C VAL A 99 -4.82 -5.29 4.47
N ARG A 100 -3.86 -6.14 4.09
CA ARG A 100 -4.11 -7.17 3.11
C ARG A 100 -5.33 -8.01 3.49
N GLU A 101 -5.58 -8.10 4.78
CA GLU A 101 -6.73 -8.87 5.28
C GLU A 101 -8.04 -8.16 4.96
N VAL A 102 -8.11 -6.88 5.32
CA VAL A 102 -9.31 -6.09 5.08
C VAL A 102 -9.50 -5.82 3.58
N ALA A 103 -8.40 -5.83 2.85
CA ALA A 103 -8.44 -5.58 1.41
C ALA A 103 -8.73 -6.87 0.64
N ALA A 104 -8.08 -7.95 1.05
CA ALA A 104 -8.27 -9.24 0.40
C ALA A 104 -9.70 -9.39 -0.10
N PRO A 105 -10.66 -9.34 0.82
CA PRO A 105 -12.09 -9.48 0.49
C PRO A 105 -12.63 -8.27 -0.27
N ASP A 106 -11.96 -7.13 -0.12
CA ASP A 106 -12.36 -5.91 -0.80
C ASP A 106 -12.03 -5.99 -2.30
N VAL A 107 -10.75 -6.17 -2.61
CA VAL A 107 -10.31 -6.26 -3.99
C VAL A 107 -11.21 -7.19 -4.80
N GLY A 108 -11.54 -8.34 -4.21
CA GLY A 108 -12.38 -9.31 -4.88
C GLY A 108 -13.50 -8.64 -5.67
N ARG A 109 -13.96 -7.49 -5.19
CA ARG A 109 -15.03 -6.76 -5.84
C ARG A 109 -14.66 -6.43 -7.29
N MET A 110 -13.54 -5.73 -7.46
CA MET A 110 -13.07 -5.37 -8.79
C MET A 110 -12.60 -6.59 -9.57
N GLY A 111 -12.03 -7.56 -8.84
CA GLY A 111 -11.54 -8.76 -9.48
C GLY A 111 -10.03 -8.90 -9.37
N ILE A 112 -9.48 -8.47 -8.24
CA ILE A 112 -8.05 -8.56 -8.00
C ILE A 112 -7.74 -9.36 -6.74
N GLU A 113 -6.70 -10.19 -6.81
CA GLU A 113 -6.30 -11.02 -5.69
C GLU A 113 -4.93 -10.60 -5.16
N ILE A 114 -4.83 -10.43 -3.85
CA ILE A 114 -3.58 -10.03 -3.21
C ILE A 114 -2.65 -11.23 -3.04
N LEU A 115 -1.36 -10.99 -3.25
CA LEU A 115 -0.35 -12.05 -3.11
C LEU A 115 0.36 -11.95 -1.76
N SER A 116 0.74 -10.74 -1.39
CA SER A 116 1.44 -10.51 -0.13
C SER A 116 1.52 -9.02 0.18
N PHE A 117 1.55 -8.69 1.47
CA PHE A 117 1.62 -7.30 1.91
C PHE A 117 2.68 -7.14 3.00
N THR A 118 3.83 -6.58 2.61
CA THR A 118 4.92 -6.37 3.55
C THR A 118 5.31 -4.90 3.61
N ILE A 119 6.09 -4.54 4.63
CA ILE A 119 6.53 -3.16 4.80
C ILE A 119 7.93 -2.95 4.22
N LYS A 120 8.19 -1.74 3.73
CA LYS A 120 9.49 -1.41 3.15
C LYS A 120 10.25 -0.44 4.04
N ASP A 121 9.82 0.82 4.04
CA ASP A 121 10.46 1.84 4.85
C ASP A 121 9.43 2.76 5.48
N VAL A 122 9.79 3.39 6.59
CA VAL A 122 8.89 4.29 7.30
C VAL A 122 9.66 5.44 7.95
N TYR A 123 9.26 6.66 7.64
CA TYR A 123 9.90 7.85 8.18
C TYR A 123 8.87 8.86 8.69
N ASP A 124 9.35 9.92 9.33
CA ASP A 124 8.47 10.96 9.85
C ASP A 124 8.55 12.22 9.00
N LYS A 125 7.41 12.63 8.46
CA LYS A 125 7.35 13.83 7.62
C LYS A 125 7.26 15.09 8.48
N VAL A 126 6.62 14.95 9.64
CA VAL A 126 6.47 16.08 10.56
C VAL A 126 7.67 16.21 11.48
N ASP A 127 8.27 15.08 11.81
CA ASP A 127 9.44 15.06 12.69
C ASP A 127 9.06 15.48 14.11
N TYR A 128 7.99 14.88 14.64
CA TYR A 128 7.52 15.19 15.98
C TYR A 128 8.36 14.47 17.03
N LEU A 129 8.37 13.14 16.95
CA LEU A 129 9.13 12.32 17.90
C LEU A 129 10.63 12.53 17.70
N SER A 130 11.06 12.57 16.45
CA SER A 130 12.48 12.76 16.13
C SER A 130 12.98 14.09 16.67
N SER A 131 12.11 15.09 16.65
CA SER A 131 12.46 16.43 17.13
C SER A 131 13.05 16.36 18.55
N LEU A 132 12.38 15.61 19.42
CA LEU A 132 12.84 15.46 20.80
C LEU A 132 14.29 15.01 20.84
N GLY A 133 14.68 14.21 19.85
CA GLY A 133 16.05 13.72 19.81
C GLY A 133 16.28 12.56 20.75
N LYS A 134 15.47 11.52 20.61
CA LYS A 134 15.59 10.34 21.46
C LYS A 134 17.04 9.87 21.55
N THR A 135 17.50 9.61 22.76
CA THR A 135 18.87 9.16 22.98
C THR A 135 18.91 7.95 23.91
N GLN A 136 18.98 6.76 23.32
CA GLN A 136 19.03 5.53 24.10
C GLN A 136 20.47 5.09 24.35
N THR A 137 21.37 5.52 23.47
CA THR A 137 22.78 5.17 23.59
C THR A 137 23.59 6.36 24.05
N SER A 138 23.49 7.47 23.31
CA SER A 138 24.23 8.68 23.64
C SER A 138 24.30 8.88 25.16
N GLY A 139 23.16 8.75 25.82
CA GLY A 139 23.11 8.92 27.26
C GLY A 139 22.39 10.18 27.68
N PRO A 140 22.36 10.45 28.98
CA PRO A 140 21.71 11.64 29.53
C PRO A 140 22.46 12.92 29.20
N SER A 141 23.68 12.77 28.67
CA SER A 141 24.50 13.92 28.30
C SER A 141 24.20 14.37 26.88
N SER A 142 24.50 15.63 26.59
CA SER A 142 24.27 16.19 25.26
C SER A 142 25.45 17.04 24.81
N GLY A 143 25.98 16.74 23.63
CA GLY A 143 27.10 17.49 23.11
C GLY A 143 27.07 17.61 21.60
N GLY A 1 10.83 8.25 -21.06
CA GLY A 1 11.99 7.59 -21.64
C GLY A 1 12.03 6.11 -21.31
N SER A 2 11.10 5.34 -21.88
CA SER A 2 11.04 3.91 -21.64
C SER A 2 10.85 3.15 -22.95
N SER A 3 11.52 2.03 -23.08
CA SER A 3 11.42 1.20 -24.28
C SER A 3 10.33 0.15 -24.14
N GLY A 4 9.34 0.20 -25.03
CA GLY A 4 8.25 -0.75 -24.99
C GLY A 4 6.99 -0.22 -25.64
N SER A 5 6.36 -1.06 -26.46
CA SER A 5 5.15 -0.67 -27.16
C SER A 5 3.92 -1.35 -26.54
N SER A 6 3.03 -0.56 -25.97
CA SER A 6 1.82 -1.09 -25.35
C SER A 6 0.61 -0.88 -26.26
N GLY A 7 -0.10 -1.96 -26.53
CA GLY A 7 -1.28 -1.88 -27.39
C GLY A 7 -2.57 -1.81 -26.59
N GLN A 8 -3.69 -2.06 -27.26
CA GLN A 8 -4.99 -2.02 -26.61
C GLN A 8 -5.46 -3.42 -26.23
N ARG A 9 -4.53 -4.22 -25.71
CA ARG A 9 -4.84 -5.58 -25.30
C ARG A 9 -4.29 -5.87 -23.91
N ILE A 10 -5.17 -6.30 -23.01
CA ILE A 10 -4.76 -6.62 -21.64
C ILE A 10 -3.76 -7.77 -21.62
N SER A 11 -2.90 -7.77 -20.61
CA SER A 11 -1.88 -8.81 -20.47
C SER A 11 -1.88 -9.38 -19.06
N LEU A 12 -1.85 -10.70 -18.96
CA LEU A 12 -1.84 -11.37 -17.66
C LEU A 12 -0.43 -11.42 -17.08
N GLU A 13 -0.20 -10.65 -16.03
CA GLU A 13 1.10 -10.60 -15.38
C GLU A 13 1.00 -9.99 -13.98
N ILE A 14 1.94 -10.34 -13.12
CA ILE A 14 1.96 -9.84 -11.75
C ILE A 14 2.47 -8.39 -11.71
N MET A 15 1.66 -7.51 -11.14
CA MET A 15 2.03 -6.11 -11.03
C MET A 15 2.44 -5.76 -9.61
N THR A 16 3.55 -5.04 -9.47
CA THR A 16 4.06 -4.65 -8.16
C THR A 16 3.52 -3.29 -7.75
N LEU A 17 2.55 -3.29 -6.84
CA LEU A 17 1.95 -2.05 -6.37
C LEU A 17 2.41 -1.73 -4.95
N GLN A 18 2.98 -0.55 -4.76
CA GLN A 18 3.45 -0.13 -3.45
C GLN A 18 2.47 0.85 -2.80
N PRO A 19 1.61 0.33 -1.92
CA PRO A 19 0.62 1.13 -1.22
C PRO A 19 1.25 2.07 -0.19
N ARG A 20 1.68 3.24 -0.65
CA ARG A 20 2.30 4.22 0.23
C ARG A 20 1.32 5.33 0.59
N CYS A 21 1.36 5.77 1.84
CA CYS A 21 0.47 6.82 2.32
C CYS A 21 1.25 7.87 3.13
N GLU A 22 1.37 9.06 2.57
CA GLU A 22 2.09 10.14 3.24
C GLU A 22 1.11 11.16 3.83
N ASP A 23 1.53 11.79 4.93
CA ASP A 23 0.68 12.77 5.60
C ASP A 23 -0.57 12.13 6.16
N VAL A 24 -0.39 11.10 6.98
CA VAL A 24 -1.51 10.39 7.58
C VAL A 24 -1.41 10.39 9.10
N GLU A 25 -2.03 11.39 9.73
CA GLU A 25 -2.00 11.51 11.18
C GLU A 25 -2.41 10.20 11.84
N THR A 26 -1.56 9.72 12.76
CA THR A 26 -1.83 8.47 13.46
C THR A 26 -2.97 8.63 14.46
N ALA A 27 -3.24 7.58 15.23
CA ALA A 27 -4.30 7.61 16.22
C ALA A 27 -4.21 8.86 17.08
N GLU A 28 -3.03 9.13 17.61
CA GLU A 28 -2.81 10.29 18.45
C GLU A 28 -2.89 11.58 17.64
N GLY A 29 -2.36 11.53 16.42
CA GLY A 29 -2.38 12.70 15.56
C GLY A 29 -0.99 13.12 15.12
N VAL A 30 -0.23 12.17 14.59
CA VAL A 30 1.13 12.44 14.13
C VAL A 30 1.37 11.87 12.74
N ALA A 31 1.10 12.68 11.72
CA ALA A 31 1.30 12.26 10.34
C ALA A 31 2.48 11.31 10.21
N LEU A 32 2.22 10.11 9.73
CA LEU A 32 3.28 9.10 9.56
C LEU A 32 3.44 8.74 8.09
N THR A 33 4.69 8.57 7.66
CA THR A 33 4.98 8.22 6.28
C THR A 33 5.30 6.74 6.15
N VAL A 34 4.44 6.01 5.45
CA VAL A 34 4.64 4.58 5.25
C VAL A 34 4.65 4.22 3.77
N THR A 35 5.78 3.71 3.30
CA THR A 35 5.92 3.32 1.90
C THR A 35 5.07 2.09 1.57
N GLY A 36 5.33 0.99 2.26
CA GLY A 36 4.59 -0.23 2.03
C GLY A 36 4.89 -0.85 0.68
N VAL A 37 5.01 -2.18 0.66
CA VAL A 37 5.30 -2.89 -0.58
C VAL A 37 4.55 -4.21 -0.64
N ALA A 38 3.70 -4.37 -1.65
CA ALA A 38 2.91 -5.59 -1.81
C ALA A 38 2.84 -5.99 -3.28
N GLN A 39 2.61 -7.27 -3.53
CA GLN A 39 2.51 -7.79 -4.89
C GLN A 39 1.06 -8.13 -5.25
N VAL A 40 0.64 -7.72 -6.44
CA VAL A 40 -0.72 -7.98 -6.89
C VAL A 40 -0.73 -8.49 -8.32
N LYS A 41 -1.71 -9.32 -8.65
CA LYS A 41 -1.83 -9.88 -9.99
C LYS A 41 -3.30 -10.01 -10.39
N ILE A 42 -3.57 -9.88 -11.69
CA ILE A 42 -4.93 -9.99 -12.20
C ILE A 42 -5.43 -11.43 -12.13
N MET A 43 -6.57 -11.61 -11.48
CA MET A 43 -7.17 -12.94 -11.33
C MET A 43 -7.24 -13.64 -12.68
N THR A 44 -7.70 -14.89 -12.67
CA THR A 44 -7.82 -15.68 -13.89
C THR A 44 -9.27 -15.77 -14.36
N GLU A 45 -9.47 -16.20 -15.59
CA GLU A 45 -10.80 -16.33 -16.15
C GLU A 45 -11.18 -17.80 -16.33
N LYS A 46 -12.18 -18.24 -15.56
CA LYS A 46 -12.64 -19.61 -15.63
C LYS A 46 -13.89 -19.73 -16.50
N GLU A 47 -14.84 -18.81 -16.31
CA GLU A 47 -16.07 -18.81 -17.08
C GLU A 47 -16.31 -17.45 -17.71
N LEU A 48 -16.69 -16.47 -16.89
CA LEU A 48 -16.96 -15.12 -17.38
C LEU A 48 -16.18 -14.09 -16.56
N LEU A 49 -15.16 -13.50 -17.19
CA LEU A 49 -14.34 -12.50 -16.52
C LEU A 49 -14.79 -11.10 -16.91
N ALA A 50 -16.10 -10.86 -16.86
CA ALA A 50 -16.65 -9.56 -17.20
C ALA A 50 -16.67 -8.63 -15.99
N VAL A 51 -16.12 -9.12 -14.87
CA VAL A 51 -16.08 -8.33 -13.64
C VAL A 51 -14.85 -7.43 -13.61
N ALA A 52 -13.75 -7.93 -14.16
CA ALA A 52 -12.50 -7.16 -14.20
C ALA A 52 -12.24 -6.63 -15.60
N CYS A 53 -13.01 -7.11 -16.57
CA CYS A 53 -12.85 -6.67 -17.95
C CYS A 53 -13.48 -5.30 -18.18
N GLU A 54 -14.81 -5.26 -18.11
CA GLU A 54 -15.54 -4.02 -18.30
C GLU A 54 -15.06 -2.94 -17.34
N GLN A 55 -14.49 -3.37 -16.21
CA GLN A 55 -13.99 -2.44 -15.21
C GLN A 55 -12.67 -1.83 -15.66
N PHE A 56 -11.94 -2.54 -16.52
CA PHE A 56 -10.66 -2.06 -17.03
C PHE A 56 -10.75 -1.72 -18.51
N LEU A 57 -11.07 -2.72 -19.32
CA LEU A 57 -11.19 -2.53 -20.77
C LEU A 57 -11.74 -1.15 -21.08
N GLY A 58 -11.21 -0.53 -22.13
CA GLY A 58 -11.66 0.79 -22.53
C GLY A 58 -10.76 1.90 -22.02
N LYS A 59 -10.01 1.60 -20.96
CA LYS A 59 -9.10 2.58 -20.37
C LYS A 59 -7.64 2.17 -20.60
N ASN A 60 -6.73 2.94 -20.04
CA ASN A 60 -5.30 2.65 -20.18
C ASN A 60 -4.80 1.76 -19.05
N VAL A 61 -3.53 1.38 -19.12
CA VAL A 61 -2.94 0.52 -18.10
C VAL A 61 -2.75 1.29 -16.79
N GLN A 62 -2.45 2.57 -16.90
CA GLN A 62 -2.24 3.40 -15.72
C GLN A 62 -3.45 3.32 -14.77
N ASP A 63 -4.64 3.30 -15.35
CA ASP A 63 -5.86 3.21 -14.56
C ASP A 63 -5.85 1.98 -13.67
N ILE A 64 -5.78 0.81 -14.30
CA ILE A 64 -5.77 -0.45 -13.56
C ILE A 64 -4.91 -0.34 -12.30
N LYS A 65 -3.61 -0.07 -12.49
CA LYS A 65 -2.69 0.06 -11.37
C LYS A 65 -3.27 0.95 -10.29
N ASN A 66 -3.85 2.08 -10.69
CA ASN A 66 -4.45 3.02 -9.75
C ASN A 66 -5.62 2.37 -9.01
N VAL A 67 -6.65 1.96 -9.75
CA VAL A 67 -7.81 1.33 -9.16
C VAL A 67 -7.41 0.35 -8.06
N VAL A 68 -6.47 -0.53 -8.38
CA VAL A 68 -6.00 -1.52 -7.42
C VAL A 68 -5.27 -0.85 -6.25
N LEU A 69 -4.24 -0.09 -6.57
CA LEU A 69 -3.46 0.61 -5.56
C LEU A 69 -4.37 1.30 -4.55
N GLN A 70 -5.51 1.80 -5.03
CA GLN A 70 -6.47 2.48 -4.17
C GLN A 70 -6.92 1.56 -3.03
N THR A 71 -7.61 0.48 -3.40
CA THR A 71 -8.11 -0.48 -2.42
C THR A 71 -7.12 -0.65 -1.27
N LEU A 72 -5.92 -1.13 -1.60
CA LEU A 72 -4.88 -1.34 -0.60
C LEU A 72 -4.53 -0.03 0.12
N GLU A 73 -4.38 1.03 -0.65
CA GLU A 73 -4.05 2.34 -0.10
C GLU A 73 -5.10 2.78 0.91
N GLY A 74 -6.30 3.10 0.42
CA GLY A 74 -7.37 3.53 1.29
C GLY A 74 -7.38 2.79 2.62
N HIS A 75 -7.33 1.46 2.55
CA HIS A 75 -7.33 0.64 3.75
C HIS A 75 -6.13 0.95 4.63
N LEU A 76 -4.98 1.21 4.00
CA LEU A 76 -3.77 1.53 4.71
C LEU A 76 -3.96 2.74 5.63
N ARG A 77 -4.49 3.82 5.06
CA ARG A 77 -4.74 5.04 5.81
C ARG A 77 -5.68 4.78 6.99
N SER A 78 -6.74 4.02 6.73
CA SER A 78 -7.72 3.68 7.76
C SER A 78 -7.09 2.81 8.84
N ILE A 79 -6.25 1.88 8.42
CA ILE A 79 -5.58 0.97 9.34
C ILE A 79 -4.49 1.69 10.13
N LEU A 80 -3.90 2.70 9.51
CA LEU A 80 -2.84 3.47 10.14
C LEU A 80 -3.41 4.44 11.18
N GLY A 81 -4.29 5.33 10.73
CA GLY A 81 -4.89 6.29 11.63
C GLY A 81 -5.33 5.66 12.94
N THR A 82 -6.12 4.59 12.85
CA THR A 82 -6.61 3.90 14.03
C THR A 82 -5.46 3.36 14.87
N LEU A 83 -4.37 3.00 14.21
CA LEU A 83 -3.19 2.48 14.91
C LEU A 83 -2.34 3.61 15.47
N THR A 84 -1.51 3.28 16.46
CA THR A 84 -0.64 4.27 17.08
C THR A 84 0.76 4.23 16.47
N VAL A 85 1.29 5.41 16.15
CA VAL A 85 2.62 5.51 15.57
C VAL A 85 3.59 4.54 16.24
N GLU A 86 3.61 4.57 17.57
CA GLU A 86 4.49 3.69 18.33
C GLU A 86 4.33 2.23 17.88
N GLN A 87 3.12 1.72 18.01
CA GLN A 87 2.83 0.34 17.63
C GLN A 87 3.48 0.01 16.28
N ILE A 88 3.18 0.81 15.27
CA ILE A 88 3.74 0.59 13.93
C ILE A 88 5.21 0.21 14.01
N TYR A 89 6.03 1.11 14.53
CA TYR A 89 7.46 0.87 14.65
C TYR A 89 7.72 -0.45 15.37
N GLN A 90 6.99 -0.69 16.45
CA GLN A 90 7.15 -1.91 17.23
C GLN A 90 6.95 -3.15 16.34
N ASP A 91 5.72 -3.35 15.89
CA ASP A 91 5.39 -4.49 15.04
C ASP A 91 4.89 -4.02 13.67
N ARG A 92 5.70 -4.25 12.64
CA ARG A 92 5.34 -3.86 11.29
C ARG A 92 4.45 -4.90 10.63
N ASP A 93 4.93 -6.13 10.57
CA ASP A 93 4.16 -7.23 9.98
C ASP A 93 2.68 -7.09 10.29
N GLN A 94 2.36 -6.95 11.57
CA GLN A 94 0.98 -6.82 12.00
C GLN A 94 0.27 -5.71 11.22
N PHE A 95 0.83 -4.50 11.25
CA PHE A 95 0.25 -3.37 10.54
C PHE A 95 0.05 -3.69 9.07
N ALA A 96 1.06 -4.32 8.47
CA ALA A 96 0.99 -4.69 7.05
C ALA A 96 -0.04 -5.79 6.82
N LYS A 97 -0.41 -6.49 7.88
CA LYS A 97 -1.39 -7.56 7.79
C LYS A 97 -2.81 -7.01 7.88
N LEU A 98 -3.06 -6.17 8.88
CA LEU A 98 -4.38 -5.58 9.07
C LEU A 98 -4.85 -4.90 7.78
N VAL A 99 -3.91 -4.62 6.89
CA VAL A 99 -4.24 -3.98 5.62
C VAL A 99 -4.49 -5.01 4.53
N ARG A 100 -3.57 -5.96 4.39
CA ARG A 100 -3.68 -7.01 3.39
C ARG A 100 -4.85 -7.93 3.71
N GLU A 101 -5.29 -7.92 4.95
CA GLU A 101 -6.41 -8.76 5.39
C GLU A 101 -7.74 -8.09 5.09
N VAL A 102 -7.79 -6.77 5.30
CA VAL A 102 -9.01 -6.01 5.05
C VAL A 102 -9.22 -5.78 3.56
N ALA A 103 -8.13 -5.51 2.85
CA ALA A 103 -8.20 -5.27 1.42
C ALA A 103 -8.44 -6.56 0.65
N ALA A 104 -7.89 -7.66 1.17
CA ALA A 104 -8.04 -8.96 0.54
C ALA A 104 -9.48 -9.20 0.11
N PRO A 105 -10.40 -9.20 1.09
CA PRO A 105 -11.82 -9.42 0.84
C PRO A 105 -12.47 -8.24 0.09
N ASP A 106 -11.67 -7.21 -0.18
CA ASP A 106 -12.16 -6.04 -0.88
C ASP A 106 -11.86 -6.13 -2.38
N VAL A 107 -10.58 -6.28 -2.71
CA VAL A 107 -10.17 -6.38 -4.10
C VAL A 107 -10.94 -7.48 -4.83
N GLY A 108 -11.42 -8.46 -4.07
CA GLY A 108 -12.18 -9.55 -4.66
C GLY A 108 -13.46 -9.08 -5.32
N ARG A 109 -13.77 -7.80 -5.15
CA ARG A 109 -14.98 -7.22 -5.74
C ARG A 109 -14.74 -6.82 -7.19
N MET A 110 -13.58 -6.21 -7.45
CA MET A 110 -13.24 -5.76 -8.79
C MET A 110 -12.72 -6.92 -9.63
N GLY A 111 -12.04 -7.87 -8.97
CA GLY A 111 -11.50 -9.02 -9.68
C GLY A 111 -10.00 -9.17 -9.47
N ILE A 112 -9.46 -8.42 -8.52
CA ILE A 112 -8.04 -8.48 -8.24
C ILE A 112 -7.76 -9.27 -6.96
N GLU A 113 -6.61 -9.95 -6.92
CA GLU A 113 -6.24 -10.75 -5.76
C GLU A 113 -4.86 -10.35 -5.26
N ILE A 114 -4.70 -10.33 -3.93
CA ILE A 114 -3.43 -9.97 -3.32
C ILE A 114 -2.57 -11.20 -3.06
N LEU A 115 -1.26 -11.07 -3.25
CA LEU A 115 -0.33 -12.17 -3.03
C LEU A 115 0.31 -12.07 -1.66
N SER A 116 0.86 -10.90 -1.34
CA SER A 116 1.51 -10.68 -0.05
C SER A 116 1.59 -9.19 0.26
N PHE A 117 1.87 -8.88 1.52
CA PHE A 117 1.98 -7.48 1.95
C PHE A 117 3.15 -7.32 2.93
N THR A 118 4.03 -6.39 2.63
CA THR A 118 5.19 -6.13 3.47
C THR A 118 5.40 -4.63 3.68
N ILE A 119 6.13 -4.27 4.72
CA ILE A 119 6.40 -2.87 5.02
C ILE A 119 7.82 -2.49 4.62
N LYS A 120 7.93 -1.74 3.53
CA LYS A 120 9.23 -1.29 3.03
C LYS A 120 9.90 -0.35 4.02
N ASP A 121 9.41 0.88 4.07
CA ASP A 121 9.96 1.89 4.99
C ASP A 121 8.84 2.68 5.65
N VAL A 122 9.10 3.16 6.86
CA VAL A 122 8.12 3.94 7.61
C VAL A 122 8.79 5.02 8.44
N TYR A 123 8.68 6.27 7.97
CA TYR A 123 9.28 7.39 8.67
C TYR A 123 8.25 8.51 8.88
N ASP A 124 8.58 9.43 9.77
CA ASP A 124 7.69 10.55 10.06
C ASP A 124 8.33 11.88 9.65
N LYS A 125 7.74 12.52 8.64
CA LYS A 125 8.25 13.79 8.15
C LYS A 125 8.35 14.81 9.28
N VAL A 126 7.52 14.65 10.30
CA VAL A 126 7.51 15.55 11.44
C VAL A 126 8.58 15.16 12.46
N ASP A 127 9.12 13.96 12.32
CA ASP A 127 10.16 13.47 13.22
C ASP A 127 9.78 13.73 14.67
N TYR A 128 8.57 13.30 15.04
CA TYR A 128 8.09 13.48 16.40
C TYR A 128 9.08 12.91 17.42
N LEU A 129 9.75 11.83 17.04
CA LEU A 129 10.73 11.19 17.91
C LEU A 129 12.02 12.00 17.97
N SER A 130 12.29 12.74 16.90
CA SER A 130 13.50 13.57 16.83
C SER A 130 13.25 14.94 17.45
N SER A 131 12.17 15.06 18.22
CA SER A 131 11.82 16.32 18.86
C SER A 131 11.54 16.12 20.35
N LEU A 132 11.92 14.95 20.85
CA LEU A 132 11.71 14.63 22.26
C LEU A 132 12.78 15.27 23.13
N GLY A 133 13.98 15.42 22.57
CA GLY A 133 15.08 16.01 23.30
C GLY A 133 16.42 15.39 22.97
N LYS A 134 17.26 16.14 22.27
CA LYS A 134 18.57 15.66 21.87
C LYS A 134 19.58 15.84 23.01
N THR A 135 20.52 14.90 23.13
CA THR A 135 21.54 14.97 24.17
C THR A 135 22.86 14.39 23.67
N GLN A 136 23.82 15.28 23.39
CA GLN A 136 25.13 14.86 22.91
C GLN A 136 26.11 16.02 22.94
N THR A 137 27.38 15.71 23.21
CA THR A 137 28.42 16.73 23.27
C THR A 137 29.64 16.32 22.43
N SER A 138 30.33 17.31 21.89
CA SER A 138 31.51 17.06 21.08
C SER A 138 32.73 16.77 21.96
N GLY A 139 32.99 17.66 22.91
CA GLY A 139 34.12 17.48 23.81
C GLY A 139 35.14 18.60 23.68
N PRO A 140 36.23 18.33 22.96
CA PRO A 140 37.30 19.31 22.75
C PRO A 140 36.86 20.46 21.84
N SER A 141 36.81 21.66 22.40
CA SER A 141 36.41 22.84 21.64
C SER A 141 37.33 24.03 21.94
N SER A 142 38.12 24.42 20.94
CA SER A 142 39.04 25.54 21.11
C SER A 142 38.74 26.64 20.10
N GLY A 143 39.15 27.86 20.43
CA GLY A 143 38.92 29.00 19.54
C GLY A 143 38.35 30.19 20.27
N GLY A 1 0.54 10.82 -28.10
CA GLY A 1 0.28 11.99 -27.29
C GLY A 1 -1.19 12.27 -27.13
N SER A 2 -1.84 12.64 -28.22
CA SER A 2 -3.27 12.95 -28.19
C SER A 2 -4.10 11.71 -28.50
N SER A 3 -4.87 11.27 -27.52
CA SER A 3 -5.71 10.08 -27.67
C SER A 3 -4.99 9.01 -28.47
N GLY A 4 -3.75 8.72 -28.09
CA GLY A 4 -2.97 7.71 -28.77
C GLY A 4 -2.47 6.62 -27.84
N SER A 5 -3.30 5.60 -27.64
CA SER A 5 -2.93 4.49 -26.76
C SER A 5 -2.91 3.17 -27.53
N SER A 6 -1.83 2.42 -27.36
CA SER A 6 -1.69 1.13 -28.04
C SER A 6 -1.51 0.01 -27.03
N GLY A 7 -2.38 -1.00 -27.12
CA GLY A 7 -2.31 -2.13 -26.21
C GLY A 7 -3.63 -2.88 -26.12
N GLN A 8 -4.63 -2.22 -25.54
CA GLN A 8 -5.94 -2.83 -25.39
C GLN A 8 -5.82 -4.33 -25.12
N ARG A 9 -4.87 -4.70 -24.28
CA ARG A 9 -4.64 -6.10 -23.94
C ARG A 9 -4.45 -6.28 -22.44
N ILE A 10 -5.37 -7.00 -21.81
CA ILE A 10 -5.30 -7.25 -20.38
C ILE A 10 -3.94 -7.83 -19.98
N SER A 11 -3.44 -7.42 -18.83
CA SER A 11 -2.16 -7.89 -18.34
C SER A 11 -2.34 -9.04 -17.36
N LEU A 12 -1.45 -10.02 -17.43
CA LEU A 12 -1.51 -11.19 -16.54
C LEU A 12 -0.34 -11.19 -15.57
N GLU A 13 0.87 -11.04 -16.10
CA GLU A 13 2.07 -11.02 -15.27
C GLU A 13 1.82 -10.31 -13.95
N ILE A 14 2.49 -10.76 -12.90
CA ILE A 14 2.34 -10.17 -11.57
C ILE A 14 2.82 -8.73 -11.56
N MET A 15 2.00 -7.85 -10.99
CA MET A 15 2.35 -6.43 -10.91
C MET A 15 2.75 -6.04 -9.48
N THR A 16 3.84 -5.30 -9.35
CA THR A 16 4.32 -4.87 -8.05
C THR A 16 3.74 -3.50 -7.67
N LEU A 17 2.80 -3.50 -6.74
CA LEU A 17 2.17 -2.26 -6.30
C LEU A 17 2.58 -1.93 -4.87
N GLN A 18 3.19 -0.77 -4.70
CA GLN A 18 3.64 -0.32 -3.38
C GLN A 18 2.71 0.75 -2.82
N PRO A 19 1.76 0.33 -1.96
CA PRO A 19 0.80 1.24 -1.34
C PRO A 19 1.44 2.17 -0.32
N ARG A 20 1.91 3.32 -0.79
CA ARG A 20 2.55 4.30 0.09
C ARG A 20 1.58 5.42 0.45
N CYS A 21 1.64 5.87 1.70
CA CYS A 21 0.78 6.94 2.17
C CYS A 21 1.54 7.88 3.10
N GLU A 22 1.35 9.18 2.89
CA GLU A 22 2.02 10.19 3.72
C GLU A 22 1.02 11.20 4.26
N ASP A 23 1.36 11.83 5.38
CA ASP A 23 0.49 12.83 6.00
C ASP A 23 -0.77 12.17 6.55
N VAL A 24 -0.59 11.11 7.34
CA VAL A 24 -1.71 10.41 7.93
C VAL A 24 -1.61 10.38 9.45
N GLU A 25 -2.24 11.34 10.11
CA GLU A 25 -2.21 11.42 11.56
C GLU A 25 -2.63 10.09 12.19
N THR A 26 -1.79 9.58 13.08
CA THR A 26 -2.07 8.32 13.76
C THR A 26 -3.24 8.46 14.72
N ALA A 27 -3.56 7.38 15.43
CA ALA A 27 -4.66 7.37 16.39
C ALA A 27 -4.59 8.60 17.30
N GLU A 28 -3.46 8.75 17.98
CA GLU A 28 -3.27 9.88 18.89
C GLU A 28 -3.27 11.20 18.13
N GLY A 29 -2.50 11.26 17.04
CA GLY A 29 -2.43 12.47 16.25
C GLY A 29 -1.04 12.73 15.73
N VAL A 30 -0.46 11.74 15.04
CA VAL A 30 0.88 11.88 14.48
C VAL A 30 0.93 11.36 13.05
N ALA A 31 1.10 12.29 12.11
CA ALA A 31 1.17 11.92 10.69
C ALA A 31 2.44 11.13 10.38
N LEU A 32 2.27 9.89 9.95
CA LEU A 32 3.40 9.03 9.63
C LEU A 32 3.45 8.74 8.13
N THR A 33 4.58 8.22 7.68
CA THR A 33 4.76 7.89 6.27
C THR A 33 5.21 6.45 6.09
N VAL A 34 4.30 5.61 5.61
CA VAL A 34 4.59 4.20 5.39
C VAL A 34 4.67 3.87 3.90
N THR A 35 5.87 3.57 3.42
CA THR A 35 6.07 3.25 2.02
C THR A 35 5.24 2.04 1.61
N GLY A 36 5.31 0.97 2.41
CA GLY A 36 4.54 -0.22 2.10
C GLY A 36 4.93 -0.83 0.76
N VAL A 37 4.94 -2.16 0.70
CA VAL A 37 5.29 -2.86 -0.53
C VAL A 37 4.57 -4.20 -0.62
N ALA A 38 3.58 -4.28 -1.51
CA ALA A 38 2.81 -5.49 -1.70
C ALA A 38 2.80 -5.91 -3.16
N GLN A 39 2.67 -7.21 -3.41
CA GLN A 39 2.65 -7.74 -4.76
C GLN A 39 1.24 -8.19 -5.15
N VAL A 40 0.76 -7.71 -6.29
CA VAL A 40 -0.57 -8.06 -6.76
C VAL A 40 -0.51 -8.67 -8.17
N LYS A 41 -1.56 -9.40 -8.53
CA LYS A 41 -1.63 -10.02 -9.85
C LYS A 41 -3.07 -10.15 -10.32
N ILE A 42 -3.28 -10.03 -11.63
CA ILE A 42 -4.61 -10.12 -12.21
C ILE A 42 -5.17 -11.54 -12.07
N MET A 43 -6.34 -11.65 -11.45
CA MET A 43 -6.98 -12.94 -11.27
C MET A 43 -7.36 -13.56 -12.61
N THR A 44 -7.87 -14.79 -12.56
CA THR A 44 -8.28 -15.49 -13.77
C THR A 44 -9.75 -15.28 -14.07
N GLU A 45 -10.14 -15.51 -15.32
CA GLU A 45 -11.53 -15.35 -15.73
C GLU A 45 -12.31 -16.65 -15.58
N LYS A 46 -11.99 -17.40 -14.53
CA LYS A 46 -12.66 -18.67 -14.26
C LYS A 46 -14.17 -18.50 -14.29
N GLU A 47 -14.65 -17.38 -13.76
CA GLU A 47 -16.08 -17.11 -13.74
C GLU A 47 -16.39 -15.76 -14.38
N LEU A 48 -17.67 -15.40 -14.42
CA LEU A 48 -18.09 -14.13 -15.01
C LEU A 48 -17.12 -13.01 -14.65
N LEU A 49 -16.13 -12.79 -15.52
CA LEU A 49 -15.14 -11.75 -15.30
C LEU A 49 -15.70 -10.38 -15.68
N ALA A 50 -16.84 -10.37 -16.36
CA ALA A 50 -17.47 -9.13 -16.78
C ALA A 50 -17.37 -8.07 -15.70
N VAL A 51 -17.25 -8.51 -14.45
CA VAL A 51 -17.13 -7.60 -13.32
C VAL A 51 -16.00 -6.60 -13.52
N ALA A 52 -14.83 -7.12 -13.88
CA ALA A 52 -13.65 -6.28 -14.11
C ALA A 52 -13.43 -6.06 -15.60
N CYS A 53 -13.80 -7.04 -16.42
CA CYS A 53 -13.63 -6.94 -17.85
C CYS A 53 -13.94 -5.53 -18.34
N GLU A 54 -15.18 -5.10 -18.14
CA GLU A 54 -15.60 -3.76 -18.56
C GLU A 54 -14.96 -2.69 -17.68
N GLN A 55 -14.87 -2.97 -16.39
CA GLN A 55 -14.29 -2.03 -15.45
C GLN A 55 -12.91 -1.57 -15.90
N PHE A 56 -12.18 -2.48 -16.55
CA PHE A 56 -10.83 -2.18 -17.04
C PHE A 56 -10.87 -1.84 -18.52
N LEU A 57 -11.43 -2.75 -19.32
CA LEU A 57 -11.52 -2.56 -20.76
C LEU A 57 -11.75 -1.08 -21.10
N GLY A 58 -11.30 -0.67 -22.27
CA GLY A 58 -11.47 0.70 -22.70
C GLY A 58 -10.41 1.62 -22.13
N LYS A 59 -9.90 1.28 -20.95
CA LYS A 59 -8.86 2.08 -20.30
C LYS A 59 -7.48 1.55 -20.64
N ASN A 60 -6.45 2.21 -20.11
CA ASN A 60 -5.07 1.80 -20.36
C ASN A 60 -4.50 1.08 -19.15
N VAL A 61 -3.38 0.39 -19.36
CA VAL A 61 -2.72 -0.35 -18.29
C VAL A 61 -2.52 0.53 -17.05
N GLN A 62 -2.01 1.74 -17.28
CA GLN A 62 -1.76 2.68 -16.19
C GLN A 62 -2.96 2.75 -15.25
N ASP A 63 -4.13 3.02 -15.81
CA ASP A 63 -5.36 3.12 -15.03
C ASP A 63 -5.44 1.99 -14.01
N ILE A 64 -5.51 0.76 -14.50
CA ILE A 64 -5.59 -0.41 -13.62
C ILE A 64 -4.63 -0.28 -12.45
N LYS A 65 -3.34 -0.20 -12.75
CA LYS A 65 -2.31 -0.07 -11.72
C LYS A 65 -2.74 0.92 -10.65
N ASN A 66 -3.26 2.06 -11.08
CA ASN A 66 -3.72 3.10 -10.16
C ASN A 66 -4.92 2.62 -9.36
N VAL A 67 -5.91 2.05 -10.05
CA VAL A 67 -7.11 1.55 -9.41
C VAL A 67 -6.77 0.61 -8.26
N VAL A 68 -6.05 -0.47 -8.58
CA VAL A 68 -5.65 -1.45 -7.59
C VAL A 68 -4.84 -0.80 -6.48
N LEU A 69 -3.74 -0.17 -6.85
CA LEU A 69 -2.87 0.49 -5.88
C LEU A 69 -3.68 1.30 -4.88
N GLN A 70 -4.63 2.08 -5.40
CA GLN A 70 -5.48 2.90 -4.55
C GLN A 70 -6.23 2.05 -3.52
N THR A 71 -6.76 0.93 -3.98
CA THR A 71 -7.50 0.03 -3.10
C THR A 71 -6.72 -0.26 -1.83
N LEU A 72 -5.55 -0.88 -1.98
CA LEU A 72 -4.70 -1.21 -0.84
C LEU A 72 -4.32 0.05 -0.07
N GLU A 73 -3.86 1.07 -0.79
CA GLU A 73 -3.46 2.32 -0.17
C GLU A 73 -4.52 2.81 0.82
N GLY A 74 -5.73 3.04 0.31
CA GLY A 74 -6.81 3.51 1.15
C GLY A 74 -6.86 2.79 2.49
N HIS A 75 -6.97 1.47 2.45
CA HIS A 75 -7.03 0.67 3.66
C HIS A 75 -5.86 1.01 4.60
N LEU A 76 -4.67 1.13 4.02
CA LEU A 76 -3.48 1.46 4.81
C LEU A 76 -3.77 2.59 5.79
N ARG A 77 -4.41 3.65 5.31
CA ARG A 77 -4.75 4.79 6.14
C ARG A 77 -5.61 4.35 7.33
N SER A 78 -6.86 3.97 7.04
CA SER A 78 -7.77 3.55 8.10
C SER A 78 -7.04 2.72 9.16
N ILE A 79 -6.47 1.60 8.74
CA ILE A 79 -5.74 0.73 9.65
C ILE A 79 -4.70 1.52 10.44
N LEU A 80 -4.10 2.51 9.80
CA LEU A 80 -3.08 3.33 10.44
C LEU A 80 -3.71 4.22 11.52
N GLY A 81 -4.73 4.99 11.14
CA GLY A 81 -5.39 5.86 12.09
C GLY A 81 -5.69 5.17 13.41
N THR A 82 -6.41 4.06 13.33
CA THR A 82 -6.77 3.30 14.53
C THR A 82 -5.52 2.82 15.26
N LEU A 83 -4.42 2.74 14.54
CA LEU A 83 -3.15 2.28 15.14
C LEU A 83 -2.35 3.47 15.68
N THR A 84 -1.47 3.20 16.63
CA THR A 84 -0.64 4.24 17.23
C THR A 84 0.78 4.17 16.71
N VAL A 85 1.40 5.34 16.54
CA VAL A 85 2.77 5.42 16.04
C VAL A 85 3.63 4.30 16.61
N GLU A 86 3.53 4.11 17.93
CA GLU A 86 4.30 3.07 18.61
C GLU A 86 4.05 1.70 17.97
N GLN A 87 2.83 1.20 18.12
CA GLN A 87 2.47 -0.10 17.56
C GLN A 87 3.08 -0.28 16.17
N ILE A 88 2.81 0.68 15.28
CA ILE A 88 3.34 0.62 13.92
C ILE A 88 4.81 0.25 13.92
N TYR A 89 5.61 1.01 14.66
CA TYR A 89 7.04 0.77 14.73
C TYR A 89 7.33 -0.57 15.39
N GLN A 90 6.96 -0.70 16.66
CA GLN A 90 7.18 -1.94 17.41
C GLN A 90 6.98 -3.15 16.50
N ASP A 91 5.80 -3.28 15.94
CA ASP A 91 5.48 -4.40 15.06
C ASP A 91 5.04 -3.90 13.68
N ARG A 92 5.86 -4.17 12.68
CA ARG A 92 5.56 -3.75 11.31
C ARG A 92 4.69 -4.78 10.60
N ASP A 93 5.01 -6.05 10.78
CA ASP A 93 4.25 -7.14 10.17
C ASP A 93 2.76 -6.98 10.46
N GLN A 94 2.41 -7.00 11.74
CA GLN A 94 1.02 -6.86 12.15
C GLN A 94 0.31 -5.79 11.34
N PHE A 95 0.77 -4.55 11.48
CA PHE A 95 0.18 -3.42 10.75
C PHE A 95 -0.16 -3.82 9.33
N ALA A 96 0.85 -4.21 8.56
CA ALA A 96 0.66 -4.62 7.18
C ALA A 96 -0.42 -5.69 7.06
N LYS A 97 -0.17 -6.85 7.68
CA LYS A 97 -1.12 -7.95 7.65
C LYS A 97 -2.55 -7.44 7.70
N LEU A 98 -2.83 -6.58 8.67
CA LEU A 98 -4.17 -6.02 8.83
C LEU A 98 -4.65 -5.37 7.52
N VAL A 99 -3.74 -4.66 6.85
CA VAL A 99 -4.06 -4.01 5.60
C VAL A 99 -4.43 -5.01 4.52
N ARG A 100 -3.55 -5.97 4.28
CA ARG A 100 -3.78 -7.00 3.27
C ARG A 100 -4.99 -7.85 3.63
N GLU A 101 -5.31 -7.90 4.93
CA GLU A 101 -6.45 -8.67 5.41
C GLU A 101 -7.76 -7.98 5.05
N VAL A 102 -7.83 -6.68 5.31
CA VAL A 102 -9.02 -5.90 5.03
C VAL A 102 -9.18 -5.66 3.54
N ALA A 103 -8.06 -5.70 2.81
CA ALA A 103 -8.07 -5.50 1.37
C ALA A 103 -8.37 -6.80 0.62
N ALA A 104 -7.73 -7.88 1.06
CA ALA A 104 -7.92 -9.18 0.43
C ALA A 104 -9.36 -9.35 -0.05
N PRO A 105 -10.32 -9.27 0.89
CA PRO A 105 -11.74 -9.41 0.59
C PRO A 105 -12.28 -8.22 -0.19
N ASP A 106 -11.59 -7.09 -0.10
CA ASP A 106 -12.01 -5.88 -0.79
C ASP A 106 -11.70 -5.99 -2.28
N VAL A 107 -10.43 -6.15 -2.61
CA VAL A 107 -10.00 -6.27 -4.00
C VAL A 107 -10.90 -7.23 -4.78
N GLY A 108 -11.34 -8.29 -4.11
CA GLY A 108 -12.20 -9.27 -4.74
C GLY A 108 -13.35 -8.63 -5.49
N ARG A 109 -13.86 -7.52 -4.95
CA ARG A 109 -14.97 -6.81 -5.58
C ARG A 109 -14.67 -6.49 -7.04
N MET A 110 -13.57 -5.79 -7.28
CA MET A 110 -13.16 -5.42 -8.62
C MET A 110 -12.74 -6.65 -9.42
N GLY A 111 -12.14 -7.62 -8.73
CA GLY A 111 -11.70 -8.84 -9.39
C GLY A 111 -10.19 -9.01 -9.33
N ILE A 112 -9.59 -8.56 -8.24
CA ILE A 112 -8.14 -8.65 -8.08
C ILE A 112 -7.79 -9.45 -6.83
N GLU A 113 -6.73 -10.26 -6.92
CA GLU A 113 -6.29 -11.07 -5.79
C GLU A 113 -4.91 -10.63 -5.32
N ILE A 114 -4.75 -10.50 -4.00
CA ILE A 114 -3.49 -10.08 -3.42
C ILE A 114 -2.56 -11.28 -3.22
N LEU A 115 -1.25 -11.02 -3.28
CA LEU A 115 -0.26 -12.08 -3.10
C LEU A 115 0.41 -11.97 -1.74
N SER A 116 0.81 -10.75 -1.37
CA SER A 116 1.46 -10.52 -0.09
C SER A 116 1.54 -9.03 0.21
N PHE A 117 1.74 -8.69 1.49
CA PHE A 117 1.83 -7.29 1.90
C PHE A 117 2.91 -7.13 2.98
N THR A 118 3.89 -6.28 2.69
CA THR A 118 4.98 -6.02 3.62
C THR A 118 5.25 -4.53 3.76
N ILE A 119 6.00 -4.17 4.80
CA ILE A 119 6.32 -2.77 5.05
C ILE A 119 7.77 -2.47 4.69
N LYS A 120 7.97 -1.64 3.68
CA LYS A 120 9.32 -1.27 3.24
C LYS A 120 10.02 -0.43 4.30
N ASP A 121 9.50 0.77 4.55
CA ASP A 121 10.08 1.66 5.54
C ASP A 121 9.07 2.71 5.99
N VAL A 122 9.02 2.96 7.29
CA VAL A 122 8.09 3.95 7.84
C VAL A 122 8.84 5.08 8.54
N TYR A 123 8.55 6.31 8.13
CA TYR A 123 9.19 7.48 8.71
C TYR A 123 8.19 8.59 8.96
N ASP A 124 8.58 9.57 9.78
CA ASP A 124 7.70 10.69 10.10
C ASP A 124 8.08 11.92 9.28
N LYS A 125 7.19 12.31 8.37
CA LYS A 125 7.42 13.47 7.52
C LYS A 125 7.47 14.76 8.35
N VAL A 126 6.79 14.75 9.50
CA VAL A 126 6.75 15.90 10.38
C VAL A 126 8.02 15.97 11.24
N ASP A 127 8.74 14.86 11.31
CA ASP A 127 9.97 14.80 12.09
C ASP A 127 9.72 15.22 13.53
N TYR A 128 8.75 14.57 14.17
CA TYR A 128 8.39 14.87 15.55
C TYR A 128 9.20 14.00 16.51
N LEU A 129 9.30 12.72 16.19
CA LEU A 129 10.02 11.77 17.03
C LEU A 129 11.47 12.24 17.24
N SER A 130 12.04 12.86 16.21
CA SER A 130 13.41 13.35 16.28
C SER A 130 13.49 14.60 17.17
N SER A 131 12.55 15.52 16.96
CA SER A 131 12.52 16.76 17.73
C SER A 131 12.70 16.47 19.22
N LEU A 132 12.02 15.44 19.71
CA LEU A 132 12.10 15.07 21.11
C LEU A 132 13.55 14.86 21.54
N GLY A 133 14.36 14.37 20.62
CA GLY A 133 15.77 14.14 20.92
C GLY A 133 15.99 13.70 22.34
N LYS A 134 15.73 12.43 22.63
CA LYS A 134 15.90 11.89 23.97
C LYS A 134 17.23 12.34 24.57
N THR A 135 17.15 13.19 25.59
CA THR A 135 18.35 13.70 26.25
C THR A 135 18.13 13.81 27.76
N GLN A 136 19.20 13.59 28.52
CA GLN A 136 19.13 13.65 29.97
C GLN A 136 19.94 14.84 30.50
N THR A 137 19.84 15.97 29.81
CA THR A 137 20.57 17.17 30.21
C THR A 137 19.88 18.43 29.69
N SER A 138 20.35 19.58 30.14
CA SER A 138 19.78 20.86 29.73
C SER A 138 20.84 21.77 29.13
N GLY A 139 20.42 22.64 28.22
CA GLY A 139 21.35 23.55 27.59
C GLY A 139 21.28 24.95 28.16
N PRO A 140 22.43 25.53 28.50
CA PRO A 140 22.53 26.87 29.06
C PRO A 140 22.18 27.96 28.04
N SER A 141 22.18 29.21 28.50
CA SER A 141 21.86 30.33 27.62
C SER A 141 22.53 31.61 28.11
N SER A 142 22.43 32.66 27.32
CA SER A 142 23.03 33.94 27.66
C SER A 142 21.99 35.07 27.60
N GLY A 143 22.38 36.25 28.08
CA GLY A 143 21.48 37.39 28.06
C GLY A 143 22.08 38.62 28.71
N GLY A 1 5.85 3.29 -16.89
CA GLY A 1 6.72 3.70 -17.98
C GLY A 1 6.51 2.89 -19.24
N SER A 2 7.22 3.27 -20.30
CA SER A 2 7.09 2.57 -21.58
C SER A 2 8.32 2.82 -22.45
N SER A 3 8.50 1.97 -23.46
CA SER A 3 9.64 2.09 -24.36
C SER A 3 9.17 2.41 -25.78
N GLY A 4 9.04 3.69 -26.08
CA GLY A 4 8.59 4.10 -27.41
C GLY A 4 7.60 3.14 -28.01
N SER A 5 6.45 2.98 -27.36
CA SER A 5 5.41 2.08 -27.83
C SER A 5 4.05 2.49 -27.29
N SER A 6 3.00 2.20 -28.05
CA SER A 6 1.63 2.54 -27.65
C SER A 6 0.77 1.29 -27.56
N GLY A 7 0.10 1.12 -26.42
CA GLY A 7 -0.75 -0.04 -26.23
C GLY A 7 -1.61 0.08 -24.98
N GLN A 8 -2.89 -0.25 -25.11
CA GLN A 8 -3.81 -0.18 -23.98
C GLN A 8 -4.55 -1.51 -23.80
N ARG A 9 -3.81 -2.60 -23.92
CA ARG A 9 -4.39 -3.93 -23.77
C ARG A 9 -4.39 -4.36 -22.30
N ILE A 10 -5.36 -5.18 -21.93
CA ILE A 10 -5.46 -5.68 -20.56
C ILE A 10 -4.19 -6.40 -20.14
N SER A 11 -3.82 -6.26 -18.87
CA SER A 11 -2.62 -6.89 -18.34
C SER A 11 -2.99 -7.99 -17.35
N LEU A 12 -2.24 -9.09 -17.39
CA LEU A 12 -2.48 -10.21 -16.48
C LEU A 12 -1.28 -10.44 -15.55
N GLU A 13 -0.10 -10.11 -16.04
CA GLU A 13 1.12 -10.27 -15.26
C GLU A 13 0.99 -9.57 -13.90
N ILE A 14 1.67 -10.11 -12.90
CA ILE A 14 1.63 -9.54 -11.56
C ILE A 14 2.17 -8.11 -11.56
N MET A 15 1.33 -7.18 -11.14
CA MET A 15 1.71 -5.77 -11.09
C MET A 15 2.12 -5.37 -9.66
N THR A 16 3.31 -4.80 -9.54
CA THR A 16 3.81 -4.37 -8.24
C THR A 16 3.22 -3.03 -7.83
N LEU A 17 2.42 -3.03 -6.77
CA LEU A 17 1.79 -1.82 -6.28
C LEU A 17 2.12 -1.59 -4.80
N GLN A 18 2.92 -0.57 -4.54
CA GLN A 18 3.32 -0.24 -3.17
C GLN A 18 2.54 0.97 -2.66
N PRO A 19 1.46 0.70 -1.91
CA PRO A 19 0.60 1.74 -1.34
C PRO A 19 1.30 2.51 -0.22
N ARG A 20 1.54 3.80 -0.46
CA ARG A 20 2.20 4.65 0.53
C ARG A 20 1.20 5.57 1.21
N CYS A 21 1.56 6.06 2.39
CA CYS A 21 0.69 6.97 3.13
C CYS A 21 1.51 8.01 3.88
N GLU A 22 1.45 9.26 3.41
CA GLU A 22 2.19 10.34 4.02
C GLU A 22 1.24 11.40 4.57
N ASP A 23 1.70 12.14 5.57
CA ASP A 23 0.89 13.20 6.20
C ASP A 23 -0.39 12.61 6.79
N VAL A 24 -0.25 11.48 7.49
CA VAL A 24 -1.40 10.83 8.10
C VAL A 24 -1.26 10.82 9.63
N GLU A 25 -2.06 11.66 10.28
CA GLU A 25 -2.04 11.75 11.74
C GLU A 25 -2.45 10.42 12.38
N THR A 26 -1.51 9.82 13.11
CA THR A 26 -1.77 8.55 13.77
C THR A 26 -2.90 8.67 14.79
N ALA A 27 -3.16 7.59 15.52
CA ALA A 27 -4.21 7.58 16.52
C ALA A 27 -4.06 8.74 17.49
N GLU A 28 -2.87 8.90 18.05
CA GLU A 28 -2.60 9.98 18.99
C GLU A 28 -2.56 11.33 18.27
N GLY A 29 -2.03 11.33 17.05
CA GLY A 29 -1.94 12.55 16.28
C GLY A 29 -0.53 12.82 15.79
N VAL A 30 0.07 11.82 15.14
CA VAL A 30 1.43 11.96 14.62
C VAL A 30 1.48 11.61 13.14
N ALA A 31 1.76 12.61 12.31
CA ALA A 31 1.84 12.41 10.88
C ALA A 31 3.05 11.55 10.51
N LEU A 32 2.78 10.34 10.03
CA LEU A 32 3.85 9.41 9.64
C LEU A 32 3.83 9.15 8.15
N THR A 33 4.91 8.59 7.64
CA THR A 33 5.01 8.28 6.21
C THR A 33 5.45 6.84 5.99
N VAL A 34 4.49 5.98 5.66
CA VAL A 34 4.78 4.57 5.42
C VAL A 34 4.60 4.21 3.95
N THR A 35 5.72 3.99 3.26
CA THR A 35 5.69 3.64 1.85
C THR A 35 4.85 2.39 1.60
N GLY A 36 5.10 1.36 2.40
CA GLY A 36 4.35 0.12 2.25
C GLY A 36 4.56 -0.53 0.89
N VAL A 37 4.70 -1.85 0.88
CA VAL A 37 4.90 -2.59 -0.36
C VAL A 37 4.06 -3.87 -0.38
N ALA A 38 3.54 -4.21 -1.56
CA ALA A 38 2.72 -5.39 -1.71
C ALA A 38 2.66 -5.83 -3.18
N GLN A 39 2.19 -7.05 -3.41
CA GLN A 39 2.08 -7.58 -4.76
C GLN A 39 0.62 -7.86 -5.13
N VAL A 40 0.29 -7.65 -6.40
CA VAL A 40 -1.06 -7.87 -6.88
C VAL A 40 -1.07 -8.33 -8.33
N LYS A 41 -2.15 -8.98 -8.74
CA LYS A 41 -2.28 -9.47 -10.10
C LYS A 41 -3.74 -9.43 -10.57
N ILE A 42 -3.94 -9.47 -11.87
CA ILE A 42 -5.28 -9.43 -12.45
C ILE A 42 -5.84 -10.84 -12.63
N MET A 43 -6.59 -11.31 -11.63
CA MET A 43 -7.19 -12.63 -11.69
C MET A 43 -7.59 -13.00 -13.11
N THR A 44 -7.38 -14.26 -13.48
CA THR A 44 -7.71 -14.73 -14.82
C THR A 44 -9.19 -15.06 -14.93
N GLU A 45 -9.71 -15.08 -16.16
CA GLU A 45 -11.12 -15.38 -16.39
C GLU A 45 -11.43 -16.82 -15.98
N LYS A 46 -12.04 -16.97 -14.82
CA LYS A 46 -12.41 -18.29 -14.31
C LYS A 46 -13.92 -18.50 -14.37
N GLU A 47 -14.67 -17.39 -14.30
CA GLU A 47 -16.12 -17.46 -14.34
C GLU A 47 -16.72 -16.06 -14.41
N LEU A 48 -17.27 -15.71 -15.58
CA LEU A 48 -17.88 -14.40 -15.77
C LEU A 48 -16.90 -13.29 -15.42
N LEU A 49 -15.68 -13.38 -15.94
CA LEU A 49 -14.66 -12.37 -15.68
C LEU A 49 -15.15 -10.99 -16.08
N ALA A 50 -16.15 -10.94 -16.94
CA ALA A 50 -16.71 -9.67 -17.40
C ALA A 50 -16.66 -8.61 -16.30
N VAL A 51 -16.82 -9.06 -15.06
CA VAL A 51 -16.78 -8.16 -13.91
C VAL A 51 -15.62 -7.17 -14.03
N ALA A 52 -14.43 -7.70 -14.29
CA ALA A 52 -13.25 -6.87 -14.42
C ALA A 52 -12.78 -6.79 -15.87
N CYS A 53 -13.19 -7.78 -16.67
CA CYS A 53 -12.81 -7.83 -18.07
C CYS A 53 -13.08 -6.49 -18.75
N GLU A 54 -14.34 -6.08 -18.76
CA GLU A 54 -14.73 -4.82 -19.38
C GLU A 54 -14.27 -3.64 -18.54
N GLN A 55 -14.27 -3.81 -17.23
CA GLN A 55 -13.84 -2.75 -16.32
C GLN A 55 -12.42 -2.32 -16.62
N PHE A 56 -11.64 -3.23 -17.18
CA PHE A 56 -10.24 -2.94 -17.52
C PHE A 56 -10.08 -2.72 -19.02
N LEU A 57 -10.59 -3.66 -19.80
CA LEU A 57 -10.50 -3.57 -21.25
C LEU A 57 -10.67 -2.13 -21.72
N GLY A 58 -9.86 -1.74 -22.69
CA GLY A 58 -9.93 -0.38 -23.22
C GLY A 58 -9.04 0.59 -22.46
N LYS A 59 -9.14 0.56 -21.13
CA LYS A 59 -8.34 1.44 -20.29
C LYS A 59 -6.85 1.19 -20.50
N ASN A 60 -6.02 1.96 -19.80
CA ASN A 60 -4.57 1.81 -19.90
C ASN A 60 -3.99 1.18 -18.64
N VAL A 61 -2.99 0.34 -18.81
CA VAL A 61 -2.34 -0.33 -17.69
C VAL A 61 -2.32 0.57 -16.46
N GLN A 62 -1.90 1.81 -16.64
CA GLN A 62 -1.83 2.75 -15.54
C GLN A 62 -3.17 2.88 -14.85
N ASP A 63 -4.23 2.99 -15.65
CA ASP A 63 -5.58 3.11 -15.11
C ASP A 63 -5.88 2.01 -14.10
N ILE A 64 -5.59 0.77 -14.49
CA ILE A 64 -5.82 -0.38 -13.61
C ILE A 64 -4.94 -0.31 -12.37
N LYS A 65 -3.63 -0.38 -12.57
CA LYS A 65 -2.69 -0.32 -11.46
C LYS A 65 -3.16 0.66 -10.40
N ASN A 66 -3.70 1.79 -10.83
CA ASN A 66 -4.19 2.81 -9.91
C ASN A 66 -5.43 2.32 -9.17
N VAL A 67 -6.47 1.98 -9.92
CA VAL A 67 -7.71 1.49 -9.33
C VAL A 67 -7.43 0.53 -8.18
N VAL A 68 -6.63 -0.49 -8.47
CA VAL A 68 -6.28 -1.49 -7.46
C VAL A 68 -5.48 -0.86 -6.32
N LEU A 69 -4.36 -0.24 -6.66
CA LEU A 69 -3.50 0.40 -5.67
C LEU A 69 -4.33 1.23 -4.70
N GLN A 70 -5.36 1.91 -5.22
CA GLN A 70 -6.22 2.75 -4.40
C GLN A 70 -6.79 1.95 -3.23
N THR A 71 -7.54 0.90 -3.54
CA THR A 71 -8.15 0.06 -2.53
C THR A 71 -7.20 -0.14 -1.34
N LEU A 72 -6.01 -0.65 -1.63
CA LEU A 72 -5.01 -0.89 -0.59
C LEU A 72 -4.58 0.42 0.06
N GLU A 73 -4.07 1.34 -0.75
CA GLU A 73 -3.62 2.63 -0.25
C GLU A 73 -4.58 3.16 0.83
N GLY A 74 -5.82 3.40 0.43
CA GLY A 74 -6.80 3.90 1.36
C GLY A 74 -6.82 3.13 2.67
N HIS A 75 -6.98 1.82 2.58
CA HIS A 75 -7.01 0.97 3.76
C HIS A 75 -5.80 1.23 4.65
N LEU A 76 -4.61 1.22 4.05
CA LEU A 76 -3.38 1.45 4.79
C LEU A 76 -3.50 2.70 5.67
N ARG A 77 -4.08 3.76 5.12
CA ARG A 77 -4.26 5.01 5.84
C ARG A 77 -5.21 4.81 7.02
N SER A 78 -6.27 4.04 6.79
CA SER A 78 -7.27 3.79 7.82
C SER A 78 -6.67 2.95 8.96
N ILE A 79 -6.19 1.76 8.63
CA ILE A 79 -5.59 0.88 9.61
C ILE A 79 -4.56 1.61 10.46
N LEU A 80 -3.77 2.47 9.81
CA LEU A 80 -2.74 3.23 10.50
C LEU A 80 -3.36 4.23 11.47
N GLY A 81 -4.31 5.03 10.97
CA GLY A 81 -4.97 6.01 11.81
C GLY A 81 -5.35 5.45 13.17
N THR A 82 -6.04 4.32 13.18
CA THR A 82 -6.46 3.68 14.41
C THR A 82 -5.26 3.14 15.19
N LEU A 83 -4.15 2.97 14.49
CA LEU A 83 -2.93 2.45 15.12
C LEU A 83 -2.03 3.59 15.59
N THR A 84 -1.41 3.40 16.74
CA THR A 84 -0.52 4.42 17.31
C THR A 84 0.85 4.38 16.65
N VAL A 85 1.41 5.55 16.37
CA VAL A 85 2.72 5.64 15.75
C VAL A 85 3.70 4.64 16.37
N GLU A 86 3.55 4.41 17.68
CA GLU A 86 4.41 3.48 18.39
C GLU A 86 4.12 2.03 17.98
N GLN A 87 2.84 1.68 17.98
CA GLN A 87 2.42 0.33 17.61
C GLN A 87 2.96 -0.05 16.23
N ILE A 88 2.88 0.88 15.29
CA ILE A 88 3.35 0.65 13.93
C ILE A 88 4.79 0.12 13.95
N TYR A 89 5.62 0.70 14.81
CA TYR A 89 7.01 0.28 14.91
C TYR A 89 7.12 -1.08 15.59
N GLN A 90 6.50 -1.22 16.75
CA GLN A 90 6.53 -2.48 17.49
C GLN A 90 6.57 -3.66 16.54
N ASP A 91 5.52 -3.83 15.75
CA ASP A 91 5.43 -4.92 14.79
C ASP A 91 4.78 -4.47 13.50
N ARG A 92 5.58 -4.31 12.46
CA ARG A 92 5.09 -3.87 11.16
C ARG A 92 4.31 -4.99 10.48
N ASP A 93 4.96 -6.12 10.28
CA ASP A 93 4.33 -7.27 9.64
C ASP A 93 2.87 -7.39 10.06
N GLN A 94 2.57 -6.97 11.29
CA GLN A 94 1.22 -7.03 11.82
C GLN A 94 0.36 -5.90 11.26
N PHE A 95 0.90 -4.68 11.30
CA PHE A 95 0.19 -3.52 10.80
C PHE A 95 -0.23 -3.72 9.34
N ALA A 96 0.72 -4.12 8.51
CA ALA A 96 0.45 -4.35 7.10
C ALA A 96 -0.51 -5.51 6.90
N LYS A 97 -0.30 -6.58 7.68
CA LYS A 97 -1.17 -7.76 7.60
C LYS A 97 -2.63 -7.37 7.65
N LEU A 98 -2.93 -6.35 8.44
CA LEU A 98 -4.31 -5.87 8.59
C LEU A 98 -4.80 -5.20 7.31
N VAL A 99 -3.89 -4.51 6.63
CA VAL A 99 -4.22 -3.81 5.39
C VAL A 99 -4.59 -4.81 4.29
N ARG A 100 -3.80 -5.88 4.18
CA ARG A 100 -4.04 -6.90 3.17
C ARG A 100 -5.22 -7.79 3.57
N GLU A 101 -5.48 -7.89 4.86
CA GLU A 101 -6.58 -8.71 5.37
C GLU A 101 -7.92 -8.02 5.12
N VAL A 102 -7.95 -6.72 5.34
CA VAL A 102 -9.18 -5.94 5.14
C VAL A 102 -9.42 -5.66 3.67
N ALA A 103 -8.34 -5.66 2.89
CA ALA A 103 -8.44 -5.42 1.45
C ALA A 103 -8.63 -6.73 0.67
N ALA A 104 -7.83 -7.73 1.01
CA ALA A 104 -7.92 -9.03 0.34
C ALA A 104 -9.34 -9.30 -0.13
N PRO A 105 -10.30 -9.31 0.82
CA PRO A 105 -11.71 -9.55 0.52
C PRO A 105 -12.36 -8.41 -0.25
N ASP A 106 -11.91 -7.19 0.04
CA ASP A 106 -12.44 -6.01 -0.63
C ASP A 106 -12.14 -6.05 -2.12
N VAL A 107 -10.87 -6.23 -2.47
CA VAL A 107 -10.45 -6.30 -3.86
C VAL A 107 -11.16 -7.42 -4.59
N GLY A 108 -11.16 -8.60 -4.00
CA GLY A 108 -11.82 -9.75 -4.61
C GLY A 108 -13.08 -9.36 -5.37
N ARG A 109 -13.94 -8.58 -4.71
CA ARG A 109 -15.19 -8.15 -5.33
C ARG A 109 -14.95 -7.67 -6.75
N MET A 110 -13.97 -6.79 -6.93
CA MET A 110 -13.64 -6.26 -8.25
C MET A 110 -13.05 -7.34 -9.14
N GLY A 111 -12.18 -8.16 -8.57
CA GLY A 111 -11.55 -9.23 -9.32
C GLY A 111 -10.04 -9.18 -9.26
N ILE A 112 -9.52 -8.70 -8.13
CA ILE A 112 -8.08 -8.61 -7.94
C ILE A 112 -7.63 -9.40 -6.71
N GLU A 113 -6.54 -10.14 -6.86
CA GLU A 113 -6.00 -10.94 -5.76
C GLU A 113 -4.65 -10.40 -5.30
N ILE A 114 -4.46 -10.35 -3.98
CA ILE A 114 -3.21 -9.85 -3.42
C ILE A 114 -2.26 -11.00 -3.12
N LEU A 115 -1.02 -10.88 -3.60
CA LEU A 115 -0.01 -11.91 -3.39
C LEU A 115 0.50 -11.87 -1.94
N SER A 116 0.90 -10.69 -1.49
CA SER A 116 1.41 -10.52 -0.14
C SER A 116 1.45 -9.05 0.25
N PHE A 117 1.94 -8.78 1.45
CA PHE A 117 2.03 -7.41 1.95
C PHE A 117 3.22 -7.25 2.89
N THR A 118 3.79 -6.05 2.91
CA THR A 118 4.94 -5.76 3.76
C THR A 118 5.18 -4.26 3.88
N ILE A 119 5.99 -3.87 4.86
CA ILE A 119 6.30 -2.46 5.09
C ILE A 119 7.68 -2.12 4.57
N LYS A 120 7.75 -1.28 3.55
CA LYS A 120 9.02 -0.86 2.96
C LYS A 120 9.81 0.01 3.94
N ASP A 121 9.30 1.21 4.19
CA ASP A 121 9.96 2.14 5.10
C ASP A 121 8.93 3.07 5.75
N VAL A 122 9.19 3.43 7.01
CA VAL A 122 8.29 4.33 7.74
C VAL A 122 9.07 5.45 8.41
N TYR A 123 8.75 6.68 8.05
CA TYR A 123 9.42 7.84 8.62
C TYR A 123 8.42 8.95 8.94
N ASP A 124 8.77 9.80 9.89
CA ASP A 124 7.90 10.90 10.29
C ASP A 124 8.37 12.22 9.67
N LYS A 125 7.54 12.76 8.78
CA LYS A 125 7.86 14.02 8.11
C LYS A 125 8.02 15.15 9.12
N VAL A 126 7.14 15.16 10.13
CA VAL A 126 7.19 16.19 11.16
C VAL A 126 8.42 16.03 12.05
N ASP A 127 8.97 14.82 12.08
CA ASP A 127 10.15 14.54 12.88
C ASP A 127 9.90 14.87 14.35
N TYR A 128 8.71 14.52 14.85
CA TYR A 128 8.35 14.79 16.23
C TYR A 128 8.96 13.74 17.17
N LEU A 129 8.71 12.47 16.86
CA LEU A 129 9.23 11.38 17.67
C LEU A 129 10.71 11.15 17.39
N SER A 130 11.09 11.25 16.12
CA SER A 130 12.48 11.05 15.71
C SER A 130 13.37 12.17 16.24
N SER A 131 12.81 13.38 16.32
CA SER A 131 13.54 14.53 16.79
C SER A 131 13.18 14.86 18.24
N LEU A 132 13.06 13.81 19.06
CA LEU A 132 12.70 13.97 20.47
C LEU A 132 13.87 14.57 21.25
N GLY A 133 15.09 14.21 20.86
CA GLY A 133 16.27 14.72 21.53
C GLY A 133 17.52 14.62 20.66
N LYS A 134 18.35 13.62 20.94
CA LYS A 134 19.58 13.42 20.19
C LYS A 134 19.73 11.95 19.79
N THR A 135 20.70 11.69 18.90
CA THR A 135 20.94 10.33 18.43
C THR A 135 22.33 10.22 17.81
N GLN A 136 23.01 9.11 18.08
CA GLN A 136 24.35 8.88 17.54
C GLN A 136 24.27 8.10 16.23
N THR A 137 23.22 7.31 16.07
CA THR A 137 23.03 6.51 14.87
C THR A 137 21.63 6.70 14.29
N SER A 138 21.56 7.29 13.10
CA SER A 138 20.29 7.53 12.44
C SER A 138 19.67 6.23 11.96
N GLY A 139 18.46 5.95 12.45
CA GLY A 139 17.77 4.73 12.07
C GLY A 139 16.84 4.22 13.16
N PRO A 140 15.64 3.77 12.76
CA PRO A 140 14.63 3.26 13.68
C PRO A 140 15.04 1.91 14.30
N SER A 141 15.29 1.91 15.60
CA SER A 141 15.70 0.69 16.30
C SER A 141 14.98 0.59 17.64
N SER A 142 14.41 -0.59 17.91
CA SER A 142 13.69 -0.83 19.15
C SER A 142 14.37 -1.93 19.96
N GLY A 143 14.55 -3.09 19.33
CA GLY A 143 15.18 -4.21 20.02
C GLY A 143 15.33 -5.42 19.13
N GLY A 1 6.55 6.03 -10.21
CA GLY A 1 6.10 4.91 -11.02
C GLY A 1 7.20 3.90 -11.27
N SER A 2 6.86 2.83 -11.99
CA SER A 2 7.83 1.78 -12.29
C SER A 2 7.89 1.53 -13.79
N SER A 3 9.10 1.53 -14.34
CA SER A 3 9.31 1.30 -15.77
C SER A 3 8.84 -0.09 -16.16
N GLY A 4 7.74 -0.14 -16.91
CA GLY A 4 7.20 -1.43 -17.34
C GLY A 4 7.08 -1.53 -18.84
N SER A 5 6.46 -2.59 -19.32
CA SER A 5 6.28 -2.80 -20.75
C SER A 5 4.82 -3.08 -21.09
N SER A 6 4.43 -2.72 -22.31
CA SER A 6 3.05 -2.93 -22.76
C SER A 6 2.91 -2.63 -24.25
N GLY A 7 1.74 -2.94 -24.80
CA GLY A 7 1.50 -2.70 -26.21
C GLY A 7 0.03 -2.66 -26.55
N GLN A 8 -0.57 -1.48 -26.45
CA GLN A 8 -2.00 -1.32 -26.76
C GLN A 8 -2.77 -2.57 -26.36
N ARG A 9 -2.44 -3.14 -25.20
CA ARG A 9 -3.11 -4.33 -24.71
C ARG A 9 -2.93 -4.48 -23.20
N ILE A 10 -3.95 -4.99 -22.53
CA ILE A 10 -3.91 -5.18 -21.09
C ILE A 10 -2.68 -5.98 -20.68
N SER A 11 -2.27 -5.83 -19.43
CA SER A 11 -1.10 -6.53 -18.92
C SER A 11 -1.51 -7.53 -17.82
N LEU A 12 -1.63 -8.79 -18.21
CA LEU A 12 -2.01 -9.85 -17.26
C LEU A 12 -0.88 -10.12 -16.28
N GLU A 13 0.34 -10.21 -16.79
CA GLU A 13 1.51 -10.47 -15.95
C GLU A 13 1.35 -9.81 -14.59
N ILE A 14 1.93 -10.44 -13.57
CA ILE A 14 1.86 -9.91 -12.21
C ILE A 14 2.26 -8.44 -12.17
N MET A 15 1.71 -7.70 -11.21
CA MET A 15 2.00 -6.29 -11.05
C MET A 15 2.40 -5.96 -9.62
N THR A 16 3.49 -5.22 -9.45
CA THR A 16 3.98 -4.85 -8.13
C THR A 16 3.49 -3.46 -7.75
N LEU A 17 2.58 -3.40 -6.78
CA LEU A 17 2.04 -2.13 -6.32
C LEU A 17 2.50 -1.82 -4.90
N GLN A 18 3.10 -0.65 -4.71
CA GLN A 18 3.58 -0.25 -3.40
C GLN A 18 2.67 0.81 -2.78
N PRO A 19 1.74 0.37 -1.91
CA PRO A 19 0.80 1.26 -1.25
C PRO A 19 1.48 2.16 -0.22
N ARG A 20 1.79 3.39 -0.63
CA ARG A 20 2.44 4.35 0.25
C ARG A 20 1.47 5.45 0.66
N CYS A 21 1.55 5.86 1.92
CA CYS A 21 0.67 6.91 2.43
C CYS A 21 1.42 7.80 3.43
N GLU A 22 1.62 9.06 3.06
CA GLU A 22 2.32 10.00 3.93
C GLU A 22 1.35 11.00 4.53
N ASP A 23 1.73 11.58 5.67
CA ASP A 23 0.90 12.55 6.37
C ASP A 23 -0.36 11.89 6.91
N VAL A 24 -0.20 10.74 7.55
CA VAL A 24 -1.32 10.00 8.12
C VAL A 24 -1.36 10.14 9.64
N GLU A 25 -2.34 10.90 10.13
CA GLU A 25 -2.49 11.11 11.57
C GLU A 25 -2.86 9.81 12.27
N THR A 26 -1.90 9.24 12.98
CA THR A 26 -2.12 8.01 13.71
C THR A 26 -3.28 8.13 14.69
N ALA A 27 -3.52 7.09 15.47
CA ALA A 27 -4.60 7.09 16.45
C ALA A 27 -4.50 8.30 17.37
N GLU A 28 -3.30 8.56 17.88
CA GLU A 28 -3.06 9.69 18.77
C GLU A 28 -3.27 11.01 18.04
N GLY A 29 -2.80 11.07 16.80
CA GLY A 29 -2.93 12.28 16.01
C GLY A 29 -1.60 12.80 15.51
N VAL A 30 -0.83 11.91 14.89
CA VAL A 30 0.49 12.29 14.36
C VAL A 30 0.67 11.76 12.93
N ALA A 31 1.00 12.67 12.02
CA ALA A 31 1.20 12.30 10.62
C ALA A 31 2.49 11.50 10.45
N LEU A 32 2.37 10.31 9.88
CA LEU A 32 3.52 9.43 9.66
C LEU A 32 3.68 9.11 8.19
N THR A 33 4.85 8.58 7.82
CA THR A 33 5.12 8.21 6.43
C THR A 33 5.47 6.73 6.31
N VAL A 34 4.62 5.98 5.63
CA VAL A 34 4.84 4.55 5.45
C VAL A 34 4.83 4.18 3.96
N THR A 35 6.00 3.82 3.45
CA THR A 35 6.12 3.44 2.04
C THR A 35 5.24 2.24 1.71
N GLY A 36 5.42 1.16 2.47
CA GLY A 36 4.64 -0.04 2.25
C GLY A 36 4.94 -0.69 0.91
N VAL A 37 4.95 -2.02 0.90
CA VAL A 37 5.23 -2.77 -0.33
C VAL A 37 4.44 -4.07 -0.37
N ALA A 38 3.58 -4.20 -1.37
CA ALA A 38 2.76 -5.40 -1.53
C ALA A 38 2.67 -5.82 -2.98
N GLN A 39 2.46 -7.11 -3.22
CA GLN A 39 2.35 -7.63 -4.58
C GLN A 39 0.90 -7.95 -4.92
N VAL A 40 0.58 -7.88 -6.20
CA VAL A 40 -0.78 -8.17 -6.66
C VAL A 40 -0.78 -8.60 -8.13
N LYS A 41 -1.84 -9.30 -8.53
CA LYS A 41 -1.97 -9.77 -9.91
C LYS A 41 -3.42 -10.06 -10.25
N ILE A 42 -3.78 -9.87 -11.52
CA ILE A 42 -5.14 -10.11 -11.97
C ILE A 42 -5.47 -11.60 -11.93
N MET A 43 -6.68 -11.93 -11.48
CA MET A 43 -7.12 -13.31 -11.39
C MET A 43 -7.35 -13.89 -12.79
N THR A 44 -7.84 -15.13 -12.83
CA THR A 44 -8.10 -15.81 -14.09
C THR A 44 -9.55 -15.65 -14.51
N GLU A 45 -9.82 -15.85 -15.80
CA GLU A 45 -11.18 -15.73 -16.32
C GLU A 45 -11.84 -17.10 -16.44
N LYS A 46 -11.35 -18.05 -15.65
CA LYS A 46 -11.88 -19.41 -15.66
C LYS A 46 -13.39 -19.40 -15.94
N GLU A 47 -14.07 -18.39 -15.40
CA GLU A 47 -15.52 -18.27 -15.60
C GLU A 47 -15.88 -16.84 -16.01
N LEU A 48 -17.15 -16.64 -16.33
CA LEU A 48 -17.65 -15.32 -16.75
C LEU A 48 -16.91 -14.22 -16.00
N LEU A 49 -15.86 -13.68 -16.61
CA LEU A 49 -15.08 -12.61 -16.01
C LEU A 49 -15.61 -11.24 -16.44
N ALA A 50 -16.91 -11.16 -16.66
CA ALA A 50 -17.53 -9.91 -17.08
C ALA A 50 -17.44 -8.86 -15.97
N VAL A 51 -17.10 -9.31 -14.77
CA VAL A 51 -16.97 -8.41 -13.63
C VAL A 51 -15.74 -7.52 -13.76
N ALA A 52 -14.68 -8.06 -14.38
CA ALA A 52 -13.45 -7.32 -14.58
C ALA A 52 -13.10 -7.22 -16.05
N CYS A 53 -14.10 -7.42 -16.91
CA CYS A 53 -13.90 -7.35 -18.35
C CYS A 53 -14.10 -5.94 -18.87
N GLU A 54 -15.03 -5.21 -18.24
CA GLU A 54 -15.32 -3.84 -18.63
C GLU A 54 -14.77 -2.85 -17.62
N GLN A 55 -14.56 -3.32 -16.40
CA GLN A 55 -14.03 -2.48 -15.33
C GLN A 55 -12.58 -2.10 -15.60
N PHE A 56 -11.87 -2.96 -16.33
CA PHE A 56 -10.47 -2.72 -16.66
C PHE A 56 -10.31 -2.35 -18.13
N LEU A 57 -10.66 -3.28 -19.02
CA LEU A 57 -10.56 -3.04 -20.45
C LEU A 57 -11.01 -1.63 -20.80
N GLY A 58 -12.27 -1.33 -20.49
CA GLY A 58 -12.81 -0.01 -20.79
C GLY A 58 -11.80 1.09 -20.56
N LYS A 59 -10.92 0.91 -19.58
CA LYS A 59 -9.90 1.89 -19.26
C LYS A 59 -8.54 1.44 -19.78
N ASN A 60 -7.57 2.35 -19.75
CA ASN A 60 -6.22 2.05 -20.21
C ASN A 60 -5.49 1.16 -19.22
N VAL A 61 -4.33 0.65 -19.63
CA VAL A 61 -3.54 -0.22 -18.77
C VAL A 61 -3.01 0.53 -17.56
N GLN A 62 -3.02 1.86 -17.64
CA GLN A 62 -2.55 2.70 -16.55
C GLN A 62 -3.56 2.73 -15.40
N ASP A 63 -4.83 2.85 -15.75
CA ASP A 63 -5.90 2.89 -14.76
C ASP A 63 -5.83 1.67 -13.85
N ILE A 64 -5.88 0.49 -14.45
CA ILE A 64 -5.83 -0.76 -13.69
C ILE A 64 -4.85 -0.66 -12.52
N LYS A 65 -3.56 -0.51 -12.84
CA LYS A 65 -2.53 -0.39 -11.83
C LYS A 65 -2.96 0.57 -10.73
N ASN A 66 -3.57 1.68 -11.13
CA ASN A 66 -4.03 2.68 -10.17
C ASN A 66 -5.19 2.16 -9.35
N VAL A 67 -6.32 1.92 -10.01
CA VAL A 67 -7.52 1.42 -9.33
C VAL A 67 -7.14 0.45 -8.22
N VAL A 68 -6.30 -0.53 -8.55
CA VAL A 68 -5.86 -1.52 -7.58
C VAL A 68 -5.05 -0.87 -6.45
N LEU A 69 -4.08 -0.05 -6.82
CA LEU A 69 -3.24 0.63 -5.85
C LEU A 69 -4.09 1.44 -4.86
N GLN A 70 -4.96 2.28 -5.39
CA GLN A 70 -5.83 3.10 -4.56
C GLN A 70 -6.51 2.25 -3.48
N THR A 71 -7.00 1.08 -3.87
CA THR A 71 -7.67 0.18 -2.94
C THR A 71 -6.82 -0.07 -1.70
N LEU A 72 -5.66 -0.69 -1.91
CA LEU A 72 -4.75 -0.99 -0.81
C LEU A 72 -4.34 0.29 -0.08
N GLU A 73 -3.93 1.29 -0.86
CA GLU A 73 -3.51 2.57 -0.29
C GLU A 73 -4.56 3.11 0.67
N GLY A 74 -5.71 3.50 0.14
CA GLY A 74 -6.76 4.04 0.97
C GLY A 74 -6.91 3.28 2.28
N HIS A 75 -6.75 1.97 2.22
CA HIS A 75 -6.87 1.13 3.41
C HIS A 75 -5.68 1.35 4.35
N LEU A 76 -4.49 1.43 3.76
CA LEU A 76 -3.27 1.63 4.54
C LEU A 76 -3.49 2.71 5.61
N ARG A 77 -3.95 3.88 5.17
CA ARG A 77 -4.19 4.99 6.08
C ARG A 77 -5.32 4.66 7.06
N SER A 78 -6.52 4.48 6.51
CA SER A 78 -7.68 4.16 7.34
C SER A 78 -7.30 3.25 8.50
N ILE A 79 -6.55 2.21 8.20
CA ILE A 79 -6.10 1.26 9.21
C ILE A 79 -5.02 1.87 10.09
N LEU A 80 -3.94 2.32 9.47
CA LEU A 80 -2.83 2.93 10.20
C LEU A 80 -3.33 3.73 11.39
N GLY A 81 -4.41 4.47 11.18
CA GLY A 81 -4.97 5.28 12.26
C GLY A 81 -5.34 4.46 13.47
N THR A 82 -5.99 3.31 13.23
CA THR A 82 -6.40 2.44 14.33
C THR A 82 -5.24 2.14 15.26
N LEU A 83 -4.03 2.10 14.70
CA LEU A 83 -2.83 1.82 15.49
C LEU A 83 -2.13 3.13 15.87
N THR A 84 -1.18 3.02 16.80
CA THR A 84 -0.43 4.19 17.25
C THR A 84 0.98 4.19 16.67
N VAL A 85 1.53 5.38 16.46
CA VAL A 85 2.88 5.52 15.92
C VAL A 85 3.80 4.43 16.46
N GLU A 86 3.78 4.25 17.78
CA GLU A 86 4.62 3.25 18.43
C GLU A 86 4.35 1.86 17.85
N GLN A 87 3.17 1.33 18.12
CA GLN A 87 2.79 0.01 17.63
C GLN A 87 3.27 -0.19 16.19
N ILE A 88 2.84 0.69 15.31
CA ILE A 88 3.23 0.61 13.91
C ILE A 88 4.69 0.21 13.76
N TYR A 89 5.57 0.90 14.48
CA TYR A 89 6.99 0.63 14.44
C TYR A 89 7.30 -0.74 15.06
N GLN A 90 6.85 -0.95 16.29
CA GLN A 90 7.07 -2.20 16.99
C GLN A 90 7.06 -3.37 16.01
N ASP A 91 5.93 -3.55 15.34
CA ASP A 91 5.79 -4.64 14.36
C ASP A 91 5.16 -4.14 13.06
N ARG A 92 6.02 -3.74 12.13
CA ARG A 92 5.55 -3.23 10.84
C ARG A 92 4.65 -4.24 10.15
N ASP A 93 5.07 -5.51 10.18
CA ASP A 93 4.29 -6.58 9.56
C ASP A 93 2.87 -6.63 10.11
N GLN A 94 2.76 -6.75 11.43
CA GLN A 94 1.46 -6.80 12.09
C GLN A 94 0.49 -5.79 11.47
N PHE A 95 0.99 -4.57 11.25
CA PHE A 95 0.17 -3.51 10.66
C PHE A 95 -0.28 -3.89 9.26
N ALA A 96 0.68 -4.02 8.34
CA ALA A 96 0.38 -4.38 6.96
C ALA A 96 -0.65 -5.50 6.89
N LYS A 97 -0.49 -6.49 7.77
CA LYS A 97 -1.40 -7.63 7.81
C LYS A 97 -2.85 -7.16 7.81
N LEU A 98 -3.14 -6.16 8.63
CA LEU A 98 -4.49 -5.61 8.73
C LEU A 98 -4.86 -4.85 7.46
N VAL A 99 -3.86 -4.28 6.80
CA VAL A 99 -4.09 -3.53 5.58
C VAL A 99 -4.41 -4.46 4.41
N ARG A 100 -3.78 -5.62 4.40
CA ARG A 100 -4.00 -6.60 3.34
C ARG A 100 -5.21 -7.47 3.65
N GLU A 101 -5.48 -7.67 4.94
CA GLU A 101 -6.61 -8.49 5.37
C GLU A 101 -7.93 -7.77 5.09
N VAL A 102 -7.91 -6.45 5.19
CA VAL A 102 -9.11 -5.64 4.95
C VAL A 102 -9.35 -5.46 3.46
N ALA A 103 -8.27 -5.40 2.68
CA ALA A 103 -8.37 -5.24 1.24
C ALA A 103 -8.67 -6.56 0.55
N ALA A 104 -8.10 -7.64 1.07
CA ALA A 104 -8.31 -8.96 0.50
C ALA A 104 -9.73 -9.11 -0.05
N PRO A 105 -10.72 -8.95 0.84
CA PRO A 105 -12.14 -9.06 0.46
C PRO A 105 -12.60 -7.88 -0.41
N ASP A 106 -11.86 -6.79 -0.34
CA ASP A 106 -12.20 -5.60 -1.12
C ASP A 106 -11.81 -5.79 -2.58
N VAL A 107 -10.51 -5.99 -2.82
CA VAL A 107 -10.00 -6.19 -4.17
C VAL A 107 -10.79 -7.28 -4.90
N GLY A 108 -11.41 -8.17 -4.14
CA GLY A 108 -12.18 -9.24 -4.73
C GLY A 108 -13.35 -8.73 -5.55
N ARG A 109 -13.79 -7.51 -5.26
CA ARG A 109 -14.91 -6.91 -5.98
C ARG A 109 -14.54 -6.66 -7.43
N MET A 110 -13.42 -5.98 -7.65
CA MET A 110 -12.96 -5.66 -9.00
C MET A 110 -12.47 -6.93 -9.71
N GLY A 111 -11.92 -7.86 -8.93
CA GLY A 111 -11.41 -9.10 -9.49
C GLY A 111 -9.93 -9.28 -9.25
N ILE A 112 -9.40 -8.57 -8.26
CA ILE A 112 -7.98 -8.66 -7.93
C ILE A 112 -7.78 -9.34 -6.57
N GLU A 113 -6.69 -10.10 -6.46
CA GLU A 113 -6.38 -10.81 -5.23
C GLU A 113 -5.00 -10.42 -4.71
N ILE A 114 -4.90 -10.19 -3.41
CA ILE A 114 -3.64 -9.82 -2.78
C ILE A 114 -2.74 -11.03 -2.57
N LEU A 115 -1.52 -10.95 -3.07
CA LEU A 115 -0.56 -12.05 -2.93
C LEU A 115 0.22 -11.93 -1.63
N SER A 116 0.81 -10.76 -1.40
CA SER A 116 1.59 -10.52 -0.19
C SER A 116 1.63 -9.03 0.13
N PHE A 117 1.73 -8.71 1.42
CA PHE A 117 1.78 -7.33 1.88
C PHE A 117 2.83 -7.16 2.97
N THR A 118 3.85 -6.37 2.68
CA THR A 118 4.92 -6.11 3.64
C THR A 118 5.23 -4.63 3.74
N ILE A 119 6.07 -4.26 4.70
CA ILE A 119 6.45 -2.87 4.90
C ILE A 119 7.90 -2.63 4.46
N LYS A 120 8.12 -1.51 3.77
CA LYS A 120 9.45 -1.15 3.29
C LYS A 120 10.17 -0.27 4.30
N ASP A 121 9.70 0.96 4.46
CA ASP A 121 10.30 1.90 5.39
C ASP A 121 9.25 2.85 5.95
N VAL A 122 9.42 3.23 7.21
CA VAL A 122 8.48 4.14 7.87
C VAL A 122 9.23 5.26 8.60
N TYR A 123 9.00 6.50 8.19
CA TYR A 123 9.65 7.64 8.81
C TYR A 123 8.64 8.74 9.10
N ASP A 124 9.03 9.68 9.97
CA ASP A 124 8.16 10.79 10.33
C ASP A 124 8.63 12.09 9.69
N LYS A 125 7.80 12.65 8.82
CA LYS A 125 8.14 13.89 8.13
C LYS A 125 8.18 15.06 9.11
N VAL A 126 7.22 15.08 10.04
CA VAL A 126 7.14 16.14 11.03
C VAL A 126 8.26 16.02 12.06
N ASP A 127 8.92 14.87 12.08
CA ASP A 127 10.01 14.62 13.00
C ASP A 127 9.64 15.08 14.41
N TYR A 128 8.45 14.72 14.85
CA TYR A 128 7.97 15.09 16.17
C TYR A 128 8.69 14.29 17.26
N LEU A 129 8.86 13.00 17.02
CA LEU A 129 9.54 12.13 17.97
C LEU A 129 11.05 12.24 17.83
N SER A 130 11.52 12.43 16.60
CA SER A 130 12.94 12.55 16.33
C SER A 130 13.55 13.72 17.11
N SER A 131 12.74 14.74 17.36
CA SER A 131 13.19 15.92 18.09
C SER A 131 13.74 15.52 19.47
N LEU A 132 12.99 14.66 20.17
CA LEU A 132 13.39 14.20 21.49
C LEU A 132 14.80 13.61 21.45
N GLY A 133 15.15 12.99 20.34
CA GLY A 133 16.46 12.39 20.21
C GLY A 133 17.03 12.53 18.80
N LYS A 134 17.58 13.70 18.50
CA LYS A 134 18.15 13.96 17.19
C LYS A 134 19.67 13.88 17.23
N THR A 135 20.20 13.25 18.28
CA THR A 135 21.64 13.10 18.43
C THR A 135 22.14 11.82 17.79
N GLN A 136 22.40 11.89 16.48
CA GLN A 136 22.89 10.72 15.74
C GLN A 136 24.30 10.96 15.23
N THR A 137 25.07 9.88 15.14
CA THR A 137 26.45 9.97 14.66
C THR A 137 26.82 8.75 13.81
N SER A 138 27.49 9.01 12.69
CA SER A 138 27.90 7.94 11.79
C SER A 138 29.28 8.22 11.20
N GLY A 139 30.01 7.16 10.87
CA GLY A 139 31.33 7.31 10.30
C GLY A 139 32.30 6.28 10.83
N PRO A 140 32.30 5.08 10.22
CA PRO A 140 33.19 3.99 10.61
C PRO A 140 34.65 4.27 10.27
N SER A 141 35.53 3.34 10.64
CA SER A 141 36.95 3.49 10.37
C SER A 141 37.54 2.19 9.83
N SER A 142 38.61 2.31 9.05
CA SER A 142 39.27 1.16 8.47
C SER A 142 40.62 0.91 9.12
N GLY A 143 40.97 -0.37 9.30
CA GLY A 143 42.24 -0.71 9.90
C GLY A 143 43.29 -1.08 8.89
N GLY A 1 5.26 12.41 -17.90
CA GLY A 1 5.98 11.52 -18.78
C GLY A 1 5.14 11.07 -19.96
N SER A 2 5.77 10.99 -21.13
CA SER A 2 5.06 10.58 -22.34
C SER A 2 5.06 9.07 -22.48
N SER A 3 4.01 8.54 -23.10
CA SER A 3 3.88 7.10 -23.30
C SER A 3 2.78 6.78 -24.31
N GLY A 4 2.61 5.49 -24.60
CA GLY A 4 1.59 5.09 -25.55
C GLY A 4 1.79 3.67 -26.04
N SER A 5 0.77 2.83 -25.88
CA SER A 5 0.83 1.44 -26.30
C SER A 5 -0.35 1.07 -27.18
N SER A 6 -0.07 0.86 -28.46
CA SER A 6 -1.12 0.51 -29.42
C SER A 6 -1.63 -0.90 -29.17
N GLY A 7 -0.70 -1.84 -28.95
CA GLY A 7 -1.09 -3.22 -28.71
C GLY A 7 -1.00 -3.58 -27.24
N GLN A 8 -0.26 -4.65 -26.94
CA GLN A 8 -0.11 -5.10 -25.56
C GLN A 8 -1.46 -5.49 -24.96
N ARG A 9 -2.33 -6.06 -25.79
CA ARG A 9 -3.65 -6.47 -25.33
C ARG A 9 -3.58 -7.09 -23.94
N ILE A 10 -4.69 -6.99 -23.20
CA ILE A 10 -4.74 -7.53 -21.84
C ILE A 10 -3.94 -8.82 -21.74
N SER A 11 -3.27 -8.99 -20.60
CA SER A 11 -2.46 -10.18 -20.37
C SER A 11 -2.35 -10.47 -18.87
N LEU A 12 -2.65 -11.72 -18.50
CA LEU A 12 -2.59 -12.13 -17.10
C LEU A 12 -1.15 -12.07 -16.58
N GLU A 13 -0.85 -11.05 -15.79
CA GLU A 13 0.48 -10.88 -15.22
C GLU A 13 0.41 -10.31 -13.81
N ILE A 14 1.52 -10.42 -13.08
CA ILE A 14 1.57 -9.90 -11.72
C ILE A 14 1.98 -8.44 -11.69
N MET A 15 1.13 -7.60 -11.11
CA MET A 15 1.39 -6.17 -11.02
C MET A 15 1.90 -5.80 -9.63
N THR A 16 3.02 -5.09 -9.60
CA THR A 16 3.63 -4.68 -8.33
C THR A 16 3.09 -3.31 -7.89
N LEU A 17 2.25 -3.33 -6.86
CA LEU A 17 1.67 -2.09 -6.34
C LEU A 17 2.11 -1.84 -4.91
N GLN A 18 2.79 -0.72 -4.71
CA GLN A 18 3.28 -0.35 -3.37
C GLN A 18 2.48 0.81 -2.80
N PRO A 19 1.50 0.48 -1.95
CA PRO A 19 0.63 1.49 -1.31
C PRO A 19 1.39 2.32 -0.28
N ARG A 20 1.58 3.60 -0.57
CA ARG A 20 2.28 4.49 0.34
C ARG A 20 1.35 5.57 0.87
N CYS A 21 1.66 6.09 2.05
CA CYS A 21 0.84 7.13 2.68
C CYS A 21 1.72 8.19 3.32
N GLU A 22 1.43 9.45 3.03
CA GLU A 22 2.18 10.56 3.58
C GLU A 22 1.26 11.57 4.29
N ASP A 23 1.84 12.39 5.14
CA ASP A 23 1.07 13.39 5.88
C ASP A 23 -0.19 12.78 6.47
N VAL A 24 -0.04 11.63 7.12
CA VAL A 24 -1.17 10.94 7.73
C VAL A 24 -0.97 10.81 9.24
N GLU A 25 -1.90 11.40 10.00
CA GLU A 25 -1.84 11.35 11.45
C GLU A 25 -2.37 10.02 11.97
N THR A 26 -1.87 9.61 13.13
CA THR A 26 -2.30 8.35 13.75
C THR A 26 -3.32 8.60 14.85
N ALA A 27 -3.83 7.51 15.43
CA ALA A 27 -4.82 7.60 16.49
C ALA A 27 -4.53 8.79 17.40
N GLU A 28 -3.25 9.01 17.68
CA GLU A 28 -2.85 10.12 18.54
C GLU A 28 -2.93 11.45 17.79
N GLY A 29 -2.49 11.45 16.53
CA GLY A 29 -2.51 12.65 15.73
C GLY A 29 -1.15 13.01 15.17
N VAL A 30 -0.23 12.05 15.21
CA VAL A 30 1.12 12.26 14.70
C VAL A 30 1.24 11.83 13.25
N ALA A 31 1.62 12.76 12.39
CA ALA A 31 1.78 12.46 10.96
C ALA A 31 2.98 11.55 10.71
N LEU A 32 2.71 10.38 10.16
CA LEU A 32 3.76 9.41 9.87
C LEU A 32 3.90 9.20 8.36
N THR A 33 5.07 8.70 7.95
CA THR A 33 5.33 8.45 6.53
C THR A 33 5.67 6.98 6.29
N VAL A 34 4.70 6.24 5.76
CA VAL A 34 4.89 4.82 5.48
C VAL A 34 4.82 4.54 3.99
N THR A 35 5.85 3.89 3.46
CA THR A 35 5.90 3.55 2.04
C THR A 35 5.07 2.31 1.74
N GLY A 36 5.34 1.23 2.45
CA GLY A 36 4.61 -0.01 2.24
C GLY A 36 4.87 -0.61 0.87
N VAL A 37 4.87 -1.93 0.80
CA VAL A 37 5.11 -2.63 -0.46
C VAL A 37 4.35 -3.96 -0.50
N ALA A 38 3.55 -4.14 -1.54
CA ALA A 38 2.78 -5.37 -1.70
C ALA A 38 2.64 -5.74 -3.17
N GLN A 39 2.42 -7.03 -3.44
CA GLN A 39 2.27 -7.52 -4.81
C GLN A 39 0.82 -7.91 -5.08
N VAL A 40 0.33 -7.55 -6.25
CA VAL A 40 -1.04 -7.87 -6.65
C VAL A 40 -1.09 -8.36 -8.09
N LYS A 41 -2.16 -9.09 -8.41
CA LYS A 41 -2.34 -9.62 -9.76
C LYS A 41 -3.82 -9.79 -10.09
N ILE A 42 -4.14 -9.79 -11.37
CA ILE A 42 -5.52 -9.93 -11.82
C ILE A 42 -5.89 -11.40 -11.97
N MET A 43 -7.07 -11.76 -11.49
CA MET A 43 -7.56 -13.13 -11.56
C MET A 43 -8.30 -13.38 -12.88
N THR A 44 -8.74 -14.62 -13.08
CA THR A 44 -9.47 -14.97 -14.29
C THR A 44 -10.60 -15.94 -13.99
N GLU A 45 -11.32 -16.35 -15.02
CA GLU A 45 -12.44 -17.28 -14.86
C GLU A 45 -12.46 -18.30 -15.99
N LYS A 46 -12.68 -19.56 -15.64
CA LYS A 46 -12.73 -20.63 -16.62
C LYS A 46 -13.99 -20.52 -17.48
N GLU A 47 -14.84 -19.56 -17.16
CA GLU A 47 -16.07 -19.35 -17.91
C GLU A 47 -16.14 -17.92 -18.45
N LEU A 48 -16.12 -16.95 -17.55
CA LEU A 48 -16.19 -15.55 -17.92
C LEU A 48 -15.65 -14.65 -16.81
N LEU A 49 -15.08 -13.52 -17.20
CA LEU A 49 -14.53 -12.57 -16.23
C LEU A 49 -15.00 -11.15 -16.53
N ALA A 50 -16.07 -11.05 -17.30
CA ALA A 50 -16.63 -9.74 -17.66
C ALA A 50 -16.63 -8.80 -16.46
N VAL A 51 -16.84 -9.37 -15.27
CA VAL A 51 -16.86 -8.57 -14.05
C VAL A 51 -15.69 -7.61 -13.99
N ALA A 52 -14.52 -8.07 -14.40
CA ALA A 52 -13.31 -7.25 -14.39
C ALA A 52 -12.91 -6.88 -15.81
N CYS A 53 -13.09 -7.81 -16.74
CA CYS A 53 -12.73 -7.58 -18.13
C CYS A 53 -13.48 -6.38 -18.70
N GLU A 54 -14.78 -6.35 -18.46
CA GLU A 54 -15.63 -5.26 -18.95
C GLU A 54 -15.48 -4.02 -18.07
N GLN A 55 -14.82 -4.19 -16.91
CA GLN A 55 -14.61 -3.10 -15.99
C GLN A 55 -13.30 -2.38 -16.28
N PHE A 56 -12.43 -3.03 -17.04
CA PHE A 56 -11.14 -2.45 -17.39
C PHE A 56 -11.04 -2.22 -18.90
N LEU A 57 -11.51 -3.19 -19.68
CA LEU A 57 -11.47 -3.09 -21.13
C LEU A 57 -11.84 -1.67 -21.58
N GLY A 58 -10.84 -0.92 -22.03
CA GLY A 58 -11.09 0.43 -22.49
C GLY A 58 -9.98 1.39 -22.08
N LYS A 59 -9.51 1.25 -20.85
CA LYS A 59 -8.45 2.10 -20.33
C LYS A 59 -7.07 1.49 -20.57
N ASN A 60 -6.03 2.15 -20.09
CA ASN A 60 -4.67 1.67 -20.26
C ASN A 60 -4.18 0.99 -18.99
N VAL A 61 -3.28 0.02 -19.15
CA VAL A 61 -2.72 -0.70 -18.01
C VAL A 61 -2.49 0.22 -16.83
N GLN A 62 -1.77 1.32 -17.06
CA GLN A 62 -1.47 2.28 -16.02
C GLN A 62 -2.74 2.66 -15.25
N ASP A 63 -3.84 2.79 -15.97
CA ASP A 63 -5.12 3.14 -15.36
C ASP A 63 -5.53 2.09 -14.32
N ILE A 64 -5.39 0.82 -14.67
CA ILE A 64 -5.74 -0.26 -13.77
C ILE A 64 -4.95 -0.19 -12.46
N LYS A 65 -3.62 -0.21 -12.59
CA LYS A 65 -2.75 -0.13 -11.43
C LYS A 65 -3.27 0.90 -10.42
N ASN A 66 -3.64 2.07 -10.93
CA ASN A 66 -4.16 3.14 -10.08
C ASN A 66 -5.36 2.66 -9.28
N VAL A 67 -6.43 2.32 -9.98
CA VAL A 67 -7.66 1.84 -9.34
C VAL A 67 -7.33 0.92 -8.17
N VAL A 68 -6.64 -0.18 -8.47
CA VAL A 68 -6.27 -1.15 -7.45
C VAL A 68 -5.47 -0.50 -6.33
N LEU A 69 -4.50 0.34 -6.72
CA LEU A 69 -3.66 1.04 -5.76
C LEU A 69 -4.51 1.83 -4.75
N GLN A 70 -5.55 2.48 -5.26
CA GLN A 70 -6.44 3.26 -4.41
C GLN A 70 -7.08 2.39 -3.33
N THR A 71 -7.38 1.14 -3.68
CA THR A 71 -7.99 0.22 -2.74
C THR A 71 -7.06 -0.07 -1.56
N LEU A 72 -5.88 -0.60 -1.86
CA LEU A 72 -4.90 -0.92 -0.82
C LEU A 72 -4.45 0.35 -0.10
N GLU A 73 -4.17 1.40 -0.87
CA GLU A 73 -3.73 2.67 -0.30
C GLU A 73 -4.78 3.24 0.64
N GLY A 74 -6.01 3.35 0.15
CA GLY A 74 -7.10 3.88 0.96
C GLY A 74 -7.17 3.23 2.33
N HIS A 75 -6.97 1.92 2.37
CA HIS A 75 -7.01 1.17 3.62
C HIS A 75 -5.80 1.51 4.50
N LEU A 76 -4.61 1.39 3.92
CA LEU A 76 -3.38 1.68 4.64
C LEU A 76 -3.58 2.84 5.62
N ARG A 77 -4.09 3.96 5.11
CA ARG A 77 -4.33 5.13 5.93
C ARG A 77 -5.40 4.85 6.98
N SER A 78 -6.44 4.12 6.57
CA SER A 78 -7.54 3.78 7.46
C SER A 78 -7.04 2.99 8.67
N ILE A 79 -6.22 1.98 8.40
CA ILE A 79 -5.67 1.14 9.45
C ILE A 79 -4.72 1.94 10.35
N LEU A 80 -3.83 2.71 9.72
CA LEU A 80 -2.87 3.52 10.45
C LEU A 80 -3.58 4.46 11.42
N GLY A 81 -4.57 5.18 10.92
CA GLY A 81 -5.31 6.11 11.75
C GLY A 81 -5.69 5.51 13.09
N THR A 82 -6.29 4.33 13.06
CA THR A 82 -6.70 3.66 14.29
C THR A 82 -5.50 3.05 15.01
N LEU A 83 -4.38 2.96 14.31
CA LEU A 83 -3.16 2.40 14.89
C LEU A 83 -2.23 3.51 15.38
N THR A 84 -1.87 3.45 16.65
CA THR A 84 -0.99 4.45 17.25
C THR A 84 0.41 4.38 16.64
N VAL A 85 1.01 5.54 16.42
CA VAL A 85 2.36 5.61 15.85
C VAL A 85 3.29 4.60 16.52
N GLU A 86 3.17 4.46 17.82
CA GLU A 86 4.00 3.53 18.58
C GLU A 86 3.85 2.11 18.04
N GLN A 87 2.64 1.77 17.62
CA GLN A 87 2.37 0.44 17.08
C GLN A 87 3.08 0.24 15.74
N ILE A 88 2.85 1.16 14.81
CA ILE A 88 3.47 1.08 13.49
C ILE A 88 4.94 0.71 13.60
N TYR A 89 5.66 1.38 14.49
CA TYR A 89 7.07 1.12 14.69
C TYR A 89 7.29 -0.21 15.39
N GLN A 90 6.63 -0.38 16.53
CA GLN A 90 6.74 -1.60 17.31
C GLN A 90 6.75 -2.83 16.40
N ASP A 91 5.64 -3.02 15.68
CA ASP A 91 5.52 -4.15 14.77
C ASP A 91 5.02 -3.69 13.40
N ARG A 92 5.91 -3.72 12.41
CA ARG A 92 5.56 -3.30 11.06
C ARG A 92 4.85 -4.43 10.31
N ASP A 93 5.47 -5.60 10.30
CA ASP A 93 4.90 -6.77 9.62
C ASP A 93 3.44 -6.96 10.01
N GLN A 94 3.12 -6.67 11.27
CA GLN A 94 1.77 -6.82 11.77
C GLN A 94 0.85 -5.74 11.19
N PHE A 95 1.37 -4.52 11.11
CA PHE A 95 0.60 -3.40 10.57
C PHE A 95 0.26 -3.63 9.10
N ALA A 96 1.18 -4.26 8.38
CA ALA A 96 0.98 -4.54 6.96
C ALA A 96 -0.07 -5.62 6.76
N LYS A 97 -0.38 -6.35 7.83
CA LYS A 97 -1.37 -7.41 7.77
C LYS A 97 -2.78 -6.86 7.88
N LEU A 98 -3.02 -6.04 8.89
CA LEU A 98 -4.33 -5.42 9.10
C LEU A 98 -4.83 -4.76 7.82
N VAL A 99 -3.91 -4.50 6.90
CA VAL A 99 -4.26 -3.87 5.63
C VAL A 99 -4.62 -4.91 4.58
N ARG A 100 -3.63 -5.72 4.20
CA ARG A 100 -3.84 -6.75 3.19
C ARG A 100 -4.96 -7.70 3.62
N GLU A 101 -5.20 -7.78 4.92
CA GLU A 101 -6.25 -8.64 5.45
C GLU A 101 -7.63 -8.05 5.22
N VAL A 102 -7.70 -6.71 5.24
CA VAL A 102 -8.96 -6.01 5.03
C VAL A 102 -9.19 -5.73 3.54
N ALA A 103 -8.10 -5.71 2.77
CA ALA A 103 -8.18 -5.46 1.34
C ALA A 103 -8.34 -6.76 0.56
N ALA A 104 -7.81 -7.84 1.10
CA ALA A 104 -7.89 -9.14 0.46
C ALA A 104 -9.33 -9.46 0.07
N PRO A 105 -10.22 -9.52 1.07
CA PRO A 105 -11.64 -9.81 0.84
C PRO A 105 -12.37 -8.68 0.14
N ASP A 106 -11.64 -7.60 -0.13
CA ASP A 106 -12.22 -6.44 -0.81
C ASP A 106 -11.94 -6.49 -2.31
N VAL A 107 -10.66 -6.50 -2.66
CA VAL A 107 -10.24 -6.54 -4.06
C VAL A 107 -10.90 -7.70 -4.79
N GLY A 108 -11.03 -8.83 -4.10
CA GLY A 108 -11.64 -10.01 -4.70
C GLY A 108 -12.92 -9.68 -5.45
N ARG A 109 -13.83 -8.96 -4.78
CA ARG A 109 -15.09 -8.59 -5.40
C ARG A 109 -14.87 -7.99 -6.79
N MET A 110 -13.95 -7.04 -6.87
CA MET A 110 -13.64 -6.38 -8.14
C MET A 110 -13.03 -7.38 -9.12
N GLY A 111 -12.27 -8.33 -8.61
CA GLY A 111 -11.64 -9.33 -9.45
C GLY A 111 -10.14 -9.40 -9.24
N ILE A 112 -9.62 -8.58 -8.33
CA ILE A 112 -8.19 -8.57 -8.04
C ILE A 112 -7.88 -9.33 -6.77
N GLU A 113 -6.76 -10.04 -6.76
CA GLU A 113 -6.34 -10.82 -5.60
C GLU A 113 -4.93 -10.42 -5.16
N ILE A 114 -4.76 -10.20 -3.86
CA ILE A 114 -3.46 -9.82 -3.32
C ILE A 114 -2.57 -11.05 -3.13
N LEU A 115 -1.28 -10.88 -3.38
CA LEU A 115 -0.33 -11.98 -3.23
C LEU A 115 0.37 -11.91 -1.88
N SER A 116 0.92 -10.74 -1.55
CA SER A 116 1.61 -10.54 -0.28
C SER A 116 1.63 -9.07 0.10
N PHE A 117 2.02 -8.79 1.34
CA PHE A 117 2.09 -7.43 1.84
C PHE A 117 3.24 -7.26 2.83
N THR A 118 4.05 -6.24 2.61
CA THR A 118 5.19 -5.97 3.48
C THR A 118 5.42 -4.47 3.63
N ILE A 119 6.33 -4.10 4.53
CA ILE A 119 6.65 -2.70 4.76
C ILE A 119 8.05 -2.36 4.27
N LYS A 120 8.14 -1.35 3.41
CA LYS A 120 9.43 -0.93 2.87
C LYS A 120 10.16 -0.02 3.84
N ASP A 121 9.67 1.21 3.99
CA ASP A 121 10.28 2.17 4.90
C ASP A 121 9.20 2.97 5.64
N VAL A 122 9.49 3.31 6.89
CA VAL A 122 8.55 4.08 7.71
C VAL A 122 9.28 5.12 8.55
N TYR A 123 9.09 6.38 8.21
CA TYR A 123 9.73 7.48 8.93
C TYR A 123 8.71 8.53 9.34
N ASP A 124 9.14 9.48 10.17
CA ASP A 124 8.27 10.55 10.63
C ASP A 124 8.72 11.90 10.08
N LYS A 125 7.85 12.55 9.33
CA LYS A 125 8.16 13.85 8.75
C LYS A 125 8.43 14.89 9.84
N VAL A 126 7.50 15.01 10.77
CA VAL A 126 7.64 15.96 11.87
C VAL A 126 8.67 15.48 12.88
N ASP A 127 9.30 14.35 12.58
CA ASP A 127 10.31 13.78 13.47
C ASP A 127 9.85 13.84 14.92
N TYR A 128 8.56 13.63 15.13
CA TYR A 128 7.99 13.66 16.47
C TYR A 128 8.85 12.85 17.44
N LEU A 129 8.79 11.52 17.34
CA LEU A 129 9.56 10.64 18.20
C LEU A 129 11.06 10.88 18.01
N SER A 130 11.50 10.90 16.77
CA SER A 130 12.91 11.11 16.46
C SER A 130 13.49 12.21 17.34
N SER A 131 12.67 13.20 17.67
CA SER A 131 13.12 14.31 18.50
C SER A 131 13.07 13.93 19.99
N LEU A 132 12.01 13.22 20.38
CA LEU A 132 11.85 12.80 21.76
C LEU A 132 13.11 12.09 22.26
N GLY A 133 13.77 11.36 21.36
CA GLY A 133 14.98 10.63 21.73
C GLY A 133 14.72 9.19 22.07
N LYS A 134 14.55 8.37 21.03
CA LYS A 134 14.28 6.95 21.21
C LYS A 134 15.34 6.11 20.51
N THR A 135 16.41 6.75 20.06
CA THR A 135 17.49 6.06 19.37
C THR A 135 18.85 6.54 19.85
N GLN A 136 19.55 5.69 20.61
CA GLN A 136 20.85 6.03 21.13
C GLN A 136 21.84 6.32 20.00
N THR A 137 21.89 7.58 19.57
CA THR A 137 22.79 7.98 18.49
C THR A 137 24.21 8.19 19.01
N SER A 138 25.19 8.02 18.12
CA SER A 138 26.59 8.19 18.49
C SER A 138 27.48 8.17 17.25
N GLY A 139 28.56 8.95 17.30
CA GLY A 139 29.47 9.02 16.17
C GLY A 139 29.78 10.45 15.77
N PRO A 140 31.03 10.69 15.35
CA PRO A 140 31.48 12.02 14.92
C PRO A 140 30.84 12.46 13.61
N SER A 141 31.10 13.70 13.21
CA SER A 141 30.54 14.24 11.97
C SER A 141 31.63 14.42 10.93
N SER A 142 31.22 14.65 9.68
CA SER A 142 32.16 14.83 8.59
C SER A 142 31.45 15.42 7.37
N GLY A 143 32.24 15.78 6.35
CA GLY A 143 31.68 16.35 5.15
C GLY A 143 32.52 17.49 4.59
N GLY A 1 4.08 12.58 -15.79
CA GLY A 1 5.33 12.26 -16.44
C GLY A 1 5.17 11.21 -17.51
N SER A 2 5.77 11.45 -18.68
CA SER A 2 5.68 10.51 -19.80
C SER A 2 7.04 9.87 -20.08
N SER A 3 7.31 8.76 -19.41
CA SER A 3 8.57 8.05 -19.59
C SER A 3 8.54 7.18 -20.83
N GLY A 4 8.02 7.74 -21.93
CA GLY A 4 7.94 6.99 -23.17
C GLY A 4 7.13 5.71 -23.03
N SER A 5 5.81 5.86 -23.00
CA SER A 5 4.92 4.70 -22.86
C SER A 5 4.17 4.43 -24.16
N SER A 6 4.38 3.24 -24.72
CA SER A 6 3.73 2.86 -25.97
C SER A 6 3.15 1.45 -25.87
N GLY A 7 1.83 1.37 -25.92
CA GLY A 7 1.17 0.07 -25.83
C GLY A 7 -0.11 0.13 -25.02
N GLN A 8 -1.23 0.29 -25.71
CA GLN A 8 -2.53 0.36 -25.05
C GLN A 8 -3.09 -1.04 -24.78
N ARG A 9 -2.22 -1.93 -24.34
CA ARG A 9 -2.61 -3.31 -24.05
C ARG A 9 -2.64 -3.56 -22.55
N ILE A 10 -3.72 -4.19 -22.08
CA ILE A 10 -3.87 -4.48 -20.67
C ILE A 10 -2.68 -5.27 -20.14
N SER A 11 -2.38 -5.11 -18.86
CA SER A 11 -1.27 -5.80 -18.23
C SER A 11 -1.76 -6.96 -17.37
N LEU A 12 -1.58 -8.19 -17.87
CA LEU A 12 -2.01 -9.38 -17.14
C LEU A 12 -0.94 -9.82 -16.15
N GLU A 13 0.30 -9.91 -16.63
CA GLU A 13 1.42 -10.33 -15.79
C GLU A 13 1.31 -9.73 -14.40
N ILE A 14 1.89 -10.41 -13.42
CA ILE A 14 1.85 -9.94 -12.04
C ILE A 14 2.41 -8.53 -11.92
N MET A 15 1.63 -7.64 -11.29
CA MET A 15 2.05 -6.25 -11.12
C MET A 15 2.40 -5.97 -9.66
N THR A 16 3.49 -5.25 -9.45
CA THR A 16 3.93 -4.91 -8.09
C THR A 16 3.40 -3.55 -7.67
N LEU A 17 2.46 -3.55 -6.73
CA LEU A 17 1.87 -2.31 -6.23
C LEU A 17 2.26 -2.07 -4.77
N GLN A 18 3.04 -1.03 -4.53
CA GLN A 18 3.47 -0.69 -3.18
C GLN A 18 2.75 0.54 -2.66
N PRO A 19 1.68 0.31 -1.87
CA PRO A 19 0.86 1.38 -1.30
C PRO A 19 1.62 2.16 -0.23
N ARG A 20 1.91 3.42 -0.51
CA ARG A 20 2.63 4.28 0.43
C ARG A 20 1.73 5.41 0.92
N CYS A 21 1.72 5.62 2.24
CA CYS A 21 0.91 6.68 2.83
C CYS A 21 1.79 7.78 3.41
N GLU A 22 1.38 9.03 3.21
CA GLU A 22 2.13 10.18 3.72
C GLU A 22 1.23 11.11 4.51
N ASP A 23 1.81 11.82 5.48
CA ASP A 23 1.06 12.76 6.30
C ASP A 23 -0.24 12.13 6.79
N VAL A 24 -0.14 10.92 7.34
CA VAL A 24 -1.30 10.21 7.85
C VAL A 24 -1.36 10.25 9.37
N GLU A 25 -2.26 11.06 9.92
CA GLU A 25 -2.41 11.19 11.36
C GLU A 25 -2.77 9.85 11.99
N THR A 26 -2.00 9.44 12.99
CA THR A 26 -2.26 8.17 13.68
C THR A 26 -3.44 8.29 14.63
N ALA A 27 -3.70 7.22 15.37
CA ALA A 27 -4.80 7.20 16.33
C ALA A 27 -4.84 8.49 17.14
N GLU A 28 -3.74 8.81 17.81
CA GLU A 28 -3.67 10.01 18.63
C GLU A 28 -3.74 11.27 17.75
N GLY A 29 -3.02 11.24 16.63
CA GLY A 29 -3.02 12.38 15.74
C GLY A 29 -1.63 12.76 15.27
N VAL A 30 -0.82 11.75 14.95
CA VAL A 30 0.54 11.97 14.50
C VAL A 30 0.72 11.53 13.05
N ALA A 31 1.17 12.45 12.21
CA ALA A 31 1.39 12.17 10.79
C ALA A 31 2.59 11.25 10.60
N LEU A 32 2.36 10.08 10.01
CA LEU A 32 3.42 9.11 9.77
C LEU A 32 3.56 8.82 8.27
N THR A 33 4.68 8.21 7.90
CA THR A 33 4.92 7.86 6.51
C THR A 33 5.31 6.40 6.36
N VAL A 34 4.43 5.62 5.72
CA VAL A 34 4.67 4.21 5.51
C VAL A 34 4.68 3.86 4.02
N THR A 35 5.83 3.40 3.54
CA THR A 35 5.98 3.04 2.13
C THR A 35 5.12 1.84 1.78
N GLY A 36 5.26 0.76 2.56
CA GLY A 36 4.50 -0.44 2.32
C GLY A 36 4.78 -1.05 0.96
N VAL A 37 4.71 -2.37 0.87
CA VAL A 37 4.97 -3.07 -0.38
C VAL A 37 4.19 -4.39 -0.43
N ALA A 38 3.32 -4.52 -1.42
CA ALA A 38 2.53 -5.73 -1.59
C ALA A 38 2.37 -6.09 -3.06
N GLN A 39 2.41 -7.39 -3.35
CA GLN A 39 2.27 -7.86 -4.73
C GLN A 39 0.80 -8.09 -5.08
N VAL A 40 0.47 -8.02 -6.37
CA VAL A 40 -0.89 -8.22 -6.83
C VAL A 40 -0.91 -8.63 -8.30
N LYS A 41 -1.86 -9.50 -8.65
CA LYS A 41 -1.99 -9.97 -10.02
C LYS A 41 -3.46 -10.02 -10.44
N ILE A 42 -3.69 -10.05 -11.75
CA ILE A 42 -5.06 -10.10 -12.27
C ILE A 42 -5.61 -11.52 -12.25
N MET A 43 -6.60 -11.75 -11.40
CA MET A 43 -7.22 -13.06 -11.29
C MET A 43 -7.50 -13.67 -12.66
N THR A 44 -7.90 -14.93 -12.69
CA THR A 44 -8.19 -15.62 -13.93
C THR A 44 -9.70 -15.65 -14.20
N GLU A 45 -10.07 -15.99 -15.44
CA GLU A 45 -11.46 -16.05 -15.82
C GLU A 45 -11.89 -17.49 -16.08
N LYS A 46 -12.96 -17.91 -15.42
CA LYS A 46 -13.48 -19.27 -15.58
C LYS A 46 -14.72 -19.29 -16.49
N GLU A 47 -15.66 -18.41 -16.20
CA GLU A 47 -16.89 -18.32 -16.99
C GLU A 47 -17.05 -16.93 -17.58
N LEU A 48 -16.97 -15.91 -16.73
CA LEU A 48 -17.11 -14.53 -17.17
C LEU A 48 -16.37 -13.57 -16.24
N LEU A 49 -15.49 -12.77 -16.81
CA LEU A 49 -14.71 -11.80 -16.04
C LEU A 49 -15.03 -10.38 -16.45
N ALA A 50 -16.28 -10.15 -16.83
CA ALA A 50 -16.72 -8.82 -17.25
C ALA A 50 -16.62 -7.82 -16.10
N VAL A 51 -16.65 -8.32 -14.87
CA VAL A 51 -16.56 -7.48 -13.69
C VAL A 51 -15.31 -6.60 -13.73
N ALA A 52 -14.18 -7.23 -14.04
CA ALA A 52 -12.91 -6.51 -14.12
C ALA A 52 -12.55 -6.19 -15.57
N CYS A 53 -12.79 -7.15 -16.45
CA CYS A 53 -12.49 -6.97 -17.88
C CYS A 53 -12.95 -5.59 -18.36
N GLU A 54 -14.25 -5.37 -18.34
CA GLU A 54 -14.82 -4.10 -18.79
C GLU A 54 -14.32 -2.96 -17.91
N GLN A 55 -14.16 -3.23 -16.62
CA GLN A 55 -13.70 -2.22 -15.68
C GLN A 55 -12.40 -1.58 -16.16
N PHE A 56 -11.58 -2.38 -16.85
CA PHE A 56 -10.30 -1.90 -17.37
C PHE A 56 -10.42 -1.53 -18.85
N LEU A 57 -10.93 -2.46 -19.65
CA LEU A 57 -11.09 -2.25 -21.08
C LEU A 57 -11.41 -0.78 -21.36
N GLY A 58 -10.83 -0.26 -22.45
CA GLY A 58 -11.07 1.12 -22.82
C GLY A 58 -10.00 2.06 -22.29
N LYS A 59 -9.53 1.80 -21.08
CA LYS A 59 -8.50 2.62 -20.45
C LYS A 59 -7.12 1.97 -20.60
N ASN A 60 -6.09 2.72 -20.22
CA ASN A 60 -4.72 2.22 -20.31
C ASN A 60 -4.34 1.46 -19.04
N VAL A 61 -3.24 0.72 -19.10
CA VAL A 61 -2.76 -0.05 -17.96
C VAL A 61 -2.66 0.83 -16.72
N GLN A 62 -2.50 2.13 -16.92
CA GLN A 62 -2.40 3.07 -15.81
C GLN A 62 -3.63 3.00 -14.93
N ASP A 63 -4.80 3.10 -15.55
CA ASP A 63 -6.06 3.05 -14.82
C ASP A 63 -6.08 1.89 -13.83
N ILE A 64 -5.86 0.68 -14.35
CA ILE A 64 -5.85 -0.52 -13.51
C ILE A 64 -4.90 -0.35 -12.33
N LYS A 65 -3.61 -0.34 -12.61
CA LYS A 65 -2.59 -0.18 -11.57
C LYS A 65 -3.05 0.81 -10.51
N ASN A 66 -3.65 1.91 -10.95
CA ASN A 66 -4.14 2.94 -10.04
C ASN A 66 -5.30 2.42 -9.20
N VAL A 67 -6.39 2.04 -9.87
CA VAL A 67 -7.57 1.53 -9.17
C VAL A 67 -7.17 0.60 -8.04
N VAL A 68 -6.48 -0.49 -8.38
CA VAL A 68 -6.04 -1.47 -7.39
C VAL A 68 -5.25 -0.79 -6.28
N LEU A 69 -4.28 0.04 -6.66
CA LEU A 69 -3.45 0.75 -5.70
C LEU A 69 -4.31 1.52 -4.71
N GLN A 70 -5.29 2.25 -5.22
CA GLN A 70 -6.18 3.03 -4.38
C GLN A 70 -6.81 2.17 -3.28
N THR A 71 -7.26 0.98 -3.67
CA THR A 71 -7.88 0.05 -2.73
C THR A 71 -7.00 -0.14 -1.49
N LEU A 72 -5.81 -0.67 -1.69
CA LEU A 72 -4.88 -0.90 -0.60
C LEU A 72 -4.46 0.41 0.05
N GLU A 73 -3.97 1.34 -0.77
CA GLU A 73 -3.54 2.64 -0.28
C GLU A 73 -4.54 3.21 0.72
N GLY A 74 -5.77 3.39 0.27
CA GLY A 74 -6.82 3.92 1.13
C GLY A 74 -6.91 3.19 2.45
N HIS A 75 -6.95 1.85 2.38
CA HIS A 75 -7.05 1.03 3.57
C HIS A 75 -5.84 1.27 4.50
N LEU A 76 -4.67 1.45 3.90
CA LEU A 76 -3.45 1.69 4.66
C LEU A 76 -3.66 2.80 5.68
N ARG A 77 -4.28 3.88 5.24
CA ARG A 77 -4.53 5.03 6.11
C ARG A 77 -5.67 4.72 7.08
N SER A 78 -6.65 3.95 6.62
CA SER A 78 -7.79 3.59 7.46
C SER A 78 -7.35 2.76 8.65
N ILE A 79 -6.56 1.73 8.39
CA ILE A 79 -6.07 0.85 9.46
C ILE A 79 -5.09 1.59 10.37
N LEU A 80 -3.96 1.99 9.80
CA LEU A 80 -2.93 2.71 10.57
C LEU A 80 -3.57 3.57 11.65
N GLY A 81 -4.69 4.21 11.31
CA GLY A 81 -5.38 5.05 12.27
C GLY A 81 -5.46 4.43 13.64
N THR A 82 -6.22 3.35 13.76
CA THR A 82 -6.38 2.66 15.03
C THR A 82 -5.04 2.45 15.72
N LEU A 83 -4.00 2.22 14.92
CA LEU A 83 -2.67 2.00 15.45
C LEU A 83 -2.00 3.33 15.80
N THR A 84 -1.27 3.35 16.92
CA THR A 84 -0.59 4.55 17.37
C THR A 84 0.79 4.65 16.75
N VAL A 85 1.23 5.88 16.47
CA VAL A 85 2.54 6.11 15.88
C VAL A 85 3.59 5.18 16.48
N GLU A 86 3.55 5.04 17.80
CA GLU A 86 4.50 4.18 18.50
C GLU A 86 4.36 2.73 18.04
N GLN A 87 3.24 2.11 18.38
CA GLN A 87 2.98 0.72 18.00
C GLN A 87 3.50 0.45 16.59
N ILE A 88 3.06 1.27 15.64
CA ILE A 88 3.47 1.11 14.24
C ILE A 88 4.96 0.78 14.14
N TYR A 89 5.80 1.71 14.61
CA TYR A 89 7.23 1.53 14.57
C TYR A 89 7.63 0.19 15.21
N GLN A 90 7.14 -0.03 16.43
CA GLN A 90 7.44 -1.27 17.15
C GLN A 90 7.19 -2.49 16.27
N ASP A 91 5.93 -2.70 15.90
CA ASP A 91 5.57 -3.82 15.06
C ASP A 91 4.82 -3.36 13.81
N ARG A 92 5.57 -2.87 12.83
CA ARG A 92 4.99 -2.38 11.58
C ARG A 92 4.68 -3.54 10.63
N ASP A 93 5.40 -4.65 10.82
CA ASP A 93 5.20 -5.82 9.98
C ASP A 93 3.74 -6.30 10.03
N GLN A 94 3.23 -6.46 11.25
CA GLN A 94 1.85 -6.91 11.44
C GLN A 94 0.87 -5.91 10.83
N PHE A 95 1.06 -4.63 11.14
CA PHE A 95 0.18 -3.59 10.62
C PHE A 95 -0.15 -3.84 9.15
N ALA A 96 0.89 -3.96 8.33
CA ALA A 96 0.71 -4.20 6.91
C ALA A 96 -0.36 -5.26 6.66
N LYS A 97 -0.26 -6.37 7.38
CA LYS A 97 -1.22 -7.46 7.24
C LYS A 97 -2.65 -6.96 7.41
N LEU A 98 -2.93 -6.33 8.54
CA LEU A 98 -4.26 -5.81 8.82
C LEU A 98 -4.84 -5.13 7.58
N VAL A 99 -3.97 -4.62 6.72
CA VAL A 99 -4.40 -3.96 5.50
C VAL A 99 -4.64 -4.96 4.38
N ARG A 100 -3.75 -5.95 4.29
CA ARG A 100 -3.87 -6.98 3.25
C ARG A 100 -5.09 -7.85 3.50
N GLU A 101 -5.38 -8.12 4.77
CA GLU A 101 -6.53 -8.94 5.13
C GLU A 101 -7.84 -8.21 4.86
N VAL A 102 -7.91 -6.96 5.29
CA VAL A 102 -9.10 -6.14 5.09
C VAL A 102 -9.30 -5.82 3.62
N ALA A 103 -8.21 -5.77 2.87
CA ALA A 103 -8.27 -5.48 1.44
C ALA A 103 -8.53 -6.74 0.63
N ALA A 104 -7.90 -7.84 1.03
CA ALA A 104 -8.07 -9.11 0.34
C ALA A 104 -9.49 -9.25 -0.21
N PRO A 105 -10.48 -9.22 0.69
CA PRO A 105 -11.89 -9.34 0.33
C PRO A 105 -12.41 -8.13 -0.44
N ASP A 106 -11.85 -6.96 -0.11
CA ASP A 106 -12.25 -5.71 -0.75
C ASP A 106 -11.97 -5.77 -2.25
N VAL A 107 -10.73 -6.09 -2.60
CA VAL A 107 -10.33 -6.17 -4.00
C VAL A 107 -11.11 -7.26 -4.74
N GLY A 108 -11.27 -8.40 -4.09
CA GLY A 108 -12.00 -9.50 -4.69
C GLY A 108 -13.19 -9.03 -5.49
N ARG A 109 -14.04 -8.22 -4.86
CA ARG A 109 -15.23 -7.69 -5.53
C ARG A 109 -14.91 -7.26 -6.95
N MET A 110 -13.88 -6.45 -7.11
CA MET A 110 -13.48 -5.96 -8.42
C MET A 110 -12.96 -7.10 -9.29
N GLY A 111 -12.17 -7.98 -8.70
CA GLY A 111 -11.63 -9.11 -9.44
C GLY A 111 -10.12 -9.19 -9.36
N ILE A 112 -9.56 -8.77 -8.23
CA ILE A 112 -8.12 -8.79 -8.04
C ILE A 112 -7.74 -9.60 -6.80
N GLU A 113 -6.72 -10.44 -6.93
CA GLU A 113 -6.26 -11.27 -5.83
C GLU A 113 -4.90 -10.81 -5.33
N ILE A 114 -4.77 -10.65 -4.02
CA ILE A 114 -3.51 -10.21 -3.41
C ILE A 114 -2.63 -11.40 -3.08
N LEU A 115 -1.32 -11.24 -3.30
CA LEU A 115 -0.36 -12.30 -3.02
C LEU A 115 0.15 -12.20 -1.58
N SER A 116 0.70 -11.03 -1.24
CA SER A 116 1.24 -10.80 0.09
C SER A 116 1.32 -9.31 0.40
N PHE A 117 1.69 -8.98 1.63
CA PHE A 117 1.81 -7.59 2.05
C PHE A 117 2.91 -7.43 3.09
N THR A 118 3.91 -6.62 2.77
CA THR A 118 5.03 -6.38 3.67
C THR A 118 5.37 -4.89 3.73
N ILE A 119 6.24 -4.54 4.68
CA ILE A 119 6.65 -3.15 4.84
C ILE A 119 8.01 -2.90 4.21
N LYS A 120 8.14 -1.77 3.52
CA LYS A 120 9.40 -1.40 2.87
C LYS A 120 10.19 -0.42 3.72
N ASP A 121 9.54 0.67 4.11
CA ASP A 121 10.18 1.69 4.94
C ASP A 121 9.13 2.58 5.61
N VAL A 122 9.41 2.97 6.85
CA VAL A 122 8.51 3.83 7.61
C VAL A 122 9.27 4.92 8.34
N TYR A 123 8.95 6.18 8.03
CA TYR A 123 9.61 7.30 8.67
C TYR A 123 8.58 8.38 9.05
N ASP A 124 9.04 9.37 9.81
CA ASP A 124 8.17 10.46 10.24
C ASP A 124 8.54 11.76 9.53
N LYS A 125 7.57 12.32 8.80
CA LYS A 125 7.78 13.56 8.07
C LYS A 125 7.80 14.75 9.02
N VAL A 126 6.87 14.76 9.97
CA VAL A 126 6.79 15.84 10.95
C VAL A 126 8.04 15.90 11.82
N ASP A 127 8.80 14.80 11.83
CA ASP A 127 10.02 14.73 12.62
C ASP A 127 9.75 15.12 14.07
N TYR A 128 8.61 14.70 14.59
CA TYR A 128 8.24 15.00 15.97
C TYR A 128 8.98 14.10 16.95
N LEU A 129 8.85 12.79 16.76
CA LEU A 129 9.50 11.82 17.62
C LEU A 129 11.00 11.77 17.35
N SER A 130 11.36 11.81 16.07
CA SER A 130 12.77 11.76 15.68
C SER A 130 13.53 12.96 16.25
N SER A 131 12.88 14.11 16.27
CA SER A 131 13.50 15.33 16.79
C SER A 131 14.00 15.11 18.22
N LEU A 132 13.13 14.59 19.08
CA LEU A 132 13.48 14.34 20.46
C LEU A 132 14.75 13.49 20.56
N GLY A 133 14.92 12.59 19.59
CA GLY A 133 16.09 11.73 19.58
C GLY A 133 16.43 11.21 20.96
N LYS A 134 15.79 10.12 21.36
CA LYS A 134 16.04 9.53 22.68
C LYS A 134 17.37 8.80 22.69
N THR A 135 18.44 9.54 22.96
CA THR A 135 19.78 8.97 23.02
C THR A 135 20.33 8.99 24.44
N GLN A 136 19.47 8.71 25.41
CA GLN A 136 19.87 8.69 26.81
C GLN A 136 20.74 7.47 27.11
N THR A 137 21.30 7.43 28.33
CA THR A 137 22.15 6.32 28.74
C THR A 137 22.04 6.09 30.24
N SER A 138 22.14 4.83 30.65
CA SER A 138 22.06 4.47 32.06
C SER A 138 23.06 3.36 32.39
N GLY A 139 23.46 3.30 33.66
CA GLY A 139 24.41 2.28 34.08
C GLY A 139 25.82 2.82 34.23
N PRO A 140 26.56 2.29 35.20
CA PRO A 140 27.94 2.70 35.46
C PRO A 140 28.91 2.27 34.36
N SER A 141 29.41 3.24 33.60
CA SER A 141 30.33 2.96 32.51
C SER A 141 31.69 3.59 32.77
N SER A 142 32.73 2.76 32.81
CA SER A 142 34.08 3.24 33.05
C SER A 142 35.11 2.29 32.45
N GLY A 143 36.28 2.82 32.13
CA GLY A 143 37.34 2.01 31.55
C GLY A 143 38.72 2.55 31.85
N GLY A 1 6.37 10.23 -13.20
CA GLY A 1 7.44 10.33 -14.16
C GLY A 1 6.94 10.53 -15.58
N SER A 2 6.89 9.45 -16.36
CA SER A 2 6.44 9.51 -17.74
C SER A 2 5.48 8.37 -18.04
N SER A 3 4.62 8.57 -19.04
CA SER A 3 3.64 7.55 -19.42
C SER A 3 3.55 7.45 -20.95
N GLY A 4 3.41 6.22 -21.44
CA GLY A 4 3.31 6.01 -22.88
C GLY A 4 4.17 4.85 -23.35
N SER A 5 3.53 3.81 -23.86
CA SER A 5 4.24 2.63 -24.36
C SER A 5 3.42 1.91 -25.42
N SER A 6 4.11 1.20 -26.31
CA SER A 6 3.45 0.46 -27.38
C SER A 6 3.02 -0.92 -26.91
N GLY A 7 1.74 -1.07 -26.61
CA GLY A 7 1.23 -2.35 -26.14
C GLY A 7 -0.28 -2.39 -26.11
N GLN A 8 -0.86 -3.41 -26.74
CA GLN A 8 -2.31 -3.56 -26.79
C GLN A 8 -2.72 -4.98 -26.44
N ARG A 9 -2.84 -5.28 -25.15
CA ARG A 9 -3.22 -6.60 -24.70
C ARG A 9 -3.63 -6.58 -23.23
N ILE A 10 -4.67 -7.35 -22.89
CA ILE A 10 -5.16 -7.40 -21.53
C ILE A 10 -4.02 -7.63 -20.53
N SER A 11 -4.15 -7.05 -19.35
CA SER A 11 -3.13 -7.19 -18.32
C SER A 11 -3.30 -8.50 -17.56
N LEU A 12 -2.26 -9.32 -17.57
CA LEU A 12 -2.27 -10.61 -16.88
C LEU A 12 -1.10 -10.75 -15.92
N GLU A 13 0.09 -10.38 -16.40
CA GLU A 13 1.29 -10.45 -15.59
C GLU A 13 1.09 -9.78 -14.24
N ILE A 14 1.95 -10.10 -13.29
CA ILE A 14 1.86 -9.53 -11.95
C ILE A 14 2.37 -8.09 -11.94
N MET A 15 1.70 -7.23 -11.18
CA MET A 15 2.07 -5.83 -11.07
C MET A 15 2.44 -5.46 -9.65
N THR A 16 3.62 -4.90 -9.47
CA THR A 16 4.09 -4.50 -8.15
C THR A 16 3.47 -3.18 -7.71
N LEU A 17 2.56 -3.24 -6.75
CA LEU A 17 1.89 -2.05 -6.25
C LEU A 17 2.27 -1.79 -4.80
N GLN A 18 3.05 -0.73 -4.57
CA GLN A 18 3.48 -0.36 -3.23
C GLN A 18 2.63 0.78 -2.68
N PRO A 19 1.64 0.44 -1.84
CA PRO A 19 0.74 1.43 -1.23
C PRO A 19 1.45 2.29 -0.19
N ARG A 20 1.81 3.51 -0.58
CA ARG A 20 2.50 4.43 0.32
C ARG A 20 1.56 5.53 0.79
N CYS A 21 1.50 5.74 2.09
CA CYS A 21 0.65 6.78 2.66
C CYS A 21 1.45 7.76 3.51
N GLU A 22 1.56 8.99 3.04
CA GLU A 22 2.30 10.02 3.75
C GLU A 22 1.36 11.04 4.37
N ASP A 23 1.83 11.69 5.44
CA ASP A 23 1.03 12.69 6.13
C ASP A 23 -0.27 12.10 6.65
N VAL A 24 -0.18 10.90 7.22
CA VAL A 24 -1.35 10.21 7.74
C VAL A 24 -1.39 10.28 9.27
N GLU A 25 -2.23 11.17 9.80
CA GLU A 25 -2.36 11.34 11.24
C GLU A 25 -2.91 10.07 11.89
N THR A 26 -2.09 9.43 12.71
CA THR A 26 -2.49 8.20 13.39
C THR A 26 -3.43 8.51 14.55
N ALA A 27 -3.86 7.46 15.26
CA ALA A 27 -4.76 7.62 16.39
C ALA A 27 -4.36 8.82 17.24
N GLU A 28 -3.11 8.84 17.68
CA GLU A 28 -2.60 9.93 18.51
C GLU A 28 -2.72 11.27 17.78
N GLY A 29 -2.64 11.21 16.46
CA GLY A 29 -2.73 12.42 15.66
C GLY A 29 -1.45 12.76 14.95
N VAL A 30 -0.39 11.99 15.25
CA VAL A 30 0.91 12.22 14.63
C VAL A 30 0.94 11.71 13.20
N ALA A 31 1.41 12.56 12.29
CA ALA A 31 1.48 12.20 10.88
C ALA A 31 2.72 11.36 10.60
N LEU A 32 2.51 10.15 10.10
CA LEU A 32 3.60 9.24 9.79
C LEU A 32 3.66 8.95 8.29
N THR A 33 4.78 8.39 7.85
CA THR A 33 4.97 8.06 6.45
C THR A 33 5.31 6.59 6.26
N VAL A 34 4.34 5.80 5.81
CA VAL A 34 4.54 4.37 5.59
C VAL A 34 4.59 4.05 4.10
N THR A 35 5.75 3.64 3.62
CA THR A 35 5.93 3.29 2.22
C THR A 35 5.09 2.07 1.84
N GLY A 36 5.26 0.98 2.58
CA GLY A 36 4.51 -0.22 2.31
C GLY A 36 4.82 -0.81 0.95
N VAL A 37 4.89 -2.13 0.87
CA VAL A 37 5.19 -2.82 -0.39
C VAL A 37 4.43 -4.14 -0.49
N ALA A 38 3.48 -4.20 -1.41
CA ALA A 38 2.68 -5.41 -1.62
C ALA A 38 2.63 -5.78 -3.09
N GLN A 39 2.42 -7.07 -3.36
CA GLN A 39 2.35 -7.56 -4.73
C GLN A 39 0.92 -7.88 -5.12
N VAL A 40 0.58 -7.65 -6.38
CA VAL A 40 -0.77 -7.92 -6.88
C VAL A 40 -0.74 -8.34 -8.34
N LYS A 41 -1.74 -9.12 -8.75
CA LYS A 41 -1.83 -9.58 -10.13
C LYS A 41 -3.29 -9.62 -10.59
N ILE A 42 -3.48 -9.60 -11.90
CA ILE A 42 -4.83 -9.64 -12.47
C ILE A 42 -5.35 -11.07 -12.52
N MET A 43 -6.51 -11.30 -11.91
CA MET A 43 -7.12 -12.62 -11.88
C MET A 43 -7.51 -13.05 -13.30
N THR A 44 -7.38 -14.34 -13.57
CA THR A 44 -7.71 -14.89 -14.88
C THR A 44 -9.22 -14.82 -15.13
N GLU A 45 -9.62 -14.95 -16.39
CA GLU A 45 -11.02 -14.91 -16.76
C GLU A 45 -11.62 -16.31 -16.79
N LYS A 46 -11.05 -17.20 -15.99
CA LYS A 46 -11.53 -18.57 -15.93
C LYS A 46 -13.06 -18.63 -15.92
N GLU A 47 -13.67 -17.70 -15.19
CA GLU A 47 -15.12 -17.64 -15.11
C GLU A 47 -15.62 -16.22 -15.41
N LEU A 48 -16.93 -16.04 -15.32
CA LEU A 48 -17.55 -14.74 -15.58
C LEU A 48 -16.65 -13.61 -15.09
N LEU A 49 -15.84 -13.07 -15.99
CA LEU A 49 -14.94 -11.97 -15.65
C LEU A 49 -15.49 -10.64 -16.15
N ALA A 50 -16.81 -10.52 -16.15
CA ALA A 50 -17.45 -9.29 -16.60
C ALA A 50 -17.49 -8.24 -15.49
N VAL A 51 -16.81 -8.55 -14.39
CA VAL A 51 -16.74 -7.63 -13.25
C VAL A 51 -15.54 -6.70 -13.36
N ALA A 52 -14.49 -7.18 -14.03
CA ALA A 52 -13.28 -6.40 -14.19
C ALA A 52 -13.06 -6.03 -15.66
N CYS A 53 -13.33 -6.97 -16.55
CA CYS A 53 -13.16 -6.74 -17.98
C CYS A 53 -13.65 -5.35 -18.36
N GLU A 54 -14.93 -5.07 -18.11
CA GLU A 54 -15.51 -3.78 -18.42
C GLU A 54 -14.96 -2.69 -17.51
N GLN A 55 -14.63 -3.07 -16.28
CA GLN A 55 -14.10 -2.12 -15.31
C GLN A 55 -12.78 -1.53 -15.80
N PHE A 56 -12.03 -2.32 -16.57
CA PHE A 56 -10.75 -1.86 -17.10
C PHE A 56 -10.89 -1.40 -18.55
N LEU A 57 -11.49 -2.24 -19.38
CA LEU A 57 -11.69 -1.93 -20.79
C LEU A 57 -11.96 -0.43 -20.98
N GLY A 58 -11.24 0.18 -21.91
CA GLY A 58 -11.41 1.58 -22.18
C GLY A 58 -10.37 2.44 -21.46
N LYS A 59 -9.84 1.92 -20.36
CA LYS A 59 -8.84 2.64 -19.59
C LYS A 59 -7.43 2.17 -19.95
N ASN A 60 -6.44 2.99 -19.62
CA ASN A 60 -5.05 2.66 -19.92
C ASN A 60 -4.46 1.77 -18.83
N VAL A 61 -3.32 1.15 -19.14
CA VAL A 61 -2.65 0.27 -18.18
C VAL A 61 -2.31 1.02 -16.90
N GLN A 62 -2.27 2.35 -16.98
CA GLN A 62 -1.94 3.17 -15.83
C GLN A 62 -3.11 3.23 -14.85
N ASP A 63 -4.28 3.58 -15.36
CA ASP A 63 -5.48 3.68 -14.53
C ASP A 63 -5.65 2.43 -13.67
N ILE A 64 -5.50 1.26 -14.30
CA ILE A 64 -5.63 -0.01 -13.59
C ILE A 64 -4.69 -0.07 -12.39
N LYS A 65 -3.39 -0.17 -12.66
CA LYS A 65 -2.40 -0.24 -11.60
C LYS A 65 -2.77 0.71 -10.45
N ASN A 66 -3.32 1.87 -10.80
CA ASN A 66 -3.72 2.84 -9.80
C ASN A 66 -4.95 2.38 -9.03
N VAL A 67 -5.97 1.94 -9.77
CA VAL A 67 -7.20 1.47 -9.15
C VAL A 67 -6.92 0.43 -8.07
N VAL A 68 -6.10 -0.56 -8.42
CA VAL A 68 -5.74 -1.61 -7.47
C VAL A 68 -4.95 -1.05 -6.30
N LEU A 69 -3.92 -0.25 -6.59
CA LEU A 69 -3.09 0.35 -5.57
C LEU A 69 -3.94 1.19 -4.61
N GLN A 70 -4.97 1.83 -5.14
CA GLN A 70 -5.85 2.66 -4.33
C GLN A 70 -6.54 1.84 -3.25
N THR A 71 -6.95 0.62 -3.62
CA THR A 71 -7.62 -0.26 -2.68
C THR A 71 -6.74 -0.58 -1.48
N LEU A 72 -5.56 -1.11 -1.75
CA LEU A 72 -4.62 -1.46 -0.69
C LEU A 72 -4.20 -0.22 0.09
N GLU A 73 -3.95 0.87 -0.63
CA GLU A 73 -3.54 2.12 0.00
C GLU A 73 -4.58 2.59 1.01
N GLY A 74 -5.80 2.80 0.53
CA GLY A 74 -6.87 3.25 1.40
C GLY A 74 -6.90 2.51 2.72
N HIS A 75 -6.77 1.19 2.65
CA HIS A 75 -6.78 0.36 3.86
C HIS A 75 -5.64 0.74 4.79
N LEU A 76 -4.49 1.09 4.21
CA LEU A 76 -3.32 1.48 4.99
C LEU A 76 -3.64 2.66 5.90
N ARG A 77 -4.00 3.78 5.29
CA ARG A 77 -4.33 4.98 6.03
C ARG A 77 -5.41 4.71 7.08
N SER A 78 -6.42 3.93 6.67
CA SER A 78 -7.52 3.59 7.56
C SER A 78 -7.01 2.82 8.78
N ILE A 79 -6.49 1.62 8.54
CA ILE A 79 -5.96 0.78 9.61
C ILE A 79 -4.93 1.53 10.45
N LEU A 80 -4.18 2.42 9.78
CA LEU A 80 -3.16 3.20 10.46
C LEU A 80 -3.79 4.26 11.36
N GLY A 81 -4.83 4.92 10.87
CA GLY A 81 -5.51 5.93 11.63
C GLY A 81 -5.86 5.47 13.03
N THR A 82 -6.56 4.34 13.13
CA THR A 82 -6.96 3.79 14.41
C THR A 82 -5.75 3.29 15.20
N LEU A 83 -4.70 2.91 14.48
CA LEU A 83 -3.48 2.42 15.11
C LEU A 83 -2.58 3.58 15.54
N THR A 84 -2.06 3.49 16.76
CA THR A 84 -1.18 4.52 17.29
C THR A 84 0.19 4.48 16.63
N VAL A 85 0.87 5.61 16.61
CA VAL A 85 2.19 5.71 16.00
C VAL A 85 3.18 4.76 16.68
N GLU A 86 3.12 4.70 18.02
CA GLU A 86 4.00 3.82 18.78
C GLU A 86 3.78 2.37 18.41
N GLN A 87 2.53 2.02 18.11
CA GLN A 87 2.18 0.65 17.74
C GLN A 87 2.78 0.29 16.38
N ILE A 88 2.54 1.16 15.40
CA ILE A 88 3.05 0.93 14.06
C ILE A 88 4.52 0.52 14.08
N TYR A 89 5.28 1.12 15.00
CA TYR A 89 6.70 0.82 15.12
C TYR A 89 6.91 -0.53 15.82
N GLN A 90 6.19 -0.74 16.91
CA GLN A 90 6.29 -1.98 17.67
C GLN A 90 6.46 -3.17 16.73
N ASP A 91 5.42 -3.48 15.98
CA ASP A 91 5.44 -4.60 15.05
C ASP A 91 4.85 -4.20 13.70
N ARG A 92 5.67 -4.30 12.65
CA ARG A 92 5.23 -3.94 11.31
C ARG A 92 4.57 -5.13 10.61
N ASP A 93 5.32 -6.22 10.48
CA ASP A 93 4.82 -7.43 9.84
C ASP A 93 3.36 -7.66 10.19
N GLN A 94 3.03 -7.47 11.46
CA GLN A 94 1.65 -7.66 11.92
C GLN A 94 0.72 -6.62 11.30
N PHE A 95 1.19 -5.38 11.21
CA PHE A 95 0.40 -4.31 10.63
C PHE A 95 -0.07 -4.66 9.22
N ALA A 96 0.89 -4.83 8.31
CA ALA A 96 0.58 -5.17 6.94
C ALA A 96 -0.44 -6.30 6.86
N LYS A 97 -0.27 -7.29 7.73
CA LYS A 97 -1.17 -8.44 7.77
C LYS A 97 -2.63 -7.98 7.85
N LEU A 98 -2.87 -6.92 8.59
CA LEU A 98 -4.22 -6.38 8.73
C LEU A 98 -4.64 -5.61 7.49
N VAL A 99 -3.70 -4.85 6.92
CA VAL A 99 -3.96 -4.06 5.73
C VAL A 99 -4.23 -4.97 4.52
N ARG A 100 -3.63 -6.15 4.54
CA ARG A 100 -3.79 -7.11 3.45
C ARG A 100 -5.03 -7.97 3.67
N GLU A 101 -5.37 -8.19 4.94
CA GLU A 101 -6.53 -9.00 5.29
C GLU A 101 -7.83 -8.25 5.01
N VAL A 102 -7.81 -6.95 5.29
CA VAL A 102 -8.98 -6.11 5.08
C VAL A 102 -9.23 -5.87 3.59
N ALA A 103 -8.16 -5.74 2.82
CA ALA A 103 -8.26 -5.51 1.39
C ALA A 103 -8.44 -6.83 0.64
N ALA A 104 -7.75 -7.87 1.11
CA ALA A 104 -7.83 -9.18 0.48
C ALA A 104 -9.23 -9.43 -0.08
N PRO A 105 -10.25 -9.36 0.79
CA PRO A 105 -11.65 -9.57 0.40
C PRO A 105 -12.18 -8.44 -0.47
N ASP A 106 -11.61 -7.26 -0.32
CA ASP A 106 -12.03 -6.09 -1.08
C ASP A 106 -11.62 -6.23 -2.54
N VAL A 107 -10.32 -6.44 -2.77
CA VAL A 107 -9.80 -6.59 -4.13
C VAL A 107 -10.63 -7.58 -4.93
N GLY A 108 -11.18 -8.58 -4.25
CA GLY A 108 -11.98 -9.58 -4.92
C GLY A 108 -13.20 -8.98 -5.59
N ARG A 109 -13.72 -7.90 -5.03
CA ARG A 109 -14.88 -7.22 -5.59
C ARG A 109 -14.61 -6.77 -7.02
N MET A 110 -13.48 -6.13 -7.23
CA MET A 110 -13.10 -5.64 -8.55
C MET A 110 -12.61 -6.79 -9.43
N GLY A 111 -12.01 -7.79 -8.80
CA GLY A 111 -11.50 -8.93 -9.55
C GLY A 111 -9.99 -9.06 -9.45
N ILE A 112 -9.43 -8.56 -8.37
CA ILE A 112 -7.99 -8.63 -8.15
C ILE A 112 -7.65 -9.44 -6.91
N GLU A 113 -6.53 -10.16 -6.97
CA GLU A 113 -6.09 -10.98 -5.85
C GLU A 113 -4.74 -10.50 -5.31
N ILE A 114 -4.59 -10.52 -4.00
CA ILE A 114 -3.35 -10.10 -3.37
C ILE A 114 -2.44 -11.29 -3.07
N LEU A 115 -1.16 -11.14 -3.35
CA LEU A 115 -0.19 -12.20 -3.11
C LEU A 115 0.39 -12.09 -1.71
N SER A 116 0.83 -10.89 -1.34
CA SER A 116 1.41 -10.66 -0.01
C SER A 116 1.55 -9.16 0.27
N PHE A 117 1.61 -8.81 1.54
CA PHE A 117 1.75 -7.41 1.95
C PHE A 117 2.87 -7.25 2.95
N THR A 118 3.83 -6.39 2.63
CA THR A 118 4.96 -6.14 3.51
C THR A 118 5.13 -4.65 3.78
N ILE A 119 5.97 -4.31 4.75
CA ILE A 119 6.23 -2.92 5.11
C ILE A 119 7.66 -2.52 4.77
N LYS A 120 7.81 -1.76 3.68
CA LYS A 120 9.12 -1.29 3.25
C LYS A 120 9.83 -0.53 4.36
N ASP A 121 9.38 0.70 4.61
CA ASP A 121 9.96 1.53 5.65
C ASP A 121 8.98 2.61 6.09
N VAL A 122 8.99 2.91 7.38
CA VAL A 122 8.09 3.93 7.93
C VAL A 122 8.89 5.04 8.61
N TYR A 123 8.66 6.28 8.17
CA TYR A 123 9.35 7.43 8.73
C TYR A 123 8.39 8.59 8.96
N ASP A 124 8.82 9.57 9.75
CA ASP A 124 7.99 10.74 10.04
C ASP A 124 8.36 11.90 9.13
N LYS A 125 7.45 12.26 8.23
CA LYS A 125 7.67 13.35 7.30
C LYS A 125 7.77 14.68 8.04
N VAL A 126 7.06 14.79 9.16
CA VAL A 126 7.07 16.01 9.97
C VAL A 126 8.27 16.02 10.92
N ASP A 127 9.13 15.02 10.79
CA ASP A 127 10.32 14.92 11.65
C ASP A 127 9.98 15.29 13.08
N TYR A 128 8.96 14.63 13.64
CA TYR A 128 8.55 14.90 15.01
C TYR A 128 9.37 14.09 16.01
N LEU A 129 9.58 12.81 15.69
CA LEU A 129 10.36 11.93 16.55
C LEU A 129 11.77 12.46 16.75
N SER A 130 12.34 13.02 15.69
CA SER A 130 13.69 13.57 15.75
C SER A 130 13.79 14.66 16.82
N SER A 131 12.79 15.53 16.86
CA SER A 131 12.77 16.61 17.84
C SER A 131 12.96 16.06 19.26
N LEU A 132 12.20 15.04 19.59
CA LEU A 132 12.28 14.42 20.92
C LEU A 132 13.72 13.99 21.23
N GLY A 133 14.44 13.58 20.19
CA GLY A 133 15.82 13.15 20.37
C GLY A 133 16.80 14.28 20.18
N LYS A 134 17.17 14.54 18.94
CA LYS A 134 18.12 15.61 18.63
C LYS A 134 17.61 16.47 17.48
N THR A 135 18.32 17.56 17.21
CA THR A 135 17.94 18.47 16.13
C THR A 135 19.04 18.55 15.06
N GLN A 136 18.85 17.81 13.98
CA GLN A 136 19.83 17.79 12.89
C GLN A 136 19.31 16.95 11.72
N THR A 137 19.82 17.25 10.52
CA THR A 137 19.42 16.53 9.33
C THR A 137 20.01 15.13 9.29
N SER A 138 21.30 15.04 9.59
CA SER A 138 21.99 13.75 9.61
C SER A 138 21.07 12.64 10.09
N GLY A 139 20.36 12.90 11.19
CA GLY A 139 19.45 11.92 11.74
C GLY A 139 20.16 10.65 12.16
N PRO A 140 19.41 9.54 12.24
CA PRO A 140 19.95 8.24 12.64
C PRO A 140 20.88 7.65 11.58
N SER A 141 22.10 7.34 11.97
CA SER A 141 23.08 6.76 11.06
C SER A 141 23.27 5.27 11.33
N SER A 142 24.01 4.61 10.44
CA SER A 142 24.27 3.18 10.58
C SER A 142 25.47 2.77 9.74
N GLY A 143 25.91 1.52 9.91
CA GLY A 143 27.05 1.02 9.17
C GLY A 143 27.95 0.15 10.00
N GLY A 1 5.97 1.26 -9.94
CA GLY A 1 6.30 2.63 -9.60
C GLY A 1 6.53 3.49 -10.83
N SER A 2 7.55 4.34 -10.77
CA SER A 2 7.88 5.22 -11.89
C SER A 2 8.32 4.42 -13.11
N SER A 3 7.40 4.21 -14.03
CA SER A 3 7.68 3.45 -15.24
C SER A 3 6.77 3.89 -16.39
N GLY A 4 7.09 3.43 -17.60
CA GLY A 4 6.31 3.80 -18.76
C GLY A 4 5.81 2.58 -19.52
N SER A 5 4.66 2.73 -20.17
CA SER A 5 4.06 1.63 -20.93
C SER A 5 3.09 2.16 -21.99
N SER A 6 3.53 2.14 -23.25
CA SER A 6 2.71 2.62 -24.34
C SER A 6 1.88 1.50 -24.94
N GLY A 7 0.61 1.77 -25.21
CA GLY A 7 -0.27 0.77 -25.78
C GLY A 7 -1.56 0.62 -25.00
N GLN A 8 -2.68 0.53 -25.71
CA GLN A 8 -3.99 0.39 -25.09
C GLN A 8 -4.29 -1.08 -24.79
N ARG A 9 -3.26 -1.83 -24.41
CA ARG A 9 -3.42 -3.24 -24.11
C ARG A 9 -3.12 -3.52 -22.64
N ILE A 10 -4.17 -3.77 -21.86
CA ILE A 10 -4.02 -4.05 -20.43
C ILE A 10 -2.93 -5.09 -20.19
N SER A 11 -2.08 -4.83 -19.21
CA SER A 11 -0.99 -5.74 -18.88
C SER A 11 -1.39 -6.65 -17.73
N LEU A 12 -1.71 -7.90 -18.07
CA LEU A 12 -2.10 -8.88 -17.05
C LEU A 12 -0.92 -9.27 -16.16
N GLU A 13 0.28 -9.18 -16.72
CA GLU A 13 1.49 -9.52 -15.98
C GLU A 13 1.43 -8.95 -14.56
N ILE A 14 2.03 -9.67 -13.62
CA ILE A 14 2.05 -9.24 -12.23
C ILE A 14 2.56 -7.82 -12.09
N MET A 15 1.94 -7.05 -11.21
CA MET A 15 2.35 -5.66 -10.99
C MET A 15 2.65 -5.42 -9.51
N THR A 16 3.71 -4.66 -9.25
CA THR A 16 4.10 -4.34 -7.88
C THR A 16 3.64 -2.95 -7.47
N LEU A 17 2.59 -2.90 -6.66
CA LEU A 17 2.04 -1.63 -6.19
C LEU A 17 2.51 -1.32 -4.77
N GLN A 18 3.10 -0.14 -4.60
CA GLN A 18 3.61 0.27 -3.29
C GLN A 18 2.69 1.32 -2.67
N PRO A 19 1.78 0.87 -1.79
CA PRO A 19 0.83 1.76 -1.11
C PRO A 19 1.51 2.66 -0.09
N ARG A 20 2.01 3.80 -0.56
CA ARG A 20 2.68 4.77 0.31
C ARG A 20 1.72 5.85 0.78
N CYS A 21 1.71 6.10 2.08
CA CYS A 21 0.84 7.11 2.66
C CYS A 21 1.64 8.15 3.43
N GLU A 22 1.48 9.41 3.05
CA GLU A 22 2.20 10.51 3.71
C GLU A 22 1.22 11.55 4.24
N ASP A 23 1.53 12.11 5.41
CA ASP A 23 0.69 13.12 6.02
C ASP A 23 -0.63 12.51 6.50
N VAL A 24 -0.53 11.39 7.20
CA VAL A 24 -1.71 10.71 7.72
C VAL A 24 -1.72 10.70 9.24
N GLU A 25 -2.58 11.53 9.83
CA GLU A 25 -2.69 11.61 11.28
C GLU A 25 -3.07 10.27 11.88
N THR A 26 -2.37 9.86 12.93
CA THR A 26 -2.64 8.60 13.59
C THR A 26 -3.77 8.73 14.61
N ALA A 27 -4.05 7.66 15.34
CA ALA A 27 -5.10 7.66 16.34
C ALA A 27 -5.09 8.95 17.15
N GLU A 28 -3.93 9.29 17.71
CA GLU A 28 -3.79 10.50 18.50
C GLU A 28 -3.87 11.75 17.63
N GLY A 29 -3.20 11.70 16.48
CA GLY A 29 -3.21 12.82 15.56
C GLY A 29 -1.82 13.14 15.02
N VAL A 30 -0.98 12.12 14.93
CA VAL A 30 0.38 12.30 14.42
C VAL A 30 0.47 11.89 12.96
N ALA A 31 1.07 12.76 12.14
CA ALA A 31 1.24 12.49 10.72
C ALA A 31 2.50 11.69 10.45
N LEU A 32 2.33 10.44 10.04
CA LEU A 32 3.46 9.57 9.75
C LEU A 32 3.58 9.31 8.25
N THR A 33 4.72 8.77 7.84
CA THR A 33 4.96 8.48 6.43
C THR A 33 5.43 7.03 6.25
N VAL A 34 4.55 6.20 5.69
CA VAL A 34 4.88 4.80 5.46
C VAL A 34 4.80 4.45 3.98
N THR A 35 5.92 4.02 3.41
CA THR A 35 5.97 3.65 2.00
C THR A 35 5.16 2.40 1.72
N GLY A 36 5.45 1.33 2.45
CA GLY A 36 4.74 0.08 2.26
C GLY A 36 5.00 -0.55 0.91
N VAL A 37 5.07 -1.87 0.88
CA VAL A 37 5.33 -2.60 -0.36
C VAL A 37 4.51 -3.87 -0.43
N ALA A 38 3.76 -4.03 -1.52
CA ALA A 38 2.92 -5.21 -1.71
C ALA A 38 2.88 -5.63 -3.17
N GLN A 39 2.79 -6.93 -3.40
CA GLN A 39 2.74 -7.46 -4.77
C GLN A 39 1.32 -7.86 -5.15
N VAL A 40 0.90 -7.43 -6.34
CA VAL A 40 -0.44 -7.75 -6.82
C VAL A 40 -0.41 -8.19 -8.28
N LYS A 41 -1.40 -8.97 -8.69
CA LYS A 41 -1.49 -9.45 -10.06
C LYS A 41 -2.94 -9.51 -10.53
N ILE A 42 -3.14 -9.35 -11.83
CA ILE A 42 -4.48 -9.38 -12.40
C ILE A 42 -5.01 -10.81 -12.48
N MET A 43 -5.91 -11.15 -11.56
CA MET A 43 -6.50 -12.49 -11.52
C MET A 43 -6.86 -12.96 -12.92
N THR A 44 -6.85 -14.28 -13.11
CA THR A 44 -7.17 -14.87 -14.42
C THR A 44 -8.64 -15.26 -14.49
N GLU A 45 -9.17 -15.34 -15.71
CA GLU A 45 -10.56 -15.70 -15.92
C GLU A 45 -10.81 -17.15 -15.49
N LYS A 46 -11.50 -17.31 -14.37
CA LYS A 46 -11.82 -18.64 -13.85
C LYS A 46 -13.32 -18.89 -13.87
N GLU A 47 -14.10 -17.83 -13.67
CA GLU A 47 -15.55 -17.95 -13.67
C GLU A 47 -16.20 -16.56 -13.71
N LEU A 48 -16.86 -16.26 -14.82
CA LEU A 48 -17.52 -14.97 -14.99
C LEU A 48 -16.57 -13.82 -14.69
N LEU A 49 -15.42 -13.83 -15.34
CA LEU A 49 -14.42 -12.79 -15.15
C LEU A 49 -14.96 -11.43 -15.58
N ALA A 50 -16.05 -11.44 -16.34
CA ALA A 50 -16.68 -10.21 -16.80
C ALA A 50 -16.71 -9.16 -15.69
N VAL A 51 -16.71 -9.61 -14.45
CA VAL A 51 -16.75 -8.71 -13.31
C VAL A 51 -15.65 -7.66 -13.40
N ALA A 52 -14.46 -8.08 -13.82
CA ALA A 52 -13.33 -7.17 -13.97
C ALA A 52 -13.01 -6.92 -15.44
N CYS A 53 -13.29 -7.91 -16.28
CA CYS A 53 -13.03 -7.80 -17.70
C CYS A 53 -13.45 -6.43 -18.23
N GLU A 54 -14.75 -6.18 -18.25
CA GLU A 54 -15.28 -4.90 -18.73
C GLU A 54 -14.87 -3.77 -17.79
N GLN A 55 -14.75 -4.07 -16.51
CA GLN A 55 -14.37 -3.07 -15.52
C GLN A 55 -13.01 -2.47 -15.86
N PHE A 56 -12.21 -3.21 -16.60
CA PHE A 56 -10.87 -2.75 -16.98
C PHE A 56 -10.84 -2.35 -18.45
N LEU A 57 -11.38 -3.23 -19.30
CA LEU A 57 -11.43 -2.97 -20.74
C LEU A 57 -11.65 -1.49 -21.03
N GLY A 58 -11.19 -1.04 -22.19
CA GLY A 58 -11.35 0.35 -22.56
C GLY A 58 -10.31 1.25 -21.93
N LYS A 59 -10.00 1.01 -20.67
CA LYS A 59 -9.02 1.79 -19.94
C LYS A 59 -7.62 1.23 -20.14
N ASN A 60 -6.60 2.01 -19.79
CA ASN A 60 -5.21 1.58 -19.92
C ASN A 60 -4.66 1.11 -18.58
N VAL A 61 -3.42 0.65 -18.59
CA VAL A 61 -2.77 0.16 -17.37
C VAL A 61 -2.84 1.21 -16.27
N GLN A 62 -2.75 2.49 -16.66
CA GLN A 62 -2.80 3.58 -15.69
C GLN A 62 -4.05 3.48 -14.82
N ASP A 63 -5.18 3.19 -15.45
CA ASP A 63 -6.44 3.07 -14.73
C ASP A 63 -6.39 1.91 -13.73
N ILE A 64 -5.97 0.74 -14.20
CA ILE A 64 -5.87 -0.43 -13.34
C ILE A 64 -4.91 -0.20 -12.20
N LYS A 65 -3.65 0.09 -12.54
CA LYS A 65 -2.63 0.35 -11.53
C LYS A 65 -3.17 1.23 -10.41
N ASN A 66 -4.00 2.21 -10.78
CA ASN A 66 -4.58 3.12 -9.81
C ASN A 66 -5.73 2.46 -9.05
N VAL A 67 -6.78 2.10 -9.78
CA VAL A 67 -7.94 1.45 -9.19
C VAL A 67 -7.53 0.49 -8.08
N VAL A 68 -6.48 -0.29 -8.34
CA VAL A 68 -5.99 -1.24 -7.35
C VAL A 68 -5.20 -0.55 -6.26
N LEU A 69 -4.11 0.10 -6.63
CA LEU A 69 -3.26 0.81 -5.68
C LEU A 69 -4.12 1.59 -4.68
N GLN A 70 -5.26 2.08 -5.14
CA GLN A 70 -6.16 2.84 -4.28
C GLN A 70 -6.78 1.95 -3.21
N THR A 71 -7.18 0.74 -3.62
CA THR A 71 -7.79 -0.21 -2.69
C THR A 71 -6.90 -0.44 -1.48
N LEU A 72 -5.65 -0.84 -1.74
CA LEU A 72 -4.70 -1.10 -0.68
C LEU A 72 -4.31 0.19 0.05
N GLU A 73 -3.97 1.22 -0.73
CA GLU A 73 -3.58 2.51 -0.17
C GLU A 73 -4.63 3.00 0.83
N GLY A 74 -5.86 3.16 0.35
CA GLY A 74 -6.93 3.62 1.22
C GLY A 74 -6.98 2.87 2.53
N HIS A 75 -7.02 1.55 2.46
CA HIS A 75 -7.07 0.71 3.66
C HIS A 75 -5.94 1.09 4.62
N LEU A 76 -4.75 1.32 4.08
CA LEU A 76 -3.60 1.68 4.89
C LEU A 76 -3.92 2.84 5.81
N ARG A 77 -4.39 3.93 5.23
CA ARG A 77 -4.74 5.13 5.99
C ARG A 77 -5.74 4.79 7.09
N SER A 78 -6.73 3.98 6.74
CA SER A 78 -7.77 3.58 7.70
C SER A 78 -7.15 2.81 8.88
N ILE A 79 -6.49 1.70 8.56
CA ILE A 79 -5.86 0.89 9.59
C ILE A 79 -4.81 1.67 10.36
N LEU A 80 -4.21 2.64 9.68
CA LEU A 80 -3.18 3.48 10.30
C LEU A 80 -3.80 4.51 11.24
N GLY A 81 -5.03 4.90 10.93
CA GLY A 81 -5.71 5.88 11.77
C GLY A 81 -6.03 5.35 13.14
N THR A 82 -6.72 4.21 13.21
CA THR A 82 -7.08 3.60 14.48
C THR A 82 -5.85 3.11 15.22
N LEU A 83 -4.72 3.07 14.52
CA LEU A 83 -3.47 2.60 15.11
C LEU A 83 -2.56 3.79 15.44
N THR A 84 -1.99 3.78 16.65
CA THR A 84 -1.11 4.84 17.09
C THR A 84 0.26 4.73 16.41
N VAL A 85 0.90 5.89 16.20
CA VAL A 85 2.20 5.92 15.56
C VAL A 85 3.15 4.91 16.20
N GLU A 86 3.05 4.75 17.51
CA GLU A 86 3.90 3.81 18.23
C GLU A 86 3.62 2.38 17.79
N GLN A 87 2.42 1.91 18.08
CA GLN A 87 2.03 0.54 17.72
C GLN A 87 2.58 0.17 16.35
N ILE A 88 2.31 1.00 15.36
CA ILE A 88 2.78 0.76 14.00
C ILE A 88 4.20 0.21 14.01
N TYR A 89 5.06 0.81 14.82
CA TYR A 89 6.45 0.38 14.92
C TYR A 89 6.56 -0.94 15.68
N GLN A 90 5.91 -1.00 16.84
CA GLN A 90 5.94 -2.20 17.66
C GLN A 90 5.96 -3.46 16.80
N ASP A 91 4.89 -3.66 16.04
CA ASP A 91 4.80 -4.83 15.16
C ASP A 91 4.40 -4.41 13.74
N ARG A 92 5.41 -4.12 12.92
CA ARG A 92 5.17 -3.70 11.55
C ARG A 92 4.48 -4.80 10.76
N ASP A 93 5.11 -5.97 10.72
CA ASP A 93 4.56 -7.12 10.00
C ASP A 93 3.08 -7.29 10.31
N GLN A 94 2.71 -7.13 11.57
CA GLN A 94 1.32 -7.27 12.00
C GLN A 94 0.44 -6.23 11.30
N PHE A 95 0.87 -4.98 11.33
CA PHE A 95 0.11 -3.90 10.70
C PHE A 95 -0.26 -4.25 9.26
N ALA A 96 0.76 -4.45 8.43
CA ALA A 96 0.55 -4.80 7.03
C ALA A 96 -0.45 -5.95 6.90
N LYS A 97 -0.29 -6.97 7.73
CA LYS A 97 -1.18 -8.12 7.71
C LYS A 97 -2.64 -7.69 7.73
N LEU A 98 -2.93 -6.65 8.51
CA LEU A 98 -4.29 -6.13 8.62
C LEU A 98 -4.73 -5.45 7.33
N VAL A 99 -3.83 -4.66 6.76
CA VAL A 99 -4.12 -3.95 5.51
C VAL A 99 -4.39 -4.92 4.37
N ARG A 100 -3.62 -6.00 4.33
CA ARG A 100 -3.78 -7.02 3.29
C ARG A 100 -4.99 -7.91 3.58
N GLU A 101 -5.24 -8.17 4.85
CA GLU A 101 -6.36 -9.00 5.26
C GLU A 101 -7.69 -8.29 4.98
N VAL A 102 -7.74 -7.00 5.28
CA VAL A 102 -8.95 -6.20 5.06
C VAL A 102 -9.12 -5.87 3.58
N ALA A 103 -8.01 -5.84 2.85
CA ALA A 103 -8.04 -5.54 1.42
C ALA A 103 -8.28 -6.80 0.59
N ALA A 104 -7.77 -7.92 1.08
CA ALA A 104 -7.93 -9.20 0.39
C ALA A 104 -9.36 -9.39 -0.08
N PRO A 105 -10.31 -9.32 0.87
CA PRO A 105 -11.74 -9.48 0.57
C PRO A 105 -12.31 -8.31 -0.22
N ASP A 106 -11.60 -7.17 -0.18
CA ASP A 106 -12.04 -5.98 -0.89
C ASP A 106 -11.70 -6.08 -2.38
N VAL A 107 -10.41 -6.20 -2.68
CA VAL A 107 -9.94 -6.31 -4.06
C VAL A 107 -10.77 -7.33 -4.83
N GLY A 108 -11.12 -8.43 -4.17
CA GLY A 108 -11.90 -9.47 -4.81
C GLY A 108 -13.10 -8.91 -5.53
N ARG A 109 -13.63 -7.80 -5.04
CA ARG A 109 -14.80 -7.18 -5.65
C ARG A 109 -14.51 -6.79 -7.10
N MET A 110 -13.36 -6.17 -7.34
CA MET A 110 -12.98 -5.75 -8.67
C MET A 110 -12.46 -6.93 -9.49
N GLY A 111 -11.81 -7.88 -8.81
CA GLY A 111 -11.28 -9.05 -9.49
C GLY A 111 -9.76 -9.12 -9.43
N ILE A 112 -9.21 -8.72 -8.29
CA ILE A 112 -7.76 -8.75 -8.11
C ILE A 112 -7.37 -9.60 -6.90
N GLU A 113 -6.24 -10.28 -7.00
CA GLU A 113 -5.75 -11.13 -5.92
C GLU A 113 -4.42 -10.61 -5.38
N ILE A 114 -4.34 -10.48 -4.06
CA ILE A 114 -3.13 -10.00 -3.41
C ILE A 114 -2.13 -11.13 -3.19
N LEU A 115 -0.86 -10.84 -3.39
CA LEU A 115 0.19 -11.84 -3.21
C LEU A 115 0.80 -11.73 -1.82
N SER A 116 1.22 -10.53 -1.45
CA SER A 116 1.83 -10.30 -0.15
C SER A 116 1.85 -8.80 0.19
N PHE A 117 1.83 -8.49 1.48
CA PHE A 117 1.84 -7.10 1.93
C PHE A 117 2.91 -6.90 3.00
N THR A 118 4.00 -6.24 2.62
CA THR A 118 5.09 -5.98 3.55
C THR A 118 5.34 -4.48 3.70
N ILE A 119 6.15 -4.11 4.68
CA ILE A 119 6.47 -2.71 4.93
C ILE A 119 7.86 -2.36 4.42
N LYS A 120 7.99 -1.19 3.81
CA LYS A 120 9.27 -0.73 3.28
C LYS A 120 9.99 0.16 4.28
N ASP A 121 9.49 1.37 4.46
CA ASP A 121 10.08 2.32 5.40
C ASP A 121 9.01 3.22 6.00
N VAL A 122 9.20 3.57 7.27
CA VAL A 122 8.24 4.43 7.98
C VAL A 122 8.97 5.55 8.71
N TYR A 123 8.71 6.79 8.30
CA TYR A 123 9.34 7.95 8.92
C TYR A 123 8.31 9.02 9.24
N ASP A 124 8.76 10.08 9.92
CA ASP A 124 7.87 11.17 10.29
C ASP A 124 8.41 12.50 9.77
N LYS A 125 7.52 13.31 9.18
CA LYS A 125 7.91 14.60 8.65
C LYS A 125 8.59 15.45 9.73
N VAL A 126 7.94 15.59 10.88
CA VAL A 126 8.47 16.37 11.98
C VAL A 126 9.67 15.66 12.62
N ASP A 127 10.01 14.50 12.09
CA ASP A 127 11.13 13.72 12.60
C ASP A 127 11.19 13.79 14.13
N TYR A 128 10.03 13.67 14.76
CA TYR A 128 9.94 13.72 16.22
C TYR A 128 10.51 12.46 16.84
N LEU A 129 10.10 11.31 16.31
CA LEU A 129 10.57 10.02 16.82
C LEU A 129 11.93 9.66 16.22
N SER A 130 12.10 9.96 14.93
CA SER A 130 13.36 9.67 14.25
C SER A 130 14.50 10.48 14.84
N SER A 131 14.25 11.77 15.04
CA SER A 131 15.26 12.66 15.61
C SER A 131 14.94 13.03 17.05
N LEU A 132 14.81 12.01 17.89
CA LEU A 132 14.49 12.24 19.30
C LEU A 132 15.68 12.83 20.04
N GLY A 133 16.89 12.48 19.61
CA GLY A 133 18.08 12.99 20.25
C GLY A 133 19.16 13.34 19.24
N LYS A 134 19.99 12.37 18.89
CA LYS A 134 21.07 12.58 17.93
C LYS A 134 20.62 13.47 16.79
N THR A 135 21.41 14.50 16.51
CA THR A 135 21.09 15.44 15.44
C THR A 135 22.31 16.27 15.04
N GLN A 136 22.45 16.54 13.76
CA GLN A 136 23.58 17.33 13.26
C GLN A 136 23.22 18.80 13.19
N THR A 137 23.86 19.60 14.04
CA THR A 137 23.61 21.03 14.09
C THR A 137 24.61 21.79 13.23
N SER A 138 25.89 21.69 13.60
CA SER A 138 26.95 22.37 12.87
C SER A 138 28.03 21.38 12.43
N GLY A 139 28.21 21.24 11.12
CA GLY A 139 29.20 20.33 10.60
C GLY A 139 29.58 20.65 9.16
N PRO A 140 30.17 21.82 8.95
CA PRO A 140 30.59 22.28 7.62
C PRO A 140 31.78 21.48 7.09
N SER A 141 31.51 20.55 6.18
CA SER A 141 32.56 19.71 5.60
C SER A 141 33.79 20.55 5.27
N SER A 142 34.91 20.20 5.88
CA SER A 142 36.16 20.91 5.66
C SER A 142 37.35 20.11 6.20
N GLY A 143 38.49 20.25 5.53
CA GLY A 143 39.67 19.53 5.96
C GLY A 143 39.72 18.11 5.44
N GLY A 1 8.30 3.68 -19.69
CA GLY A 1 8.46 2.25 -19.49
C GLY A 1 7.67 1.43 -20.49
N SER A 2 6.86 0.51 -19.98
CA SER A 2 6.04 -0.35 -20.83
C SER A 2 5.13 0.48 -21.74
N SER A 3 4.92 0.01 -22.96
CA SER A 3 4.07 0.72 -23.91
C SER A 3 2.59 0.42 -23.65
N GLY A 4 2.26 -0.86 -23.56
CA GLY A 4 0.88 -1.26 -23.32
C GLY A 4 0.25 -1.97 -24.50
N SER A 5 1.05 -2.80 -25.16
CA SER A 5 0.56 -3.55 -26.32
C SER A 5 -0.55 -4.51 -25.92
N SER A 6 -1.79 -4.14 -26.26
CA SER A 6 -2.94 -4.98 -25.95
C SER A 6 -3.76 -5.27 -27.19
N GLY A 7 -4.02 -6.56 -27.43
CA GLY A 7 -4.79 -6.97 -28.58
C GLY A 7 -6.23 -7.27 -28.25
N GLN A 8 -6.91 -6.32 -27.63
CA GLN A 8 -8.31 -6.49 -27.24
C GLN A 8 -8.50 -7.81 -26.50
N ARG A 9 -7.62 -8.08 -25.54
CA ARG A 9 -7.69 -9.30 -24.75
C ARG A 9 -6.88 -9.17 -23.47
N ILE A 10 -7.53 -9.42 -22.34
CA ILE A 10 -6.87 -9.33 -21.04
C ILE A 10 -5.64 -10.23 -20.99
N SER A 11 -4.59 -9.75 -20.34
CA SER A 11 -3.35 -10.51 -20.20
C SER A 11 -3.01 -10.75 -18.74
N LEU A 12 -2.77 -12.01 -18.39
CA LEU A 12 -2.43 -12.38 -17.02
C LEU A 12 -1.02 -11.90 -16.67
N GLU A 13 -0.93 -10.69 -16.11
CA GLU A 13 0.35 -10.12 -15.72
C GLU A 13 0.33 -9.69 -14.26
N ILE A 14 1.51 -9.67 -13.64
CA ILE A 14 1.63 -9.28 -12.24
C ILE A 14 2.19 -7.87 -12.12
N MET A 15 1.55 -7.05 -11.30
CA MET A 15 1.99 -5.67 -11.09
C MET A 15 2.28 -5.42 -9.61
N THR A 16 3.37 -4.70 -9.34
CA THR A 16 3.77 -4.39 -7.98
C THR A 16 3.27 -3.01 -7.57
N LEU A 17 2.40 -2.98 -6.56
CA LEU A 17 1.84 -1.72 -6.07
C LEU A 17 2.32 -1.44 -4.64
N GLN A 18 2.89 -0.26 -4.45
CA GLN A 18 3.40 0.14 -3.13
C GLN A 18 2.44 1.12 -2.47
N PRO A 19 1.58 0.60 -1.58
CA PRO A 19 0.61 1.41 -0.86
C PRO A 19 1.26 2.33 0.18
N ARG A 20 1.59 3.54 -0.23
CA ARG A 20 2.22 4.51 0.65
C ARG A 20 1.23 5.59 1.07
N CYS A 21 1.53 6.24 2.19
CA CYS A 21 0.66 7.30 2.71
C CYS A 21 1.48 8.44 3.31
N GLU A 22 1.05 9.67 3.06
CA GLU A 22 1.75 10.85 3.57
C GLU A 22 0.78 11.78 4.30
N ASP A 23 1.28 12.43 5.35
CA ASP A 23 0.46 13.36 6.12
C ASP A 23 -0.77 12.66 6.67
N VAL A 24 -0.58 11.46 7.21
CA VAL A 24 -1.69 10.69 7.77
C VAL A 24 -1.61 10.65 9.30
N GLU A 25 -1.97 11.76 9.93
CA GLU A 25 -1.94 11.84 11.38
C GLU A 25 -2.41 10.53 12.02
N THR A 26 -1.58 9.96 12.87
CA THR A 26 -1.90 8.71 13.55
C THR A 26 -3.04 8.90 14.54
N ALA A 27 -3.36 7.86 15.29
CA ALA A 27 -4.42 7.91 16.28
C ALA A 27 -4.26 9.13 17.19
N GLU A 28 -3.08 9.25 17.80
CA GLU A 28 -2.81 10.36 18.70
C GLU A 28 -2.68 11.66 17.93
N GLY A 29 -2.51 11.55 16.61
CA GLY A 29 -2.37 12.72 15.77
C GLY A 29 -0.93 12.98 15.35
N VAL A 30 -0.26 11.93 14.90
CA VAL A 30 1.12 12.04 14.46
C VAL A 30 1.28 11.64 13.00
N ALA A 31 1.44 12.63 12.13
CA ALA A 31 1.60 12.38 10.70
C ALA A 31 2.84 11.53 10.43
N LEU A 32 2.62 10.29 10.02
CA LEU A 32 3.72 9.38 9.73
C LEU A 32 3.78 9.05 8.24
N THR A 33 4.98 8.76 7.75
CA THR A 33 5.16 8.43 6.33
C THR A 33 5.49 6.95 6.16
N VAL A 34 4.51 6.18 5.69
CA VAL A 34 4.69 4.75 5.48
C VAL A 34 4.67 4.41 3.99
N THR A 35 5.78 3.86 3.51
CA THR A 35 5.90 3.50 2.11
C THR A 35 5.02 2.29 1.78
N GLY A 36 5.25 1.18 2.46
CA GLY A 36 4.47 -0.01 2.23
C GLY A 36 4.77 -0.65 0.88
N VAL A 37 4.77 -1.98 0.86
CA VAL A 37 5.05 -2.71 -0.38
C VAL A 37 4.24 -4.01 -0.44
N ALA A 38 3.44 -4.15 -1.48
CA ALA A 38 2.62 -5.35 -1.65
C ALA A 38 2.51 -5.73 -3.13
N GLN A 39 2.54 -7.03 -3.40
CA GLN A 39 2.45 -7.52 -4.77
C GLN A 39 1.00 -7.87 -5.13
N VAL A 40 0.64 -7.68 -6.39
CA VAL A 40 -0.70 -7.98 -6.86
C VAL A 40 -0.70 -8.43 -8.32
N LYS A 41 -1.77 -9.09 -8.72
CA LYS A 41 -1.89 -9.58 -10.10
C LYS A 41 -3.35 -9.70 -10.51
N ILE A 42 -3.60 -9.73 -11.82
CA ILE A 42 -4.95 -9.84 -12.33
C ILE A 42 -5.45 -11.29 -12.27
N MET A 43 -6.55 -11.50 -11.56
CA MET A 43 -7.12 -12.84 -11.43
C MET A 43 -7.20 -13.53 -12.78
N THR A 44 -7.56 -14.82 -12.77
CA THR A 44 -7.67 -15.59 -14.00
C THR A 44 -9.13 -15.78 -14.40
N GLU A 45 -9.35 -16.17 -15.65
CA GLU A 45 -10.70 -16.38 -16.15
C GLU A 45 -10.97 -17.87 -16.37
N LYS A 46 -11.92 -18.41 -15.60
CA LYS A 46 -12.28 -19.82 -15.70
C LYS A 46 -13.51 -20.00 -16.58
N GLU A 47 -14.55 -19.22 -16.30
CA GLU A 47 -15.79 -19.30 -17.07
C GLU A 47 -16.17 -17.93 -17.63
N LEU A 48 -16.05 -16.91 -16.80
CA LEU A 48 -16.38 -15.54 -17.21
C LEU A 48 -15.74 -14.53 -16.28
N LEU A 49 -15.12 -13.50 -16.87
CA LEU A 49 -14.46 -12.45 -16.10
C LEU A 49 -15.03 -11.08 -16.44
N ALA A 50 -16.23 -11.07 -17.02
CA ALA A 50 -16.88 -9.83 -17.40
C ALA A 50 -16.83 -8.81 -16.26
N VAL A 51 -16.87 -9.31 -15.04
CA VAL A 51 -16.84 -8.45 -13.86
C VAL A 51 -15.61 -7.54 -13.90
N ALA A 52 -14.44 -8.12 -14.10
CA ALA A 52 -13.20 -7.36 -14.15
C ALA A 52 -12.70 -7.23 -15.59
N CYS A 53 -13.60 -7.46 -16.54
CA CYS A 53 -13.25 -7.36 -17.95
C CYS A 53 -13.46 -5.95 -18.47
N GLU A 54 -14.71 -5.51 -18.49
CA GLU A 54 -15.05 -4.17 -18.98
C GLU A 54 -14.62 -3.11 -17.96
N GLN A 55 -14.51 -3.51 -16.70
CA GLN A 55 -14.11 -2.60 -15.63
C GLN A 55 -12.72 -2.04 -15.89
N PHE A 56 -11.97 -2.71 -16.76
CA PHE A 56 -10.61 -2.28 -17.09
C PHE A 56 -10.51 -1.92 -18.56
N LEU A 57 -10.98 -2.82 -19.42
CA LEU A 57 -10.93 -2.59 -20.87
C LEU A 57 -11.26 -1.14 -21.20
N GLY A 58 -12.14 -0.54 -20.40
CA GLY A 58 -12.53 0.84 -20.62
C GLY A 58 -11.35 1.78 -20.63
N LYS A 59 -10.43 1.59 -19.68
CA LYS A 59 -9.25 2.43 -19.58
C LYS A 59 -8.00 1.66 -20.01
N ASN A 60 -6.84 2.30 -19.87
CA ASN A 60 -5.57 1.68 -20.24
C ASN A 60 -4.92 1.01 -19.03
N VAL A 61 -4.05 0.04 -19.30
CA VAL A 61 -3.37 -0.67 -18.23
C VAL A 61 -2.99 0.27 -17.09
N GLN A 62 -2.35 1.39 -17.45
CA GLN A 62 -1.94 2.38 -16.46
C GLN A 62 -3.04 2.60 -15.42
N ASP A 63 -4.15 3.17 -15.87
CA ASP A 63 -5.28 3.43 -14.97
C ASP A 63 -5.42 2.34 -13.92
N ILE A 64 -5.69 1.12 -14.39
CA ILE A 64 -5.85 -0.02 -13.49
C ILE A 64 -4.88 0.07 -12.31
N LYS A 65 -3.60 0.01 -12.60
CA LYS A 65 -2.57 0.09 -11.57
C LYS A 65 -2.96 1.10 -10.49
N ASN A 66 -3.35 2.29 -10.92
CA ASN A 66 -3.75 3.34 -10.00
C ASN A 66 -4.97 2.92 -9.19
N VAL A 67 -5.88 2.20 -9.83
CA VAL A 67 -7.10 1.73 -9.17
C VAL A 67 -6.76 0.73 -8.06
N VAL A 68 -6.21 -0.42 -8.44
CA VAL A 68 -5.85 -1.45 -7.47
C VAL A 68 -5.01 -0.87 -6.33
N LEU A 69 -4.28 0.19 -6.64
CA LEU A 69 -3.43 0.84 -5.64
C LEU A 69 -4.27 1.63 -4.64
N GLN A 70 -5.29 2.32 -5.15
CA GLN A 70 -6.17 3.11 -4.31
C GLN A 70 -6.85 2.24 -3.26
N THR A 71 -7.12 0.99 -3.62
CA THR A 71 -7.77 0.06 -2.72
C THR A 71 -6.88 -0.25 -1.51
N LEU A 72 -5.71 -0.82 -1.78
CA LEU A 72 -4.76 -1.17 -0.72
C LEU A 72 -4.31 0.09 0.03
N GLU A 73 -4.11 1.18 -0.71
CA GLU A 73 -3.67 2.43 -0.11
C GLU A 73 -4.68 2.91 0.93
N GLY A 74 -5.93 3.02 0.52
CA GLY A 74 -6.98 3.48 1.43
C GLY A 74 -6.99 2.69 2.73
N HIS A 75 -6.83 1.38 2.63
CA HIS A 75 -6.84 0.52 3.81
C HIS A 75 -5.66 0.85 4.72
N LEU A 76 -4.52 1.19 4.12
CA LEU A 76 -3.33 1.54 4.88
C LEU A 76 -3.59 2.72 5.80
N ARG A 77 -4.27 3.74 5.26
CA ARG A 77 -4.59 4.94 6.04
C ARG A 77 -5.62 4.63 7.12
N SER A 78 -6.60 3.81 6.77
CA SER A 78 -7.67 3.44 7.70
C SER A 78 -7.10 2.64 8.87
N ILE A 79 -6.33 1.60 8.55
CA ILE A 79 -5.73 0.76 9.57
C ILE A 79 -4.72 1.53 10.40
N LEU A 80 -3.98 2.43 9.75
CA LEU A 80 -2.98 3.23 10.43
C LEU A 80 -3.64 4.26 11.35
N GLY A 81 -4.68 4.91 10.85
CA GLY A 81 -5.38 5.91 11.63
C GLY A 81 -5.74 5.41 13.01
N THR A 82 -6.28 4.19 13.08
CA THR A 82 -6.68 3.61 14.36
C THR A 82 -5.46 3.07 15.11
N LEU A 83 -4.32 3.00 14.41
CA LEU A 83 -3.09 2.50 15.02
C LEU A 83 -2.20 3.66 15.46
N THR A 84 -1.74 3.60 16.70
CA THR A 84 -0.88 4.64 17.25
C THR A 84 0.53 4.55 16.66
N VAL A 85 1.12 5.72 16.37
CA VAL A 85 2.45 5.77 15.80
C VAL A 85 3.36 4.71 16.40
N GLU A 86 3.31 4.58 17.73
CA GLU A 86 4.13 3.61 18.43
C GLU A 86 3.81 2.19 17.95
N GLN A 87 2.54 1.80 18.06
CA GLN A 87 2.11 0.47 17.64
C GLN A 87 2.71 0.12 16.28
N ILE A 88 2.65 1.05 15.35
CA ILE A 88 3.17 0.84 14.00
C ILE A 88 4.62 0.36 14.06
N TYR A 89 5.38 0.88 15.01
CA TYR A 89 6.77 0.50 15.18
C TYR A 89 6.91 -0.87 15.83
N GLN A 90 6.14 -1.07 16.91
CA GLN A 90 6.17 -2.34 17.63
C GLN A 90 6.40 -3.51 16.67
N ASP A 91 5.48 -3.67 15.72
CA ASP A 91 5.57 -4.75 14.74
C ASP A 91 5.00 -4.31 13.40
N ARG A 92 5.85 -4.30 12.38
CA ARG A 92 5.42 -3.90 11.04
C ARG A 92 4.72 -5.05 10.33
N ASP A 93 5.37 -6.21 10.31
CA ASP A 93 4.80 -7.39 9.66
C ASP A 93 3.34 -7.59 10.07
N GLN A 94 3.01 -7.20 11.29
CA GLN A 94 1.65 -7.33 11.79
C GLN A 94 0.77 -6.19 11.29
N PHE A 95 1.37 -5.02 11.12
CA PHE A 95 0.64 -3.85 10.64
C PHE A 95 0.22 -4.03 9.19
N ALA A 96 1.19 -4.29 8.32
CA ALA A 96 0.92 -4.48 6.91
C ALA A 96 -0.10 -5.59 6.69
N LYS A 97 -0.26 -6.45 7.69
CA LYS A 97 -1.20 -7.56 7.61
C LYS A 97 -2.63 -7.06 7.68
N LEU A 98 -2.96 -6.38 8.79
CA LEU A 98 -4.30 -5.85 8.98
C LEU A 98 -4.76 -5.05 7.76
N VAL A 99 -3.80 -4.65 6.93
CA VAL A 99 -4.10 -3.88 5.73
C VAL A 99 -4.34 -4.81 4.54
N ARG A 100 -3.71 -5.97 4.56
CA ARG A 100 -3.86 -6.94 3.48
C ARG A 100 -5.09 -7.82 3.70
N GLU A 101 -5.31 -8.21 4.96
CA GLU A 101 -6.45 -9.05 5.30
C GLU A 101 -7.76 -8.27 5.14
N VAL A 102 -7.70 -6.97 5.36
CA VAL A 102 -8.89 -6.12 5.24
C VAL A 102 -9.24 -5.87 3.78
N ALA A 103 -8.21 -5.76 2.94
CA ALA A 103 -8.42 -5.52 1.52
C ALA A 103 -8.67 -6.83 0.78
N ALA A 104 -8.00 -7.89 1.22
CA ALA A 104 -8.16 -9.20 0.59
C ALA A 104 -9.59 -9.43 0.14
N PRO A 105 -10.54 -9.32 1.09
CA PRO A 105 -11.96 -9.52 0.81
C PRO A 105 -12.54 -8.39 -0.04
N ASP A 106 -11.88 -7.23 -0.03
CA ASP A 106 -12.33 -6.08 -0.79
C ASP A 106 -11.98 -6.23 -2.27
N VAL A 107 -10.68 -6.38 -2.55
CA VAL A 107 -10.22 -6.54 -3.93
C VAL A 107 -10.97 -7.64 -4.63
N GLY A 108 -11.38 -8.66 -3.88
CA GLY A 108 -12.11 -9.77 -4.45
C GLY A 108 -13.36 -9.33 -5.18
N ARG A 109 -13.82 -8.12 -4.89
CA ARG A 109 -15.02 -7.58 -5.52
C ARG A 109 -14.74 -7.20 -6.98
N MET A 110 -13.71 -6.39 -7.19
CA MET A 110 -13.34 -5.95 -8.53
C MET A 110 -12.80 -7.13 -9.35
N GLY A 111 -12.11 -8.05 -8.68
CA GLY A 111 -11.55 -9.20 -9.36
C GLY A 111 -10.05 -9.26 -9.26
N ILE A 112 -9.50 -8.70 -8.18
CA ILE A 112 -8.06 -8.69 -7.97
C ILE A 112 -7.68 -9.54 -6.76
N GLU A 113 -6.57 -10.25 -6.88
CA GLU A 113 -6.08 -11.10 -5.79
C GLU A 113 -4.76 -10.59 -5.24
N ILE A 114 -4.66 -10.51 -3.92
CA ILE A 114 -3.44 -10.04 -3.27
C ILE A 114 -2.50 -11.19 -2.96
N LEU A 115 -1.24 -11.04 -3.34
CA LEU A 115 -0.24 -12.07 -3.10
C LEU A 115 0.34 -11.95 -1.69
N SER A 116 0.86 -10.78 -1.36
CA SER A 116 1.44 -10.54 -0.04
C SER A 116 1.42 -9.05 0.30
N PHE A 117 1.72 -8.73 1.55
CA PHE A 117 1.74 -7.35 2.01
C PHE A 117 2.83 -7.14 3.06
N THR A 118 3.80 -6.29 2.73
CA THR A 118 4.90 -6.00 3.65
C THR A 118 5.19 -4.50 3.71
N ILE A 119 6.09 -4.11 4.60
CA ILE A 119 6.44 -2.72 4.76
C ILE A 119 7.89 -2.46 4.33
N LYS A 120 8.10 -1.38 3.58
CA LYS A 120 9.43 -1.03 3.12
C LYS A 120 10.13 -0.09 4.10
N ASP A 121 9.68 1.16 4.12
CA ASP A 121 10.28 2.15 5.02
C ASP A 121 9.19 2.96 5.73
N VAL A 122 9.48 3.41 6.94
CA VAL A 122 8.53 4.19 7.71
C VAL A 122 9.23 5.30 8.50
N TYR A 123 9.04 6.54 8.05
CA TYR A 123 9.66 7.69 8.70
C TYR A 123 8.61 8.75 9.04
N ASP A 124 8.92 9.58 10.03
CA ASP A 124 8.01 10.64 10.44
C ASP A 124 8.25 11.92 9.65
N LYS A 125 7.29 12.28 8.80
CA LYS A 125 7.40 13.47 7.99
C LYS A 125 7.63 14.71 8.85
N VAL A 126 6.95 14.75 9.99
CA VAL A 126 7.09 15.88 10.91
C VAL A 126 8.24 15.67 11.88
N ASP A 127 9.08 14.67 11.59
CA ASP A 127 10.23 14.37 12.44
C ASP A 127 9.83 14.38 13.91
N TYR A 128 8.69 13.78 14.22
CA TYR A 128 8.20 13.73 15.59
C TYR A 128 9.08 12.81 16.44
N LEU A 129 9.11 11.54 16.08
CA LEU A 129 9.91 10.56 16.82
C LEU A 129 11.38 10.95 16.81
N SER A 130 11.89 11.29 15.62
CA SER A 130 13.29 11.67 15.47
C SER A 130 13.66 12.77 16.46
N SER A 131 12.67 13.57 16.84
CA SER A 131 12.89 14.67 17.78
C SER A 131 12.78 14.18 19.22
N LEU A 132 13.17 12.94 19.44
CA LEU A 132 13.12 12.34 20.78
C LEU A 132 14.52 12.24 21.38
N GLY A 133 15.51 12.03 20.51
CA GLY A 133 16.88 11.91 20.98
C GLY A 133 17.86 12.64 20.09
N LYS A 134 18.07 12.13 18.88
CA LYS A 134 18.99 12.75 17.93
C LYS A 134 18.67 14.22 17.75
N THR A 135 19.65 14.99 17.31
CA THR A 135 19.48 16.42 17.09
C THR A 135 19.50 16.76 15.60
N GLN A 136 19.84 15.77 14.78
CA GLN A 136 19.90 15.96 13.33
C GLN A 136 19.50 14.69 12.60
N THR A 137 18.49 14.79 11.75
CA THR A 137 18.01 13.64 10.99
C THR A 137 18.87 13.41 9.74
N SER A 138 19.49 14.49 9.26
CA SER A 138 20.33 14.40 8.07
C SER A 138 21.44 13.37 8.27
N GLY A 139 21.96 12.85 7.16
CA GLY A 139 23.03 11.87 7.22
C GLY A 139 24.40 12.49 7.03
N PRO A 140 25.41 11.92 7.70
CA PRO A 140 26.79 12.40 7.61
C PRO A 140 27.41 12.11 6.25
N SER A 141 26.83 11.17 5.52
CA SER A 141 27.33 10.81 4.20
C SER A 141 27.87 12.03 3.47
N SER A 142 29.02 11.86 2.82
CA SER A 142 29.66 12.94 2.08
C SER A 142 29.43 14.27 2.78
N GLY A 143 29.57 14.27 4.11
CA GLY A 143 29.38 15.49 4.88
C GLY A 143 30.52 15.74 5.84
#